data_3W3L
#
_entry.id   3W3L
#
_cell.length_a   86.470
_cell.length_b   138.870
_cell.length_c   169.661
_cell.angle_alpha   90.000
_cell.angle_beta   92.430
_cell.angle_gamma   90.000
#
_symmetry.space_group_name_H-M   'P 1 21 1'
#
loop_
_entity.id
_entity.type
_entity.pdbx_description
1 polymer 'Toll-like receptor 8'
2 branched alpha-D-mannopyranose-(1-3)-[alpha-D-mannopyranose-(1-6)]beta-D-mannopyranose-(1-4)-2-acetamido-2-deoxy-beta-D-glucopyranose-(1-4)-2-acetamido-2-deoxy-beta-D-glucopyranose
3 branched beta-D-mannopyranose-(1-4)-2-acetamido-2-deoxy-beta-D-glucopyranose-(1-4)-2-acetamido-2-deoxy-beta-D-glucopyranose
4 non-polymer 2-acetamido-2-deoxy-beta-D-glucopyranose
5 non-polymer 'SULFATE ION'
6 non-polymer 1-[4-amino-2-(ethoxymethyl)-1H-imidazo[4,5-c]quinolin-1-yl]-2-methylpropan-2-ol
7 water water
#
_entity_poly.entity_id   1
_entity_poly.type   'polypeptide(L)'
_entity_poly.pdbx_seq_one_letter_code
;RSPWEENFSRSYPCDEKKQNDSVIAECSNRRLQEVPQTVGKYVTELDLSDNFITHITNESFQGLQNLTKINLNHNPNVQH
QNGNPGIQSNGLNITDGAFLNLKNLRELLLEDNQLPQIPSGLPESLTELSLIQNNIYNITKEGISRLINLKNLYLAWNCY
FNKVCEKTNIEDGVFETLTNLELLSLSFNSLSHVPPKLPSSLRKLFLSNTQIKYISEEDFKGLINLTLLDLSGNCPRCFN
APFPCVPCDGGASINIDRFAFQNLTQLRYLNLSSTSLRKINAAWFKNMPHLKVLDLEFNYLVGEIASGAFLTMLPRLEIL
DLSFNYIKGSYPQHINISRNFSKLLSLRALHLRGYVFQELREDDFQPLMQLPNLSTINLGINFIKQIDFKLFQNFSNLEI
IYLSENRISPLVKDTRQSYANSSSFQRHIRKRRSTDFEFDPHSNFYHFTRPLIKPQCAAYGKALDLSLNSIFFIGPNQFE
NLPDIACLNLSANSNAQVLSGTEFSAIPHVKYLDLTNNRLDFDNASALTELSDLEVLDLSYNSHYFRIAGVTHHLEFIQN
FTNLKVLNLSHNNIYTLTDKYNLESKSLVELVFSGNRLDILWNDDDNRYISIFKGLKNLTRLDLSLNRLKHIPNEAFLNL
PASLTELHINDNMLKFFNWTLLQQFPRLELLDLRGNKLLFLTDSLSDFTSSLRTLLLSHNRISHLPSGFLSEVSSLKHLD
LSSNLLKTINKSALETKTTTKLSMLELHGNPFECTCDIGDFRRWMDEHLNVKIPRLVDVICASPGDQRGKSIVSLELTTC
VSDVTEFLVPR
;
_entity_poly.pdbx_strand_id   A,B,C,D
#
loop_
_chem_comp.id
_chem_comp.type
_chem_comp.name
_chem_comp.formula
BMA D-saccharide, beta linking beta-D-mannopyranose 'C6 H12 O6'
MAN D-saccharide, alpha linking alpha-D-mannopyranose 'C6 H12 O6'
NAG D-saccharide, beta linking 2-acetamido-2-deoxy-beta-D-glucopyranose 'C8 H15 N O6'
RX8 non-polymer 1-[4-amino-2-(ethoxymethyl)-1H-imidazo[4,5-c]quinolin-1-yl]-2-methylpropan-2-ol 'C17 H22 N4 O2'
SO4 non-polymer 'SULFATE ION' 'O4 S -2'
#
# COMPACT_ATOMS: atom_id res chain seq x y z
N SER A 9 -6.42 5.80 -42.05
CA SER A 9 -5.90 5.18 -40.83
C SER A 9 -6.93 5.20 -39.70
N ARG A 10 -8.21 5.28 -40.08
CA ARG A 10 -9.31 5.19 -39.12
C ARG A 10 -9.66 3.72 -38.88
N SER A 11 -9.63 3.30 -37.62
CA SER A 11 -9.84 1.90 -37.26
C SER A 11 -11.26 1.41 -37.56
N TYR A 12 -11.36 0.28 -38.25
CA TYR A 12 -12.63 -0.34 -38.58
C TYR A 12 -12.43 -1.85 -38.58
N PRO A 13 -13.46 -2.64 -38.23
CA PRO A 13 -14.72 -2.29 -37.57
C PRO A 13 -14.51 -1.97 -36.09
N CYS A 14 -13.38 -2.37 -35.54
CA CYS A 14 -13.10 -2.18 -34.12
C CYS A 14 -12.90 -0.71 -33.77
N ASP A 15 -13.10 -0.39 -32.49
CA ASP A 15 -12.70 0.90 -31.94
C ASP A 15 -11.46 0.66 -31.09
N GLU A 16 -10.39 1.40 -31.39
CA GLU A 16 -9.10 1.15 -30.73
C GLU A 16 -8.77 2.16 -29.62
N LYS A 17 -8.61 1.65 -28.41
CA LYS A 17 -8.43 2.47 -27.21
C LYS A 17 -7.01 2.34 -26.65
N LYS A 18 -6.53 3.38 -25.97
CA LYS A 18 -5.24 3.34 -25.29
C LYS A 18 -5.44 3.05 -23.79
N GLN A 19 -4.89 1.93 -23.33
CA GLN A 19 -5.01 1.52 -21.92
C GLN A 19 -3.69 1.06 -21.32
N ASN A 20 -3.27 1.72 -20.24
CA ASN A 20 -2.04 1.41 -19.53
C ASN A 20 -0.85 1.21 -20.47
N ASP A 21 -0.55 2.25 -21.25
CA ASP A 21 0.53 2.24 -22.25
C ASP A 21 0.31 1.25 -23.40
N SER A 22 -0.73 0.41 -23.28
CA SER A 22 -1.01 -0.61 -24.29
C SER A 22 -2.18 -0.23 -25.20
N VAL A 23 -2.54 -1.16 -26.09
CA VAL A 23 -3.58 -0.91 -27.08
C VAL A 23 -4.56 -2.08 -27.15
N ILE A 24 -5.82 -1.79 -26.92
CA ILE A 24 -6.87 -2.78 -26.96
C ILE A 24 -7.91 -2.39 -28.01
N ALA A 25 -8.51 -3.39 -28.65
CA ALA A 25 -9.54 -3.13 -29.66
C ALA A 25 -10.90 -3.59 -29.16
N GLU A 26 -11.90 -2.71 -29.25
CA GLU A 26 -13.25 -3.09 -28.84
C GLU A 26 -14.06 -3.40 -30.08
N CYS A 27 -14.25 -4.68 -30.33
CA CYS A 27 -15.07 -5.17 -31.43
C CYS A 27 -16.47 -5.68 -31.05
N SER A 28 -16.86 -5.52 -29.80
CA SER A 28 -18.07 -6.18 -29.31
C SER A 28 -19.39 -5.64 -29.89
N ASN A 29 -20.37 -6.54 -30.03
CA ASN A 29 -21.75 -6.18 -30.38
C ASN A 29 -21.90 -5.53 -31.75
N ARG A 30 -20.97 -5.82 -32.65
CA ARG A 30 -20.93 -5.18 -33.96
C ARG A 30 -21.58 -5.96 -35.10
N ARG A 31 -22.24 -7.06 -34.75
CA ARG A 31 -22.95 -7.91 -35.71
C ARG A 31 -21.99 -8.54 -36.71
N LEU A 32 -20.74 -8.73 -36.29
CA LEU A 32 -19.73 -9.34 -37.14
C LEU A 32 -20.00 -10.83 -37.37
N GLN A 33 -20.05 -11.23 -38.64
CA GLN A 33 -20.29 -12.61 -39.01
C GLN A 33 -19.02 -13.46 -38.93
N GLU A 34 -17.86 -12.80 -38.88
CA GLU A 34 -16.59 -13.49 -38.66
C GLU A 34 -15.51 -12.55 -38.15
N VAL A 35 -14.36 -13.11 -37.79
CA VAL A 35 -13.27 -12.30 -37.24
C VAL A 35 -12.73 -11.34 -38.28
N PRO A 36 -12.74 -10.04 -37.98
CA PRO A 36 -12.24 -8.99 -38.88
C PRO A 36 -10.75 -9.13 -39.16
N GLN A 37 -10.39 -8.95 -40.43
CA GLN A 37 -9.00 -9.05 -40.85
C GLN A 37 -8.29 -7.70 -40.73
N THR A 38 -9.06 -6.68 -40.38
CA THR A 38 -8.56 -5.32 -40.37
C THR A 38 -8.02 -4.89 -39.00
N VAL A 39 -8.06 -5.78 -38.01
CA VAL A 39 -7.59 -5.44 -36.67
C VAL A 39 -6.12 -5.05 -36.68
N GLY A 40 -5.80 -3.93 -36.05
CA GLY A 40 -4.43 -3.46 -35.95
C GLY A 40 -3.53 -4.55 -35.39
N LYS A 41 -2.33 -4.69 -35.96
CA LYS A 41 -1.45 -5.79 -35.58
C LYS A 41 -0.66 -5.48 -34.32
N TYR A 42 -0.85 -4.28 -33.78
CA TYR A 42 -0.24 -3.87 -32.52
C TYR A 42 -1.14 -4.07 -31.28
N VAL A 43 -2.39 -4.51 -31.51
CA VAL A 43 -3.34 -4.64 -30.41
C VAL A 43 -2.99 -5.78 -29.44
N THR A 44 -2.96 -5.46 -28.15
CA THR A 44 -2.70 -6.45 -27.11
C THR A 44 -3.94 -7.25 -26.68
N GLU A 45 -5.11 -6.64 -26.77
CA GLU A 45 -6.35 -7.27 -26.33
C GLU A 45 -7.48 -7.02 -27.33
N LEU A 46 -8.28 -8.05 -27.56
CA LEU A 46 -9.33 -7.99 -28.57
C LEU A 46 -10.65 -8.51 -28.02
N ASP A 47 -11.66 -7.65 -27.99
CA ASP A 47 -12.99 -8.08 -27.54
C ASP A 47 -13.92 -8.26 -28.73
N LEU A 48 -14.17 -9.52 -29.06
CA LEU A 48 -15.12 -9.88 -30.12
C LEU A 48 -16.50 -10.32 -29.60
N SER A 49 -16.71 -10.19 -28.29
CA SER A 49 -17.93 -10.67 -27.64
C SER A 49 -19.23 -10.13 -28.22
N ASP A 50 -20.27 -10.95 -28.16
CA ASP A 50 -21.62 -10.59 -28.57
C ASP A 50 -21.78 -10.30 -30.06
N ASN A 51 -21.04 -11.05 -30.85
CA ASN A 51 -21.15 -10.96 -32.30
C ASN A 51 -21.75 -12.23 -32.86
N PHE A 52 -21.77 -12.32 -34.19
CA PHE A 52 -22.29 -13.49 -34.90
C PHE A 52 -21.23 -14.51 -35.34
N ILE A 53 -19.99 -14.34 -34.92
CA ILE A 53 -18.89 -15.21 -35.38
C ILE A 53 -19.17 -16.68 -35.06
N THR A 54 -19.22 -17.51 -36.11
CA THR A 54 -19.44 -18.95 -35.97
C THR A 54 -18.22 -19.85 -36.16
N HIS A 55 -17.07 -19.28 -36.50
CA HIS A 55 -15.91 -20.11 -36.82
C HIS A 55 -14.60 -19.47 -36.38
N ILE A 56 -13.71 -20.29 -35.82
CA ILE A 56 -12.39 -19.85 -35.43
C ILE A 56 -11.38 -20.88 -35.94
N THR A 57 -10.51 -20.46 -36.85
CA THR A 57 -9.49 -21.33 -37.39
C THR A 57 -8.15 -20.69 -37.07
N ASN A 58 -7.06 -21.27 -37.59
CA ASN A 58 -5.74 -20.70 -37.34
C ASN A 58 -5.41 -19.53 -38.28
N GLU A 59 -6.34 -19.22 -39.19
CA GLU A 59 -6.20 -18.06 -40.06
C GLU A 59 -6.98 -16.86 -39.55
N SER A 60 -7.72 -17.04 -38.46
CA SER A 60 -8.57 -15.99 -37.94
C SER A 60 -7.75 -14.87 -37.31
N PHE A 61 -6.71 -15.27 -36.59
CA PHE A 61 -5.87 -14.33 -35.85
C PHE A 61 -4.50 -13.93 -36.43
N GLN A 62 -4.22 -14.34 -37.66
CA GLN A 62 -2.92 -14.10 -38.29
C GLN A 62 -2.45 -12.64 -38.27
N GLY A 63 -1.17 -12.46 -37.99
CA GLY A 63 -0.56 -11.13 -38.01
C GLY A 63 -0.49 -10.50 -36.63
N LEU A 64 -1.22 -11.09 -35.68
CA LEU A 64 -1.26 -10.55 -34.34
C LEU A 64 -0.24 -11.25 -33.45
N GLN A 65 0.81 -10.51 -33.10
CA GLN A 65 1.92 -11.05 -32.35
C GLN A 65 1.58 -10.96 -30.87
N ASN A 66 1.36 -9.74 -30.43
CA ASN A 66 1.34 -9.41 -29.02
C ASN A 66 -0.02 -9.60 -28.32
N LEU A 67 -1.00 -10.20 -29.01
CA LEU A 67 -2.31 -10.43 -28.39
C LEU A 67 -2.17 -11.26 -27.12
N THR A 68 -2.53 -10.69 -25.98
CA THR A 68 -2.54 -11.41 -24.72
C THR A 68 -3.94 -11.87 -24.33
N LYS A 69 -4.95 -11.29 -24.97
CA LYS A 69 -6.33 -11.49 -24.51
C LYS A 69 -7.32 -11.52 -25.66
N ILE A 70 -8.22 -12.50 -25.61
CA ILE A 70 -9.28 -12.60 -26.59
C ILE A 70 -10.60 -12.90 -25.89
N ASN A 71 -11.62 -12.11 -26.19
CA ASN A 71 -12.95 -12.35 -25.64
C ASN A 71 -13.91 -12.73 -26.76
N LEU A 72 -14.25 -14.02 -26.79
CA LEU A 72 -15.25 -14.57 -27.72
C LEU A 72 -16.64 -14.82 -27.12
N ASN A 73 -16.87 -14.36 -25.89
CA ASN A 73 -18.13 -14.64 -25.20
C ASN A 73 -19.34 -14.34 -26.07
N HIS A 74 -20.36 -15.19 -25.99
CA HIS A 74 -21.61 -15.01 -26.70
C HIS A 74 -21.45 -14.95 -28.22
N ASN A 75 -20.76 -15.93 -28.80
CA ASN A 75 -20.79 -16.12 -30.24
C ASN A 75 -21.22 -17.54 -30.61
N PRO A 76 -22.09 -17.68 -31.62
CA PRO A 76 -22.82 -16.57 -32.23
C PRO A 76 -23.94 -16.13 -31.30
N ASN A 77 -24.29 -14.85 -31.33
CA ASN A 77 -25.35 -14.35 -30.47
C ASN A 77 -26.67 -14.78 -31.09
N VAL A 78 -27.44 -15.58 -30.35
CA VAL A 78 -28.64 -16.23 -30.87
C VAL A 78 -28.34 -17.02 -32.15
N GLY A 91 -23.74 -22.19 -31.81
CA GLY A 91 -22.62 -23.10 -31.81
C GLY A 91 -21.37 -22.51 -32.45
N LEU A 92 -20.41 -22.14 -31.61
CA LEU A 92 -19.15 -21.62 -32.12
C LEU A 92 -18.20 -22.76 -32.44
N ASN A 93 -17.83 -22.86 -33.72
CA ASN A 93 -16.99 -23.94 -34.22
C ASN A 93 -15.53 -23.52 -34.14
N ILE A 94 -14.79 -24.14 -33.22
CA ILE A 94 -13.37 -23.86 -33.07
C ILE A 94 -12.60 -25.08 -33.49
N THR A 95 -11.69 -24.87 -34.45
CA THR A 95 -10.88 -25.96 -35.00
C THR A 95 -9.72 -26.30 -34.07
N ASP A 96 -9.26 -27.54 -34.14
CA ASP A 96 -8.13 -27.99 -33.34
C ASP A 96 -6.92 -27.12 -33.64
N GLY A 97 -6.32 -26.57 -32.58
CA GLY A 97 -5.10 -25.78 -32.72
C GLY A 97 -5.28 -24.40 -33.30
N ALA A 98 -6.53 -23.95 -33.41
CA ALA A 98 -6.86 -22.63 -33.96
C ALA A 98 -6.07 -21.48 -33.31
N PHE A 99 -5.93 -21.53 -31.99
CA PHE A 99 -5.25 -20.47 -31.24
C PHE A 99 -3.75 -20.69 -31.06
N LEU A 100 -3.22 -21.74 -31.69
CA LEU A 100 -1.82 -22.17 -31.45
C LEU A 100 -0.75 -21.15 -31.86
N ASN A 101 -1.02 -20.40 -32.92
CA ASN A 101 -0.04 -19.44 -33.46
C ASN A 101 0.16 -18.22 -32.57
N LEU A 102 -0.68 -18.08 -31.55
CA LEU A 102 -0.55 -16.96 -30.63
C LEU A 102 0.33 -17.41 -29.48
N LYS A 103 1.55 -16.90 -29.47
CA LYS A 103 2.55 -17.31 -28.49
C LYS A 103 2.36 -16.54 -27.19
N ASN A 104 1.90 -15.30 -27.31
CA ASN A 104 1.73 -14.43 -26.16
C ASN A 104 0.31 -14.42 -25.57
N LEU A 105 -0.57 -15.27 -26.12
CA LEU A 105 -1.95 -15.33 -25.67
C LEU A 105 -2.02 -15.90 -24.25
N ARG A 106 -2.62 -15.11 -23.36
CA ARG A 106 -2.70 -15.42 -21.94
C ARG A 106 -4.14 -15.72 -21.55
N GLU A 107 -5.02 -14.75 -21.76
CA GLU A 107 -6.41 -14.88 -21.36
C GLU A 107 -7.32 -15.17 -22.56
N LEU A 108 -8.08 -16.25 -22.47
CA LEU A 108 -9.09 -16.59 -23.50
C LEU A 108 -10.49 -16.79 -22.92
N LEU A 109 -11.43 -15.92 -23.26
CA LEU A 109 -12.79 -16.00 -22.73
C LEU A 109 -13.77 -16.58 -23.76
N LEU A 110 -14.14 -17.84 -23.54
CA LEU A 110 -15.03 -18.61 -24.40
C LEU A 110 -16.49 -18.77 -23.96
N GLU A 111 -16.94 -18.00 -22.98
CA GLU A 111 -18.29 -18.12 -22.40
C GLU A 111 -19.48 -18.06 -23.38
N ASP A 112 -20.50 -18.86 -23.07
CA ASP A 112 -21.79 -18.84 -23.77
C ASP A 112 -21.69 -19.10 -25.28
N ASN A 113 -20.77 -19.98 -25.67
CA ASN A 113 -20.60 -20.38 -27.07
C ASN A 113 -21.20 -21.73 -27.47
N GLN A 114 -21.93 -22.35 -26.56
CA GLN A 114 -22.51 -23.69 -26.78
C GLN A 114 -21.47 -24.73 -27.17
N LEU A 115 -20.25 -24.59 -26.65
CA LEU A 115 -19.18 -25.53 -26.93
C LEU A 115 -19.52 -26.90 -26.35
N PRO A 116 -19.55 -27.94 -27.20
CA PRO A 116 -19.82 -29.31 -26.78
C PRO A 116 -18.62 -29.93 -26.08
N GLN A 117 -17.42 -29.40 -26.34
CA GLN A 117 -16.19 -29.93 -25.76
C GLN A 117 -15.25 -28.79 -25.33
N ILE A 118 -14.19 -29.15 -24.61
CA ILE A 118 -13.08 -28.21 -24.47
C ILE A 118 -12.34 -28.20 -25.79
N PRO A 119 -12.05 -27.01 -26.34
CA PRO A 119 -11.36 -26.96 -27.65
C PRO A 119 -9.95 -27.52 -27.54
N SER A 120 -9.62 -28.44 -28.44
CA SER A 120 -8.34 -29.15 -28.40
C SER A 120 -7.21 -28.27 -28.93
N GLY A 121 -5.99 -28.59 -28.54
CA GLY A 121 -4.82 -27.84 -28.97
C GLY A 121 -4.84 -26.35 -28.65
N LEU A 122 -5.16 -26.00 -27.40
CA LEU A 122 -5.07 -24.61 -26.95
C LEU A 122 -3.61 -24.30 -26.62
N PRO A 123 -3.22 -23.01 -26.66
CA PRO A 123 -1.82 -22.63 -26.39
C PRO A 123 -1.40 -22.95 -24.96
N GLU A 124 -0.13 -23.29 -24.76
CA GLU A 124 0.39 -23.57 -23.42
C GLU A 124 0.68 -22.26 -22.69
N SER A 125 0.47 -21.15 -23.38
CA SER A 125 0.76 -19.85 -22.79
C SER A 125 -0.42 -19.31 -21.98
N LEU A 126 -1.55 -20.01 -22.02
CA LEU A 126 -2.76 -19.52 -21.33
C LEU A 126 -2.58 -19.52 -19.82
N THR A 127 -2.72 -18.34 -19.22
CA THR A 127 -2.86 -18.21 -17.77
C THR A 127 -4.31 -18.33 -17.28
N GLU A 128 -5.24 -17.78 -18.05
CA GLU A 128 -6.66 -17.79 -17.69
C GLU A 128 -7.58 -18.20 -18.84
N LEU A 129 -8.40 -19.23 -18.58
CA LEU A 129 -9.35 -19.76 -19.55
C LEU A 129 -10.76 -19.85 -18.94
N SER A 130 -11.73 -19.20 -19.58
CA SER A 130 -13.11 -19.24 -19.09
C SER A 130 -14.07 -19.92 -20.06
N LEU A 131 -14.52 -21.11 -19.68
CA LEU A 131 -15.49 -21.92 -20.42
C LEU A 131 -16.94 -21.86 -19.90
N ILE A 132 -17.19 -20.92 -18.99
CA ILE A 132 -18.48 -20.79 -18.31
C ILE A 132 -19.64 -20.78 -19.29
N GLN A 133 -20.75 -21.42 -18.91
CA GLN A 133 -21.98 -21.37 -19.68
C GLN A 133 -21.87 -21.99 -21.08
N ASN A 134 -21.32 -23.20 -21.11
CA ASN A 134 -21.26 -23.99 -22.33
C ASN A 134 -21.91 -25.35 -22.13
N ASN A 135 -21.72 -26.22 -23.11
CA ASN A 135 -22.19 -27.59 -23.07
C ASN A 135 -21.18 -28.66 -22.66
N ILE A 136 -20.06 -28.26 -22.07
CA ILE A 136 -18.98 -29.21 -21.83
C ILE A 136 -19.22 -30.11 -20.61
N TYR A 137 -19.39 -31.40 -20.88
CA TYR A 137 -19.65 -32.45 -19.89
C TYR A 137 -18.45 -33.32 -19.59
N ASN A 138 -17.33 -33.07 -20.26
CA ASN A 138 -16.14 -33.88 -20.09
C ASN A 138 -14.85 -33.05 -19.97
N ILE A 139 -14.18 -33.15 -18.83
CA ILE A 139 -12.94 -32.43 -18.60
C ILE A 139 -11.80 -33.44 -18.72
N THR A 140 -11.04 -33.34 -19.80
CA THR A 140 -10.11 -34.41 -20.17
C THR A 140 -8.66 -33.96 -20.13
N LYS A 141 -7.75 -34.93 -20.01
CA LYS A 141 -6.33 -34.62 -20.04
C LYS A 141 -5.95 -33.98 -21.38
N GLU A 142 -6.58 -34.46 -22.45
CA GLU A 142 -6.29 -33.99 -23.80
C GLU A 142 -6.49 -32.47 -23.94
N GLY A 143 -7.58 -31.97 -23.40
CA GLY A 143 -7.89 -30.54 -23.52
C GLY A 143 -7.22 -29.67 -22.47
N ILE A 144 -6.88 -30.26 -21.33
CA ILE A 144 -6.52 -29.47 -20.14
C ILE A 144 -5.09 -29.69 -19.65
N SER A 145 -4.75 -30.94 -19.35
CA SER A 145 -3.51 -31.27 -18.66
C SER A 145 -2.21 -30.71 -19.28
N ARG A 146 -2.27 -30.27 -20.53
CA ARG A 146 -1.08 -29.67 -21.14
C ARG A 146 -0.90 -28.17 -20.87
N LEU A 147 -1.89 -27.52 -20.25
CA LEU A 147 -1.72 -26.10 -20.03
C LEU A 147 -1.23 -25.95 -18.60
N ILE A 148 0.08 -25.78 -18.48
CA ILE A 148 0.72 -25.84 -17.18
C ILE A 148 0.91 -24.44 -16.64
N ASN A 149 0.54 -23.46 -17.45
CA ASN A 149 0.59 -22.05 -17.04
C ASN A 149 -0.74 -21.50 -16.54
N LEU A 150 -1.78 -22.34 -16.52
CA LEU A 150 -3.09 -21.91 -16.02
C LEU A 150 -3.04 -21.48 -14.56
N LYS A 151 -3.55 -20.28 -14.29
CA LYS A 151 -3.79 -19.79 -12.94
C LYS A 151 -5.28 -19.93 -12.64
N ASN A 152 -6.10 -19.30 -13.48
CA ASN A 152 -7.57 -19.33 -13.38
C ASN A 152 -8.31 -20.18 -14.43
N LEU A 153 -9.02 -21.21 -13.96
CA LEU A 153 -9.83 -22.05 -14.85
C LEU A 153 -11.31 -22.04 -14.46
N TYR A 154 -12.17 -21.51 -15.34
CA TYR A 154 -13.61 -21.44 -15.07
C TYR A 154 -14.42 -22.40 -15.94
N LEU A 155 -14.89 -23.49 -15.34
CA LEU A 155 -15.79 -24.45 -16.01
C LEU A 155 -17.28 -24.37 -15.64
N ALA A 156 -17.67 -23.37 -14.87
CA ALA A 156 -19.01 -23.32 -14.27
C ALA A 156 -20.20 -23.18 -15.23
N TRP A 157 -21.38 -23.54 -14.71
CA TRP A 157 -22.67 -23.42 -15.41
C TRP A 157 -22.79 -24.21 -16.70
N ASN A 158 -22.15 -25.37 -16.77
CA ASN A 158 -22.38 -26.23 -17.92
C ASN A 158 -23.57 -27.18 -17.81
N CYS A 159 -23.83 -27.69 -16.61
CA CYS A 159 -25.00 -28.53 -16.38
C CYS A 159 -25.65 -28.19 -15.06
N TYR A 160 -26.88 -27.70 -15.12
CA TYR A 160 -27.53 -27.15 -13.92
C TYR A 160 -29.05 -27.10 -14.12
N PHE A 161 -29.79 -26.96 -13.03
CA PHE A 161 -31.26 -26.76 -13.11
C PHE A 161 -31.97 -27.82 -13.96
N ASN A 162 -32.92 -27.40 -14.78
CA ASN A 162 -33.63 -28.32 -15.68
C ASN A 162 -33.04 -28.43 -17.08
N LYS A 163 -31.86 -27.85 -17.29
CA LYS A 163 -31.17 -27.99 -18.56
C LYS A 163 -31.02 -29.45 -18.95
N VAL A 164 -31.13 -29.75 -20.24
CA VAL A 164 -30.87 -31.11 -20.68
C VAL A 164 -29.35 -31.24 -20.83
N CYS A 165 -28.76 -32.09 -19.99
CA CYS A 165 -27.30 -32.19 -19.92
C CYS A 165 -26.83 -33.48 -19.25
N GLU A 166 -25.54 -33.75 -19.39
CA GLU A 166 -24.91 -34.94 -18.83
C GLU A 166 -24.18 -34.65 -17.52
N LYS A 167 -24.16 -35.63 -16.62
CA LYS A 167 -23.30 -35.57 -15.44
C LYS A 167 -21.85 -35.39 -15.89
N THR A 168 -21.11 -34.54 -15.18
CA THR A 168 -19.77 -34.17 -15.62
C THR A 168 -18.77 -35.25 -15.31
N ASN A 169 -18.12 -35.75 -16.36
CA ASN A 169 -17.04 -36.69 -16.18
C ASN A 169 -15.72 -35.94 -16.04
N ILE A 170 -15.09 -36.07 -14.88
CA ILE A 170 -13.80 -35.44 -14.68
C ILE A 170 -12.75 -36.53 -14.70
N GLU A 171 -11.93 -36.53 -15.75
CA GLU A 171 -10.92 -37.55 -15.96
C GLU A 171 -9.90 -37.53 -14.82
N ASP A 172 -9.62 -38.69 -14.26
CA ASP A 172 -8.78 -38.79 -13.08
C ASP A 172 -7.41 -38.14 -13.26
N GLY A 173 -7.07 -37.24 -12.33
CA GLY A 173 -5.79 -36.56 -12.33
C GLY A 173 -5.67 -35.44 -13.36
N VAL A 174 -6.77 -34.99 -13.92
CA VAL A 174 -6.73 -34.00 -14.99
C VAL A 174 -6.13 -32.66 -14.55
N PHE A 175 -6.42 -32.25 -13.31
CA PHE A 175 -5.94 -30.96 -12.81
C PHE A 175 -4.58 -31.10 -12.16
N GLU A 176 -4.18 -32.36 -11.95
CA GLU A 176 -2.99 -32.70 -11.17
C GLU A 176 -1.73 -32.03 -11.68
N THR A 177 -1.63 -31.95 -13.00
CA THR A 177 -0.46 -31.41 -13.66
C THR A 177 -0.47 -29.88 -13.75
N LEU A 178 -1.54 -29.24 -13.26
CA LEU A 178 -1.56 -27.80 -13.35
C LEU A 178 -1.11 -27.25 -12.01
N THR A 179 0.17 -26.93 -11.92
CA THR A 179 0.81 -26.69 -10.63
C THR A 179 0.89 -25.22 -10.33
N ASN A 180 0.47 -24.40 -11.28
CA ASN A 180 0.31 -22.97 -11.05
C ASN A 180 -1.14 -22.54 -10.85
N LEU A 181 -2.07 -23.51 -10.85
CA LEU A 181 -3.49 -23.18 -10.90
C LEU A 181 -3.90 -22.71 -9.51
N GLU A 182 -4.32 -21.44 -9.42
CA GLU A 182 -4.79 -20.86 -8.17
C GLU A 182 -6.31 -20.74 -8.01
N LEU A 183 -7.04 -20.85 -9.11
CA LEU A 183 -8.49 -20.69 -9.07
C LEU A 183 -9.13 -21.74 -9.96
N LEU A 184 -10.01 -22.52 -9.37
CA LEU A 184 -10.74 -23.54 -10.12
C LEU A 184 -12.21 -23.38 -9.82
N SER A 185 -13.01 -23.07 -10.83
CA SER A 185 -14.46 -22.97 -10.65
C SER A 185 -15.20 -24.05 -11.42
N LEU A 186 -15.71 -25.02 -10.68
CA LEU A 186 -16.56 -26.09 -11.20
C LEU A 186 -18.07 -25.94 -10.94
N SER A 187 -18.49 -24.82 -10.37
CA SER A 187 -19.86 -24.65 -9.87
C SER A 187 -20.94 -24.89 -10.94
N PHE A 188 -22.12 -25.29 -10.50
CA PHE A 188 -23.26 -25.50 -11.40
C PHE A 188 -22.94 -26.50 -12.52
N ASN A 189 -22.42 -27.65 -12.10
CA ASN A 189 -22.25 -28.83 -12.92
C ASN A 189 -22.61 -29.99 -12.03
N SER A 190 -22.99 -31.12 -12.60
CA SER A 190 -23.28 -32.25 -11.75
C SER A 190 -22.00 -33.05 -11.57
N LEU A 191 -21.46 -32.99 -10.36
CA LEU A 191 -20.17 -33.59 -10.01
C LEU A 191 -20.36 -34.85 -9.17
N SER A 192 -21.09 -34.68 -8.05
CA SER A 192 -21.38 -35.71 -7.04
C SER A 192 -20.26 -36.03 -6.06
N HIS A 193 -19.02 -35.72 -6.44
CA HIS A 193 -17.87 -35.90 -5.56
C HIS A 193 -16.84 -34.83 -5.87
N VAL A 194 -16.15 -34.33 -4.84
CA VAL A 194 -14.99 -33.47 -5.07
C VAL A 194 -14.01 -34.25 -5.96
N PRO A 195 -13.44 -33.59 -6.98
CA PRO A 195 -12.49 -34.32 -7.81
C PRO A 195 -11.22 -34.63 -7.01
N PRO A 196 -10.72 -35.86 -7.11
CA PRO A 196 -9.43 -36.19 -6.48
C PRO A 196 -8.27 -35.50 -7.20
N LYS A 197 -7.08 -35.54 -6.58
CA LYS A 197 -5.86 -35.10 -7.24
C LYS A 197 -5.94 -33.65 -7.71
N LEU A 198 -6.25 -32.75 -6.78
CA LEU A 198 -6.20 -31.33 -7.09
C LEU A 198 -4.82 -30.80 -6.77
N PRO A 199 -4.33 -29.80 -7.53
CA PRO A 199 -3.00 -29.24 -7.25
C PRO A 199 -2.94 -28.41 -5.97
N SER A 200 -1.83 -28.49 -5.25
CA SER A 200 -1.68 -27.83 -3.94
C SER A 200 -1.51 -26.32 -4.04
N SER A 201 -1.42 -25.81 -5.26
CA SER A 201 -1.30 -24.37 -5.46
C SER A 201 -2.66 -23.66 -5.38
N LEU A 202 -3.76 -24.41 -5.34
CA LEU A 202 -5.09 -23.81 -5.25
C LEU A 202 -5.24 -22.80 -4.12
N ARG A 203 -5.83 -21.68 -4.49
CA ARG A 203 -6.14 -20.56 -3.62
C ARG A 203 -7.66 -20.56 -3.41
N LYS A 204 -8.39 -20.62 -4.53
CA LYS A 204 -9.84 -20.52 -4.55
C LYS A 204 -10.50 -21.68 -5.28
N LEU A 205 -11.31 -22.46 -4.58
CA LEU A 205 -12.02 -23.58 -5.21
C LEU A 205 -13.53 -23.37 -5.10
N PHE A 206 -14.20 -23.30 -6.25
CA PHE A 206 -15.64 -23.09 -6.28
C PHE A 206 -16.35 -24.37 -6.73
N LEU A 207 -16.97 -25.02 -5.75
CA LEU A 207 -17.77 -26.23 -5.91
C LEU A 207 -19.30 -26.07 -5.77
N SER A 208 -19.80 -24.84 -5.82
CA SER A 208 -21.23 -24.57 -5.61
C SER A 208 -22.20 -25.30 -6.53
N ASN A 209 -23.28 -25.81 -5.96
CA ASN A 209 -24.33 -26.48 -6.72
C ASN A 209 -23.79 -27.57 -7.62
N THR A 210 -22.88 -28.36 -7.06
CA THR A 210 -22.28 -29.49 -7.77
C THR A 210 -22.89 -30.84 -7.40
N GLN A 211 -23.92 -30.82 -6.56
CA GLN A 211 -24.60 -32.03 -6.11
C GLN A 211 -23.69 -32.97 -5.31
N ILE A 212 -22.90 -32.40 -4.40
CA ILE A 212 -22.00 -33.19 -3.56
C ILE A 212 -22.62 -33.33 -2.18
N LYS A 213 -23.06 -34.54 -1.84
CA LYS A 213 -23.74 -34.76 -0.57
C LYS A 213 -22.76 -34.94 0.59
N TYR A 214 -21.53 -35.36 0.28
CA TYR A 214 -20.58 -35.75 1.32
C TYR A 214 -19.17 -35.21 1.07
N ILE A 215 -18.61 -34.57 2.09
CA ILE A 215 -17.25 -34.05 2.05
C ILE A 215 -16.39 -34.92 2.98
N SER A 216 -15.52 -35.75 2.41
CA SER A 216 -14.67 -36.62 3.20
C SER A 216 -13.44 -35.89 3.69
N GLU A 217 -12.63 -36.59 4.48
CA GLU A 217 -11.37 -36.07 5.01
C GLU A 217 -10.31 -35.92 3.90
N GLU A 218 -10.42 -36.76 2.88
CA GLU A 218 -9.43 -36.80 1.80
C GLU A 218 -9.59 -35.68 0.78
N ASP A 219 -10.83 -35.21 0.59
CA ASP A 219 -11.15 -34.24 -0.47
C ASP A 219 -10.25 -33.00 -0.57
N PHE A 220 -10.03 -32.33 0.55
CA PHE A 220 -9.16 -31.14 0.59
C PHE A 220 -7.78 -31.32 1.22
N LYS A 221 -7.43 -32.56 1.54
CA LYS A 221 -6.31 -32.86 2.44
C LYS A 221 -5.02 -32.07 2.18
N GLY A 222 -4.66 -31.92 0.91
CA GLY A 222 -3.38 -31.31 0.58
C GLY A 222 -3.38 -29.85 0.19
N LEU A 223 -4.51 -29.14 0.33
CA LEU A 223 -4.52 -27.79 -0.19
C LEU A 223 -4.27 -26.82 0.94
N ILE A 224 -3.01 -26.45 1.11
CA ILE A 224 -2.62 -25.70 2.27
C ILE A 224 -2.58 -24.23 1.91
N ASN A 225 -2.78 -23.95 0.63
CA ASN A 225 -2.83 -22.56 0.14
C ASN A 225 -4.24 -22.00 -0.02
N LEU A 226 -5.26 -22.79 0.32
CA LEU A 226 -6.64 -22.39 0.01
C LEU A 226 -7.09 -21.27 0.90
N THR A 227 -7.41 -20.13 0.30
CA THR A 227 -8.05 -19.04 1.01
C THR A 227 -9.58 -18.96 0.83
N LEU A 228 -10.10 -19.69 -0.16
CA LEU A 228 -11.55 -19.67 -0.43
C LEU A 228 -12.09 -21.04 -0.79
N LEU A 229 -13.13 -21.48 -0.09
CA LEU A 229 -13.83 -22.72 -0.41
C LEU A 229 -15.34 -22.46 -0.49
N ASP A 230 -15.94 -22.78 -1.64
CA ASP A 230 -17.38 -22.60 -1.83
C ASP A 230 -18.07 -23.95 -2.05
N LEU A 231 -18.74 -24.41 -1.01
CA LEU A 231 -19.57 -25.61 -1.01
C LEU A 231 -21.08 -25.33 -1.07
N SER A 232 -21.45 -24.07 -1.32
CA SER A 232 -22.86 -23.67 -1.31
C SER A 232 -23.79 -24.48 -2.24
N GLY A 233 -25.05 -24.62 -1.84
CA GLY A 233 -26.03 -25.26 -2.70
C GLY A 233 -25.91 -26.76 -2.85
N ASN A 234 -25.04 -27.38 -2.06
CA ASN A 234 -24.92 -28.82 -2.02
C ASN A 234 -25.78 -29.38 -0.89
N CYS A 235 -26.72 -30.25 -1.23
CA CYS A 235 -27.88 -30.52 -0.36
C CYS A 235 -28.61 -29.21 -0.04
N PRO A 236 -29.23 -28.59 -1.04
CA PRO A 236 -29.84 -27.27 -0.85
C PRO A 236 -31.11 -27.25 -0.01
N ARG A 237 -31.43 -26.09 0.55
CA ARG A 237 -32.70 -25.87 1.19
C ARG A 237 -33.65 -25.38 0.11
N CYS A 238 -34.62 -26.21 -0.26
CA CYS A 238 -35.42 -25.95 -1.46
C CYS A 238 -36.74 -25.21 -1.29
N PHE A 239 -37.20 -25.00 -0.05
CA PHE A 239 -38.48 -24.34 0.11
C PHE A 239 -38.48 -22.93 -0.43
N ASN A 240 -39.49 -22.62 -1.24
CA ASN A 240 -39.63 -21.30 -1.87
C ASN A 240 -38.47 -20.90 -2.80
N ALA A 241 -37.77 -21.89 -3.35
CA ALA A 241 -36.63 -21.62 -4.21
C ALA A 241 -37.07 -20.94 -5.52
N PRO A 242 -36.38 -19.84 -5.90
CA PRO A 242 -36.75 -19.27 -7.21
C PRO A 242 -35.92 -19.84 -8.37
N PHE A 243 -35.64 -21.14 -8.30
CA PHE A 243 -34.99 -21.87 -9.37
C PHE A 243 -35.33 -23.36 -9.18
N PRO A 244 -35.17 -24.17 -10.24
CA PRO A 244 -35.43 -25.60 -9.97
C PRO A 244 -34.43 -26.11 -8.95
N CYS A 245 -34.92 -26.70 -7.87
CA CYS A 245 -34.10 -27.04 -6.74
C CYS A 245 -34.37 -28.49 -6.35
N VAL A 246 -33.31 -29.29 -6.25
CA VAL A 246 -33.44 -30.69 -5.85
C VAL A 246 -32.68 -30.98 -4.55
N PRO A 247 -33.41 -31.24 -3.48
CA PRO A 247 -32.81 -31.46 -2.16
C PRO A 247 -32.17 -32.84 -2.06
N CYS A 248 -31.27 -33.02 -1.10
CA CYS A 248 -30.77 -34.35 -0.80
C CYS A 248 -31.94 -35.14 -0.22
N ASP A 249 -31.85 -36.47 -0.26
CA ASP A 249 -32.96 -37.30 0.17
C ASP A 249 -33.39 -36.96 1.60
N GLY A 250 -34.68 -36.65 1.76
CA GLY A 250 -35.20 -36.23 3.05
C GLY A 250 -34.92 -34.78 3.39
N GLY A 251 -34.35 -34.03 2.45
CA GLY A 251 -33.99 -32.65 2.71
C GLY A 251 -32.84 -32.58 3.70
N ALA A 252 -32.06 -33.66 3.75
CA ALA A 252 -31.00 -33.79 4.74
C ALA A 252 -29.83 -32.82 4.52
N SER A 253 -29.07 -32.61 5.58
CA SER A 253 -27.92 -31.73 5.56
C SER A 253 -26.76 -32.29 4.73
N ILE A 254 -25.90 -31.41 4.23
CA ILE A 254 -24.62 -31.85 3.68
C ILE A 254 -23.88 -32.63 4.78
N ASN A 255 -23.15 -33.66 4.38
CA ASN A 255 -22.38 -34.45 5.35
C ASN A 255 -20.91 -34.06 5.27
N ILE A 256 -20.44 -33.35 6.29
CA ILE A 256 -19.06 -32.89 6.30
C ILE A 256 -18.24 -33.59 7.39
N ASP A 257 -17.28 -34.40 6.96
CA ASP A 257 -16.46 -35.19 7.87
C ASP A 257 -15.77 -34.26 8.88
N ARG A 258 -15.54 -34.74 10.10
CA ARG A 258 -14.99 -33.88 11.14
C ARG A 258 -13.66 -33.24 10.73
N PHE A 259 -12.86 -34.02 10.00
CA PHE A 259 -11.52 -33.61 9.58
C PHE A 259 -11.44 -33.02 8.16
N ALA A 260 -12.58 -32.81 7.53
CA ALA A 260 -12.67 -32.31 6.16
C ALA A 260 -11.82 -31.07 5.91
N PHE A 261 -11.83 -30.16 6.87
CA PHE A 261 -11.12 -28.88 6.77
C PHE A 261 -9.79 -28.81 7.52
N GLN A 262 -9.36 -29.91 8.11
CA GLN A 262 -8.26 -29.84 9.10
C GLN A 262 -6.96 -29.22 8.60
N ASN A 263 -6.67 -29.35 7.31
CA ASN A 263 -5.45 -28.80 6.78
C ASN A 263 -5.57 -27.43 6.10
N LEU A 264 -6.75 -26.82 6.11
CA LEU A 264 -6.86 -25.56 5.40
C LEU A 264 -6.71 -24.46 6.43
N THR A 265 -5.48 -24.02 6.62
CA THR A 265 -5.17 -23.09 7.70
C THR A 265 -5.21 -21.69 7.15
N GLN A 266 -5.22 -21.60 5.84
CA GLN A 266 -5.22 -20.30 5.19
C GLN A 266 -6.62 -19.81 4.79
N LEU A 267 -7.66 -20.54 5.18
CA LEU A 267 -8.99 -20.20 4.67
C LEU A 267 -9.46 -18.85 5.23
N ARG A 268 -9.67 -17.90 4.32
CA ARG A 268 -10.32 -16.62 4.56
C ARG A 268 -11.84 -16.59 4.33
N TYR A 269 -12.30 -17.35 3.34
CA TYR A 269 -13.68 -17.27 2.88
C TYR A 269 -14.30 -18.67 2.79
N LEU A 270 -15.40 -18.89 3.49
CA LEU A 270 -16.09 -20.18 3.42
C LEU A 270 -17.57 -19.98 3.10
N ASN A 271 -18.02 -20.56 1.99
CA ASN A 271 -19.44 -20.44 1.64
C ASN A 271 -20.18 -21.76 1.85
N LEU A 272 -20.96 -21.80 2.92
CA LEU A 272 -21.84 -22.92 3.28
C LEU A 272 -23.34 -22.67 3.03
N SER A 273 -23.66 -21.60 2.31
CA SER A 273 -25.04 -21.25 2.00
C SER A 273 -25.83 -22.43 1.42
N SER A 274 -27.06 -22.59 1.89
CA SER A 274 -27.98 -23.58 1.35
C SER A 274 -27.40 -24.99 1.30
N THR A 275 -26.71 -25.40 2.36
CA THR A 275 -26.29 -26.78 2.48
C THR A 275 -27.20 -27.59 3.40
N SER A 276 -28.32 -26.97 3.83
CA SER A 276 -29.29 -27.57 4.76
C SER A 276 -28.72 -27.87 6.15
N LEU A 277 -27.81 -27.04 6.64
CA LEU A 277 -27.21 -27.30 7.94
C LEU A 277 -28.16 -27.02 9.09
N ARG A 278 -28.44 -28.04 9.90
CA ARG A 278 -29.07 -27.86 11.22
C ARG A 278 -28.06 -27.57 12.34
N LYS A 279 -26.86 -28.13 12.22
CA LYS A 279 -25.82 -28.00 13.25
C LYS A 279 -24.43 -27.72 12.66
N ILE A 280 -23.70 -26.82 13.30
CA ILE A 280 -22.35 -26.48 12.88
C ILE A 280 -21.32 -27.14 13.79
N ASN A 281 -20.44 -27.95 13.23
CA ASN A 281 -19.42 -28.60 14.03
C ASN A 281 -18.30 -27.61 14.30
N ALA A 282 -18.08 -27.29 15.57
CA ALA A 282 -17.08 -26.31 15.98
C ALA A 282 -15.65 -26.69 15.61
N ALA A 283 -15.38 -27.99 15.45
CA ALA A 283 -14.03 -28.49 15.14
C ALA A 283 -13.66 -28.24 13.68
N TRP A 284 -14.66 -27.94 12.86
CA TRP A 284 -14.39 -27.52 11.49
C TRP A 284 -13.46 -26.32 11.48
N PHE A 285 -13.56 -25.47 12.49
CA PHE A 285 -12.79 -24.23 12.53
C PHE A 285 -11.54 -24.26 13.40
N LYS A 286 -11.24 -25.41 13.98
CA LYS A 286 -10.12 -25.61 14.89
C LYS A 286 -8.82 -25.06 14.30
N ASN A 287 -8.60 -25.41 13.06
CA ASN A 287 -7.39 -25.09 12.31
C ASN A 287 -7.49 -23.87 11.38
N MET A 288 -8.52 -23.05 11.57
CA MET A 288 -8.77 -21.90 10.69
C MET A 288 -8.61 -20.58 11.44
N PRO A 289 -7.36 -20.22 11.77
CA PRO A 289 -7.18 -18.96 12.50
C PRO A 289 -7.51 -17.71 11.67
N HIS A 290 -7.49 -17.83 10.35
CA HIS A 290 -7.61 -16.63 9.52
C HIS A 290 -9.01 -16.34 8.98
N LEU A 291 -9.96 -17.23 9.26
CA LEU A 291 -11.29 -17.15 8.62
C LEU A 291 -11.94 -15.79 8.84
N LYS A 292 -12.27 -15.16 7.73
CA LYS A 292 -12.71 -13.77 7.64
C LYS A 292 -14.22 -13.66 7.32
N VAL A 293 -14.64 -14.33 6.24
CA VAL A 293 -16.03 -14.33 5.83
C VAL A 293 -16.69 -15.72 5.89
N LEU A 294 -17.83 -15.81 6.57
CA LEU A 294 -18.56 -17.07 6.67
C LEU A 294 -20.01 -16.90 6.18
N ASP A 295 -20.36 -17.63 5.12
CA ASP A 295 -21.71 -17.55 4.56
C ASP A 295 -22.54 -18.79 4.93
N LEU A 296 -23.46 -18.57 5.88
CA LEU A 296 -24.39 -19.57 6.39
C LEU A 296 -25.86 -19.43 5.93
N GLU A 297 -26.10 -18.62 4.90
CA GLU A 297 -27.47 -18.36 4.40
C GLU A 297 -28.25 -19.60 4.00
N PHE A 298 -29.57 -19.51 4.10
CA PHE A 298 -30.48 -20.51 3.53
C PHE A 298 -30.22 -21.91 4.08
N ASN A 299 -29.93 -21.98 5.38
CA ASN A 299 -29.83 -23.25 6.13
C ASN A 299 -30.94 -23.32 7.18
N TYR A 300 -30.90 -24.30 8.09
CA TYR A 300 -31.82 -24.21 9.23
C TYR A 300 -31.06 -24.02 10.54
N LEU A 301 -30.70 -22.78 10.80
CA LEU A 301 -29.77 -22.45 11.87
C LEU A 301 -30.34 -21.74 13.10
N VAL A 302 -31.65 -21.56 13.16
CA VAL A 302 -32.26 -20.85 14.28
C VAL A 302 -31.78 -21.42 15.63
N GLY A 303 -31.75 -22.74 15.75
CA GLY A 303 -31.18 -23.41 16.92
C GLY A 303 -29.74 -23.01 17.19
N GLU A 304 -28.89 -23.12 16.16
CA GLU A 304 -27.49 -22.72 16.26
C GLU A 304 -27.27 -21.23 16.57
N ILE A 305 -28.13 -20.36 16.05
CA ILE A 305 -28.02 -18.93 16.33
C ILE A 305 -28.29 -18.69 17.81
N ALA A 306 -29.12 -19.53 18.41
CA ALA A 306 -29.45 -19.43 19.83
C ALA A 306 -28.39 -20.05 20.74
N SER A 307 -27.76 -21.12 20.26
CA SER A 307 -26.80 -21.86 21.08
C SER A 307 -25.39 -21.43 20.70
N GLY A 308 -25.00 -21.67 19.45
CA GLY A 308 -23.81 -21.06 18.88
C GLY A 308 -22.45 -21.31 19.51
N ALA A 309 -22.17 -22.56 19.86
CA ALA A 309 -20.85 -22.91 20.38
C ALA A 309 -19.76 -22.56 19.36
N PHE A 310 -20.03 -22.85 18.09
CA PHE A 310 -19.04 -22.62 17.03
C PHE A 310 -18.57 -21.17 16.94
N LEU A 311 -19.34 -20.24 17.51
CA LEU A 311 -18.96 -18.83 17.45
C LEU A 311 -17.64 -18.55 18.16
N THR A 312 -17.35 -19.33 19.20
CA THR A 312 -16.10 -19.17 19.95
C THR A 312 -14.89 -19.42 19.07
N MET A 313 -15.09 -20.14 17.96
CA MET A 313 -14.01 -20.50 17.05
C MET A 313 -13.64 -19.40 16.07
N LEU A 314 -14.37 -18.29 16.11
CA LEU A 314 -14.24 -17.27 15.09
C LEU A 314 -14.01 -15.84 15.59
N PRO A 315 -12.97 -15.62 16.41
CA PRO A 315 -12.69 -14.27 16.92
C PRO A 315 -12.11 -13.33 15.87
N ARG A 316 -11.67 -13.88 14.75
CA ARG A 316 -11.11 -13.07 13.65
C ARG A 316 -12.14 -12.82 12.53
N LEU A 317 -13.31 -13.45 12.61
CA LEU A 317 -14.32 -13.32 11.57
C LEU A 317 -14.80 -11.87 11.43
N GLU A 318 -14.67 -11.30 10.22
CA GLU A 318 -15.22 -9.98 9.88
C GLU A 318 -16.69 -9.92 9.39
N ILE A 319 -17.10 -10.87 8.55
CA ILE A 319 -18.46 -10.90 8.01
C ILE A 319 -19.13 -12.24 8.30
N LEU A 320 -20.35 -12.20 8.82
CA LEU A 320 -21.13 -13.39 9.11
C LEU A 320 -22.48 -13.21 8.45
N ASP A 321 -22.84 -14.12 7.53
CA ASP A 321 -24.17 -14.07 6.91
C ASP A 321 -25.04 -15.24 7.38
N LEU A 322 -26.01 -14.92 8.24
CA LEU A 322 -26.99 -15.87 8.75
C LEU A 322 -28.37 -15.77 8.08
N SER A 323 -28.45 -14.97 7.02
CA SER A 323 -29.72 -14.65 6.35
C SER A 323 -30.53 -15.87 5.91
N PHE A 324 -31.86 -15.73 5.95
CA PHE A 324 -32.81 -16.77 5.51
C PHE A 324 -32.64 -18.12 6.17
N ASN A 325 -32.51 -18.10 7.49
CA ASN A 325 -32.54 -19.32 8.25
C ASN A 325 -33.88 -19.66 8.88
N TYR A 326 -34.90 -18.88 8.55
CA TYR A 326 -36.20 -18.95 9.22
C TYR A 326 -36.78 -20.34 9.26
N ILE A 327 -37.47 -20.63 10.36
CA ILE A 327 -38.18 -21.89 10.50
C ILE A 327 -39.47 -21.76 9.71
N LYS A 328 -39.79 -22.78 8.92
CA LYS A 328 -40.97 -22.74 8.06
C LYS A 328 -42.24 -22.65 8.90
N GLY A 329 -43.11 -21.71 8.56
CA GLY A 329 -44.41 -21.61 9.18
C GLY A 329 -44.41 -20.98 10.56
N SER A 330 -43.32 -20.30 10.91
CA SER A 330 -43.17 -19.76 12.26
C SER A 330 -42.94 -18.26 12.29
N TYR A 331 -43.70 -17.57 13.14
CA TYR A 331 -43.56 -16.12 13.28
C TYR A 331 -43.34 -15.77 14.74
N PRO A 332 -42.13 -16.08 15.26
CA PRO A 332 -41.87 -15.92 16.70
C PRO A 332 -41.88 -14.46 17.15
N GLN A 333 -42.10 -14.24 18.44
CA GLN A 333 -42.15 -12.89 18.99
C GLN A 333 -40.79 -12.20 18.91
N HIS A 334 -39.73 -12.93 19.25
CA HIS A 334 -38.40 -12.34 19.34
C HIS A 334 -37.31 -13.17 18.64
N ILE A 335 -36.27 -12.50 18.18
CA ILE A 335 -35.05 -13.16 17.74
C ILE A 335 -34.27 -13.61 19.00
N ASN A 336 -33.75 -14.83 18.97
CA ASN A 336 -32.99 -15.37 20.10
C ASN A 336 -31.50 -15.50 19.71
N ILE A 337 -30.70 -14.59 20.25
CA ILE A 337 -29.29 -14.44 19.92
C ILE A 337 -28.42 -14.98 21.06
N SER A 338 -27.62 -16.01 20.77
CA SER A 338 -26.72 -16.57 21.78
C SER A 338 -25.79 -15.54 22.39
N ARG A 339 -25.57 -15.63 23.70
CA ARG A 339 -24.57 -14.80 24.37
C ARG A 339 -23.22 -14.92 23.68
N ASN A 340 -22.97 -16.09 23.09
CA ASN A 340 -21.71 -16.37 22.44
C ASN A 340 -21.38 -15.51 21.22
N PHE A 341 -22.36 -14.72 20.75
CA PHE A 341 -22.10 -13.73 19.70
C PHE A 341 -21.07 -12.69 20.16
N SER A 342 -20.93 -12.52 21.48
CA SER A 342 -20.01 -11.54 22.05
C SER A 342 -18.57 -11.94 21.79
N LYS A 343 -18.37 -13.22 21.46
CA LYS A 343 -17.05 -13.75 21.14
C LYS A 343 -16.52 -13.35 19.77
N LEU A 344 -17.36 -12.75 18.92
CA LEU A 344 -16.85 -12.44 17.60
C LEU A 344 -16.30 -11.04 17.69
N LEU A 345 -15.00 -10.94 17.93
CA LEU A 345 -14.45 -9.66 18.34
C LEU A 345 -13.92 -8.88 17.16
N SER A 346 -13.82 -9.55 16.02
CA SER A 346 -13.44 -8.87 14.77
C SER A 346 -14.63 -8.51 13.87
N LEU A 347 -15.85 -8.87 14.29
CA LEU A 347 -17.05 -8.69 13.45
C LEU A 347 -17.25 -7.25 13.01
N ARG A 348 -17.38 -7.08 11.70
CA ARG A 348 -17.65 -5.79 11.05
C ARG A 348 -19.14 -5.71 10.62
N ALA A 349 -19.58 -6.70 9.84
CA ALA A 349 -20.97 -6.79 9.40
C ALA A 349 -21.65 -8.08 9.85
N LEU A 350 -22.89 -7.94 10.32
CA LEU A 350 -23.75 -9.08 10.68
C LEU A 350 -24.98 -8.99 9.77
N HIS A 351 -25.28 -10.06 9.04
CA HIS A 351 -26.46 -10.09 8.20
C HIS A 351 -27.45 -11.11 8.71
N LEU A 352 -28.55 -10.65 9.31
CA LEU A 352 -29.66 -11.56 9.61
C LEU A 352 -30.95 -11.10 8.94
N ARG A 353 -31.18 -11.58 7.74
CA ARG A 353 -32.37 -11.24 7.00
C ARG A 353 -33.12 -12.53 7.10
N GLY A 354 -34.44 -12.46 6.98
CA GLY A 354 -35.22 -13.66 6.83
C GLY A 354 -35.07 -14.63 7.99
N TYR A 355 -34.80 -14.11 9.18
CA TYR A 355 -34.90 -14.91 10.40
C TYR A 355 -36.38 -15.02 10.71
N VAL A 356 -37.12 -13.95 10.40
CA VAL A 356 -38.57 -13.86 10.73
C VAL A 356 -38.98 -13.81 12.20
N PHE A 357 -39.01 -12.60 12.75
CA PHE A 357 -39.53 -12.37 14.09
C PHE A 357 -40.33 -11.06 14.20
N GLN A 358 -41.20 -10.94 15.21
CA GLN A 358 -42.12 -9.79 15.34
C GLN A 358 -41.56 -8.51 15.98
N GLU A 359 -40.71 -8.68 16.98
CA GLU A 359 -40.31 -7.56 17.82
C GLU A 359 -38.83 -7.63 18.21
N LEU A 360 -38.14 -6.49 18.15
CA LEU A 360 -36.74 -6.44 18.53
C LEU A 360 -36.56 -5.67 19.85
N ARG A 361 -36.17 -6.38 20.90
CA ARG A 361 -36.08 -5.78 22.22
C ARG A 361 -34.63 -5.50 22.50
N GLU A 362 -34.37 -4.46 23.30
CA GLU A 362 -33.02 -4.05 23.63
C GLU A 362 -32.13 -5.20 24.14
N ASP A 363 -32.70 -6.08 24.95
CA ASP A 363 -31.92 -7.18 25.51
C ASP A 363 -31.55 -8.24 24.48
N ASP A 364 -32.42 -8.40 23.48
CA ASP A 364 -32.18 -9.35 22.42
C ASP A 364 -30.85 -9.13 21.71
N PHE A 365 -30.42 -7.89 21.58
CA PHE A 365 -29.13 -7.57 20.95
C PHE A 365 -27.95 -7.32 21.90
N GLN A 366 -28.13 -7.50 23.21
CA GLN A 366 -27.01 -7.36 24.16
C GLN A 366 -25.69 -8.00 23.73
N PRO A 367 -25.72 -9.28 23.27
CA PRO A 367 -24.46 -9.95 22.93
C PRO A 367 -23.65 -9.24 21.86
N LEU A 368 -24.27 -8.32 21.12
CA LEU A 368 -23.58 -7.59 20.06
C LEU A 368 -23.02 -6.23 20.49
N MET A 369 -23.41 -5.75 21.67
CA MET A 369 -23.21 -4.32 21.94
C MET A 369 -21.78 -3.95 22.26
N GLN A 370 -20.98 -4.94 22.65
CA GLN A 370 -19.58 -4.66 22.95
C GLN A 370 -18.62 -5.01 21.81
N LEU A 371 -19.14 -5.50 20.69
CA LEU A 371 -18.26 -5.81 19.58
C LEU A 371 -17.67 -4.52 19.03
N PRO A 372 -16.34 -4.37 19.15
CA PRO A 372 -15.63 -3.11 18.90
C PRO A 372 -15.79 -2.60 17.48
N ASN A 373 -15.80 -3.53 16.53
CA ASN A 373 -15.74 -3.20 15.12
C ASN A 373 -17.05 -3.29 14.31
N LEU A 374 -18.16 -3.61 14.97
CA LEU A 374 -19.36 -3.88 14.21
C LEU A 374 -19.99 -2.56 13.76
N SER A 375 -19.91 -2.30 12.46
CA SER A 375 -20.46 -1.08 11.87
C SER A 375 -21.74 -1.30 11.06
N THR A 376 -22.07 -2.55 10.79
CA THR A 376 -23.22 -2.88 9.93
C THR A 376 -24.08 -3.97 10.53
N ILE A 377 -25.36 -3.68 10.64
CA ILE A 377 -26.34 -4.65 11.12
C ILE A 377 -27.48 -4.65 10.08
N ASN A 378 -27.76 -5.83 9.53
CA ASN A 378 -28.71 -5.97 8.44
C ASN A 378 -29.91 -6.76 8.93
N LEU A 379 -31.01 -6.07 9.12
CA LEU A 379 -32.28 -6.69 9.52
C LEU A 379 -33.37 -6.81 8.43
N GLY A 380 -33.00 -6.59 7.18
CA GLY A 380 -33.94 -6.66 6.07
C GLY A 380 -34.80 -7.92 6.04
N ILE A 381 -36.07 -7.74 5.65
CA ILE A 381 -37.00 -8.86 5.37
C ILE A 381 -37.20 -9.82 6.53
N ASN A 382 -37.47 -9.26 7.72
CA ASN A 382 -37.89 -10.06 8.85
C ASN A 382 -39.35 -9.99 9.22
N PHE A 383 -40.12 -9.18 8.51
CA PHE A 383 -41.47 -8.83 8.93
C PHE A 383 -41.54 -8.35 10.39
N ILE A 384 -40.58 -7.51 10.78
CA ILE A 384 -40.57 -6.92 12.13
C ILE A 384 -41.67 -5.86 12.28
N LYS A 385 -42.51 -6.00 13.30
CA LYS A 385 -43.58 -5.03 13.58
C LYS A 385 -43.09 -3.84 14.41
N GLN A 386 -42.16 -4.08 15.33
CA GLN A 386 -41.65 -2.99 16.15
C GLN A 386 -40.24 -3.19 16.68
N ILE A 387 -39.55 -2.07 16.83
CA ILE A 387 -38.19 -2.04 17.33
C ILE A 387 -38.13 -1.05 18.49
N ASP A 388 -37.38 -1.39 19.54
CA ASP A 388 -37.09 -0.37 20.54
C ASP A 388 -35.80 0.27 20.08
N PHE A 389 -35.90 1.49 19.54
CA PHE A 389 -34.78 2.07 18.81
C PHE A 389 -33.64 2.47 19.72
N LYS A 390 -33.93 2.62 21.02
CA LYS A 390 -32.88 3.07 21.93
C LYS A 390 -31.72 2.07 22.01
N LEU A 391 -31.98 0.82 21.65
CA LEU A 391 -30.96 -0.22 21.72
C LEU A 391 -29.73 0.07 20.84
N PHE A 392 -29.95 0.73 19.72
CA PHE A 392 -28.86 0.99 18.76
C PHE A 392 -27.80 1.94 19.31
N GLN A 393 -28.14 2.68 20.35
CA GLN A 393 -27.21 3.61 20.98
C GLN A 393 -26.25 2.93 21.93
N ASN A 394 -26.65 1.76 22.45
CA ASN A 394 -25.79 1.02 23.35
C ASN A 394 -24.61 0.41 22.59
N PHE A 395 -24.73 0.36 21.26
CA PHE A 395 -23.68 -0.21 20.43
C PHE A 395 -22.49 0.73 20.42
N SER A 396 -21.42 0.29 19.77
CA SER A 396 -20.18 1.04 19.80
C SER A 396 -19.96 1.80 18.50
N ASN A 397 -19.71 1.04 17.45
CA ASN A 397 -19.37 1.56 16.14
C ASN A 397 -20.41 1.63 15.00
N LEU A 398 -21.72 1.41 15.26
CA LEU A 398 -22.65 1.22 14.14
C LEU A 398 -22.68 2.39 13.15
N GLU A 399 -22.30 2.12 11.90
CA GLU A 399 -22.44 3.09 10.82
C GLU A 399 -23.61 2.82 9.88
N ILE A 400 -24.10 1.58 9.86
CA ILE A 400 -25.17 1.19 8.94
C ILE A 400 -26.18 0.36 9.67
N ILE A 401 -27.39 0.91 9.79
CA ILE A 401 -28.50 0.20 10.42
C ILE A 401 -29.54 -0.04 9.33
N TYR A 402 -29.65 -1.28 8.86
CA TYR A 402 -30.49 -1.57 7.70
C TYR A 402 -31.75 -2.31 8.15
N LEU A 403 -32.84 -1.56 8.19
CA LEU A 403 -34.16 -2.03 8.63
C LEU A 403 -35.14 -2.21 7.48
N SER A 404 -34.65 -2.03 6.25
CA SER A 404 -35.48 -2.01 5.06
C SER A 404 -36.33 -3.25 4.89
N GLU A 405 -37.53 -3.04 4.32
CA GLU A 405 -38.43 -4.14 4.00
C GLU A 405 -38.85 -4.89 5.27
N ASN A 406 -39.61 -4.20 6.13
CA ASN A 406 -40.17 -4.82 7.33
C ASN A 406 -41.60 -4.35 7.53
N ARG A 407 -42.17 -4.63 8.70
CA ARG A 407 -43.52 -4.15 9.08
C ARG A 407 -43.56 -2.98 10.06
N ILE A 408 -42.43 -2.31 10.26
CA ILE A 408 -42.33 -1.22 11.22
C ILE A 408 -43.39 -0.13 11.07
N SER A 409 -44.05 0.21 12.18
CA SER A 409 -45.19 1.10 12.16
C SER A 409 -44.86 2.34 12.96
N PRO A 410 -45.76 3.35 12.94
CA PRO A 410 -45.45 4.51 13.78
C PRO A 410 -45.38 4.14 15.27
N LEU A 411 -44.50 4.82 15.99
CA LEU A 411 -44.23 4.57 17.40
C LEU A 411 -45.51 4.57 18.25
N PHE A 437 -30.16 -16.64 -19.93
CA PHE A 437 -30.12 -17.06 -18.52
C PHE A 437 -30.33 -15.91 -17.51
N GLU A 438 -31.16 -16.16 -16.52
CA GLU A 438 -31.55 -15.13 -15.56
C GLU A 438 -30.54 -14.91 -14.44
N PHE A 439 -29.65 -15.86 -14.20
CA PHE A 439 -28.66 -15.68 -13.13
C PHE A 439 -27.29 -15.33 -13.69
N ASP A 440 -26.72 -14.23 -13.17
CA ASP A 440 -25.39 -13.80 -13.58
C ASP A 440 -24.33 -14.77 -13.06
N PRO A 441 -23.67 -15.49 -13.97
CA PRO A 441 -22.68 -16.50 -13.57
C PRO A 441 -21.46 -15.89 -12.88
N HIS A 442 -21.28 -14.59 -13.04
CA HIS A 442 -20.19 -13.87 -12.40
C HIS A 442 -20.59 -13.17 -11.10
N SER A 443 -21.81 -13.40 -10.63
CA SER A 443 -22.30 -12.74 -9.42
C SER A 443 -22.60 -13.76 -8.34
N ASN A 444 -22.62 -13.30 -7.11
CA ASN A 444 -23.05 -14.09 -5.98
C ASN A 444 -24.47 -14.60 -6.23
N PHE A 445 -24.70 -15.88 -5.96
CA PHE A 445 -25.99 -16.50 -6.23
C PHE A 445 -27.02 -16.22 -5.14
N TYR A 446 -26.55 -16.07 -3.90
CA TYR A 446 -27.45 -16.03 -2.74
C TYR A 446 -27.88 -14.65 -2.20
N HIS A 447 -27.22 -13.59 -2.62
CA HIS A 447 -27.64 -12.24 -2.24
C HIS A 447 -27.06 -11.22 -3.21
N PHE A 448 -27.68 -10.04 -3.29
CA PHE A 448 -27.09 -8.97 -4.09
C PHE A 448 -25.79 -8.53 -3.42
N THR A 449 -24.82 -8.11 -4.22
CA THR A 449 -23.58 -7.58 -3.66
C THR A 449 -23.51 -6.04 -3.61
N ARG A 450 -24.53 -5.36 -4.15
CA ARG A 450 -24.56 -3.89 -4.13
C ARG A 450 -24.57 -3.36 -2.69
N PRO A 451 -24.18 -2.08 -2.50
CA PRO A 451 -24.17 -1.54 -1.14
C PRO A 451 -25.58 -1.50 -0.53
N LEU A 452 -25.67 -1.72 0.78
CA LEU A 452 -26.95 -1.69 1.47
C LEU A 452 -27.56 -0.29 1.42
N ILE A 453 -26.69 0.71 1.53
CA ILE A 453 -27.11 2.10 1.52
C ILE A 453 -26.36 2.76 0.38
N LYS A 454 -27.01 3.70 -0.29
CA LYS A 454 -26.31 4.47 -1.32
C LYS A 454 -25.08 5.10 -0.70
N PRO A 455 -23.93 4.95 -1.38
CA PRO A 455 -22.66 5.51 -0.88
C PRO A 455 -22.73 7.03 -0.74
N GLN A 456 -23.44 7.71 -1.64
CA GLN A 456 -23.54 9.16 -1.57
C GLN A 456 -24.21 9.58 -0.27
N CYS A 457 -25.11 8.74 0.21
CA CYS A 457 -25.80 8.99 1.46
C CYS A 457 -24.98 8.57 2.69
N ALA A 458 -24.37 7.38 2.62
CA ALA A 458 -23.60 6.82 3.75
C ALA A 458 -22.33 7.62 4.04
N ALA A 459 -21.76 8.21 2.99
CA ALA A 459 -20.56 9.03 3.11
C ALA A 459 -20.72 10.17 4.12
N TYR A 460 -21.96 10.56 4.40
CA TYR A 460 -22.18 11.68 5.30
C TYR A 460 -22.06 11.27 6.76
N GLY A 461 -22.20 9.99 7.05
CA GLY A 461 -22.19 9.57 8.43
C GLY A 461 -23.06 8.36 8.71
N LYS A 462 -23.47 8.22 9.98
CA LYS A 462 -24.30 7.10 10.40
C LYS A 462 -25.60 7.03 9.61
N ALA A 463 -25.94 5.83 9.17
CA ALA A 463 -27.10 5.64 8.31
C ALA A 463 -28.19 4.80 8.98
N LEU A 464 -29.42 5.25 8.83
CA LEU A 464 -30.58 4.47 9.25
C LEU A 464 -31.47 4.29 8.03
N ASP A 465 -31.63 3.03 7.61
CA ASP A 465 -32.46 2.75 6.44
C ASP A 465 -33.73 2.10 6.89
N LEU A 466 -34.80 2.91 6.88
CA LEU A 466 -36.16 2.50 7.23
C LEU A 466 -37.08 2.28 6.03
N SER A 467 -36.52 2.26 4.84
CA SER A 467 -37.30 2.18 3.61
C SER A 467 -38.18 0.93 3.58
N LEU A 468 -39.28 1.01 2.85
CA LEU A 468 -40.14 -0.15 2.64
C LEU A 468 -40.67 -0.69 3.96
N ASN A 469 -41.10 0.24 4.80
CA ASN A 469 -41.83 -0.08 6.01
C ASN A 469 -43.24 0.56 6.04
N SER A 470 -43.89 0.45 7.19
CA SER A 470 -45.20 1.05 7.46
C SER A 470 -45.22 2.37 8.24
N ILE A 471 -44.14 3.15 8.26
CA ILE A 471 -44.22 4.33 9.09
C ILE A 471 -44.90 5.41 8.28
N PHE A 472 -46.20 5.56 8.48
CA PHE A 472 -47.00 6.42 7.62
C PHE A 472 -47.19 7.80 8.21
N PHE A 473 -46.84 7.94 9.48
CA PHE A 473 -46.91 9.20 10.17
C PHE A 473 -45.70 9.25 11.05
N ILE A 474 -44.96 10.35 11.02
CA ILE A 474 -43.84 10.52 11.92
C ILE A 474 -44.28 11.39 13.07
N GLY A 475 -44.44 10.77 14.24
CA GLY A 475 -44.89 11.46 15.44
C GLY A 475 -43.74 12.12 16.17
N PRO A 476 -44.07 12.77 17.31
CA PRO A 476 -43.10 13.56 18.07
C PRO A 476 -41.92 12.72 18.58
N ASN A 477 -42.19 11.49 19.02
CA ASN A 477 -41.15 10.64 19.62
C ASN A 477 -40.50 9.58 18.72
N GLN A 478 -40.91 9.50 17.45
CA GLN A 478 -40.42 8.44 16.55
C GLN A 478 -38.90 8.27 16.56
N PHE A 479 -38.19 9.39 16.40
CA PHE A 479 -36.74 9.37 16.25
C PHE A 479 -35.90 9.62 17.52
N GLU A 480 -36.53 9.67 18.68
CA GLU A 480 -35.81 9.85 19.95
C GLU A 480 -34.85 8.69 20.24
N ASN A 481 -33.76 8.98 20.95
CA ASN A 481 -32.77 7.98 21.36
C ASN A 481 -32.04 7.30 20.20
N LEU A 482 -31.99 7.98 19.06
CA LEU A 482 -31.17 7.52 17.95
C LEU A 482 -29.79 8.14 18.03
N PRO A 483 -28.79 7.47 17.44
CA PRO A 483 -27.46 8.07 17.29
C PRO A 483 -27.53 9.29 16.38
N ASP A 484 -26.40 9.91 16.07
CA ASP A 484 -26.45 11.18 15.36
C ASP A 484 -26.51 10.77 13.89
N ILE A 485 -27.72 10.81 13.36
CA ILE A 485 -27.98 10.17 12.07
C ILE A 485 -27.76 11.20 10.96
N ALA A 486 -26.75 10.94 10.15
CA ALA A 486 -26.45 11.78 9.00
C ALA A 486 -27.27 11.44 7.73
N CYS A 487 -27.69 10.18 7.61
CA CYS A 487 -28.26 9.68 6.37
C CYS A 487 -29.49 8.85 6.69
N LEU A 488 -30.65 9.29 6.22
CA LEU A 488 -31.91 8.66 6.59
C LEU A 488 -32.80 8.29 5.41
N ASN A 489 -33.20 7.02 5.33
CA ASN A 489 -34.04 6.54 4.26
C ASN A 489 -35.43 6.18 4.77
N LEU A 490 -36.39 7.04 4.44
CA LEU A 490 -37.81 6.84 4.71
C LEU A 490 -38.63 6.40 3.49
N SER A 491 -37.93 6.12 2.39
CA SER A 491 -38.57 5.79 1.12
C SER A 491 -39.61 4.67 1.21
N ALA A 492 -40.73 4.85 0.50
CA ALA A 492 -41.76 3.79 0.39
C ALA A 492 -42.33 3.39 1.76
N ASN A 493 -42.64 4.40 2.54
CA ASN A 493 -43.32 4.24 3.82
C ASN A 493 -44.82 4.56 3.84
N SER A 494 -45.41 4.85 2.67
CA SER A 494 -46.82 5.25 2.58
C SER A 494 -47.13 6.52 3.39
N ASN A 495 -46.15 7.40 3.55
CA ASN A 495 -46.37 8.53 4.42
C ASN A 495 -47.18 9.60 3.71
N ALA A 496 -48.36 9.89 4.26
CA ALA A 496 -49.28 10.92 3.74
C ALA A 496 -49.30 12.26 4.50
N GLN A 497 -48.42 12.41 5.49
CA GLN A 497 -48.50 13.55 6.40
C GLN A 497 -48.09 14.90 5.81
N VAL A 498 -48.51 15.96 6.50
CA VAL A 498 -48.02 17.30 6.21
C VAL A 498 -46.87 17.55 7.17
N LEU A 499 -45.65 17.56 6.65
CA LEU A 499 -44.48 17.79 7.48
C LEU A 499 -44.47 19.26 7.89
N SER A 500 -44.45 19.49 9.20
CA SER A 500 -44.57 20.85 9.76
C SER A 500 -43.29 21.51 10.28
N GLY A 501 -42.17 20.81 10.27
CA GLY A 501 -40.94 21.37 10.81
C GLY A 501 -40.51 20.87 12.19
N THR A 502 -41.34 20.06 12.86
CA THR A 502 -40.95 19.42 14.12
C THR A 502 -40.61 17.92 14.09
N GLU A 503 -40.77 17.28 12.93
CA GLU A 503 -40.74 15.82 12.90
C GLU A 503 -39.35 15.23 13.08
N PHE A 504 -38.35 15.93 12.55
CA PHE A 504 -36.96 15.47 12.60
C PHE A 504 -36.08 16.10 13.69
N SER A 505 -36.66 16.92 14.57
CA SER A 505 -35.88 17.69 15.54
C SER A 505 -34.93 16.85 16.39
N ALA A 506 -35.32 15.62 16.71
CA ALA A 506 -34.45 14.71 17.47
C ALA A 506 -33.22 14.21 16.70
N ILE A 507 -33.27 14.28 15.37
CA ILE A 507 -32.09 13.98 14.58
C ILE A 507 -31.80 15.12 13.63
N PRO A 508 -31.43 16.28 14.19
CA PRO A 508 -31.33 17.57 13.49
C PRO A 508 -30.18 17.62 12.47
N HIS A 509 -29.28 16.65 12.56
CA HIS A 509 -28.05 16.66 11.75
C HIS A 509 -28.11 15.89 10.43
N VAL A 510 -29.29 15.40 10.06
CA VAL A 510 -29.42 14.65 8.82
C VAL A 510 -28.94 15.47 7.64
N LYS A 511 -27.94 14.92 6.93
CA LYS A 511 -27.39 15.54 5.73
C LYS A 511 -28.08 15.14 4.42
N TYR A 512 -28.48 13.87 4.36
CA TYR A 512 -29.05 13.28 3.15
C TYR A 512 -30.38 12.63 3.56
N LEU A 513 -31.47 13.09 2.97
CA LEU A 513 -32.80 12.60 3.34
C LEU A 513 -33.50 12.01 2.13
N ASP A 514 -33.83 10.72 2.20
CA ASP A 514 -34.57 10.07 1.13
C ASP A 514 -36.02 9.94 1.57
N LEU A 515 -36.89 10.75 0.98
CA LEU A 515 -38.34 10.68 1.18
C LEU A 515 -39.15 10.04 0.03
N THR A 516 -38.46 9.46 -0.95
CA THR A 516 -39.09 8.99 -2.20
C THR A 516 -40.23 8.01 -2.00
N ASN A 517 -41.13 7.99 -2.97
CA ASN A 517 -42.11 6.92 -3.08
C ASN A 517 -43.03 6.87 -1.88
N ASN A 518 -43.47 8.04 -1.45
CA ASN A 518 -44.49 8.16 -0.42
C ASN A 518 -45.65 8.90 -1.04
N ARG A 519 -46.66 9.25 -0.25
CA ARG A 519 -47.59 10.24 -0.73
C ARG A 519 -47.50 11.43 0.19
N LEU A 520 -46.60 12.36 -0.08
CA LEU A 520 -46.41 13.41 0.91
C LEU A 520 -47.29 14.58 0.54
N ASP A 521 -47.90 15.17 1.56
CA ASP A 521 -48.76 16.32 1.38
C ASP A 521 -47.94 17.53 1.77
N PHE A 522 -47.49 18.32 0.80
CA PHE A 522 -46.63 19.41 1.20
C PHE A 522 -47.54 20.59 1.34
N ASP A 523 -48.02 20.73 2.57
CA ASP A 523 -48.93 21.78 2.99
C ASP A 523 -48.39 22.83 3.96
N ASN A 524 -47.10 22.77 4.27
CA ASN A 524 -46.55 23.65 5.28
C ASN A 524 -45.21 24.23 4.87
N ALA A 525 -45.09 25.55 4.92
CA ALA A 525 -43.88 26.25 4.49
C ALA A 525 -42.69 25.93 5.37
N SER A 526 -42.95 25.39 6.56
CA SER A 526 -41.89 25.12 7.53
C SER A 526 -41.36 23.69 7.46
N ALA A 527 -41.85 22.91 6.49
CA ALA A 527 -41.46 21.52 6.33
C ALA A 527 -39.95 21.32 6.23
N LEU A 528 -39.44 20.40 7.05
CA LEU A 528 -38.03 19.94 7.01
C LEU A 528 -37.01 20.96 7.49
N THR A 529 -37.45 22.20 7.72
CA THR A 529 -36.55 23.30 8.04
C THR A 529 -35.75 23.09 9.31
N GLU A 530 -36.22 22.20 10.18
CA GLU A 530 -35.46 21.82 11.36
C GLU A 530 -34.14 21.13 11.01
N LEU A 531 -34.01 20.64 9.78
CA LEU A 531 -32.74 20.02 9.42
C LEU A 531 -31.96 21.08 8.69
N SER A 532 -31.13 21.78 9.45
CA SER A 532 -30.50 23.01 8.99
C SER A 532 -29.24 22.70 8.22
N ASP A 533 -28.70 21.51 8.43
CA ASP A 533 -27.48 21.08 7.77
C ASP A 533 -27.78 20.25 6.52
N LEU A 534 -29.07 20.07 6.22
CA LEU A 534 -29.50 19.23 5.09
C LEU A 534 -28.84 19.65 3.78
N GLU A 535 -28.22 18.67 3.12
CA GLU A 535 -27.51 18.89 1.86
C GLU A 535 -28.25 18.31 0.66
N VAL A 536 -28.58 17.02 0.74
CA VAL A 536 -29.32 16.35 -0.33
C VAL A 536 -30.74 15.96 0.12
N LEU A 537 -31.74 16.28 -0.69
CA LEU A 537 -33.13 15.91 -0.39
C LEU A 537 -33.85 15.24 -1.59
N ASP A 538 -34.36 14.03 -1.39
CA ASP A 538 -35.03 13.32 -2.48
C ASP A 538 -36.53 13.20 -2.22
N LEU A 539 -37.30 13.97 -2.98
CA LEU A 539 -38.78 13.97 -2.94
C LEU A 539 -39.48 13.20 -4.07
N SER A 540 -38.71 12.50 -4.90
CA SER A 540 -39.24 11.76 -6.06
C SER A 540 -40.41 10.85 -5.72
N TYR A 541 -41.34 10.73 -6.67
CA TYR A 541 -42.53 9.87 -6.55
C TYR A 541 -43.37 10.16 -5.30
N ASN A 542 -43.57 11.46 -5.03
CA ASN A 542 -44.59 11.99 -4.12
C ASN A 542 -45.83 12.61 -4.80
N SER A 543 -46.04 12.27 -6.07
CA SER A 543 -47.09 12.85 -6.90
C SER A 543 -48.52 12.84 -6.36
N HIS A 544 -48.79 12.03 -5.34
CA HIS A 544 -50.18 11.81 -4.87
C HIS A 544 -51.03 13.09 -4.75
N TYR A 545 -50.63 14.00 -3.86
CA TYR A 545 -51.39 15.22 -3.66
C TYR A 545 -51.11 16.30 -4.70
N PHE A 546 -49.91 16.28 -5.29
CA PHE A 546 -49.58 17.22 -6.34
C PHE A 546 -50.54 17.11 -7.51
N ARG A 547 -51.03 15.90 -7.78
CA ARG A 547 -51.85 15.71 -8.97
C ARG A 547 -53.28 16.22 -8.80
N ILE A 548 -53.67 16.54 -7.57
CA ILE A 548 -54.99 17.06 -7.28
C ILE A 548 -55.00 18.60 -7.29
N ALA A 549 -55.68 19.20 -8.26
CA ALA A 549 -55.68 20.67 -8.39
C ALA A 549 -56.32 21.33 -7.18
N GLY A 550 -57.34 20.66 -6.62
CA GLY A 550 -58.12 21.23 -5.54
C GLY A 550 -57.45 21.42 -4.19
N VAL A 551 -56.44 20.61 -3.86
CA VAL A 551 -55.79 20.79 -2.58
C VAL A 551 -54.66 21.80 -2.70
N THR A 552 -54.07 22.20 -1.58
CA THR A 552 -53.01 23.20 -1.60
C THR A 552 -51.64 22.56 -1.71
N HIS A 553 -50.72 23.22 -2.39
CA HIS A 553 -49.37 22.72 -2.61
C HIS A 553 -48.34 23.78 -2.24
N HIS A 554 -47.42 23.45 -1.33
CA HIS A 554 -46.43 24.43 -0.88
C HIS A 554 -44.99 23.90 -0.98
N LEU A 555 -44.19 24.51 -1.87
CA LEU A 555 -42.75 24.23 -1.99
C LEU A 555 -41.80 25.27 -1.35
N GLU A 556 -42.34 26.27 -0.65
CA GLU A 556 -41.53 27.39 -0.14
C GLU A 556 -40.42 27.00 0.84
N PHE A 557 -40.60 25.89 1.56
CA PHE A 557 -39.62 25.42 2.55
C PHE A 557 -38.19 25.32 2.00
N ILE A 558 -38.08 25.14 0.69
CA ILE A 558 -36.79 24.98 0.02
C ILE A 558 -35.82 26.12 0.35
N GLN A 559 -36.33 27.35 0.42
CA GLN A 559 -35.48 28.53 0.65
C GLN A 559 -34.83 28.59 2.03
N ASN A 560 -35.45 27.96 3.02
CA ASN A 560 -35.00 28.06 4.40
C ASN A 560 -33.71 27.28 4.66
N PHE A 561 -33.24 26.55 3.66
CA PHE A 561 -32.04 25.74 3.81
C PHE A 561 -30.81 26.47 3.31
N THR A 562 -29.86 26.68 4.21
CA THR A 562 -28.63 27.38 3.88
C THR A 562 -27.63 26.48 3.16
N ASN A 563 -27.59 25.20 3.51
CA ASN A 563 -26.69 24.23 2.88
C ASN A 563 -27.23 23.28 1.81
N LEU A 564 -28.49 23.44 1.43
CA LEU A 564 -29.10 22.53 0.45
C LEU A 564 -28.40 22.55 -0.91
N LYS A 565 -27.97 21.39 -1.37
CA LYS A 565 -27.18 21.28 -2.59
C LYS A 565 -27.97 20.61 -3.70
N VAL A 566 -28.43 19.40 -3.42
CA VAL A 566 -29.14 18.59 -4.38
C VAL A 566 -30.61 18.38 -3.99
N LEU A 567 -31.52 18.66 -4.93
CA LEU A 567 -32.95 18.48 -4.68
C LEU A 567 -33.60 17.70 -5.83
N ASN A 568 -34.12 16.52 -5.51
CA ASN A 568 -34.87 15.74 -6.50
C ASN A 568 -36.40 15.85 -6.33
N LEU A 569 -37.03 16.56 -7.25
CA LEU A 569 -38.49 16.71 -7.33
C LEU A 569 -39.16 15.82 -8.37
N SER A 570 -38.40 14.91 -8.98
CA SER A 570 -38.83 14.18 -10.17
C SER A 570 -40.08 13.31 -10.02
N HIS A 571 -40.80 13.15 -11.11
CA HIS A 571 -41.99 12.28 -11.16
C HIS A 571 -43.00 12.61 -10.06
N ASN A 572 -43.12 13.90 -9.76
CA ASN A 572 -44.10 14.38 -8.81
C ASN A 572 -45.38 14.93 -9.45
N ASN A 573 -45.39 14.99 -10.79
CA ASN A 573 -46.53 15.53 -11.52
C ASN A 573 -46.93 16.94 -11.06
N ILE A 574 -45.97 17.85 -10.99
CA ILE A 574 -46.27 19.16 -10.43
C ILE A 574 -46.78 20.04 -11.56
N TYR A 575 -48.08 20.33 -11.54
CA TYR A 575 -48.66 21.36 -12.40
C TYR A 575 -49.22 22.65 -11.77
N THR A 576 -49.33 22.71 -10.45
CA THR A 576 -49.93 23.87 -9.79
C THR A 576 -49.35 24.03 -8.39
N LEU A 577 -49.17 25.28 -7.97
CA LEU A 577 -48.69 25.58 -6.62
C LEU A 577 -49.57 26.70 -6.03
N THR A 578 -49.58 26.80 -4.70
CA THR A 578 -50.43 27.77 -4.02
C THR A 578 -49.69 29.04 -3.56
N ASP A 579 -50.06 30.18 -4.15
CA ASP A 579 -49.66 31.53 -3.73
C ASP A 579 -48.21 31.88 -4.00
N LYS A 580 -47.36 30.86 -4.08
CA LYS A 580 -45.93 31.11 -4.26
C LYS A 580 -45.50 30.20 -5.40
N TYR A 581 -45.20 30.81 -6.53
CA TYR A 581 -45.01 30.08 -7.77
C TYR A 581 -43.54 29.83 -8.06
N ASN A 582 -42.66 30.27 -7.17
CA ASN A 582 -41.24 30.20 -7.44
C ASN A 582 -40.46 29.31 -6.47
N LEU A 583 -39.49 28.60 -7.02
CA LEU A 583 -38.55 27.85 -6.20
C LEU A 583 -37.35 28.74 -5.98
N GLU A 584 -36.96 28.92 -4.71
CA GLU A 584 -35.88 29.83 -4.39
C GLU A 584 -34.88 29.24 -3.41
N SER A 585 -33.61 29.27 -3.77
CA SER A 585 -32.57 28.90 -2.83
C SER A 585 -31.30 29.62 -3.23
N LYS A 586 -30.55 30.11 -2.25
CA LYS A 586 -29.23 30.66 -2.52
C LYS A 586 -28.16 29.56 -2.55
N SER A 587 -28.45 28.43 -1.91
CA SER A 587 -27.51 27.30 -1.87
C SER A 587 -27.53 26.33 -3.06
N LEU A 588 -28.72 26.07 -3.59
CA LEU A 588 -28.95 24.94 -4.48
C LEU A 588 -28.05 24.89 -5.71
N VAL A 589 -27.46 23.71 -5.93
CA VAL A 589 -26.57 23.45 -7.06
C VAL A 589 -27.30 22.62 -8.12
N GLU A 590 -27.85 21.49 -7.70
CA GLU A 590 -28.60 20.59 -8.58
C GLU A 590 -30.12 20.56 -8.32
N LEU A 591 -30.90 20.65 -9.39
CA LEU A 591 -32.35 20.43 -9.30
C LEU A 591 -32.86 19.49 -10.38
N VAL A 592 -33.45 18.37 -9.97
CA VAL A 592 -34.04 17.42 -10.89
C VAL A 592 -35.56 17.63 -10.89
N PHE A 593 -36.06 18.19 -11.98
CA PHE A 593 -37.48 18.45 -12.20
C PHE A 593 -38.19 17.45 -13.13
N SER A 594 -37.53 16.36 -13.49
CA SER A 594 -38.06 15.46 -14.52
C SER A 594 -39.40 14.82 -14.15
N GLY A 595 -40.20 14.46 -15.15
CA GLY A 595 -41.51 13.87 -14.90
C GLY A 595 -42.49 14.78 -14.17
N ASN A 596 -42.42 16.08 -14.45
CA ASN A 596 -43.42 17.01 -13.93
C ASN A 596 -44.16 17.61 -15.11
N ARG A 597 -45.04 18.59 -14.91
CA ARG A 597 -45.64 19.21 -16.07
C ARG A 597 -45.25 20.66 -16.24
N LEU A 598 -44.22 20.89 -17.03
CA LEU A 598 -43.81 22.26 -17.34
C LEU A 598 -44.59 22.69 -18.56
N ASP A 599 -45.18 21.72 -19.24
CA ASP A 599 -46.05 22.02 -20.37
C ASP A 599 -47.26 22.80 -19.86
N ILE A 600 -47.77 22.38 -18.71
CA ILE A 600 -48.89 23.06 -18.07
C ILE A 600 -48.45 24.35 -17.35
N LEU A 601 -47.38 24.24 -16.56
CA LEU A 601 -46.84 25.39 -15.82
C LEU A 601 -46.47 26.57 -16.72
N TRP A 602 -45.84 26.27 -17.86
CA TRP A 602 -45.39 27.25 -18.86
C TRP A 602 -46.36 27.46 -20.03
N ASN A 603 -47.58 26.94 -19.91
CA ASN A 603 -48.63 27.14 -20.90
C ASN A 603 -48.77 28.63 -21.29
N ASP A 604 -48.97 28.88 -22.58
CA ASP A 604 -48.96 30.24 -23.15
C ASP A 604 -49.83 31.24 -22.39
N ASP A 605 -51.01 30.79 -22.01
CA ASP A 605 -52.02 31.67 -21.44
C ASP A 605 -51.79 31.93 -19.96
N ASP A 606 -50.70 31.38 -19.41
CA ASP A 606 -50.39 31.55 -18.00
C ASP A 606 -48.98 32.15 -17.83
N ASN A 607 -48.91 33.29 -17.14
CA ASN A 607 -47.63 33.96 -16.89
C ASN A 607 -47.04 33.72 -15.49
N ARG A 608 -47.78 33.00 -14.66
CA ARG A 608 -47.46 32.84 -13.25
C ARG A 608 -46.17 32.08 -12.92
N TYR A 609 -45.84 31.08 -13.73
CA TYR A 609 -44.67 30.26 -13.48
C TYR A 609 -43.45 30.65 -14.32
N ILE A 610 -43.57 31.77 -15.02
CA ILE A 610 -42.51 32.28 -15.89
C ILE A 610 -41.13 32.38 -15.22
N SER A 611 -41.13 32.70 -13.94
CA SER A 611 -39.89 32.85 -13.16
C SER A 611 -39.48 31.63 -12.30
N ILE A 612 -40.19 30.51 -12.46
CA ILE A 612 -40.16 29.41 -11.48
C ILE A 612 -38.78 28.99 -10.94
N PHE A 613 -37.79 28.88 -11.83
CA PHE A 613 -36.44 28.50 -11.42
C PHE A 613 -35.46 29.68 -11.26
N LYS A 614 -35.91 30.90 -11.56
CA LYS A 614 -35.01 32.07 -11.53
C LYS A 614 -34.42 32.32 -10.15
N GLY A 615 -35.21 32.03 -9.13
CA GLY A 615 -34.77 32.29 -7.77
C GLY A 615 -33.76 31.29 -7.21
N LEU A 616 -33.28 30.38 -8.05
CA LEU A 616 -32.20 29.51 -7.59
C LEU A 616 -30.92 30.07 -8.19
N LYS A 617 -30.18 30.83 -7.39
CA LYS A 617 -29.13 31.69 -7.91
C LYS A 617 -27.79 30.98 -8.05
N ASN A 618 -27.66 29.86 -7.34
CA ASN A 618 -26.44 29.08 -7.33
C ASN A 618 -26.50 27.88 -8.27
N LEU A 619 -27.58 27.76 -9.03
CA LEU A 619 -27.89 26.50 -9.71
C LEU A 619 -27.02 26.27 -10.94
N THR A 620 -26.21 25.21 -10.91
CA THR A 620 -25.45 24.82 -12.10
C THR A 620 -26.03 23.65 -12.90
N ARG A 621 -26.95 22.89 -12.32
CA ARG A 621 -27.49 21.70 -12.99
C ARG A 621 -29.00 21.56 -12.87
N LEU A 622 -29.66 21.49 -14.02
CA LEU A 622 -31.11 21.44 -14.06
C LEU A 622 -31.58 20.39 -15.04
N ASP A 623 -32.49 19.52 -14.58
CA ASP A 623 -33.03 18.44 -15.40
C ASP A 623 -34.51 18.73 -15.66
N LEU A 624 -34.80 19.11 -16.89
CA LEU A 624 -36.16 19.41 -17.36
C LEU A 624 -36.82 18.28 -18.17
N SER A 625 -36.19 17.11 -18.18
CA SER A 625 -36.68 15.97 -18.96
C SER A 625 -38.09 15.48 -18.59
N LEU A 626 -38.78 14.92 -19.57
CA LEU A 626 -40.06 14.25 -19.32
C LEU A 626 -41.09 15.19 -18.72
N ASN A 627 -41.08 16.44 -19.17
CA ASN A 627 -42.11 17.42 -18.85
C ASN A 627 -43.17 17.66 -19.93
N ARG A 628 -43.13 16.85 -20.99
CA ARG A 628 -44.08 16.92 -22.11
C ARG A 628 -44.05 18.28 -22.82
N LEU A 629 -42.86 18.87 -22.92
CA LEU A 629 -42.72 20.19 -23.51
C LEU A 629 -42.76 20.18 -25.04
N LYS A 630 -43.75 20.85 -25.61
CA LYS A 630 -43.80 21.09 -27.05
C LYS A 630 -42.92 22.27 -27.45
N HIS A 631 -42.92 23.30 -26.62
CA HIS A 631 -42.02 24.45 -26.81
C HIS A 631 -41.85 25.15 -25.47
N ILE A 632 -40.79 25.94 -25.35
CA ILE A 632 -40.57 26.75 -24.15
C ILE A 632 -40.70 28.24 -24.46
N PRO A 633 -41.57 28.95 -23.74
CA PRO A 633 -41.68 30.40 -23.97
C PRO A 633 -40.35 31.10 -23.75
N ASN A 634 -39.98 32.01 -24.65
CA ASN A 634 -38.67 32.67 -24.62
C ASN A 634 -38.34 33.30 -23.27
N GLU A 635 -39.29 34.02 -22.70
CA GLU A 635 -39.08 34.68 -21.42
C GLU A 635 -38.93 33.67 -20.27
N ALA A 636 -39.62 32.54 -20.40
CA ALA A 636 -39.47 31.45 -19.44
C ALA A 636 -38.06 30.88 -19.53
N PHE A 637 -37.54 30.75 -20.75
CA PHE A 637 -36.19 30.26 -20.92
C PHE A 637 -35.17 31.24 -20.35
N LEU A 638 -35.34 32.53 -20.65
CA LEU A 638 -34.40 33.55 -20.21
C LEU A 638 -34.36 33.71 -18.68
N ASN A 639 -35.39 33.21 -18.01
CA ASN A 639 -35.44 33.24 -16.55
C ASN A 639 -34.84 31.99 -15.89
N LEU A 640 -34.36 31.06 -16.71
CA LEU A 640 -33.58 29.95 -16.15
C LEU A 640 -32.29 30.58 -15.64
N PRO A 641 -31.80 30.11 -14.48
CA PRO A 641 -30.65 30.72 -13.82
C PRO A 641 -29.44 30.83 -14.74
N ALA A 642 -28.85 32.02 -14.81
CA ALA A 642 -27.71 32.26 -15.68
C ALA A 642 -26.47 31.51 -15.22
N SER A 643 -26.53 30.95 -14.03
CA SER A 643 -25.39 30.23 -13.47
C SER A 643 -25.24 28.82 -14.02
N LEU A 644 -26.23 28.35 -14.79
CA LEU A 644 -26.26 26.95 -15.26
C LEU A 644 -25.04 26.52 -16.07
N THR A 645 -24.36 25.47 -15.60
CA THR A 645 -23.34 24.81 -16.41
C THR A 645 -23.85 23.58 -17.15
N GLU A 646 -24.98 23.04 -16.70
CA GLU A 646 -25.52 21.81 -17.25
C GLU A 646 -27.05 21.81 -17.33
N LEU A 647 -27.61 21.64 -18.52
CA LEU A 647 -29.05 21.71 -18.70
C LEU A 647 -29.59 20.55 -19.54
N HIS A 648 -30.49 19.77 -18.95
CA HIS A 648 -31.14 18.67 -19.65
C HIS A 648 -32.60 18.96 -20.02
N ILE A 649 -32.85 19.13 -21.30
CA ILE A 649 -34.22 19.24 -21.82
C ILE A 649 -34.72 17.94 -22.48
N ASN A 650 -33.97 16.87 -22.33
CA ASN A 650 -34.23 15.66 -23.11
C ASN A 650 -35.58 14.97 -22.91
N ASP A 651 -36.00 14.21 -23.91
CA ASP A 651 -37.21 13.40 -23.84
C ASP A 651 -38.45 14.22 -23.52
N ASN A 652 -38.59 15.30 -24.27
CA ASN A 652 -39.80 16.10 -24.31
C ASN A 652 -40.34 16.02 -25.74
N MET A 653 -41.36 16.81 -26.03
CA MET A 653 -41.91 16.89 -27.37
C MET A 653 -41.45 18.06 -28.25
N LEU A 654 -40.40 18.77 -27.82
CA LEU A 654 -39.99 20.03 -28.46
C LEU A 654 -39.77 19.96 -29.97
N LYS A 655 -40.51 20.79 -30.72
CA LYS A 655 -40.24 21.04 -32.14
C LYS A 655 -39.41 22.30 -32.40
N PHE A 656 -39.24 23.11 -31.36
CA PHE A 656 -38.60 24.42 -31.50
C PHE A 656 -37.60 24.68 -30.37
N PHE A 657 -36.41 25.15 -30.73
CA PHE A 657 -35.46 25.64 -29.74
C PHE A 657 -34.89 26.97 -30.21
N ASN A 658 -34.90 27.97 -29.33
CA ASN A 658 -34.37 29.27 -29.69
C ASN A 658 -32.92 29.33 -29.25
N TRP A 659 -32.01 29.24 -30.21
CA TRP A 659 -30.60 29.07 -29.92
C TRP A 659 -30.00 30.39 -29.46
N THR A 660 -30.55 31.48 -30.00
CA THR A 660 -30.14 32.83 -29.66
C THR A 660 -30.14 33.04 -28.14
N LEU A 661 -31.12 32.43 -27.48
CA LEU A 661 -31.29 32.59 -26.04
C LEU A 661 -30.13 32.03 -25.23
N LEU A 662 -29.24 31.30 -25.88
CA LEU A 662 -28.07 30.76 -25.18
C LEU A 662 -27.10 31.88 -24.78
N GLN A 663 -27.30 33.08 -25.33
CA GLN A 663 -26.50 34.26 -25.02
C GLN A 663 -26.49 34.59 -23.53
N GLN A 664 -27.59 34.31 -22.86
CA GLN A 664 -27.76 34.70 -21.46
C GLN A 664 -27.20 33.64 -20.53
N PHE A 665 -26.55 32.65 -21.11
CA PHE A 665 -25.97 31.55 -20.34
C PHE A 665 -24.48 31.36 -20.62
N PRO A 666 -23.65 32.23 -20.02
CA PRO A 666 -22.21 32.33 -20.20
C PRO A 666 -21.43 31.14 -19.62
N ARG A 667 -22.03 30.44 -18.66
CA ARG A 667 -21.37 29.30 -18.03
C ARG A 667 -21.79 27.94 -18.59
N LEU A 668 -22.60 27.90 -19.64
CA LEU A 668 -23.25 26.64 -20.01
C LEU A 668 -22.33 25.72 -20.82
N GLU A 669 -21.93 24.61 -20.20
CA GLU A 669 -21.15 23.54 -20.83
C GLU A 669 -21.90 22.40 -21.54
N LEU A 670 -23.00 21.95 -20.93
CA LEU A 670 -23.73 20.80 -21.45
C LEU A 670 -25.20 21.12 -21.75
N LEU A 671 -25.59 21.03 -23.02
CA LEU A 671 -26.98 21.17 -23.40
C LEU A 671 -27.48 19.84 -23.94
N ASP A 672 -28.52 19.29 -23.31
CA ASP A 672 -29.03 17.99 -23.71
C ASP A 672 -30.44 18.07 -24.30
N LEU A 673 -30.50 17.96 -25.62
CA LEU A 673 -31.73 18.06 -26.39
C LEU A 673 -32.31 16.72 -26.85
N ARG A 674 -31.70 15.63 -26.41
CA ARG A 674 -32.03 14.29 -26.89
C ARG A 674 -33.50 13.91 -26.76
N GLY A 675 -33.99 13.13 -27.71
CA GLY A 675 -35.35 12.63 -27.66
C GLY A 675 -36.42 13.71 -27.79
N ASN A 676 -36.28 14.55 -28.80
CA ASN A 676 -37.29 15.55 -29.10
C ASN A 676 -37.68 15.49 -30.58
N LYS A 677 -38.50 16.43 -31.02
CA LYS A 677 -38.93 16.52 -32.41
C LYS A 677 -38.17 17.54 -33.30
N LEU A 678 -37.09 18.14 -32.76
CA LEU A 678 -36.41 19.27 -33.39
C LEU A 678 -35.97 19.08 -34.83
N LEU A 679 -36.41 19.97 -35.72
CA LEU A 679 -35.99 19.98 -37.13
C LEU A 679 -34.85 20.94 -37.48
N PHE A 680 -34.49 21.84 -36.57
CA PHE A 680 -33.74 23.04 -36.96
C PHE A 680 -32.52 23.38 -36.09
N LEU A 681 -31.40 23.64 -36.74
CA LEU A 681 -30.19 24.14 -36.08
C LEU A 681 -29.88 25.53 -36.59
N THR A 682 -29.25 26.34 -35.76
CA THR A 682 -28.77 27.66 -36.18
C THR A 682 -27.39 27.55 -36.84
N ASP A 683 -27.13 28.39 -37.84
CA ASP A 683 -25.82 28.47 -38.46
C ASP A 683 -24.96 29.49 -37.74
N SER A 684 -25.61 30.23 -36.84
CA SER A 684 -24.97 31.33 -36.10
C SER A 684 -24.47 30.92 -34.71
N LEU A 685 -24.57 29.64 -34.40
CA LEU A 685 -24.43 29.14 -33.02
C LEU A 685 -23.26 29.71 -32.21
N SER A 686 -22.12 29.91 -32.87
CA SER A 686 -20.94 30.44 -32.21
C SER A 686 -21.15 31.87 -31.70
N ASP A 687 -22.10 32.59 -32.29
CA ASP A 687 -22.46 33.92 -31.81
C ASP A 687 -23.16 33.84 -30.46
N PHE A 688 -23.95 32.78 -30.30
CA PHE A 688 -24.78 32.59 -29.10
C PHE A 688 -24.10 31.92 -27.91
N THR A 689 -23.01 31.20 -28.14
CA THR A 689 -22.34 30.53 -27.02
C THR A 689 -20.82 30.56 -27.04
N SER A 690 -20.25 31.09 -25.96
CA SER A 690 -18.81 31.04 -25.73
C SER A 690 -18.40 29.72 -25.08
N SER A 691 -19.28 29.19 -24.24
CA SER A 691 -18.94 28.11 -23.32
C SER A 691 -19.33 26.66 -23.66
N LEU A 692 -20.05 26.42 -24.74
CA LEU A 692 -20.73 25.12 -24.85
C LEU A 692 -19.74 24.00 -25.26
N ARG A 693 -19.49 23.09 -24.31
CA ARG A 693 -18.61 21.94 -24.52
C ARG A 693 -19.28 20.68 -25.10
N THR A 694 -20.47 20.34 -24.61
CA THR A 694 -21.19 19.15 -25.06
C THR A 694 -22.61 19.49 -25.51
N LEU A 695 -22.96 19.06 -26.73
CA LEU A 695 -24.30 19.29 -27.25
C LEU A 695 -24.88 17.95 -27.74
N LEU A 696 -25.98 17.50 -27.11
CA LEU A 696 -26.52 16.19 -27.44
C LEU A 696 -27.84 16.32 -28.21
N LEU A 697 -27.77 16.06 -29.50
CA LEU A 697 -28.94 16.17 -30.38
C LEU A 697 -29.61 14.88 -30.79
N SER A 698 -29.15 13.75 -30.25
CA SER A 698 -29.65 12.45 -30.70
C SER A 698 -31.16 12.25 -30.56
N HIS A 699 -31.71 11.51 -31.52
CA HIS A 699 -33.15 11.25 -31.60
C HIS A 699 -33.96 12.52 -31.75
N ASN A 700 -33.74 13.20 -32.88
CA ASN A 700 -34.51 14.36 -33.29
C ASN A 700 -34.79 14.27 -34.78
N ARG A 701 -35.40 15.32 -35.33
CA ARG A 701 -35.81 15.35 -36.74
C ARG A 701 -34.88 16.05 -37.73
N ILE A 702 -33.67 16.39 -37.30
CA ILE A 702 -32.77 17.21 -38.11
C ILE A 702 -32.31 16.48 -39.38
N SER A 703 -32.68 17.01 -40.53
CA SER A 703 -32.31 16.44 -41.83
C SER A 703 -31.15 17.16 -42.52
N HIS A 704 -30.71 18.26 -41.94
CA HIS A 704 -29.78 19.14 -42.64
C HIS A 704 -28.86 19.87 -41.67
N LEU A 705 -27.58 19.97 -42.02
CA LEU A 705 -26.63 20.73 -41.22
C LEU A 705 -26.31 22.02 -41.95
N PRO A 706 -26.59 23.15 -41.28
CA PRO A 706 -26.42 24.44 -41.94
C PRO A 706 -24.95 24.74 -42.26
N SER A 707 -24.75 25.49 -43.35
CA SER A 707 -23.42 25.87 -43.81
C SER A 707 -22.68 26.65 -42.73
N GLY A 708 -21.38 26.42 -42.64
CA GLY A 708 -20.51 27.19 -41.77
C GLY A 708 -20.89 27.15 -40.31
N PHE A 709 -21.15 25.94 -39.80
CA PHE A 709 -21.48 25.76 -38.39
C PHE A 709 -20.24 25.56 -37.50
N LEU A 710 -19.45 24.53 -37.79
CA LEU A 710 -18.26 24.22 -37.00
C LEU A 710 -17.26 25.39 -37.01
N SER A 711 -17.49 26.35 -37.92
CA SER A 711 -16.80 27.64 -37.90
C SER A 711 -17.05 28.40 -36.61
N GLU A 712 -15.98 28.84 -35.96
CA GLU A 712 -16.04 29.77 -34.82
C GLU A 712 -16.48 29.16 -33.48
N VAL A 713 -17.02 27.94 -33.47
CA VAL A 713 -17.35 27.35 -32.17
C VAL A 713 -16.14 26.53 -31.71
N SER A 714 -15.38 27.12 -30.79
CA SER A 714 -14.12 26.55 -30.36
C SER A 714 -14.29 25.74 -29.09
N SER A 715 -15.46 25.88 -28.47
CA SER A 715 -15.73 25.26 -27.18
C SER A 715 -16.20 23.81 -27.28
N LEU A 716 -16.71 23.42 -28.45
CA LEU A 716 -17.50 22.18 -28.52
C LEU A 716 -16.61 21.00 -28.84
N LYS A 717 -16.37 20.17 -27.81
CA LYS A 717 -15.61 18.94 -27.95
C LYS A 717 -16.49 17.78 -28.41
N HIS A 718 -17.70 17.70 -27.86
CA HIS A 718 -18.58 16.55 -28.05
C HIS A 718 -19.95 16.94 -28.59
N LEU A 719 -20.22 16.47 -29.81
CA LEU A 719 -21.49 16.73 -30.48
C LEU A 719 -22.11 15.40 -30.92
N ASP A 720 -23.35 15.13 -30.47
CA ASP A 720 -24.05 13.90 -30.84
C ASP A 720 -25.21 14.19 -31.77
N LEU A 721 -25.03 13.85 -33.04
CA LEU A 721 -26.07 13.93 -34.05
C LEU A 721 -26.78 12.60 -34.36
N SER A 722 -26.47 11.56 -33.60
CA SER A 722 -26.98 10.22 -33.87
C SER A 722 -28.51 10.13 -33.87
N SER A 723 -29.04 9.15 -34.61
CA SER A 723 -30.48 8.93 -34.68
C SER A 723 -31.24 10.15 -35.19
N ASN A 724 -30.66 10.84 -36.16
CA ASN A 724 -31.34 11.93 -36.83
C ASN A 724 -31.62 11.60 -38.28
N LEU A 725 -32.16 12.57 -39.02
CA LEU A 725 -32.64 12.37 -40.39
C LEU A 725 -31.64 12.70 -41.52
N LEU A 726 -30.39 12.96 -41.15
CA LEU A 726 -29.38 13.39 -42.13
C LEU A 726 -29.16 12.42 -43.30
N LYS A 727 -29.37 12.91 -44.53
CA LYS A 727 -29.07 12.12 -45.73
C LYS A 727 -27.60 12.20 -46.13
N THR A 728 -26.97 13.33 -45.84
CA THR A 728 -25.57 13.53 -46.19
C THR A 728 -24.99 14.69 -45.38
N ILE A 729 -23.71 14.95 -45.56
CA ILE A 729 -23.08 16.15 -44.99
C ILE A 729 -22.26 16.84 -46.09
N ASN A 730 -22.64 18.08 -46.44
CA ASN A 730 -21.93 18.87 -47.46
C ASN A 730 -20.54 19.21 -46.98
N LYS A 731 -19.66 19.60 -47.90
CA LYS A 731 -18.37 20.12 -47.50
C LYS A 731 -18.66 21.21 -46.47
N SER A 732 -19.49 22.15 -46.92
CA SER A 732 -19.73 23.42 -46.26
C SER A 732 -20.05 23.34 -44.77
N ALA A 733 -20.62 22.22 -44.33
CA ALA A 733 -21.04 22.13 -42.95
C ALA A 733 -19.88 22.23 -41.95
N LEU A 734 -18.88 21.37 -42.12
CA LEU A 734 -17.86 21.16 -41.09
C LEU A 734 -16.57 21.99 -41.23
N GLU A 735 -16.49 22.90 -42.21
CA GLU A 735 -15.29 23.75 -42.31
C GLU A 735 -15.21 24.80 -41.23
N THR A 736 -13.99 25.03 -40.79
CA THR A 736 -13.65 26.18 -39.97
C THR A 736 -12.26 26.63 -40.40
N LYS A 737 -12.01 27.92 -40.30
CA LYS A 737 -10.66 28.44 -40.51
C LYS A 737 -9.90 28.29 -39.20
N THR A 738 -10.44 28.93 -38.17
CA THR A 738 -9.82 28.94 -36.84
C THR A 738 -9.92 27.55 -36.18
N THR A 739 -9.34 27.42 -35.00
CA THR A 739 -9.19 26.11 -34.36
C THR A 739 -10.52 25.43 -33.99
N THR A 740 -10.51 24.10 -34.02
CA THR A 740 -11.68 23.31 -33.64
C THR A 740 -11.27 22.21 -32.66
N LYS A 741 -11.80 22.28 -31.44
CA LYS A 741 -11.41 21.35 -30.38
C LYS A 741 -12.28 20.09 -30.33
N LEU A 742 -13.15 19.91 -31.32
CA LEU A 742 -14.10 18.80 -31.31
C LEU A 742 -13.39 17.44 -31.31
N SER A 743 -13.58 16.67 -30.23
CA SER A 743 -12.97 15.35 -30.15
C SER A 743 -13.89 14.16 -30.40
N MET A 744 -15.19 14.38 -30.48
CA MET A 744 -16.12 13.28 -30.81
C MET A 744 -17.37 13.75 -31.54
N LEU A 745 -17.75 12.99 -32.56
CA LEU A 745 -18.91 13.30 -33.37
C LEU A 745 -19.68 12.00 -33.62
N GLU A 746 -20.92 11.94 -33.16
CA GLU A 746 -21.71 10.72 -33.22
C GLU A 746 -22.74 10.80 -34.34
N LEU A 747 -22.52 10.01 -35.39
CA LEU A 747 -23.43 9.97 -36.53
C LEU A 747 -24.38 8.77 -36.67
N HIS A 748 -24.28 7.78 -35.78
CA HIS A 748 -24.99 6.52 -36.04
C HIS A 748 -26.52 6.67 -36.11
N GLY A 749 -27.13 5.99 -37.09
CA GLY A 749 -28.58 5.98 -37.18
C GLY A 749 -29.18 7.03 -38.09
N ASN A 750 -28.34 7.66 -38.92
CA ASN A 750 -28.79 8.62 -39.93
C ASN A 750 -28.92 7.96 -41.29
N PRO A 751 -30.06 8.15 -41.96
CA PRO A 751 -30.29 7.52 -43.25
C PRO A 751 -29.39 8.09 -44.34
N PHE A 752 -28.10 7.75 -44.31
CA PHE A 752 -27.12 8.36 -45.20
C PHE A 752 -27.30 8.00 -46.67
N GLU A 753 -27.14 8.99 -47.54
CA GLU A 753 -27.17 8.78 -48.98
C GLU A 753 -25.74 8.51 -49.43
N CYS A 754 -25.54 7.38 -50.11
CA CYS A 754 -24.21 6.85 -50.41
C CYS A 754 -23.56 7.18 -51.77
N THR A 755 -24.12 8.16 -52.47
CA THR A 755 -23.64 8.59 -53.77
C THR A 755 -22.26 9.24 -53.66
N CYS A 756 -21.75 9.84 -54.72
CA CYS A 756 -20.48 10.55 -54.57
C CYS A 756 -20.67 11.87 -53.79
N ASP A 757 -21.92 12.24 -53.54
CA ASP A 757 -22.24 13.42 -52.73
C ASP A 757 -21.74 13.27 -51.28
N ILE A 758 -21.53 12.03 -50.84
CA ILE A 758 -20.91 11.78 -49.53
C ILE A 758 -19.41 11.91 -49.53
N GLY A 759 -18.81 11.72 -50.70
CA GLY A 759 -17.37 11.69 -50.82
C GLY A 759 -16.74 12.95 -50.24
N ASP A 760 -17.50 14.04 -50.27
CA ASP A 760 -17.15 15.25 -49.53
C ASP A 760 -16.95 14.89 -48.05
N PHE A 761 -17.92 14.22 -47.41
CA PHE A 761 -17.76 13.90 -45.99
C PHE A 761 -16.65 12.88 -45.66
N ARG A 762 -16.56 11.80 -46.44
CA ARG A 762 -15.48 10.82 -46.29
C ARG A 762 -14.12 11.52 -46.33
N ARG A 763 -14.00 12.45 -47.27
CA ARG A 763 -12.81 13.25 -47.39
C ARG A 763 -12.45 13.91 -46.07
N TRP A 764 -13.44 14.57 -45.47
CA TRP A 764 -13.26 15.23 -44.19
C TRP A 764 -12.79 14.25 -43.11
N MET A 765 -13.37 13.06 -43.10
CA MET A 765 -13.10 12.07 -42.06
C MET A 765 -11.66 11.60 -42.03
N ASP A 766 -11.06 11.43 -43.20
CA ASP A 766 -9.66 11.00 -43.28
C ASP A 766 -8.75 12.17 -42.92
N GLU A 767 -9.18 13.37 -43.29
CA GLU A 767 -8.39 14.58 -43.09
C GLU A 767 -8.48 15.10 -41.64
N HIS A 768 -9.42 14.56 -40.86
CA HIS A 768 -9.38 14.73 -39.41
C HIS A 768 -9.49 13.38 -38.73
N LEU A 769 -8.39 12.91 -38.15
CA LEU A 769 -8.39 11.66 -37.40
C LEU A 769 -8.48 11.92 -35.91
N ASN A 770 -8.48 13.19 -35.54
CA ASN A 770 -8.55 13.60 -34.14
C ASN A 770 -9.99 13.63 -33.67
N VAL A 771 -10.91 13.66 -34.62
CA VAL A 771 -12.33 13.54 -34.34
C VAL A 771 -12.73 12.07 -34.48
N LYS A 772 -13.06 11.43 -33.36
CA LYS A 772 -13.46 10.03 -33.41
C LYS A 772 -14.95 9.89 -33.64
N ILE A 773 -15.31 9.07 -34.63
CA ILE A 773 -16.71 8.74 -34.87
C ILE A 773 -16.97 7.30 -34.44
N PRO A 774 -17.64 7.13 -33.29
CA PRO A 774 -17.89 5.81 -32.70
C PRO A 774 -18.99 5.08 -33.44
N ARG A 775 -19.02 3.76 -33.33
CA ARG A 775 -20.03 2.92 -33.96
C ARG A 775 -20.01 3.08 -35.46
N LEU A 776 -18.82 3.11 -36.06
CA LEU A 776 -18.71 3.30 -37.51
C LEU A 776 -19.49 2.25 -38.28
N VAL A 777 -19.52 1.02 -37.75
CA VAL A 777 -20.31 -0.06 -38.33
C VAL A 777 -21.80 0.26 -38.31
N ASP A 778 -22.19 1.17 -37.43
CA ASP A 778 -23.59 1.57 -37.29
C ASP A 778 -23.93 2.84 -38.06
N VAL A 779 -22.93 3.44 -38.71
CA VAL A 779 -23.16 4.57 -39.59
C VAL A 779 -23.35 3.98 -40.99
N ILE A 780 -24.58 4.01 -41.45
CA ILE A 780 -25.03 3.10 -42.49
C ILE A 780 -25.79 3.82 -43.60
N CYS A 781 -25.47 3.49 -44.84
CA CYS A 781 -26.11 4.11 -46.00
C CYS A 781 -27.54 3.61 -46.18
N ALA A 782 -28.49 4.54 -46.28
CA ALA A 782 -29.88 4.18 -46.51
C ALA A 782 -30.26 4.22 -47.99
N SER A 783 -29.29 4.49 -48.85
CA SER A 783 -29.47 4.45 -50.31
C SER A 783 -28.15 4.75 -51.03
N PRO A 784 -28.02 4.36 -52.32
CA PRO A 784 -28.93 3.65 -53.23
C PRO A 784 -29.30 2.24 -52.75
N GLY A 785 -30.37 1.68 -53.33
CA GLY A 785 -30.84 0.36 -52.95
C GLY A 785 -29.80 -0.74 -52.97
N ASP A 786 -28.77 -0.58 -53.81
CA ASP A 786 -27.68 -1.55 -53.86
C ASP A 786 -26.60 -1.25 -52.81
N GLN A 787 -26.66 -0.06 -52.22
CA GLN A 787 -25.73 0.34 -51.17
C GLN A 787 -26.29 0.15 -49.76
N ARG A 788 -27.50 -0.39 -49.67
CA ARG A 788 -28.19 -0.58 -48.39
C ARG A 788 -27.42 -1.44 -47.41
N GLY A 789 -27.34 -0.98 -46.17
CA GLY A 789 -26.76 -1.76 -45.09
C GLY A 789 -25.27 -1.57 -44.98
N LYS A 790 -24.63 -1.16 -46.07
CA LYS A 790 -23.20 -0.93 -46.08
C LYS A 790 -22.88 0.20 -45.12
N SER A 791 -21.75 0.11 -44.44
CA SER A 791 -21.27 1.24 -43.67
C SER A 791 -20.74 2.27 -44.67
N ILE A 792 -20.88 3.54 -44.33
CA ILE A 792 -20.43 4.62 -45.21
C ILE A 792 -18.92 4.58 -45.41
N VAL A 793 -18.23 3.93 -44.47
CA VAL A 793 -16.77 3.91 -44.48
C VAL A 793 -16.18 3.01 -45.58
N SER A 794 -16.99 2.11 -46.14
CA SER A 794 -16.54 1.29 -47.26
C SER A 794 -17.28 1.66 -48.56
N LEU A 795 -16.57 2.32 -49.47
CA LEU A 795 -17.13 2.64 -50.79
C LEU A 795 -16.07 2.99 -51.83
N GLU A 796 -16.47 2.97 -53.10
CA GLU A 796 -15.58 3.36 -54.20
C GLU A 796 -15.09 4.79 -54.03
N SER B 9 25.43 34.34 1.82
CA SER B 9 24.29 33.44 1.76
C SER B 9 24.68 31.98 2.02
N ARG B 10 25.92 31.77 2.44
CA ARG B 10 26.40 30.45 2.82
C ARG B 10 26.05 30.18 4.29
N SER B 11 25.32 29.09 4.53
CA SER B 11 24.75 28.81 5.85
C SER B 11 25.79 28.63 6.96
N TYR B 12 25.55 29.27 8.10
CA TYR B 12 26.40 29.15 9.28
C TYR B 12 25.57 29.33 10.54
N PRO B 13 25.94 28.66 11.65
CA PRO B 13 26.89 27.55 11.81
C PRO B 13 26.31 26.25 11.28
N CYS B 14 25.00 26.25 11.08
CA CYS B 14 24.28 25.09 10.59
C CYS B 14 24.62 24.73 9.16
N ASP B 15 24.32 23.49 8.77
CA ASP B 15 24.28 23.08 7.38
C ASP B 15 22.80 22.98 7.01
N GLU B 16 22.44 23.28 5.76
CA GLU B 16 21.04 23.24 5.36
C GLU B 16 20.80 22.35 4.14
N LYS B 17 19.78 21.49 4.25
CA LYS B 17 19.51 20.45 3.26
C LYS B 17 18.04 20.50 2.84
N LYS B 18 17.72 19.85 1.73
CA LYS B 18 16.33 19.75 1.26
C LYS B 18 15.77 18.34 1.47
N GLN B 19 14.66 18.25 2.20
CA GLN B 19 13.96 16.99 2.38
C GLN B 19 12.45 17.20 2.28
N ASN B 20 11.81 16.49 1.37
CA ASN B 20 10.35 16.51 1.22
C ASN B 20 9.79 17.93 1.09
N ASP B 21 10.33 18.69 0.14
CA ASP B 21 9.91 20.06 -0.16
C ASP B 21 10.24 21.06 0.95
N SER B 22 10.61 20.56 2.12
CA SER B 22 10.91 21.42 3.27
C SER B 22 12.41 21.62 3.47
N VAL B 23 12.75 22.34 4.52
CA VAL B 23 14.15 22.64 4.83
C VAL B 23 14.49 22.34 6.28
N ILE B 24 15.59 21.62 6.49
CA ILE B 24 16.05 21.31 7.83
C ILE B 24 17.45 21.86 8.10
N ALA B 25 17.66 22.39 9.30
CA ALA B 25 18.96 22.88 9.70
C ALA B 25 19.67 21.86 10.58
N GLU B 26 20.88 21.45 10.19
CA GLU B 26 21.62 20.51 11.00
C GLU B 26 22.64 21.32 11.78
N CYS B 27 22.33 21.57 13.05
CA CYS B 27 23.21 22.31 13.95
C CYS B 27 23.96 21.48 15.00
N SER B 28 23.79 20.17 14.95
CA SER B 28 24.30 19.27 16.00
C SER B 28 25.82 19.22 16.15
N ASN B 29 26.29 18.97 17.38
CA ASN B 29 27.69 18.70 17.67
C ASN B 29 28.66 19.79 17.19
N ARG B 30 28.20 21.03 17.20
CA ARG B 30 29.00 22.16 16.70
C ARG B 30 29.76 22.94 17.76
N ARG B 31 29.72 22.46 19.01
CA ARG B 31 30.33 23.15 20.16
C ARG B 31 29.67 24.50 20.43
N LEU B 32 28.41 24.63 20.02
CA LEU B 32 27.67 25.89 20.14
C LEU B 32 27.35 26.23 21.59
N GLN B 33 27.78 27.41 22.01
CA GLN B 33 27.62 27.84 23.40
C GLN B 33 26.19 28.30 23.68
N GLU B 34 25.45 28.59 22.62
CA GLU B 34 24.03 28.91 22.73
C GLU B 34 23.31 28.73 21.40
N VAL B 35 22.02 29.06 21.36
CA VAL B 35 21.25 28.97 20.11
C VAL B 35 21.69 30.09 19.17
N PRO B 36 22.21 29.71 18.00
CA PRO B 36 22.66 30.70 17.02
C PRO B 36 21.48 31.48 16.45
N GLN B 37 21.65 32.79 16.26
CA GLN B 37 20.60 33.64 15.73
C GLN B 37 20.70 33.74 14.20
N THR B 38 21.63 32.98 13.63
CA THR B 38 21.85 32.97 12.18
C THR B 38 21.02 31.93 11.43
N VAL B 39 20.11 31.27 12.14
CA VAL B 39 19.28 30.23 11.52
C VAL B 39 18.30 30.83 10.51
N GLY B 40 18.29 30.27 9.30
CA GLY B 40 17.39 30.71 8.24
C GLY B 40 15.95 30.69 8.69
N LYS B 41 15.20 31.74 8.35
CA LYS B 41 13.88 31.96 8.89
C LYS B 41 12.85 31.09 8.19
N TYR B 42 13.32 30.32 7.21
CA TYR B 42 12.47 29.40 6.47
C TYR B 42 12.53 27.96 6.96
N VAL B 43 13.40 27.67 7.93
CA VAL B 43 13.63 26.28 8.35
C VAL B 43 12.50 25.66 9.17
N THR B 44 12.08 24.46 8.75
CA THR B 44 11.04 23.71 9.41
C THR B 44 11.53 22.87 10.62
N GLU B 45 12.72 22.27 10.48
CA GLU B 45 13.26 21.41 11.52
C GLU B 45 14.67 21.82 11.94
N LEU B 46 14.87 22.01 13.25
CA LEU B 46 16.14 22.48 13.78
C LEU B 46 16.75 21.53 14.81
N ASP B 47 17.89 20.91 14.46
CA ASP B 47 18.57 19.99 15.35
C ASP B 47 19.79 20.66 15.99
N LEU B 48 19.65 20.98 17.27
CA LEU B 48 20.71 21.60 18.07
C LEU B 48 21.49 20.64 18.98
N SER B 49 21.20 19.35 18.86
CA SER B 49 21.67 18.34 19.81
C SER B 49 23.19 18.26 19.95
N ASP B 50 23.64 17.83 21.13
CA ASP B 50 25.06 17.62 21.45
C ASP B 50 25.89 18.88 21.43
N ASN B 51 25.30 19.98 21.91
CA ASN B 51 26.01 21.25 21.97
C ASN B 51 26.25 21.68 23.41
N PHE B 52 26.77 22.89 23.57
CA PHE B 52 27.10 23.41 24.89
C PHE B 52 26.05 24.32 25.51
N ILE B 53 24.91 24.44 24.83
CA ILE B 53 23.84 25.36 25.24
C ILE B 53 23.39 25.10 26.67
N THR B 54 23.50 26.14 27.52
CA THR B 54 22.97 26.08 28.88
C THR B 54 21.65 26.80 29.12
N HIS B 55 21.17 27.56 28.13
CA HIS B 55 20.01 28.44 28.35
C HIS B 55 19.05 28.53 27.17
N ILE B 56 17.75 28.48 27.46
CA ILE B 56 16.75 28.71 26.44
C ILE B 56 15.71 29.69 26.98
N THR B 57 15.51 30.79 26.25
CA THR B 57 14.53 31.80 26.63
C THR B 57 13.57 32.05 25.46
N ASN B 58 12.71 33.05 25.61
CA ASN B 58 11.76 33.38 24.55
C ASN B 58 12.38 34.21 23.43
N GLU B 59 13.66 34.55 23.59
CA GLU B 59 14.42 35.20 22.53
C GLU B 59 15.30 34.23 21.73
N SER B 60 15.25 32.95 22.07
CA SER B 60 16.11 31.98 21.39
C SER B 60 15.64 31.67 19.96
N PHE B 61 14.36 31.37 19.82
CA PHE B 61 13.79 30.96 18.53
C PHE B 61 13.00 32.02 17.73
N GLN B 62 12.98 33.25 18.22
CA GLN B 62 12.29 34.36 17.55
C GLN B 62 12.69 34.52 16.09
N GLY B 63 11.71 34.78 15.23
CA GLY B 63 11.97 34.94 13.82
C GLY B 63 11.73 33.65 13.05
N LEU B 64 11.43 32.58 13.78
CA LEU B 64 11.13 31.33 13.10
C LEU B 64 9.65 31.00 13.23
N GLN B 65 8.93 31.23 12.13
CA GLN B 65 7.50 31.00 12.01
C GLN B 65 7.28 29.53 11.70
N ASN B 66 8.15 29.02 10.83
CA ASN B 66 7.94 27.76 10.15
C ASN B 66 8.48 26.53 10.89
N LEU B 67 8.87 26.73 12.15
CA LEU B 67 9.67 25.73 12.84
C LEU B 67 8.76 24.69 13.48
N THR B 68 8.77 23.50 12.89
CA THR B 68 7.98 22.36 13.34
C THR B 68 8.61 21.51 14.44
N LYS B 69 9.93 21.38 14.39
CA LYS B 69 10.65 20.43 15.23
C LYS B 69 11.93 21.04 15.77
N ILE B 70 12.12 20.95 17.08
CA ILE B 70 13.41 21.31 17.67
C ILE B 70 13.99 20.12 18.40
N ASN B 71 15.24 19.79 18.11
CA ASN B 71 15.96 18.81 18.90
C ASN B 71 17.05 19.48 19.74
N LEU B 72 16.82 19.53 21.05
CA LEU B 72 17.78 20.04 22.02
C LEU B 72 18.59 19.00 22.80
N ASN B 73 18.46 17.72 22.44
CA ASN B 73 19.08 16.63 23.20
C ASN B 73 20.56 16.77 23.52
N HIS B 74 20.93 16.31 24.72
CA HIS B 74 22.31 16.33 25.20
C HIS B 74 22.88 17.76 25.29
N ASN B 75 22.14 18.66 25.92
CA ASN B 75 22.66 20.00 26.20
C ASN B 75 22.58 20.32 27.70
N PRO B 76 23.65 20.92 28.24
CA PRO B 76 24.95 21.09 27.57
C PRO B 76 25.64 19.73 27.48
N ASN B 77 26.58 19.60 26.54
CA ASN B 77 27.27 18.33 26.40
C ASN B 77 28.34 18.23 27.48
N VAL B 78 28.21 17.23 28.35
CA VAL B 78 29.03 17.10 29.56
C VAL B 78 29.06 18.38 30.37
N GLY B 91 23.06 20.77 32.91
CA GLY B 91 22.04 21.65 33.46
C GLY B 91 21.52 22.64 32.43
N LEU B 92 20.53 22.22 31.64
CA LEU B 92 19.94 23.12 30.66
C LEU B 92 18.83 23.94 31.30
N ASN B 93 19.00 25.27 31.27
CA ASN B 93 18.06 26.19 31.91
C ASN B 93 17.02 26.67 30.90
N ILE B 94 15.78 26.21 31.09
CA ILE B 94 14.71 26.57 30.18
C ILE B 94 13.72 27.43 30.93
N THR B 95 13.64 28.70 30.56
CA THR B 95 12.73 29.62 31.21
C THR B 95 11.30 29.23 30.93
N ASP B 96 10.40 29.58 31.86
CA ASP B 96 8.97 29.41 31.66
C ASP B 96 8.59 30.13 30.37
N GLY B 97 7.87 29.44 29.49
CA GLY B 97 7.34 30.04 28.27
C GLY B 97 8.34 30.28 27.15
N ALA B 98 9.54 29.72 27.28
CA ALA B 98 10.58 29.87 26.25
C ALA B 98 10.10 29.51 24.84
N PHE B 99 9.27 28.48 24.73
CA PHE B 99 8.85 27.97 23.43
C PHE B 99 7.49 28.49 22.97
N LEU B 100 6.88 29.33 23.78
CA LEU B 100 5.51 29.81 23.55
C LEU B 100 5.31 30.53 22.22
N ASN B 101 6.30 31.32 21.79
CA ASN B 101 6.14 32.11 20.56
C ASN B 101 6.11 31.28 19.26
N LEU B 102 6.42 29.99 19.37
CA LEU B 102 6.40 29.13 18.20
C LEU B 102 5.02 28.49 18.08
N LYS B 103 4.27 28.92 17.07
CA LYS B 103 2.89 28.46 16.90
C LYS B 103 2.82 27.15 16.15
N ASN B 104 3.87 26.84 15.41
CA ASN B 104 3.93 25.64 14.60
C ASN B 104 4.73 24.48 15.21
N LEU B 105 5.22 24.67 16.42
CA LEU B 105 6.09 23.68 17.04
C LEU B 105 5.32 22.41 17.34
N ARG B 106 5.78 21.32 16.74
CA ARG B 106 5.11 20.04 16.79
C ARG B 106 5.85 19.08 17.71
N GLU B 107 7.12 18.88 17.39
CA GLU B 107 7.98 17.93 18.05
C GLU B 107 9.12 18.63 18.79
N LEU B 108 9.19 18.44 20.11
CA LEU B 108 10.27 19.00 20.92
C LEU B 108 11.06 17.88 21.61
N LEU B 109 12.34 17.74 21.27
CA LEU B 109 13.18 16.69 21.87
C LEU B 109 14.13 17.26 22.91
N LEU B 110 13.79 16.99 24.17
CA LEU B 110 14.48 17.47 25.37
C LEU B 110 15.39 16.46 26.12
N GLU B 111 15.64 15.32 25.51
CA GLU B 111 16.39 14.23 26.15
C GLU B 111 17.77 14.58 26.69
N ASP B 112 18.12 13.97 27.83
CA ASP B 112 19.48 13.99 28.39
C ASP B 112 19.95 15.39 28.82
N ASN B 113 19.01 16.21 29.28
CA ASN B 113 19.32 17.59 29.70
C ASN B 113 19.44 17.88 31.19
N GLN B 114 19.30 16.84 32.02
CA GLN B 114 19.30 16.99 33.48
C GLN B 114 18.20 17.90 34.00
N LEU B 115 17.05 17.91 33.32
CA LEU B 115 15.96 18.77 33.72
C LEU B 115 15.38 18.30 35.04
N PRO B 116 15.28 19.21 36.01
CA PRO B 116 14.65 18.95 37.31
C PRO B 116 13.13 18.85 37.24
N GLN B 117 12.52 19.54 36.27
CA GLN B 117 11.05 19.60 36.16
C GLN B 117 10.63 19.52 34.69
N ILE B 118 9.34 19.31 34.46
CA ILE B 118 8.81 19.50 33.12
C ILE B 118 8.80 21.00 32.92
N PRO B 119 9.36 21.46 31.78
CA PRO B 119 9.36 22.90 31.44
C PRO B 119 7.96 23.49 31.46
N SER B 120 7.78 24.60 32.16
CA SER B 120 6.47 25.24 32.26
C SER B 120 6.15 26.02 31.00
N GLY B 121 4.86 26.24 30.76
CA GLY B 121 4.41 27.03 29.63
C GLY B 121 4.93 26.53 28.29
N LEU B 122 4.67 25.27 28.00
CA LEU B 122 5.00 24.72 26.69
C LEU B 122 3.86 24.97 25.72
N PRO B 123 4.17 25.10 24.42
CA PRO B 123 3.18 25.35 23.35
C PRO B 123 2.06 24.31 23.30
N GLU B 124 0.84 24.76 23.08
CA GLU B 124 -0.31 23.86 22.96
C GLU B 124 -0.27 23.11 21.63
N SER B 125 0.70 23.47 20.78
CA SER B 125 0.82 22.87 19.45
C SER B 125 1.67 21.59 19.41
N LEU B 126 2.16 21.17 20.56
CA LEU B 126 3.06 20.03 20.61
C LEU B 126 2.32 18.73 20.38
N THR B 127 2.70 17.99 19.33
CA THR B 127 2.21 16.63 19.17
C THR B 127 3.17 15.57 19.72
N GLU B 128 4.42 15.95 19.94
CA GLU B 128 5.41 15.01 20.46
C GLU B 128 6.41 15.68 21.42
N LEU B 129 6.56 15.11 22.61
CA LEU B 129 7.49 15.63 23.61
C LEU B 129 8.34 14.50 24.21
N SER B 130 9.65 14.52 24.01
CA SER B 130 10.52 13.51 24.62
C SER B 130 11.34 14.11 25.75
N LEU B 131 10.98 13.71 26.97
CA LEU B 131 11.66 14.13 28.20
C LEU B 131 12.65 13.07 28.74
N ILE B 132 12.88 12.05 27.92
CA ILE B 132 13.71 10.90 28.28
C ILE B 132 15.08 11.26 28.86
N GLN B 133 15.51 10.52 29.88
CA GLN B 133 16.84 10.70 30.48
C GLN B 133 17.06 12.06 31.14
N ASN B 134 16.12 12.43 32.00
CA ASN B 134 16.27 13.64 32.81
C ASN B 134 16.09 13.34 34.29
N ASN B 135 15.99 14.40 35.07
CA ASN B 135 15.74 14.31 36.50
C ASN B 135 14.30 14.49 36.99
N ILE B 136 13.34 14.45 36.07
CA ILE B 136 11.97 14.76 36.44
C ILE B 136 11.32 13.59 37.20
N TYR B 137 11.02 13.87 38.47
CA TYR B 137 10.34 12.94 39.38
C TYR B 137 8.87 13.26 39.63
N ASN B 138 8.41 14.36 39.04
CA ASN B 138 7.06 14.85 39.28
C ASN B 138 6.35 15.10 37.95
N ILE B 139 5.30 14.34 37.67
CA ILE B 139 4.50 14.58 36.46
C ILE B 139 3.24 15.31 36.89
N THR B 140 3.13 16.58 36.54
CA THR B 140 2.06 17.41 37.09
C THR B 140 1.15 17.96 36.01
N LYS B 141 -0.08 18.30 36.42
CA LYS B 141 -1.06 18.87 35.51
C LYS B 141 -0.56 20.21 34.96
N GLU B 142 0.36 20.80 35.69
CA GLU B 142 0.81 22.15 35.40
C GLU B 142 1.71 22.17 34.17
N GLY B 143 2.53 21.14 34.03
CA GLY B 143 3.47 21.07 32.91
C GLY B 143 2.95 20.32 31.71
N ILE B 144 1.83 19.62 31.88
CA ILE B 144 1.39 18.61 30.90
C ILE B 144 -0.04 18.81 30.39
N SER B 145 -0.99 18.82 31.31
CA SER B 145 -2.41 18.82 31.00
C SER B 145 -2.87 19.84 29.95
N ARG B 146 -2.18 20.98 29.86
CA ARG B 146 -2.59 21.97 28.87
C ARG B 146 -2.20 21.61 27.43
N LEU B 147 -1.44 20.53 27.23
CA LEU B 147 -1.07 20.18 25.86
C LEU B 147 -1.99 19.07 25.42
N ILE B 148 -3.02 19.44 24.67
CA ILE B 148 -4.12 18.51 24.37
C ILE B 148 -3.98 17.93 22.99
N ASN B 149 -2.95 18.38 22.29
CA ASN B 149 -2.62 17.83 20.98
C ASN B 149 -1.52 16.78 21.07
N LEU B 150 -1.06 16.48 22.29
CA LEU B 150 0.02 15.51 22.48
C LEU B 150 -0.36 14.13 21.96
N LYS B 151 0.48 13.62 21.06
CA LYS B 151 0.34 12.28 20.50
C LYS B 151 1.28 11.31 21.22
N ASN B 152 2.57 11.63 21.18
CA ASN B 152 3.61 10.83 21.83
C ASN B 152 4.31 11.52 23.02
N LEU B 153 4.10 11.00 24.23
CA LEU B 153 4.79 11.53 25.41
C LEU B 153 5.81 10.52 25.96
N TYR B 154 7.10 10.89 25.89
CA TYR B 154 8.18 10.02 26.36
C TYR B 154 8.80 10.54 27.66
N LEU B 155 8.47 9.87 28.77
CA LEU B 155 9.02 10.19 30.10
C LEU B 155 10.09 9.22 30.63
N ALA B 156 10.57 8.30 29.80
CA ALA B 156 11.37 7.18 30.28
C ALA B 156 12.76 7.52 30.83
N TRP B 157 13.28 6.60 31.65
CA TRP B 157 14.64 6.64 32.17
C TRP B 157 14.98 7.86 33.04
N ASN B 158 14.01 8.34 33.80
CA ASN B 158 14.30 9.36 34.83
C ASN B 158 14.75 8.86 36.21
N CYS B 159 14.23 7.71 36.66
CA CYS B 159 14.73 7.13 37.90
C CYS B 159 14.86 5.61 37.80
N TYR B 160 16.10 5.12 37.88
CA TYR B 160 16.37 3.72 37.55
C TYR B 160 17.70 3.23 38.16
N PHE B 161 17.88 1.91 38.24
CA PHE B 161 19.14 1.31 38.69
C PHE B 161 19.62 1.87 40.05
N ASN B 162 20.89 2.23 40.14
CA ASN B 162 21.47 2.88 41.33
C ASN B 162 21.56 4.40 41.28
N LYS B 163 20.94 5.01 40.27
CA LYS B 163 20.82 6.48 40.23
C LYS B 163 20.20 7.05 41.50
N VAL B 164 20.72 8.19 41.96
CA VAL B 164 20.14 8.87 43.11
C VAL B 164 19.00 9.72 42.57
N CYS B 165 17.79 9.40 43.02
CA CYS B 165 16.59 9.98 42.46
C CYS B 165 15.38 9.62 43.30
N GLU B 166 14.22 10.14 42.93
CA GLU B 166 13.04 9.99 43.76
C GLU B 166 11.99 9.13 43.08
N LYS B 167 11.14 8.52 43.89
CA LYS B 167 9.94 7.85 43.39
C LYS B 167 9.16 8.85 42.56
N THR B 168 8.63 8.39 41.45
CA THR B 168 7.95 9.27 40.51
C THR B 168 6.54 9.59 41.00
N ASN B 169 6.21 10.87 41.03
CA ASN B 169 4.88 11.27 41.45
C ASN B 169 3.99 11.66 40.27
N ILE B 170 2.94 10.89 40.04
CA ILE B 170 2.05 11.15 38.93
C ILE B 170 0.74 11.75 39.46
N GLU B 171 0.50 13.02 39.15
CA GLU B 171 -0.63 13.73 39.72
C GLU B 171 -1.91 13.13 39.21
N ASP B 172 -2.84 12.83 40.12
CA ASP B 172 -4.04 12.10 39.73
C ASP B 172 -4.76 12.85 38.61
N GLY B 173 -4.99 12.18 37.50
CA GLY B 173 -5.70 12.76 36.38
C GLY B 173 -4.81 13.44 35.34
N VAL B 174 -3.50 13.46 35.58
CA VAL B 174 -2.59 14.26 34.75
C VAL B 174 -2.66 13.94 33.25
N PHE B 175 -2.86 12.68 32.91
CA PHE B 175 -2.97 12.29 31.49
C PHE B 175 -4.41 12.32 30.99
N GLU B 176 -5.36 12.39 31.92
CA GLU B 176 -6.78 12.22 31.63
C GLU B 176 -7.28 13.21 30.59
N THR B 177 -6.62 14.36 30.55
CA THR B 177 -7.07 15.45 29.72
C THR B 177 -6.43 15.41 28.33
N LEU B 178 -5.56 14.45 28.05
CA LEU B 178 -4.97 14.39 26.71
C LEU B 178 -5.72 13.34 25.91
N THR B 179 -6.65 13.80 25.08
CA THR B 179 -7.65 12.91 24.50
C THR B 179 -7.22 12.42 23.13
N ASN B 180 -6.15 13.02 22.62
CA ASN B 180 -5.46 12.57 21.41
C ASN B 180 -4.18 11.73 21.65
N LEU B 181 -3.88 11.40 22.90
CA LEU B 181 -2.57 10.81 23.23
C LEU B 181 -2.55 9.34 22.84
N GLU B 182 -1.67 8.98 21.90
CA GLU B 182 -1.53 7.58 21.49
C GLU B 182 -0.35 6.80 22.08
N LEU B 183 0.65 7.49 22.61
CA LEU B 183 1.84 6.82 23.13
C LEU B 183 2.28 7.47 24.44
N LEU B 184 2.30 6.66 25.50
CA LEU B 184 2.83 7.09 26.78
C LEU B 184 3.95 6.15 27.18
N SER B 185 5.15 6.68 27.36
CA SER B 185 6.26 5.86 27.85
C SER B 185 6.76 6.35 29.20
N LEU B 186 6.44 5.58 30.24
CA LEU B 186 6.89 5.80 31.62
C LEU B 186 8.03 4.88 32.09
N SER B 187 8.57 4.07 31.18
CA SER B 187 9.55 3.04 31.53
C SER B 187 10.79 3.54 32.30
N PHE B 188 11.33 2.67 33.15
CA PHE B 188 12.52 3.03 33.93
C PHE B 188 12.34 4.26 34.84
N ASN B 189 11.20 4.29 35.52
CA ASN B 189 10.96 5.18 36.65
C ASN B 189 10.37 4.34 37.76
N SER B 190 10.43 4.82 39.00
CA SER B 190 9.77 4.07 40.06
C SER B 190 8.31 4.53 40.12
N LEU B 191 7.39 3.61 39.83
CA LEU B 191 5.96 3.90 39.75
C LEU B 191 5.16 3.19 40.84
N SER B 192 5.34 1.87 40.92
CA SER B 192 4.70 0.97 41.91
C SER B 192 3.24 0.62 41.59
N HIS B 193 2.61 1.41 40.74
CA HIS B 193 1.24 1.15 40.31
C HIS B 193 1.01 1.74 38.92
N VAL B 194 0.13 1.10 38.15
CA VAL B 194 -0.28 1.68 36.89
C VAL B 194 -1.01 2.99 37.17
N PRO B 195 -0.65 4.06 36.45
CA PRO B 195 -1.35 5.34 36.59
C PRO B 195 -2.82 5.20 36.19
N PRO B 196 -3.73 5.63 37.07
CA PRO B 196 -5.16 5.68 36.75
C PRO B 196 -5.50 6.82 35.79
N LYS B 197 -6.69 6.75 35.22
CA LYS B 197 -7.23 7.85 34.43
C LYS B 197 -6.37 8.16 33.21
N LEU B 198 -6.05 7.10 32.47
CA LEU B 198 -5.36 7.21 31.20
C LEU B 198 -6.38 7.45 30.12
N PRO B 199 -6.02 8.18 29.06
CA PRO B 199 -7.00 8.47 28.01
C PRO B 199 -7.27 7.24 27.15
N SER B 200 -8.50 7.12 26.65
CA SER B 200 -8.93 5.94 25.92
C SER B 200 -8.31 5.91 24.54
N SER B 201 -7.70 7.03 24.14
CA SER B 201 -7.03 7.08 22.85
C SER B 201 -5.74 6.25 22.79
N LEU B 202 -5.21 5.86 23.96
CA LEU B 202 -3.93 5.17 24.01
C LEU B 202 -3.82 3.92 23.13
N ARG B 203 -2.78 3.92 22.32
CA ARG B 203 -2.35 2.84 21.45
C ARG B 203 -1.23 2.01 22.12
N LYS B 204 -0.16 2.71 22.52
CA LYS B 204 1.02 2.07 23.09
C LYS B 204 1.33 2.60 24.48
N LEU B 205 1.49 1.68 25.42
CA LEU B 205 1.77 2.05 26.81
C LEU B 205 2.99 1.30 27.32
N PHE B 206 4.07 2.02 27.61
CA PHE B 206 5.30 1.39 28.08
C PHE B 206 5.49 1.58 29.59
N LEU B 207 5.30 0.50 30.32
CA LEU B 207 5.46 0.41 31.77
C LEU B 207 6.70 -0.36 32.27
N SER B 208 7.63 -0.66 31.38
CA SER B 208 8.83 -1.42 31.71
C SER B 208 9.64 -0.89 32.90
N ASN B 209 10.14 -1.80 33.74
CA ASN B 209 11.03 -1.45 34.85
C ASN B 209 10.48 -0.30 35.67
N THR B 210 9.19 -0.38 35.97
CA THR B 210 8.52 0.61 36.82
C THR B 210 8.25 0.20 38.27
N GLN B 211 8.71 -0.99 38.65
CA GLN B 211 8.46 -1.51 40.00
C GLN B 211 6.97 -1.77 40.32
N ILE B 212 6.19 -2.11 39.31
CA ILE B 212 4.78 -2.45 39.53
C ILE B 212 4.68 -3.95 39.79
N LYS B 213 4.32 -4.32 41.01
CA LYS B 213 4.26 -5.72 41.44
C LYS B 213 2.98 -6.46 41.02
N TYR B 214 1.89 -5.71 40.84
CA TYR B 214 0.58 -6.31 40.72
C TYR B 214 -0.28 -5.61 39.69
N ILE B 215 -0.84 -6.39 38.76
CA ILE B 215 -1.72 -5.85 37.73
C ILE B 215 -3.13 -6.36 37.98
N SER B 216 -4.09 -5.44 38.05
CA SER B 216 -5.48 -5.79 38.35
C SER B 216 -6.39 -5.52 37.18
N GLU B 217 -7.67 -5.85 37.35
CA GLU B 217 -8.65 -5.65 36.30
C GLU B 217 -8.80 -4.16 35.99
N GLU B 218 -8.75 -3.32 37.03
CA GLU B 218 -8.99 -1.88 36.93
C GLU B 218 -7.94 -1.05 36.18
N ASP B 219 -6.69 -1.51 36.15
CA ASP B 219 -5.59 -0.72 35.58
C ASP B 219 -5.75 -0.38 34.10
N PHE B 220 -6.20 -1.35 33.31
CA PHE B 220 -6.41 -1.17 31.87
C PHE B 220 -7.84 -0.99 31.36
N LYS B 221 -8.81 -1.05 32.27
CA LYS B 221 -10.21 -1.34 31.93
C LYS B 221 -10.80 -0.51 30.79
N GLY B 222 -10.32 0.72 30.59
CA GLY B 222 -10.89 1.62 29.59
C GLY B 222 -10.08 1.82 28.32
N LEU B 223 -8.97 1.08 28.15
CA LEU B 223 -8.14 1.34 27.00
C LEU B 223 -8.45 0.28 25.97
N ILE B 224 -9.36 0.61 25.06
CA ILE B 224 -9.90 -0.39 24.17
C ILE B 224 -9.23 -0.29 22.82
N ASN B 225 -8.39 0.74 22.67
CA ASN B 225 -7.54 0.89 21.51
C ASN B 225 -6.09 0.44 21.71
N LEU B 226 -5.73 -0.01 22.92
CA LEU B 226 -4.32 -0.34 23.18
C LEU B 226 -3.87 -1.45 22.24
N THR B 227 -2.86 -1.18 21.42
CA THR B 227 -2.22 -2.24 20.62
C THR B 227 -0.92 -2.80 21.21
N LEU B 228 -0.37 -2.12 22.23
CA LEU B 228 0.89 -2.57 22.84
C LEU B 228 0.90 -2.30 24.33
N LEU B 229 1.27 -3.32 25.09
CA LEU B 229 1.46 -3.16 26.53
C LEU B 229 2.82 -3.74 26.90
N ASP B 230 3.67 -2.91 27.50
CA ASP B 230 4.98 -3.36 27.91
C ASP B 230 5.09 -3.31 29.44
N LEU B 231 4.98 -4.48 30.06
CA LEU B 231 5.11 -4.68 31.50
C LEU B 231 6.43 -5.28 31.93
N SER B 232 7.35 -5.42 30.97
CA SER B 232 8.60 -6.12 31.22
C SER B 232 9.42 -5.51 32.38
N GLY B 233 10.18 -6.35 33.07
CA GLY B 233 11.10 -5.88 34.09
C GLY B 233 10.47 -5.50 35.43
N ASN B 234 9.22 -5.90 35.63
CA ASN B 234 8.56 -5.73 36.92
C ASN B 234 8.53 -7.07 37.64
N CYS B 235 9.12 -7.12 38.83
CA CYS B 235 9.58 -8.38 39.46
C CYS B 235 10.53 -9.10 38.52
N PRO B 236 11.72 -8.52 38.30
CA PRO B 236 12.66 -9.09 37.33
C PRO B 236 13.29 -10.43 37.80
N ARG B 237 13.86 -11.16 36.84
CA ARG B 237 14.68 -12.32 37.12
C ARG B 237 16.10 -11.76 37.19
N CYS B 238 16.66 -11.73 38.40
CA CYS B 238 17.87 -10.96 38.61
C CYS B 238 19.19 -11.73 38.51
N PHE B 239 19.13 -13.06 38.51
CA PHE B 239 20.38 -13.82 38.50
C PHE B 239 21.20 -13.48 37.26
N ASN B 240 22.47 -13.15 37.46
CA ASN B 240 23.39 -12.79 36.38
C ASN B 240 23.01 -11.53 35.59
N ALA B 241 22.23 -10.63 36.17
CA ALA B 241 21.82 -9.44 35.45
C ALA B 241 22.99 -8.52 35.14
N PRO B 242 23.08 -8.01 33.90
CA PRO B 242 24.17 -7.04 33.74
C PRO B 242 23.75 -5.60 34.02
N PHE B 243 22.93 -5.41 35.03
CA PHE B 243 22.58 -4.08 35.51
C PHE B 243 22.18 -4.23 36.96
N PRO B 244 22.23 -3.14 37.74
CA PRO B 244 21.70 -3.28 39.12
C PRO B 244 20.25 -3.73 39.07
N CYS B 245 19.92 -4.80 39.77
CA CYS B 245 18.62 -5.45 39.61
C CYS B 245 18.07 -5.82 40.97
N VAL B 246 16.87 -5.35 41.28
CA VAL B 246 16.22 -5.75 42.54
C VAL B 246 14.92 -6.49 42.29
N PRO B 247 14.88 -7.76 42.72
CA PRO B 247 13.72 -8.66 42.60
C PRO B 247 12.55 -8.27 43.52
N CYS B 248 11.35 -8.72 43.21
CA CYS B 248 10.29 -8.68 44.21
C CYS B 248 10.70 -9.66 45.30
N ASP B 249 10.16 -9.49 46.50
CA ASP B 249 10.54 -10.30 47.65
C ASP B 249 10.42 -11.79 47.38
N GLY B 250 11.49 -12.52 47.70
CA GLY B 250 11.54 -13.95 47.45
C GLY B 250 11.68 -14.28 45.99
N GLY B 251 12.09 -13.31 45.18
CA GLY B 251 12.17 -13.48 43.74
C GLY B 251 10.81 -13.83 43.13
N ALA B 252 9.75 -13.35 43.78
CA ALA B 252 8.39 -13.68 43.38
C ALA B 252 8.04 -13.20 41.98
N SER B 253 7.03 -13.83 41.39
CA SER B 253 6.51 -13.49 40.08
C SER B 253 5.68 -12.22 40.13
N ILE B 254 5.64 -11.48 39.03
CA ILE B 254 4.63 -10.43 38.91
C ILE B 254 3.27 -11.12 39.05
N ASN B 255 2.33 -10.44 39.70
CA ASN B 255 1.02 -10.98 39.97
C ASN B 255 0.00 -10.29 39.07
N ILE B 256 -0.45 -11.01 38.05
CA ILE B 256 -1.36 -10.46 37.06
C ILE B 256 -2.72 -11.13 37.22
N ASP B 257 -3.71 -10.37 37.68
CA ASP B 257 -5.05 -10.90 37.90
C ASP B 257 -5.55 -11.59 36.64
N ARG B 258 -6.27 -12.70 36.81
CA ARG B 258 -6.76 -13.48 35.68
C ARG B 258 -7.57 -12.65 34.69
N PHE B 259 -8.24 -11.61 35.18
CA PHE B 259 -9.07 -10.73 34.36
C PHE B 259 -8.40 -9.44 33.91
N ALA B 260 -7.11 -9.32 34.17
CA ALA B 260 -6.42 -8.05 33.91
C ALA B 260 -6.46 -7.58 32.46
N PHE B 261 -6.42 -8.50 31.50
CA PHE B 261 -6.37 -8.12 30.09
C PHE B 261 -7.70 -8.22 29.34
N GLN B 262 -8.77 -8.58 30.06
CA GLN B 262 -10.05 -8.94 29.46
C GLN B 262 -10.66 -7.89 28.52
N ASN B 263 -10.39 -6.62 28.77
CA ASN B 263 -10.94 -5.56 27.93
C ASN B 263 -9.97 -5.07 26.86
N LEU B 264 -8.79 -5.68 26.75
CA LEU B 264 -7.87 -5.16 25.77
C LEU B 264 -8.00 -6.09 24.59
N THR B 265 -8.84 -5.74 23.64
CA THR B 265 -9.14 -6.68 22.57
C THR B 265 -8.28 -6.43 21.34
N GLN B 266 -7.59 -5.28 21.35
CA GLN B 266 -6.78 -4.85 20.22
C GLN B 266 -5.27 -5.09 20.34
N LEU B 267 -4.79 -5.68 21.44
CA LEU B 267 -3.35 -5.84 21.66
C LEU B 267 -2.72 -6.68 20.59
N ARG B 268 -1.76 -6.11 19.86
CA ARG B 268 -0.88 -6.88 18.97
C ARG B 268 0.48 -7.22 19.62
N TYR B 269 0.82 -6.54 20.71
CA TYR B 269 2.16 -6.63 21.31
C TYR B 269 2.08 -6.66 22.82
N LEU B 270 2.66 -7.70 23.40
CA LEU B 270 2.69 -7.81 24.86
C LEU B 270 4.11 -8.19 25.28
N ASN B 271 4.75 -7.33 26.09
CA ASN B 271 6.10 -7.62 26.59
C ASN B 271 6.06 -7.95 28.08
N LEU B 272 6.19 -9.24 28.38
CA LEU B 272 6.27 -9.78 29.74
C LEU B 272 7.67 -10.25 30.17
N SER B 273 8.67 -9.91 29.37
CA SER B 273 10.05 -10.27 29.68
C SER B 273 10.45 -9.91 31.10
N SER B 274 11.14 -10.81 31.76
CA SER B 274 11.74 -10.55 33.05
C SER B 274 10.70 -10.08 34.04
N THR B 275 9.57 -10.80 34.05
CA THR B 275 8.57 -10.62 35.09
C THR B 275 8.57 -11.74 36.12
N SER B 276 9.56 -12.63 36.00
CA SER B 276 9.71 -13.81 36.87
C SER B 276 8.51 -14.76 36.80
N LEU B 277 7.98 -14.99 35.60
CA LEU B 277 6.81 -15.86 35.49
C LEU B 277 7.15 -17.35 35.54
N ARG B 278 6.57 -18.08 36.48
CA ARG B 278 6.59 -19.54 36.42
C ARG B 278 5.39 -20.11 35.66
N LYS B 279 4.32 -19.34 35.56
CA LYS B 279 3.08 -19.81 34.96
C LYS B 279 2.43 -18.74 34.10
N ILE B 280 2.01 -19.13 32.91
CA ILE B 280 1.27 -18.24 32.03
C ILE B 280 -0.20 -18.63 32.10
N ASN B 281 -1.05 -17.68 32.47
CA ASN B 281 -2.48 -17.96 32.58
C ASN B 281 -3.13 -17.84 31.21
N ALA B 282 -3.72 -18.93 30.73
CA ALA B 282 -4.25 -18.96 29.37
C ALA B 282 -5.44 -18.02 29.24
N ALA B 283 -6.09 -17.74 30.37
CA ALA B 283 -7.24 -16.84 30.42
C ALA B 283 -6.85 -15.39 30.10
N TRP B 284 -5.56 -15.10 30.16
CA TRP B 284 -5.10 -13.75 29.83
C TRP B 284 -5.41 -13.44 28.39
N PHE B 285 -5.45 -14.49 27.56
CA PHE B 285 -5.60 -14.33 26.12
C PHE B 285 -6.98 -14.57 25.54
N LYS B 286 -7.95 -14.87 26.40
CA LYS B 286 -9.32 -15.20 25.98
C LYS B 286 -9.83 -14.17 24.98
N ASN B 287 -9.70 -12.90 25.36
CA ASN B 287 -10.21 -11.76 24.60
C ASN B 287 -9.23 -11.09 23.67
N MET B 288 -8.10 -11.75 23.41
CA MET B 288 -7.00 -11.10 22.71
C MET B 288 -6.72 -11.79 21.36
N PRO B 289 -7.67 -11.73 20.41
CA PRO B 289 -7.56 -12.46 19.14
C PRO B 289 -6.48 -11.91 18.19
N HIS B 290 -6.00 -10.70 18.45
CA HIS B 290 -5.03 -10.07 17.55
C HIS B 290 -3.55 -10.18 17.94
N LEU B 291 -3.25 -10.86 19.05
CA LEU B 291 -1.86 -10.88 19.53
C LEU B 291 -0.88 -11.39 18.47
N LYS B 292 0.10 -10.56 18.16
CA LYS B 292 1.07 -10.77 17.08
C LYS B 292 2.43 -11.19 17.62
N VAL B 293 2.93 -10.37 18.55
CA VAL B 293 4.23 -10.53 19.16
C VAL B 293 4.12 -10.71 20.69
N LEU B 294 4.79 -11.72 21.22
CA LEU B 294 4.75 -12.01 22.64
C LEU B 294 6.16 -12.22 23.19
N ASP B 295 6.60 -11.32 24.08
CA ASP B 295 7.94 -11.41 24.69
C ASP B 295 7.89 -12.01 26.08
N LEU B 296 8.34 -13.24 26.15
CA LEU B 296 8.47 -14.05 27.37
C LEU B 296 9.89 -14.28 27.91
N GLU B 297 10.88 -13.53 27.41
CA GLU B 297 12.26 -13.72 27.83
C GLU B 297 12.48 -13.50 29.32
N PHE B 298 13.56 -14.11 29.83
CA PHE B 298 14.06 -13.89 31.20
C PHE B 298 13.01 -14.14 32.27
N ASN B 299 12.31 -15.26 32.13
CA ASN B 299 11.32 -15.69 33.10
C ASN B 299 11.74 -17.08 33.47
N TYR B 300 10.91 -17.84 34.19
CA TYR B 300 11.24 -19.26 34.36
C TYR B 300 10.18 -20.12 33.70
N LEU B 301 10.31 -20.30 32.40
CA LEU B 301 9.24 -20.91 31.62
C LEU B 301 9.49 -22.33 31.12
N VAL B 302 10.65 -22.91 31.48
CA VAL B 302 11.00 -24.26 31.03
C VAL B 302 9.80 -25.20 31.24
N GLY B 303 9.20 -25.14 32.43
CA GLY B 303 8.02 -25.93 32.72
C GLY B 303 6.84 -25.57 31.82
N GLU B 304 6.49 -24.30 31.74
CA GLU B 304 5.42 -23.86 30.84
C GLU B 304 5.69 -24.18 29.36
N ILE B 305 6.96 -24.13 28.98
CA ILE B 305 7.33 -24.49 27.61
C ILE B 305 7.03 -25.98 27.36
N ALA B 306 7.09 -26.79 28.41
CA ALA B 306 6.82 -28.21 28.27
C ALA B 306 5.32 -28.54 28.20
N SER B 307 4.52 -27.72 28.89
CA SER B 307 3.07 -27.96 28.95
C SER B 307 2.36 -27.00 28.02
N GLY B 308 2.45 -25.71 28.33
CA GLY B 308 1.98 -24.67 27.44
C GLY B 308 0.52 -24.71 27.07
N ALA B 309 -0.35 -24.75 28.07
CA ALA B 309 -1.78 -24.62 27.83
C ALA B 309 -2.08 -23.32 27.09
N PHE B 310 -1.41 -22.22 27.47
CA PHE B 310 -1.65 -20.92 26.83
C PHE B 310 -1.40 -20.88 25.31
N LEU B 311 -0.64 -21.82 24.77
CA LEU B 311 -0.30 -21.77 23.34
C LEU B 311 -1.53 -21.97 22.47
N THR B 312 -2.50 -22.72 22.98
CA THR B 312 -3.76 -22.93 22.28
C THR B 312 -4.48 -21.61 22.03
N MET B 313 -4.17 -20.60 22.84
CA MET B 313 -4.84 -19.30 22.76
C MET B 313 -4.25 -18.32 21.73
N LEU B 314 -3.21 -18.73 21.02
CA LEU B 314 -2.49 -17.78 20.18
C LEU B 314 -2.29 -18.19 18.70
N PRO B 315 -3.38 -18.53 18.00
CA PRO B 315 -3.25 -18.97 16.61
C PRO B 315 -2.84 -17.87 15.63
N ARG B 316 -2.89 -16.60 16.05
CA ARG B 316 -2.41 -15.51 15.19
C ARG B 316 -1.01 -15.00 15.54
N LEU B 317 -0.40 -15.55 16.59
CA LEU B 317 0.90 -15.05 17.02
C LEU B 317 1.93 -15.28 15.91
N GLU B 318 2.60 -14.21 15.52
CA GLU B 318 3.72 -14.27 14.56
C GLU B 318 5.12 -14.48 15.15
N ILE B 319 5.38 -13.83 16.27
CA ILE B 319 6.69 -13.85 16.90
C ILE B 319 6.58 -14.23 18.38
N LEU B 320 7.22 -15.33 18.76
CA LEU B 320 7.26 -15.75 20.16
C LEU B 320 8.73 -15.74 20.63
N ASP B 321 9.02 -14.96 21.66
CA ASP B 321 10.38 -14.93 22.20
C ASP B 321 10.39 -15.51 23.60
N LEU B 322 10.93 -16.72 23.67
CA LEU B 322 11.07 -17.52 24.88
C LEU B 322 12.49 -17.59 25.46
N SER B 323 13.39 -16.77 24.94
CA SER B 323 14.81 -16.82 25.32
C SER B 323 15.12 -16.66 26.83
N PHE B 324 16.19 -17.32 27.29
CA PHE B 324 16.74 -17.12 28.65
C PHE B 324 15.76 -17.47 29.76
N ASN B 325 15.05 -18.57 29.54
CA ASN B 325 14.22 -19.18 30.56
C ASN B 325 14.87 -20.36 31.29
N TYR B 326 16.16 -20.59 31.05
CA TYR B 326 16.87 -21.73 31.65
C TYR B 326 16.69 -21.90 33.15
N ILE B 327 16.56 -23.17 33.57
CA ILE B 327 16.61 -23.52 34.97
C ILE B 327 18.06 -23.43 35.43
N LYS B 328 18.27 -22.66 36.49
CA LYS B 328 19.61 -22.43 37.04
C LYS B 328 20.30 -23.75 37.38
N GLY B 329 21.56 -23.89 36.96
CA GLY B 329 22.34 -25.08 37.27
C GLY B 329 21.93 -26.35 36.55
N SER B 330 21.11 -26.21 35.52
CA SER B 330 20.61 -27.37 34.80
C SER B 330 21.17 -27.38 33.37
N TYR B 331 21.68 -28.53 32.95
CA TYR B 331 22.20 -28.73 31.59
C TYR B 331 21.57 -30.00 30.98
N PRO B 332 20.24 -30.01 30.78
CA PRO B 332 19.54 -31.21 30.34
C PRO B 332 19.96 -31.71 28.96
N GLN B 333 19.70 -32.99 28.70
CA GLN B 333 20.08 -33.60 27.42
C GLN B 333 19.29 -33.00 26.27
N HIS B 334 17.99 -32.79 26.49
CA HIS B 334 17.12 -32.39 25.39
C HIS B 334 16.25 -31.18 25.72
N ILE B 335 15.77 -30.49 24.68
CA ILE B 335 14.78 -29.45 24.86
C ILE B 335 13.37 -30.08 24.85
N ASN B 336 12.56 -29.75 25.85
CA ASN B 336 11.19 -30.31 25.91
C ASN B 336 10.17 -29.28 25.46
N ILE B 337 9.65 -29.47 24.24
CA ILE B 337 8.76 -28.53 23.58
C ILE B 337 7.37 -29.15 23.50
N SER B 338 6.38 -28.52 24.12
CA SER B 338 5.01 -29.03 24.13
C SER B 338 4.45 -29.24 22.72
N ARG B 339 3.65 -30.29 22.57
CA ARG B 339 2.88 -30.54 21.35
C ARG B 339 2.03 -29.33 20.99
N ASN B 340 1.62 -28.60 22.03
CA ASN B 340 0.81 -27.42 21.87
C ASN B 340 1.41 -26.32 20.98
N PHE B 341 2.73 -26.38 20.74
CA PHE B 341 3.36 -25.49 19.79
C PHE B 341 2.79 -25.67 18.38
N SER B 342 2.22 -26.85 18.12
CA SER B 342 1.63 -27.11 16.81
C SER B 342 0.36 -26.28 16.63
N LYS B 343 -0.08 -25.68 17.73
CA LYS B 343 -1.26 -24.83 17.69
C LYS B 343 -0.97 -23.39 17.29
N LEU B 344 0.30 -23.04 17.09
CA LEU B 344 0.56 -21.66 16.73
C LEU B 344 0.69 -21.61 15.23
N LEU B 345 -0.44 -21.40 14.58
CA LEU B 345 -0.53 -21.67 13.16
C LEU B 345 0.00 -20.50 12.36
N SER B 346 0.06 -19.33 12.99
CA SER B 346 0.62 -18.15 12.31
C SER B 346 2.10 -17.85 12.65
N LEU B 347 2.75 -18.71 13.42
CA LEU B 347 4.13 -18.45 13.85
C LEU B 347 5.09 -18.27 12.67
N ARG B 348 5.86 -17.20 12.74
CA ARG B 348 6.86 -16.83 11.73
C ARG B 348 8.27 -17.03 12.28
N ALA B 349 8.51 -16.43 13.45
CA ALA B 349 9.80 -16.50 14.11
C ALA B 349 9.66 -17.06 15.55
N LEU B 350 10.53 -18.01 15.88
CA LEU B 350 10.57 -18.58 17.23
C LEU B 350 11.96 -18.42 17.84
N HIS B 351 12.04 -17.75 18.98
CA HIS B 351 13.33 -17.48 19.62
C HIS B 351 13.46 -18.25 20.91
N LEU B 352 14.31 -19.29 20.90
CA LEU B 352 14.63 -19.95 22.13
C LEU B 352 16.14 -19.92 22.35
N ARG B 353 16.61 -18.85 22.95
CA ARG B 353 18.01 -18.72 23.21
C ARG B 353 18.08 -18.96 24.67
N GLY B 354 19.21 -19.50 25.15
CA GLY B 354 19.41 -19.65 26.57
C GLY B 354 18.38 -20.52 27.26
N TYR B 355 17.90 -21.53 26.57
CA TYR B 355 17.17 -22.61 27.24
C TYR B 355 18.19 -23.54 27.91
N VAL B 356 19.36 -23.73 27.29
CA VAL B 356 20.38 -24.67 27.81
C VAL B 356 20.07 -26.17 27.77
N PHE B 357 20.39 -26.80 26.64
CA PHE B 357 20.28 -28.25 26.46
C PHE B 357 21.45 -28.79 25.61
N GLN B 358 21.76 -30.09 25.76
CA GLN B 358 22.95 -30.68 25.15
C GLN B 358 22.85 -31.11 23.67
N GLU B 359 21.69 -31.65 23.30
CA GLU B 359 21.52 -32.33 22.02
C GLU B 359 20.17 -31.99 21.41
N LEU B 360 20.13 -31.69 20.11
CA LEU B 360 18.84 -31.49 19.46
C LEU B 360 18.50 -32.69 18.59
N ARG B 361 17.44 -33.40 18.95
CA ARG B 361 16.99 -34.57 18.21
C ARG B 361 15.75 -34.27 17.36
N GLU B 362 15.61 -34.98 16.25
CA GLU B 362 14.50 -34.78 15.30
C GLU B 362 13.15 -34.75 16.00
N ASP B 363 12.86 -35.80 16.76
CA ASP B 363 11.61 -35.87 17.53
C ASP B 363 11.35 -34.68 18.45
N ASP B 364 12.42 -34.05 18.94
CA ASP B 364 12.26 -32.91 19.84
C ASP B 364 11.53 -31.73 19.21
N PHE B 365 11.74 -31.51 17.91
CA PHE B 365 11.09 -30.42 17.19
C PHE B 365 9.80 -30.74 16.41
N GLN B 366 9.27 -31.95 16.56
CA GLN B 366 8.04 -32.36 15.86
C GLN B 366 6.91 -31.33 15.86
N PRO B 367 6.49 -30.82 17.02
CA PRO B 367 5.33 -29.91 17.01
C PRO B 367 5.50 -28.66 16.12
N LEU B 368 6.74 -28.29 15.79
CA LEU B 368 6.97 -27.10 15.02
C LEU B 368 6.99 -27.38 13.53
N MET B 369 6.99 -28.66 13.17
CA MET B 369 7.29 -29.04 11.78
C MET B 369 6.14 -28.81 10.78
N GLN B 370 4.91 -28.69 11.27
CA GLN B 370 3.79 -28.42 10.36
C GLN B 370 3.35 -26.97 10.29
N LEU B 371 3.99 -26.09 11.07
CA LEU B 371 3.66 -24.67 11.04
C LEU B 371 3.98 -24.09 9.68
N PRO B 372 2.95 -23.60 8.97
CA PRO B 372 3.04 -23.16 7.57
C PRO B 372 3.96 -21.97 7.32
N ASN B 373 3.98 -21.01 8.26
CA ASN B 373 4.76 -19.78 8.09
C ASN B 373 6.09 -19.65 8.86
N LEU B 374 6.54 -20.70 9.56
CA LEU B 374 7.71 -20.52 10.42
C LEU B 374 8.95 -20.48 9.54
N SER B 375 9.55 -19.29 9.43
CA SER B 375 10.76 -19.12 8.65
C SER B 375 12.06 -18.93 9.46
N THR B 376 11.92 -18.74 10.77
CA THR B 376 13.07 -18.46 11.63
C THR B 376 13.01 -19.25 12.94
N ILE B 377 14.00 -20.13 13.16
CA ILE B 377 14.25 -20.69 14.50
C ILE B 377 15.54 -20.08 15.04
N ASN B 378 15.52 -19.59 16.28
CA ASN B 378 16.71 -19.00 16.88
C ASN B 378 17.13 -19.84 18.10
N LEU B 379 18.19 -20.60 17.92
CA LEU B 379 18.78 -21.46 18.95
C LEU B 379 20.11 -20.97 19.56
N GLY B 380 20.49 -19.74 19.29
CA GLY B 380 21.71 -19.18 19.87
C GLY B 380 21.87 -19.35 21.38
N ILE B 381 23.13 -19.48 21.82
CA ILE B 381 23.49 -19.54 23.24
C ILE B 381 22.73 -20.60 24.04
N ASN B 382 22.65 -21.81 23.52
CA ASN B 382 22.11 -22.94 24.28
C ASN B 382 23.13 -23.94 24.82
N PHE B 383 24.40 -23.69 24.52
CA PHE B 383 25.47 -24.67 24.79
C PHE B 383 25.21 -26.06 24.22
N ILE B 384 24.58 -26.09 23.05
CA ILE B 384 24.27 -27.33 22.36
C ILE B 384 25.53 -27.99 21.82
N LYS B 385 25.74 -29.27 22.20
CA LYS B 385 26.86 -30.08 21.74
C LYS B 385 26.65 -30.73 20.37
N GLN B 386 25.44 -31.25 20.13
CA GLN B 386 25.18 -31.98 18.89
C GLN B 386 23.77 -31.79 18.34
N ILE B 387 23.67 -31.77 17.02
CA ILE B 387 22.40 -31.56 16.35
C ILE B 387 22.21 -32.61 15.27
N ASP B 388 21.00 -33.15 15.17
CA ASP B 388 20.70 -34.04 14.06
C ASP B 388 20.11 -33.16 12.98
N PHE B 389 20.90 -32.88 11.96
CA PHE B 389 20.62 -31.79 11.03
C PHE B 389 19.49 -32.10 10.06
N LYS B 390 19.15 -33.38 9.95
CA LYS B 390 18.10 -33.80 9.04
C LYS B 390 16.77 -33.19 9.43
N LEU B 391 16.60 -32.88 10.72
CA LEU B 391 15.31 -32.41 11.24
C LEU B 391 14.85 -31.14 10.53
N PHE B 392 15.80 -30.30 10.14
CA PHE B 392 15.48 -29.02 9.52
C PHE B 392 14.78 -29.21 8.18
N GLN B 393 15.12 -30.29 7.48
CA GLN B 393 14.51 -30.61 6.20
C GLN B 393 13.00 -30.83 6.35
N ASN B 394 12.60 -31.44 7.46
CA ASN B 394 11.20 -31.82 7.68
C ASN B 394 10.30 -30.63 7.97
N PHE B 395 10.90 -29.44 8.12
CA PHE B 395 10.16 -28.19 8.25
C PHE B 395 9.69 -27.72 6.88
N SER B 396 8.60 -26.95 6.84
CA SER B 396 8.11 -26.43 5.57
C SER B 396 8.96 -25.29 5.04
N ASN B 397 8.89 -24.16 5.74
CA ASN B 397 9.35 -22.88 5.24
C ASN B 397 10.70 -22.29 5.70
N LEU B 398 11.52 -23.00 6.48
CA LEU B 398 12.64 -22.34 7.18
C LEU B 398 13.54 -21.59 6.24
N GLU B 399 13.66 -20.28 6.46
CA GLU B 399 14.62 -19.47 5.74
C GLU B 399 15.88 -19.11 6.53
N ILE B 400 15.79 -19.20 7.85
CA ILE B 400 16.88 -18.83 8.74
C ILE B 400 16.98 -19.85 9.84
N ILE B 401 18.07 -20.62 9.85
CA ILE B 401 18.33 -21.56 10.93
C ILE B 401 19.52 -20.95 11.68
N TYR B 402 19.25 -20.44 12.89
CA TYR B 402 20.28 -19.68 13.58
C TYR B 402 20.81 -20.47 14.76
N LEU B 403 21.99 -21.04 14.55
CA LEU B 403 22.68 -21.87 15.53
C LEU B 403 23.90 -21.22 16.20
N SER B 404 24.14 -19.94 15.93
CA SER B 404 25.32 -19.24 16.43
C SER B 404 25.54 -19.40 17.92
N GLU B 405 26.82 -19.48 18.32
CA GLU B 405 27.21 -19.48 19.74
C GLU B 405 26.64 -20.66 20.50
N ASN B 406 27.12 -21.84 20.14
CA ASN B 406 26.76 -23.07 20.83
C ASN B 406 28.05 -23.86 20.95
N ARG B 407 27.94 -25.13 21.33
CA ARG B 407 29.09 -26.04 21.44
C ARG B 407 29.28 -27.01 20.29
N ILE B 408 28.54 -26.82 19.21
CA ILE B 408 28.51 -27.82 18.14
C ILE B 408 29.89 -28.19 17.61
N SER B 409 30.16 -29.49 17.58
CA SER B 409 31.47 -30.02 17.23
C SER B 409 31.35 -30.88 15.96
N PRO B 410 32.48 -31.40 15.43
CA PRO B 410 32.35 -32.08 14.13
C PRO B 410 31.52 -33.37 14.14
N LEU B 411 30.92 -33.68 12.98
CA LEU B 411 30.18 -34.92 12.67
C LEU B 411 28.70 -34.90 13.09
N PHE B 437 25.39 6.83 30.15
CA PHE B 437 24.56 5.64 30.29
C PHE B 437 24.83 4.58 29.20
N GLU B 438 24.85 3.30 29.60
CA GLU B 438 25.26 2.21 28.71
C GLU B 438 24.10 1.58 27.93
N PHE B 439 22.88 1.95 28.27
CA PHE B 439 21.73 1.39 27.57
C PHE B 439 21.03 2.43 26.70
N ASP B 440 20.84 2.09 25.42
CA ASP B 440 20.16 2.97 24.49
C ASP B 440 18.71 3.05 24.90
N PRO B 441 18.25 4.25 25.28
CA PRO B 441 16.85 4.40 25.70
C PRO B 441 15.87 4.18 24.56
N HIS B 442 16.38 4.19 23.32
CA HIS B 442 15.54 3.97 22.15
C HIS B 442 15.54 2.56 21.58
N SER B 443 16.23 1.64 22.25
CA SER B 443 16.38 0.27 21.74
C SER B 443 15.67 -0.69 22.64
N ASN B 444 15.37 -1.88 22.11
CA ASN B 444 14.90 -2.97 22.95
C ASN B 444 15.95 -3.28 24.01
N PHE B 445 15.51 -3.36 25.27
CA PHE B 445 16.40 -3.57 26.41
C PHE B 445 16.79 -5.04 26.57
N TYR B 446 15.89 -5.95 26.21
CA TYR B 446 16.12 -7.37 26.48
C TYR B 446 16.77 -8.18 25.35
N HIS B 447 16.92 -7.59 24.17
CA HIS B 447 17.72 -8.21 23.10
C HIS B 447 18.19 -7.23 22.02
N PHE B 448 19.23 -7.63 21.29
CA PHE B 448 19.63 -6.88 20.11
C PHE B 448 18.53 -7.05 19.06
N THR B 449 18.23 -5.99 18.33
CA THR B 449 17.22 -6.07 17.27
C THR B 449 17.78 -6.21 15.84
N ARG B 450 19.10 -6.22 15.70
CA ARG B 450 19.70 -6.38 14.37
C ARG B 450 19.31 -7.73 13.76
N PRO B 451 19.34 -7.82 12.43
CA PRO B 451 19.01 -9.08 11.77
C PRO B 451 19.92 -10.18 12.26
N LEU B 452 19.38 -11.38 12.43
CA LEU B 452 20.18 -12.54 12.79
C LEU B 452 21.28 -12.78 11.76
N ILE B 453 20.90 -12.77 10.49
CA ILE B 453 21.84 -13.04 9.41
C ILE B 453 22.03 -11.75 8.65
N LYS B 454 23.25 -11.49 8.18
CA LYS B 454 23.47 -10.32 7.34
C LYS B 454 22.51 -10.38 6.16
N PRO B 455 21.81 -9.27 5.91
CA PRO B 455 20.81 -9.24 4.83
C PRO B 455 21.41 -9.58 3.45
N GLN B 456 22.66 -9.20 3.21
CA GLN B 456 23.33 -9.52 1.95
C GLN B 456 23.51 -11.02 1.74
N CYS B 457 23.70 -11.74 2.84
CA CYS B 457 23.80 -13.20 2.80
C CYS B 457 22.41 -13.85 2.70
N ALA B 458 21.48 -13.39 3.53
CA ALA B 458 20.16 -14.00 3.64
C ALA B 458 19.33 -13.84 2.37
N ALA B 459 19.65 -12.81 1.60
CA ALA B 459 18.94 -12.49 0.37
C ALA B 459 19.17 -13.53 -0.74
N TYR B 460 20.18 -14.38 -0.57
CA TYR B 460 20.43 -15.38 -1.59
C TYR B 460 19.52 -16.60 -1.42
N GLY B 461 18.95 -16.78 -0.24
CA GLY B 461 18.13 -17.96 -0.01
C GLY B 461 18.24 -18.47 1.41
N LYS B 462 17.88 -19.74 1.62
CA LYS B 462 17.95 -20.36 2.94
C LYS B 462 19.32 -20.16 3.60
N ALA B 463 19.30 -19.79 4.87
CA ALA B 463 20.50 -19.39 5.58
C ALA B 463 20.72 -20.23 6.83
N LEU B 464 21.92 -20.81 6.95
CA LEU B 464 22.30 -21.59 8.13
C LEU B 464 23.49 -20.93 8.81
N ASP B 465 23.29 -20.50 10.06
CA ASP B 465 24.36 -19.83 10.77
C ASP B 465 24.93 -20.73 11.88
N LEU B 466 26.11 -21.28 11.62
CA LEU B 466 26.85 -22.11 12.56
C LEU B 466 28.00 -21.39 13.27
N SER B 467 28.04 -20.07 13.12
CA SER B 467 29.15 -19.29 13.63
C SER B 467 29.29 -19.42 15.14
N LEU B 468 30.48 -19.14 15.63
CA LEU B 468 30.78 -19.25 17.06
C LEU B 468 30.46 -20.63 17.63
N ASN B 469 30.81 -21.66 16.88
CA ASN B 469 30.76 -23.05 17.36
C ASN B 469 32.15 -23.71 17.36
N SER B 470 32.18 -25.00 17.64
CA SER B 470 33.40 -25.83 17.64
C SER B 470 33.69 -26.69 16.39
N ILE B 471 33.08 -26.40 15.25
CA ILE B 471 33.28 -27.33 14.16
C ILE B 471 34.64 -26.99 13.54
N PHE B 472 35.65 -27.71 13.99
CA PHE B 472 37.02 -27.33 13.69
C PHE B 472 37.55 -28.08 12.48
N PHE B 473 36.80 -29.11 12.11
CA PHE B 473 37.11 -29.89 10.93
C PHE B 473 35.78 -30.30 10.32
N ILE B 474 35.62 -30.07 9.03
CA ILE B 474 34.41 -30.51 8.37
C ILE B 474 34.66 -31.90 7.79
N GLY B 475 33.89 -32.88 8.25
CA GLY B 475 34.03 -34.25 7.80
C GLY B 475 33.17 -34.51 6.58
N PRO B 476 33.25 -35.73 6.02
CA PRO B 476 32.57 -36.04 4.76
C PRO B 476 31.05 -35.91 4.84
N ASN B 477 30.47 -36.25 5.99
CA ASN B 477 29.02 -36.23 6.15
C ASN B 477 28.41 -35.01 6.84
N GLN B 478 29.25 -34.05 7.23
CA GLN B 478 28.85 -32.92 8.08
C GLN B 478 27.59 -32.20 7.61
N PHE B 479 27.52 -31.93 6.32
CA PHE B 479 26.42 -31.16 5.74
C PHE B 479 25.31 -31.97 5.06
N GLU B 480 25.35 -33.30 5.19
CA GLU B 480 24.33 -34.14 4.57
C GLU B 480 22.95 -33.89 5.18
N ASN B 481 21.91 -34.18 4.39
CA ASN B 481 20.51 -34.05 4.82
C ASN B 481 20.15 -32.61 5.20
N LEU B 482 20.85 -31.65 4.61
CA LEU B 482 20.52 -30.25 4.79
C LEU B 482 19.56 -29.79 3.72
N PRO B 483 18.81 -28.70 4.01
CA PRO B 483 18.06 -28.01 2.96
C PRO B 483 19.03 -27.45 1.93
N ASP B 484 18.52 -26.77 0.92
CA ASP B 484 19.42 -26.29 -0.10
C ASP B 484 19.83 -24.92 0.41
N ILE B 485 21.05 -24.87 0.95
CA ILE B 485 21.52 -23.70 1.67
C ILE B 485 22.16 -22.73 0.69
N ALA B 486 21.61 -21.53 0.62
CA ALA B 486 22.24 -20.44 -0.15
C ALA B 486 23.30 -19.64 0.60
N CYS B 487 23.07 -19.46 1.91
CA CYS B 487 23.88 -18.57 2.74
C CYS B 487 24.39 -19.35 3.96
N LEU B 488 25.71 -19.41 4.14
CA LEU B 488 26.27 -20.28 5.20
C LEU B 488 27.36 -19.54 5.97
N ASN B 489 27.20 -19.51 7.29
CA ASN B 489 28.14 -18.81 8.16
C ASN B 489 28.89 -19.83 9.01
N LEU B 490 30.17 -20.03 8.68
CA LEU B 490 31.08 -20.90 9.43
C LEU B 490 32.05 -20.15 10.33
N SER B 491 31.88 -18.84 10.43
CA SER B 491 32.80 -17.97 11.14
C SER B 491 33.10 -18.40 12.57
N ALA B 492 34.37 -18.28 12.95
CA ALA B 492 34.83 -18.54 14.33
C ALA B 492 34.54 -19.96 14.84
N ASN B 493 34.84 -20.95 14.01
CA ASN B 493 34.80 -22.35 14.43
C ASN B 493 36.16 -22.98 14.78
N SER B 494 37.23 -22.19 14.81
CA SER B 494 38.59 -22.70 15.04
C SER B 494 38.98 -23.73 13.98
N ASN B 495 38.51 -23.53 12.75
CA ASN B 495 38.77 -24.53 11.72
C ASN B 495 40.18 -24.38 11.19
N ALA B 496 40.98 -25.42 11.41
CA ALA B 496 42.35 -25.50 10.95
C ALA B 496 42.58 -26.34 9.69
N GLN B 497 41.52 -26.87 9.10
CA GLN B 497 41.68 -27.87 8.04
C GLN B 497 42.13 -27.32 6.68
N VAL B 498 42.63 -28.22 5.84
CA VAL B 498 42.96 -27.84 4.47
C VAL B 498 41.74 -28.16 3.62
N LEU B 499 41.03 -27.13 3.16
CA LEU B 499 39.84 -27.35 2.36
C LEU B 499 40.30 -27.93 1.03
N SER B 500 39.77 -29.10 0.69
CA SER B 500 40.27 -29.89 -0.45
C SER B 500 39.41 -29.87 -1.69
N GLY B 501 38.23 -29.27 -1.59
CA GLY B 501 37.29 -29.26 -2.70
C GLY B 501 36.14 -30.25 -2.65
N THR B 502 36.10 -31.11 -1.63
CA THR B 502 34.95 -31.98 -1.39
C THR B 502 34.02 -31.64 -0.23
N GLU B 503 34.41 -30.68 0.62
CA GLU B 503 33.76 -30.54 1.94
C GLU B 503 32.30 -30.08 1.84
N PHE B 504 32.02 -29.22 0.89
CA PHE B 504 30.69 -28.61 0.72
C PHE B 504 29.81 -29.32 -0.31
N SER B 505 30.24 -30.51 -0.75
CA SER B 505 29.54 -31.26 -1.80
C SER B 505 28.04 -31.51 -1.56
N ALA B 506 27.63 -31.64 -0.30
CA ALA B 506 26.22 -31.94 0.01
C ALA B 506 25.35 -30.69 0.03
N ILE B 507 25.99 -29.53 -0.04
CA ILE B 507 25.29 -28.27 -0.24
C ILE B 507 26.03 -27.42 -1.27
N PRO B 508 26.08 -27.89 -2.53
CA PRO B 508 26.84 -27.24 -3.60
C PRO B 508 26.27 -25.88 -4.02
N HIS B 509 25.06 -25.58 -3.53
CA HIS B 509 24.39 -24.36 -3.97
C HIS B 509 24.63 -23.09 -3.15
N VAL B 510 25.52 -23.17 -2.16
CA VAL B 510 25.87 -21.98 -1.38
C VAL B 510 26.38 -20.82 -2.26
N LYS B 511 25.69 -19.68 -2.17
CA LYS B 511 26.11 -18.45 -2.84
C LYS B 511 27.06 -17.58 -2.03
N TYR B 512 26.77 -17.47 -0.74
CA TYR B 512 27.49 -16.57 0.16
C TYR B 512 28.08 -17.41 1.28
N LEU B 513 29.41 -17.45 1.37
CA LEU B 513 30.08 -18.26 2.40
C LEU B 513 31.00 -17.42 3.29
N ASP B 514 30.75 -17.47 4.60
CA ASP B 514 31.52 -16.73 5.59
C ASP B 514 32.42 -17.72 6.30
N LEU B 515 33.72 -17.63 6.01
CA LEU B 515 34.73 -18.45 6.68
C LEU B 515 35.55 -17.68 7.72
N THR B 516 35.18 -16.43 7.99
CA THR B 516 36.02 -15.54 8.81
C THR B 516 36.39 -16.04 10.21
N ASN B 517 37.54 -15.59 10.69
CA ASN B 517 37.95 -15.84 12.07
C ASN B 517 38.13 -17.32 12.38
N ASN B 518 38.75 -18.03 11.45
CA ASN B 518 39.15 -19.40 11.67
C ASN B 518 40.67 -19.45 11.57
N ARG B 519 41.29 -20.63 11.65
CA ARG B 519 42.69 -20.66 11.26
C ARG B 519 42.81 -21.59 10.08
N LEU B 520 42.65 -21.06 8.89
CA LEU B 520 42.48 -21.95 7.77
C LEU B 520 43.81 -22.11 7.07
N ASP B 521 44.10 -23.35 6.72
CA ASP B 521 45.36 -23.69 6.12
C ASP B 521 45.03 -23.84 4.64
N PHE B 522 45.44 -22.88 3.81
CA PHE B 522 45.03 -23.04 2.42
C PHE B 522 46.22 -23.70 1.76
N ASP B 523 46.16 -25.02 1.73
CA ASP B 523 47.18 -25.87 1.12
C ASP B 523 46.75 -26.60 -0.14
N ASN B 524 45.50 -26.42 -0.57
CA ASN B 524 44.99 -27.18 -1.70
C ASN B 524 44.31 -26.29 -2.73
N ALA B 525 44.77 -26.41 -3.98
CA ALA B 525 44.32 -25.55 -5.07
C ALA B 525 42.88 -25.79 -5.47
N SER B 526 42.30 -26.90 -5.01
CA SER B 526 40.91 -27.21 -5.34
C SER B 526 39.90 -26.74 -4.29
N ALA B 527 40.38 -26.04 -3.26
CA ALA B 527 39.54 -25.60 -2.15
C ALA B 527 38.30 -24.83 -2.58
N LEU B 528 37.14 -25.27 -2.08
CA LEU B 528 35.86 -24.56 -2.29
C LEU B 528 35.31 -24.63 -3.73
N THR B 529 36.06 -25.25 -4.63
CA THR B 529 35.68 -25.30 -6.04
C THR B 529 34.36 -26.03 -6.28
N GLU B 530 33.98 -26.91 -5.36
CA GLU B 530 32.72 -27.63 -5.47
C GLU B 530 31.49 -26.71 -5.37
N LEU B 531 31.70 -25.44 -5.00
CA LEU B 531 30.57 -24.53 -5.02
C LEU B 531 30.71 -23.70 -6.30
N SER B 532 29.92 -24.07 -7.31
CA SER B 532 30.08 -23.49 -8.64
C SER B 532 29.42 -22.14 -8.69
N ASP B 533 28.35 -22.01 -7.91
CA ASP B 533 27.55 -20.81 -7.89
C ASP B 533 28.03 -19.81 -6.84
N LEU B 534 29.15 -20.12 -6.18
CA LEU B 534 29.66 -19.23 -5.13
C LEU B 534 29.85 -17.82 -5.69
N GLU B 535 29.27 -16.86 -4.98
CA GLU B 535 29.30 -15.47 -5.40
C GLU B 535 30.12 -14.63 -4.44
N VAL B 536 29.76 -14.64 -3.16
CA VAL B 536 30.53 -13.93 -2.14
C VAL B 536 31.31 -14.86 -1.20
N LEU B 537 32.61 -14.62 -1.06
CA LEU B 537 33.46 -15.41 -0.17
C LEU B 537 34.23 -14.52 0.82
N ASP B 538 33.96 -14.65 2.12
CA ASP B 538 34.66 -13.88 3.15
C ASP B 538 35.69 -14.74 3.88
N LEU B 539 36.96 -14.49 3.58
CA LEU B 539 38.08 -15.19 4.22
C LEU B 539 38.82 -14.39 5.31
N SER B 540 38.29 -13.23 5.70
CA SER B 540 38.94 -12.35 6.68
C SER B 540 39.32 -13.06 7.98
N TYR B 541 40.47 -12.68 8.55
CA TYR B 541 40.90 -13.18 9.85
C TYR B 541 41.23 -14.68 9.89
N ASN B 542 41.82 -15.15 8.80
CA ASN B 542 42.50 -16.45 8.70
C ASN B 542 44.04 -16.42 8.79
N SER B 543 44.59 -15.37 9.37
CA SER B 543 46.04 -15.14 9.34
C SER B 543 46.98 -16.26 9.84
N HIS B 544 46.45 -17.22 10.61
CA HIS B 544 47.26 -18.21 11.33
C HIS B 544 48.38 -18.82 10.47
N TYR B 545 48.01 -19.51 9.40
CA TYR B 545 49.02 -20.16 8.58
C TYR B 545 49.71 -19.25 7.58
N PHE B 546 49.03 -18.16 7.18
CA PHE B 546 49.64 -17.20 6.28
C PHE B 546 50.88 -16.56 6.89
N ARG B 547 50.86 -16.35 8.20
CA ARG B 547 51.95 -15.65 8.83
C ARG B 547 53.21 -16.50 8.96
N ILE B 548 53.10 -17.80 8.68
CA ILE B 548 54.25 -18.69 8.76
C ILE B 548 54.94 -18.85 7.39
N ALA B 549 56.14 -18.30 7.25
CA ALA B 549 56.84 -18.30 5.97
C ALA B 549 57.15 -19.72 5.49
N GLY B 550 57.40 -20.61 6.44
CA GLY B 550 57.89 -21.95 6.14
C GLY B 550 56.86 -22.96 5.69
N VAL B 551 55.59 -22.68 5.94
CA VAL B 551 54.58 -23.58 5.44
C VAL B 551 54.11 -23.09 4.06
N THR B 552 53.31 -23.88 3.39
CA THR B 552 52.93 -23.53 2.02
C THR B 552 51.60 -22.79 2.03
N HIS B 553 51.43 -21.86 1.10
CA HIS B 553 50.20 -21.10 0.98
C HIS B 553 49.74 -21.07 -0.46
N HIS B 554 48.49 -21.47 -0.69
CA HIS B 554 47.92 -21.55 -2.04
C HIS B 554 46.59 -20.84 -2.17
N LEU B 555 46.57 -19.75 -2.95
CA LEU B 555 45.33 -19.05 -3.33
C LEU B 555 44.76 -19.36 -4.75
N GLU B 556 45.36 -20.29 -5.48
CA GLU B 556 44.96 -20.56 -6.88
C GLU B 556 43.49 -20.92 -7.10
N PHE B 557 42.81 -21.42 -6.06
CA PHE B 557 41.41 -21.85 -6.20
C PHE B 557 40.46 -20.74 -6.61
N ILE B 558 40.92 -19.48 -6.54
CA ILE B 558 40.09 -18.34 -6.88
C ILE B 558 39.66 -18.36 -8.35
N GLN B 559 40.56 -18.80 -9.23
CA GLN B 559 40.30 -18.76 -10.68
C GLN B 559 39.23 -19.73 -11.15
N ASN B 560 38.93 -20.73 -10.33
CA ASN B 560 38.07 -21.82 -10.74
C ASN B 560 36.59 -21.46 -10.66
N PHE B 561 36.29 -20.28 -10.11
CA PHE B 561 34.91 -19.85 -9.93
C PHE B 561 34.40 -19.01 -11.09
N THR B 562 33.27 -19.40 -11.66
CA THR B 562 32.68 -18.65 -12.77
C THR B 562 31.87 -17.44 -12.31
N ASN B 563 31.13 -17.62 -11.22
CA ASN B 563 30.28 -16.56 -10.68
C ASN B 563 30.79 -15.75 -9.47
N LEU B 564 32.04 -15.99 -9.07
CA LEU B 564 32.59 -15.31 -7.91
C LEU B 564 32.67 -13.79 -8.11
N LYS B 565 32.04 -13.03 -7.20
CA LYS B 565 31.93 -11.58 -7.33
C LYS B 565 32.74 -10.84 -6.28
N VAL B 566 32.42 -11.12 -5.01
CA VAL B 566 33.06 -10.45 -3.87
C VAL B 566 34.01 -11.38 -3.08
N LEU B 567 35.28 -11.02 -3.04
CA LEU B 567 36.26 -11.77 -2.25
C LEU B 567 36.95 -10.90 -1.19
N ASN B 568 36.72 -11.22 0.09
CA ASN B 568 37.37 -10.49 1.19
C ASN B 568 38.52 -11.32 1.79
N LEU B 569 39.74 -10.90 1.52
CA LEU B 569 40.96 -11.50 2.08
C LEU B 569 41.55 -10.72 3.27
N SER B 570 40.76 -9.79 3.83
CA SER B 570 41.29 -8.85 4.83
C SER B 570 41.92 -9.48 6.08
N HIS B 571 42.91 -8.78 6.63
CA HIS B 571 43.54 -9.16 7.90
C HIS B 571 44.05 -10.60 7.93
N ASN B 572 44.62 -11.03 6.81
CA ASN B 572 45.28 -12.33 6.72
C ASN B 572 46.80 -12.29 6.82
N ASN B 573 47.35 -11.08 6.87
CA ASN B 573 48.80 -10.89 6.90
C ASN B 573 49.53 -11.68 5.82
N ILE B 574 49.05 -11.57 4.58
CA ILE B 574 49.61 -12.39 3.52
C ILE B 574 50.83 -11.65 3.00
N TYR B 575 52.01 -12.18 3.28
CA TYR B 575 53.23 -11.73 2.63
C TYR B 575 53.92 -12.71 1.68
N THR B 576 53.45 -13.95 1.61
CA THR B 576 54.16 -14.97 0.82
C THR B 576 53.21 -16.05 0.33
N LEU B 577 53.44 -16.51 -0.90
CA LEU B 577 52.60 -17.55 -1.51
C LEU B 577 53.51 -18.58 -2.18
N THR B 578 53.00 -19.80 -2.35
CA THR B 578 53.79 -20.88 -2.93
C THR B 578 53.51 -21.13 -4.41
N ASP B 579 54.55 -20.93 -5.23
CA ASP B 579 54.59 -21.32 -6.65
C ASP B 579 53.71 -20.47 -7.56
N LYS B 580 52.67 -19.87 -6.99
CA LYS B 580 51.73 -19.07 -7.78
C LYS B 580 51.53 -17.74 -7.07
N TYR B 581 52.04 -16.69 -7.70
CA TYR B 581 52.17 -15.40 -7.05
C TYR B 581 51.03 -14.46 -7.39
N ASN B 582 50.16 -14.88 -8.30
CA ASN B 582 49.13 -13.99 -8.85
C ASN B 582 47.72 -14.43 -8.51
N LEU B 583 46.87 -13.46 -8.25
CA LEU B 583 45.45 -13.75 -8.07
C LEU B 583 44.79 -13.56 -9.42
N GLU B 584 43.94 -14.51 -9.80
CA GLU B 584 43.31 -14.49 -11.12
C GLU B 584 41.85 -14.92 -11.05
N SER B 585 40.98 -14.10 -11.63
CA SER B 585 39.58 -14.47 -11.80
C SER B 585 39.01 -13.72 -12.99
N LYS B 586 38.14 -14.36 -13.76
CA LYS B 586 37.43 -13.68 -14.84
C LYS B 586 36.19 -12.95 -14.34
N SER B 587 35.58 -13.50 -13.29
CA SER B 587 34.36 -12.94 -12.69
C SER B 587 34.53 -11.84 -11.64
N LEU B 588 35.62 -11.90 -10.88
CA LEU B 588 35.74 -11.10 -9.65
C LEU B 588 35.54 -9.60 -9.83
N VAL B 589 34.62 -9.05 -9.05
CA VAL B 589 34.27 -7.63 -9.10
C VAL B 589 35.02 -6.85 -8.02
N GLU B 590 34.84 -7.26 -6.77
CA GLU B 590 35.44 -6.58 -5.63
C GLU B 590 36.43 -7.44 -4.85
N LEU B 591 37.63 -6.91 -4.64
CA LEU B 591 38.64 -7.58 -3.82
C LEU B 591 39.00 -6.71 -2.62
N VAL B 592 38.77 -7.21 -1.41
CA VAL B 592 39.18 -6.48 -0.21
C VAL B 592 40.47 -7.08 0.30
N PHE B 593 41.56 -6.36 0.08
CA PHE B 593 42.90 -6.80 0.45
C PHE B 593 43.44 -6.19 1.75
N SER B 594 42.58 -5.48 2.49
CA SER B 594 43.07 -4.74 3.66
C SER B 594 43.79 -5.61 4.70
N GLY B 595 44.74 -5.00 5.40
CA GLY B 595 45.40 -5.66 6.52
C GLY B 595 46.26 -6.85 6.15
N ASN B 596 46.88 -6.80 4.99
CA ASN B 596 47.87 -7.79 4.59
C ASN B 596 49.20 -7.06 4.45
N ARG B 597 50.25 -7.71 3.99
CA ARG B 597 51.49 -6.96 3.81
C ARG B 597 51.90 -6.85 2.35
N LEU B 598 51.52 -5.75 1.72
CA LEU B 598 51.92 -5.51 0.33
C LEU B 598 53.25 -4.80 0.33
N ASP B 599 53.61 -4.24 1.49
CA ASP B 599 54.91 -3.60 1.67
C ASP B 599 56.02 -4.64 1.51
N ILE B 600 55.73 -5.88 1.92
CA ILE B 600 56.61 -6.99 1.65
C ILE B 600 56.46 -7.57 0.23
N LEU B 601 55.22 -7.80 -0.19
CA LEU B 601 54.97 -8.40 -1.49
C LEU B 601 55.54 -7.53 -2.61
N TRP B 602 55.39 -6.23 -2.45
CA TRP B 602 55.82 -5.22 -3.43
C TRP B 602 57.21 -4.63 -3.15
N ASN B 603 57.93 -5.23 -2.21
CA ASN B 603 59.30 -4.83 -1.88
C ASN B 603 60.15 -4.70 -3.15
N ASP B 604 61.00 -3.66 -3.18
CA ASP B 604 61.74 -3.29 -4.39
C ASP B 604 62.64 -4.40 -4.95
N ASP B 605 63.16 -5.22 -4.04
CA ASP B 605 64.13 -6.23 -4.42
C ASP B 605 63.48 -7.54 -4.86
N ASP B 606 62.15 -7.56 -4.91
CA ASP B 606 61.43 -8.74 -5.32
C ASP B 606 60.38 -8.39 -6.38
N ASN B 607 60.49 -9.01 -7.55
CA ASN B 607 59.57 -8.73 -8.63
C ASN B 607 58.45 -9.74 -8.77
N ARG B 608 58.48 -10.78 -7.92
CA ARG B 608 57.59 -11.92 -8.10
C ARG B 608 56.11 -11.59 -8.00
N TYR B 609 55.78 -10.61 -7.17
CA TYR B 609 54.39 -10.20 -6.92
C TYR B 609 53.91 -8.98 -7.70
N ILE B 610 54.75 -8.50 -8.62
CA ILE B 610 54.47 -7.32 -9.46
C ILE B 610 53.14 -7.40 -10.23
N SER B 611 52.73 -8.62 -10.59
CA SER B 611 51.48 -8.85 -11.32
C SER B 611 50.28 -9.28 -10.47
N ILE B 612 50.44 -9.28 -9.14
CA ILE B 612 49.52 -9.98 -8.22
C ILE B 612 48.02 -9.79 -8.48
N PHE B 613 47.60 -8.58 -8.82
CA PHE B 613 46.18 -8.31 -9.08
C PHE B 613 45.76 -8.24 -10.56
N LYS B 614 46.72 -8.35 -11.47
CA LYS B 614 46.49 -8.08 -12.90
C LYS B 614 45.50 -9.04 -13.55
N GLY B 615 45.59 -10.31 -13.16
CA GLY B 615 44.73 -11.35 -13.68
C GLY B 615 43.30 -11.29 -13.16
N LEU B 616 42.95 -10.24 -12.43
CA LEU B 616 41.58 -10.10 -12.02
C LEU B 616 41.03 -9.13 -13.04
N LYS B 617 40.32 -9.69 -14.02
CA LYS B 617 40.02 -8.98 -15.26
C LYS B 617 38.84 -8.04 -15.13
N ASN B 618 37.88 -8.46 -14.31
CA ASN B 618 36.58 -7.82 -14.18
C ASN B 618 36.54 -6.86 -12.99
N LEU B 619 37.66 -6.72 -12.27
CA LEU B 619 37.64 -6.06 -10.97
C LEU B 619 37.35 -4.57 -11.10
N THR B 620 36.26 -4.12 -10.49
CA THR B 620 35.98 -2.69 -10.41
C THR B 620 36.32 -2.03 -9.07
N ARG B 621 36.50 -2.83 -8.02
CA ARG B 621 36.79 -2.28 -6.69
C ARG B 621 37.87 -3.04 -5.90
N LEU B 622 38.94 -2.35 -5.56
CA LEU B 622 40.06 -2.97 -4.88
C LEU B 622 40.44 -2.17 -3.65
N ASP B 623 40.41 -2.82 -2.50
CA ASP B 623 40.79 -2.18 -1.24
C ASP B 623 42.19 -2.61 -0.82
N LEU B 624 43.13 -1.67 -0.91
CA LEU B 624 44.52 -1.88 -0.51
C LEU B 624 44.86 -1.32 0.87
N SER B 625 43.85 -0.84 1.59
CA SER B 625 44.08 -0.17 2.87
C SER B 625 44.85 -1.03 3.87
N LEU B 626 45.64 -0.39 4.73
CA LEU B 626 46.28 -1.05 5.87
C LEU B 626 47.30 -2.12 5.48
N ASN B 627 48.02 -1.86 4.39
CA ASN B 627 49.14 -2.70 3.94
C ASN B 627 50.52 -2.17 4.29
N ARG B 628 50.55 -1.08 5.07
CA ARG B 628 51.81 -0.47 5.54
C ARG B 628 52.69 -0.05 4.39
N LEU B 629 52.07 0.38 3.30
CA LEU B 629 52.82 0.72 2.12
C LEU B 629 53.48 2.07 2.32
N LYS B 630 54.81 2.11 2.25
CA LYS B 630 55.55 3.37 2.23
C LYS B 630 55.59 3.96 0.81
N HIS B 631 55.56 3.09 -0.18
CA HIS B 631 55.46 3.49 -1.58
C HIS B 631 54.93 2.33 -2.41
N ILE B 632 54.42 2.63 -3.61
CA ILE B 632 54.04 1.57 -4.54
C ILE B 632 54.87 1.65 -5.82
N PRO B 633 55.66 0.60 -6.12
CA PRO B 633 56.50 0.58 -7.32
C PRO B 633 55.69 0.80 -8.58
N ASN B 634 56.19 1.63 -9.49
CA ASN B 634 55.44 2.07 -10.65
C ASN B 634 54.77 0.96 -11.45
N GLU B 635 55.55 -0.05 -11.84
CA GLU B 635 55.04 -1.15 -12.65
C GLU B 635 54.03 -2.00 -11.87
N ALA B 636 54.20 -2.04 -10.56
CA ALA B 636 53.23 -2.72 -9.70
C ALA B 636 51.90 -1.98 -9.73
N PHE B 637 51.97 -0.64 -9.74
CA PHE B 637 50.75 0.17 -9.79
C PHE B 637 50.05 0.06 -11.14
N LEU B 638 50.85 0.09 -12.21
CA LEU B 638 50.32 0.00 -13.57
C LEU B 638 49.76 -1.39 -13.87
N ASN B 639 50.14 -2.35 -13.05
CA ASN B 639 49.64 -3.72 -13.22
C ASN B 639 48.31 -3.98 -12.54
N LEU B 640 47.78 -2.97 -11.85
CA LEU B 640 46.44 -3.09 -11.26
C LEU B 640 45.45 -3.16 -12.41
N PRO B 641 44.31 -3.84 -12.21
CA PRO B 641 43.31 -3.97 -13.27
C PRO B 641 42.86 -2.62 -13.83
N ALA B 642 42.84 -2.48 -15.16
CA ALA B 642 42.46 -1.23 -15.80
C ALA B 642 40.95 -1.00 -15.75
N SER B 643 40.22 -2.00 -15.26
CA SER B 643 38.77 -1.94 -15.18
C SER B 643 38.27 -1.29 -13.88
N LEU B 644 39.20 -0.89 -13.01
CA LEU B 644 38.84 -0.38 -11.68
C LEU B 644 38.12 0.96 -11.73
N THR B 645 36.93 1.01 -11.16
CA THR B 645 36.27 2.30 -10.92
C THR B 645 36.49 2.83 -9.51
N GLU B 646 36.97 1.97 -8.61
CA GLU B 646 37.12 2.32 -7.20
C GLU B 646 38.43 1.76 -6.63
N LEU B 647 39.27 2.62 -6.08
CA LEU B 647 40.55 2.20 -5.50
C LEU B 647 40.84 2.88 -4.15
N HIS B 648 41.08 2.07 -3.11
CA HIS B 648 41.38 2.57 -1.78
C HIS B 648 42.80 2.18 -1.35
N ILE B 649 43.68 3.18 -1.27
CA ILE B 649 45.01 3.00 -0.71
C ILE B 649 45.14 3.56 0.73
N ASN B 650 44.01 3.93 1.31
CA ASN B 650 43.98 4.63 2.60
C ASN B 650 44.62 3.89 3.79
N ASP B 651 45.08 4.67 4.77
CA ASP B 651 45.64 4.11 6.00
C ASP B 651 46.85 3.22 5.75
N ASN B 652 47.71 3.70 4.87
CA ASN B 652 49.06 3.19 4.70
C ASN B 652 50.00 4.31 5.11
N MET B 653 51.28 4.12 4.87
CA MET B 653 52.30 5.15 5.14
C MET B 653 52.76 6.01 3.95
N LEU B 654 52.08 5.93 2.81
CA LEU B 654 52.62 6.46 1.55
C LEU B 654 53.09 7.92 1.64
N LYS B 655 54.36 8.14 1.34
CA LYS B 655 54.92 9.49 1.28
C LYS B 655 55.01 9.98 -0.16
N PHE B 656 54.66 9.11 -1.10
CA PHE B 656 54.81 9.42 -2.50
C PHE B 656 53.71 8.76 -3.32
N PHE B 657 53.16 9.50 -4.28
CA PHE B 657 52.17 8.97 -5.20
C PHE B 657 52.44 9.53 -6.59
N ASN B 658 52.55 8.65 -7.58
CA ASN B 658 52.81 9.10 -8.93
C ASN B 658 51.46 9.27 -9.59
N TRP B 659 51.06 10.52 -9.81
CA TRP B 659 49.74 10.82 -10.30
C TRP B 659 49.63 10.49 -11.78
N THR B 660 50.76 10.58 -12.47
CA THR B 660 50.84 10.31 -13.90
C THR B 660 50.23 8.95 -14.25
N LEU B 661 50.46 7.98 -13.37
CA LEU B 661 50.02 6.60 -13.61
C LEU B 661 48.50 6.45 -13.71
N LEU B 662 47.75 7.50 -13.36
CA LEU B 662 46.30 7.44 -13.46
C LEU B 662 45.83 7.38 -14.91
N GLN B 663 46.74 7.67 -15.83
CA GLN B 663 46.46 7.62 -17.27
C GLN B 663 46.05 6.24 -17.74
N GLN B 664 46.52 5.22 -17.02
CA GLN B 664 46.25 3.83 -17.37
C GLN B 664 44.90 3.37 -16.81
N PHE B 665 44.19 4.26 -16.13
CA PHE B 665 42.94 3.89 -15.49
C PHE B 665 41.80 4.83 -15.88
N PRO B 666 41.26 4.62 -17.09
CA PRO B 666 40.25 5.47 -17.72
C PRO B 666 38.89 5.39 -17.03
N ARG B 667 38.64 4.33 -16.28
CA ARG B 667 37.35 4.16 -15.63
C ARG B 667 37.30 4.56 -14.15
N LEU B 668 38.39 5.07 -13.60
CA LEU B 668 38.46 5.22 -12.15
C LEU B 668 37.63 6.43 -11.69
N GLU B 669 36.55 6.17 -10.97
CA GLU B 669 35.73 7.26 -10.46
C GLU B 669 36.02 7.63 -9.00
N LEU B 670 36.70 6.75 -8.28
CA LEU B 670 36.99 7.01 -6.87
C LEU B 670 38.39 6.57 -6.46
N LEU B 671 39.18 7.53 -6.00
CA LEU B 671 40.51 7.25 -5.49
C LEU B 671 40.60 7.69 -4.04
N ASP B 672 40.89 6.75 -3.14
CA ASP B 672 40.97 7.06 -1.72
C ASP B 672 42.42 7.00 -1.25
N LEU B 673 43.00 8.18 -1.04
CA LEU B 673 44.36 8.31 -0.51
C LEU B 673 44.45 8.65 0.98
N ARG B 674 43.30 8.63 1.67
CA ARG B 674 43.20 9.09 3.06
C ARG B 674 44.15 8.43 4.08
N GLY B 675 44.58 9.20 5.07
CA GLY B 675 45.40 8.67 6.14
C GLY B 675 46.75 8.19 5.68
N ASN B 676 47.44 9.02 4.90
CA ASN B 676 48.80 8.73 4.48
C ASN B 676 49.72 9.90 4.82
N LYS B 677 50.97 9.82 4.39
CA LYS B 677 51.93 10.90 4.59
C LYS B 677 52.19 11.88 3.42
N LEU B 678 51.41 11.78 2.34
CA LEU B 678 51.65 12.54 1.11
C LEU B 678 51.73 14.06 1.27
N LEU B 679 52.86 14.65 0.85
CA LEU B 679 53.01 16.11 0.84
C LEU B 679 52.73 16.80 -0.51
N PHE B 680 52.67 16.03 -1.59
CA PHE B 680 52.70 16.65 -2.93
C PHE B 680 51.48 16.37 -3.79
N LEU B 681 51.07 17.38 -4.55
CA LEU B 681 50.01 17.23 -5.53
C LEU B 681 50.54 17.58 -6.92
N THR B 682 49.94 17.01 -7.95
CA THR B 682 50.29 17.35 -9.31
C THR B 682 49.55 18.61 -9.74
N ASP B 683 50.22 19.45 -10.53
CA ASP B 683 49.56 20.62 -11.10
C ASP B 683 48.85 20.24 -12.39
N SER B 684 49.20 19.07 -12.91
CA SER B 684 48.75 18.59 -14.22
C SER B 684 47.55 17.63 -14.25
N LEU B 685 46.91 17.39 -13.11
CA LEU B 685 45.96 16.28 -12.97
C LEU B 685 44.92 16.13 -14.11
N SER B 686 44.52 17.26 -14.69
CA SER B 686 43.62 17.25 -15.85
C SER B 686 44.18 16.44 -17.03
N ASP B 687 45.50 16.36 -17.12
CA ASP B 687 46.16 15.60 -18.18
C ASP B 687 46.11 14.10 -17.91
N PHE B 688 46.19 13.75 -16.63
CA PHE B 688 46.28 12.34 -16.21
C PHE B 688 44.94 11.59 -16.16
N THR B 689 43.87 12.27 -15.76
CA THR B 689 42.55 11.63 -15.69
C THR B 689 41.38 12.51 -16.07
N SER B 690 40.50 12.00 -16.94
CA SER B 690 39.22 12.62 -17.19
C SER B 690 38.09 11.94 -16.44
N SER B 691 38.41 10.86 -15.71
CA SER B 691 37.37 10.02 -15.11
C SER B 691 37.04 10.24 -13.64
N LEU B 692 37.77 11.10 -12.94
CA LEU B 692 37.80 11.01 -11.49
C LEU B 692 36.72 11.86 -10.83
N ARG B 693 35.70 11.18 -10.28
CA ARG B 693 34.59 11.87 -9.62
C ARG B 693 34.87 12.22 -8.15
N THR B 694 35.49 11.30 -7.42
CA THR B 694 35.81 11.53 -6.01
C THR B 694 37.29 11.29 -5.72
N LEU B 695 37.90 12.23 -5.00
CA LEU B 695 39.30 12.12 -4.60
C LEU B 695 39.44 12.47 -3.11
N LEU B 696 39.84 11.50 -2.29
CA LEU B 696 39.89 11.71 -0.85
C LEU B 696 41.33 11.71 -0.36
N LEU B 697 41.83 12.91 -0.08
CA LEU B 697 43.18 13.10 0.41
C LEU B 697 43.31 13.39 1.91
N SER B 698 42.19 13.36 2.62
CA SER B 698 42.18 13.74 4.03
C SER B 698 43.19 12.96 4.89
N HIS B 699 43.73 13.63 5.90
CA HIS B 699 44.81 13.12 6.73
C HIS B 699 46.07 12.81 5.94
N ASN B 700 46.68 13.88 5.43
CA ASN B 700 47.98 13.82 4.79
C ASN B 700 48.81 15.04 5.14
N ARG B 701 50.00 15.14 4.57
CA ARG B 701 50.93 16.22 4.89
C ARG B 701 50.92 17.40 3.93
N ILE B 702 49.97 17.43 2.99
CA ILE B 702 49.94 18.49 1.99
C ILE B 702 49.88 19.86 2.65
N SER B 703 50.92 20.67 2.41
CA SER B 703 50.93 22.05 2.91
C SER B 703 50.63 23.07 1.83
N HIS B 704 50.54 22.62 0.58
CA HIS B 704 50.46 23.55 -0.54
C HIS B 704 49.52 23.06 -1.62
N LEU B 705 48.73 23.98 -2.16
CA LEU B 705 47.87 23.67 -3.29
C LEU B 705 48.43 24.43 -4.49
N PRO B 706 49.04 23.70 -5.43
CA PRO B 706 49.71 24.33 -6.57
C PRO B 706 48.72 25.02 -7.49
N SER B 707 49.21 25.92 -8.32
CA SER B 707 48.35 26.70 -9.20
C SER B 707 47.63 25.83 -10.24
N GLY B 708 46.32 26.02 -10.34
CA GLY B 708 45.52 25.44 -11.41
C GLY B 708 45.37 23.92 -11.45
N PHE B 709 44.91 23.33 -10.37
CA PHE B 709 44.54 21.92 -10.37
C PHE B 709 43.13 21.65 -10.91
N LEU B 710 42.18 22.51 -10.54
CA LEU B 710 40.77 22.35 -10.88
C LEU B 710 40.46 22.63 -12.35
N SER B 711 41.32 23.40 -13.03
CA SER B 711 41.10 23.73 -14.43
C SER B 711 41.25 22.50 -15.32
N GLU B 712 40.24 22.28 -16.16
CA GLU B 712 40.24 21.18 -17.13
C GLU B 712 40.07 19.76 -16.55
N VAL B 713 39.97 19.63 -15.23
CA VAL B 713 39.48 18.35 -14.70
C VAL B 713 38.00 18.53 -14.39
N SER B 714 37.19 18.04 -15.31
CA SER B 714 35.78 18.39 -15.34
C SER B 714 34.93 17.33 -14.70
N SER B 715 35.58 16.25 -14.29
CA SER B 715 34.87 15.12 -13.73
C SER B 715 34.85 15.12 -12.21
N LEU B 716 35.51 16.08 -11.59
CA LEU B 716 35.71 15.97 -10.14
C LEU B 716 34.57 16.64 -9.40
N LYS B 717 33.70 15.80 -8.85
CA LYS B 717 32.56 16.21 -8.06
C LYS B 717 32.92 16.44 -6.58
N HIS B 718 33.70 15.52 -6.01
CA HIS B 718 33.97 15.51 -4.57
C HIS B 718 35.46 15.63 -4.30
N LEU B 719 35.84 16.59 -3.45
CA LEU B 719 37.25 16.78 -3.12
C LEU B 719 37.47 16.98 -1.61
N ASP B 720 38.23 16.08 -0.99
CA ASP B 720 38.44 16.12 0.46
C ASP B 720 39.89 16.46 0.81
N LEU B 721 40.10 17.71 1.23
CA LEU B 721 41.41 18.16 1.71
C LEU B 721 41.55 18.22 3.23
N SER B 722 40.54 17.75 3.95
CA SER B 722 40.44 17.98 5.38
C SER B 722 41.60 17.34 6.16
N SER B 723 41.85 17.87 7.36
CA SER B 723 42.92 17.39 8.21
C SER B 723 44.27 17.35 7.50
N ASN B 724 44.53 18.38 6.71
CA ASN B 724 45.84 18.56 6.07
C ASN B 724 46.54 19.79 6.65
N LEU B 725 47.71 20.11 6.09
CA LEU B 725 48.56 21.17 6.64
C LEU B 725 48.40 22.57 5.99
N LEU B 726 47.38 22.73 5.14
CA LEU B 726 47.19 23.98 4.40
C LEU B 726 47.09 25.20 5.32
N LYS B 727 47.98 26.18 5.11
CA LYS B 727 47.91 27.46 5.80
C LYS B 727 47.00 28.47 5.13
N THR B 728 46.78 28.27 3.84
CA THR B 728 45.90 29.13 3.06
C THR B 728 45.58 28.44 1.74
N ILE B 729 44.70 29.05 0.96
CA ILE B 729 44.46 28.56 -0.39
C ILE B 729 44.62 29.75 -1.32
N ASN B 730 45.67 29.72 -2.13
CA ASN B 730 45.94 30.81 -3.05
C ASN B 730 44.80 30.97 -4.02
N LYS B 731 44.59 32.20 -4.49
CA LYS B 731 43.64 32.41 -5.58
C LYS B 731 44.04 31.45 -6.71
N SER B 732 45.26 31.63 -7.18
CA SER B 732 45.76 30.98 -8.39
C SER B 732 45.54 29.47 -8.48
N ALA B 733 45.47 28.79 -7.34
CA ALA B 733 45.34 27.34 -7.33
C ALA B 733 44.00 26.86 -7.87
N LEU B 734 42.93 27.50 -7.39
CA LEU B 734 41.58 26.98 -7.57
C LEU B 734 40.72 27.47 -8.75
N GLU B 735 41.14 28.52 -9.47
CA GLU B 735 40.26 29.04 -10.52
C GLU B 735 40.05 28.04 -11.63
N THR B 736 38.83 28.02 -12.18
CA THR B 736 38.58 27.27 -13.38
C THR B 736 38.26 28.28 -14.48
N LYS B 737 38.14 27.78 -15.70
CA LYS B 737 37.72 28.57 -16.83
C LYS B 737 36.65 27.77 -17.57
N THR B 738 37.05 26.59 -18.01
CA THR B 738 36.13 25.59 -18.54
C THR B 738 35.26 25.04 -17.41
N THR B 739 34.41 24.08 -17.75
CA THR B 739 33.43 23.54 -16.81
C THR B 739 34.05 23.02 -15.51
N THR B 740 33.38 23.29 -14.39
CA THR B 740 33.72 22.64 -13.12
C THR B 740 32.44 22.19 -12.39
N LYS B 741 32.31 20.88 -12.22
CA LYS B 741 31.12 20.31 -11.58
C LYS B 741 31.28 20.03 -10.08
N LEU B 742 32.41 20.47 -9.52
CA LEU B 742 32.72 20.21 -8.12
C LEU B 742 31.61 20.71 -7.20
N SER B 743 30.94 19.79 -6.50
CA SER B 743 29.91 20.12 -5.52
C SER B 743 30.28 19.97 -4.05
N MET B 744 31.47 19.45 -3.76
CA MET B 744 31.87 19.18 -2.39
C MET B 744 33.35 19.47 -2.13
N LEU B 745 33.61 20.26 -1.09
CA LEU B 745 34.97 20.62 -0.73
C LEU B 745 35.14 20.53 0.78
N GLU B 746 36.02 19.65 1.27
CA GLU B 746 36.19 19.49 2.71
C GLU B 746 37.52 20.07 3.17
N LEU B 747 37.43 21.21 3.85
CA LEU B 747 38.62 21.90 4.35
C LEU B 747 38.92 21.86 5.86
N HIS B 748 38.07 21.24 6.66
CA HIS B 748 38.25 21.28 8.11
C HIS B 748 39.53 20.59 8.59
N GLY B 749 40.21 21.20 9.54
CA GLY B 749 41.39 20.58 10.13
C GLY B 749 42.71 21.13 9.63
N ASN B 750 42.65 22.05 8.68
CA ASN B 750 43.86 22.70 8.19
C ASN B 750 44.17 23.95 9.01
N PRO B 751 45.45 24.15 9.36
CA PRO B 751 45.86 25.32 10.14
C PRO B 751 45.92 26.58 9.29
N PHE B 752 44.77 27.21 9.05
CA PHE B 752 44.70 28.40 8.20
C PHE B 752 45.29 29.65 8.86
N GLU B 753 46.13 30.36 8.11
CA GLU B 753 46.65 31.65 8.54
C GLU B 753 45.65 32.72 8.16
N CYS B 754 45.12 33.43 9.16
CA CYS B 754 43.93 34.27 8.98
C CYS B 754 44.16 35.74 8.65
N THR B 755 45.41 36.12 8.37
CA THR B 755 45.67 37.48 7.95
C THR B 755 45.06 37.70 6.56
N CYS B 756 45.21 38.91 6.03
CA CYS B 756 44.43 39.36 4.88
C CYS B 756 44.60 38.51 3.61
N ASP B 757 45.60 37.63 3.61
CA ASP B 757 45.86 36.76 2.46
C ASP B 757 44.64 35.88 2.14
N ILE B 758 43.90 35.50 3.19
CA ILE B 758 42.76 34.60 3.08
C ILE B 758 41.59 35.19 2.28
N GLY B 759 41.46 36.51 2.32
CA GLY B 759 40.32 37.21 1.75
C GLY B 759 39.97 36.79 0.34
N ASP B 760 40.99 36.39 -0.41
CA ASP B 760 40.78 35.77 -1.71
C ASP B 760 39.82 34.60 -1.57
N PHE B 761 40.24 33.59 -0.80
CA PHE B 761 39.42 32.39 -0.65
C PHE B 761 38.02 32.70 -0.14
N ARG B 762 37.93 33.56 0.87
CA ARG B 762 36.66 34.04 1.40
C ARG B 762 35.77 34.54 0.26
N ARG B 763 36.38 35.24 -0.69
CA ARG B 763 35.68 35.78 -1.83
C ARG B 763 35.23 34.69 -2.80
N TRP B 764 36.00 33.60 -2.90
CA TRP B 764 35.64 32.51 -3.78
C TRP B 764 34.50 31.68 -3.22
N MET B 765 34.48 31.57 -1.90
CA MET B 765 33.38 30.89 -1.22
C MET B 765 32.08 31.66 -1.47
N ASP B 766 32.14 32.97 -1.34
CA ASP B 766 31.00 33.84 -1.63
C ASP B 766 30.61 33.67 -3.10
N GLU B 767 31.62 33.64 -3.96
CA GLU B 767 31.41 33.58 -5.40
C GLU B 767 30.84 32.24 -5.87
N HIS B 768 31.29 31.14 -5.24
CA HIS B 768 30.73 29.85 -5.54
C HIS B 768 29.97 29.28 -4.34
N LEU B 769 28.65 29.32 -4.44
CA LEU B 769 27.78 28.78 -3.40
C LEU B 769 27.30 27.38 -3.78
N ASN B 770 27.71 26.93 -4.96
CA ASN B 770 27.36 25.60 -5.44
C ASN B 770 28.43 24.57 -5.04
N VAL B 771 29.51 25.07 -4.45
CA VAL B 771 30.51 24.19 -3.84
C VAL B 771 30.27 24.22 -2.34
N LYS B 772 29.74 23.12 -1.81
CA LYS B 772 29.34 23.06 -0.42
C LYS B 772 30.52 22.69 0.48
N ILE B 773 30.78 23.52 1.48
CA ILE B 773 31.80 23.19 2.48
C ILE B 773 31.16 22.98 3.84
N PRO B 774 31.04 21.71 4.27
CA PRO B 774 30.46 21.36 5.57
C PRO B 774 31.45 21.60 6.70
N ARG B 775 30.93 21.61 7.93
CA ARG B 775 31.76 21.70 9.13
C ARG B 775 32.53 23.01 9.14
N LEU B 776 31.89 24.09 8.67
CA LEU B 776 32.53 25.39 8.61
C LEU B 776 33.05 25.83 9.97
N VAL B 777 32.33 25.47 11.01
CA VAL B 777 32.76 25.71 12.39
C VAL B 777 34.08 25.01 12.71
N ASP B 778 34.41 23.98 11.92
CA ASP B 778 35.64 23.23 12.09
C ASP B 778 36.78 23.69 11.18
N VAL B 779 36.50 24.70 10.34
CA VAL B 779 37.53 25.30 9.52
C VAL B 779 38.07 26.50 10.28
N ILE B 780 39.29 26.36 10.78
CA ILE B 780 39.75 27.18 11.90
C ILE B 780 41.13 27.81 11.70
N CYS B 781 41.25 29.07 12.10
CA CYS B 781 42.51 29.78 12.04
C CYS B 781 43.43 29.33 13.18
N ALA B 782 44.66 28.92 12.84
CA ALA B 782 45.68 28.71 13.86
C ALA B 782 46.53 29.98 14.07
N SER B 783 46.45 30.93 13.13
CA SER B 783 47.14 32.21 13.26
C SER B 783 46.31 33.30 12.57
N PRO B 784 46.47 34.58 13.00
CA PRO B 784 47.30 35.14 14.08
C PRO B 784 46.84 34.69 15.46
N GLY B 785 47.69 34.91 16.47
CA GLY B 785 47.37 34.55 17.84
C GLY B 785 46.02 35.05 18.33
N ASP B 786 45.62 36.24 17.85
CA ASP B 786 44.33 36.83 18.23
C ASP B 786 43.16 36.22 17.45
N GLN B 787 43.45 35.63 16.30
CA GLN B 787 42.44 34.99 15.47
C GLN B 787 42.34 33.50 15.74
N ARG B 788 43.12 33.02 16.70
CA ARG B 788 43.17 31.60 17.02
C ARG B 788 41.80 31.03 17.44
N GLY B 789 41.43 29.90 16.86
CA GLY B 789 40.23 29.20 17.25
C GLY B 789 38.97 29.66 16.55
N LYS B 790 39.05 30.82 15.90
CA LYS B 790 37.90 31.38 15.21
C LYS B 790 37.64 30.70 13.88
N SER B 791 36.40 30.72 13.42
CA SER B 791 36.04 30.20 12.11
C SER B 791 36.50 31.17 11.02
N ILE B 792 37.01 30.63 9.92
CA ILE B 792 37.54 31.46 8.84
C ILE B 792 36.45 32.34 8.22
N VAL B 793 35.20 31.96 8.41
CA VAL B 793 34.09 32.65 7.76
C VAL B 793 33.69 33.91 8.52
N SER B 794 34.35 34.16 9.65
CA SER B 794 34.20 35.45 10.34
C SER B 794 35.51 36.24 10.35
N LEU B 795 35.56 37.28 9.52
CA LEU B 795 36.77 38.10 9.38
C LEU B 795 36.47 39.47 8.75
N GLU B 796 37.42 40.40 8.87
CA GLU B 796 37.27 41.75 8.32
C GLU B 796 36.98 41.74 6.82
N SER C 9 74.74 26.32 28.20
CA SER C 9 75.62 25.18 28.01
C SER C 9 74.83 23.91 27.66
N ARG C 10 73.59 24.09 27.24
CA ARG C 10 72.73 22.96 26.88
C ARG C 10 73.04 22.46 25.46
N SER C 11 73.20 21.14 25.32
CA SER C 11 73.67 20.53 24.08
C SER C 11 72.63 20.49 22.93
N TYR C 12 72.99 21.07 21.78
CA TYR C 12 72.11 21.12 20.62
C TYR C 12 72.92 21.03 19.32
N PRO C 13 72.37 20.40 18.26
CA PRO C 13 71.17 19.55 18.17
C PRO C 13 71.30 18.17 18.80
N CYS C 14 72.52 17.73 19.09
CA CYS C 14 72.77 16.41 19.67
C CYS C 14 72.50 16.35 21.17
N ASP C 15 72.15 15.16 21.66
CA ASP C 15 72.16 14.91 23.09
C ASP C 15 73.49 14.26 23.48
N GLU C 16 74.19 14.84 24.44
CA GLU C 16 75.46 14.28 24.92
C GLU C 16 75.29 13.46 26.19
N LYS C 17 75.60 12.17 26.10
CA LYS C 17 75.41 11.23 27.20
C LYS C 17 76.75 10.64 27.65
N LYS C 18 76.78 10.13 28.88
CA LYS C 18 78.01 9.61 29.47
C LYS C 18 78.10 8.08 29.44
N GLN C 19 79.18 7.57 28.88
CA GLN C 19 79.46 6.13 28.93
C GLN C 19 80.95 5.86 29.19
N ASN C 20 81.24 5.13 30.27
CA ASN C 20 82.60 4.66 30.59
C ASN C 20 83.73 5.69 30.44
N ASP C 21 83.81 6.63 31.37
CA ASP C 21 84.86 7.65 31.37
C ASP C 21 84.72 8.64 30.23
N SER C 22 83.72 8.43 29.38
CA SER C 22 83.60 9.23 28.17
C SER C 22 82.18 9.73 27.89
N VAL C 23 82.09 10.70 27.00
CA VAL C 23 80.82 11.29 26.57
C VAL C 23 80.72 11.35 25.03
N ILE C 24 79.57 10.94 24.52
CA ILE C 24 79.33 10.82 23.07
C ILE C 24 78.09 11.62 22.66
N ALA C 25 77.96 11.87 21.37
CA ALA C 25 76.83 12.66 20.88
C ALA C 25 75.87 11.80 20.04
N GLU C 26 74.61 11.75 20.43
CA GLU C 26 73.63 11.04 19.64
C GLU C 26 72.86 12.07 18.81
N CYS C 27 73.20 12.12 17.52
CA CYS C 27 72.58 13.04 16.56
C CYS C 27 71.55 12.43 15.61
N SER C 28 71.24 11.14 15.79
CA SER C 28 70.41 10.43 14.82
C SER C 28 68.94 10.90 14.74
N ASN C 29 68.35 10.70 13.57
CA ASN C 29 66.93 11.00 13.31
C ASN C 29 66.49 12.43 13.65
N ARG C 30 67.40 13.38 13.45
CA ARG C 30 67.16 14.79 13.76
C ARG C 30 66.74 15.71 12.60
N ARG C 31 66.49 15.14 11.43
CA ARG C 31 66.13 15.92 10.24
C ARG C 31 67.25 16.88 9.83
N LEU C 32 68.48 16.50 10.12
CA LEU C 32 69.63 17.35 9.81
C LEU C 32 69.98 17.32 8.31
N GLN C 33 70.13 18.50 7.73
CA GLN C 33 70.44 18.63 6.31
C GLN C 33 71.93 18.69 6.04
N GLU C 34 72.72 18.81 7.10
CA GLU C 34 74.17 18.79 6.99
C GLU C 34 74.78 18.50 8.34
N VAL C 35 76.11 18.38 8.40
CA VAL C 35 76.78 18.01 9.62
C VAL C 35 76.90 19.19 10.58
N PRO C 36 76.25 19.08 11.75
CA PRO C 36 76.24 20.12 12.78
C PRO C 36 77.65 20.49 13.27
N GLN C 37 77.94 21.78 13.32
CA GLN C 37 79.25 22.27 13.75
C GLN C 37 79.30 22.55 15.25
N THR C 38 78.13 22.47 15.90
CA THR C 38 78.00 22.83 17.31
C THR C 38 78.39 21.68 18.24
N VAL C 39 78.80 20.57 17.65
CA VAL C 39 79.20 19.40 18.42
C VAL C 39 80.42 19.71 19.29
N GLY C 40 80.33 19.40 20.58
CA GLY C 40 81.41 19.64 21.51
C GLY C 40 82.70 18.95 21.09
N LYS C 41 83.83 19.57 21.39
CA LYS C 41 85.13 19.04 20.97
C LYS C 41 85.56 17.81 21.76
N TYR C 42 84.88 17.55 22.86
CA TYR C 42 85.29 16.49 23.78
C TYR C 42 84.61 15.14 23.53
N VAL C 43 83.84 15.05 22.46
CA VAL C 43 83.09 13.82 22.18
C VAL C 43 83.81 12.87 21.20
N THR C 44 83.99 11.63 21.63
CA THR C 44 84.67 10.62 20.83
C THR C 44 83.79 9.92 19.79
N GLU C 45 82.48 9.84 20.04
CA GLU C 45 81.61 9.12 19.11
C GLU C 45 80.42 9.97 18.67
N LEU C 46 80.19 9.98 17.36
CA LEU C 46 79.12 10.79 16.79
C LEU C 46 78.18 9.96 15.92
N ASP C 47 76.93 9.81 16.35
CA ASP C 47 75.96 9.05 15.58
C ASP C 47 75.06 10.01 14.81
N LEU C 48 75.33 10.14 13.52
CA LEU C 48 74.61 11.04 12.63
C LEU C 48 73.51 10.33 11.84
N SER C 49 73.30 9.06 12.15
CA SER C 49 72.44 8.19 11.35
C SER C 49 71.01 8.70 11.17
N ASP C 50 70.39 8.30 10.06
CA ASP C 50 68.99 8.59 9.78
C ASP C 50 68.66 10.08 9.66
N ASN C 51 69.61 10.84 9.10
CA ASN C 51 69.39 12.24 8.78
C ASN C 51 69.37 12.44 7.26
N PHE C 52 69.18 13.68 6.84
CA PHE C 52 69.08 14.00 5.42
C PHE C 52 70.39 14.45 4.78
N ILE C 53 71.49 14.35 5.53
CA ILE C 53 72.78 14.86 5.08
C ILE C 53 73.19 14.29 3.73
N THR C 54 73.40 15.16 2.75
CA THR C 54 73.83 14.72 1.43
C THR C 54 75.31 14.94 1.11
N HIS C 55 76.05 15.60 2.00
CA HIS C 55 77.42 15.99 1.66
C HIS C 55 78.37 15.90 2.85
N ILE C 56 79.56 15.35 2.61
CA ILE C 56 80.61 15.27 3.61
C ILE C 56 81.92 15.81 3.03
N THR C 57 82.69 16.54 3.85
CA THR C 57 83.90 17.20 3.38
C THR C 57 84.98 17.10 4.44
N ASN C 58 86.14 17.69 4.15
CA ASN C 58 87.20 17.84 5.12
C ASN C 58 86.89 19.04 6.01
N GLU C 59 85.73 19.66 5.74
CA GLU C 59 85.25 20.77 6.57
C GLU C 59 84.21 20.37 7.63
N SER C 60 83.81 19.10 7.67
CA SER C 60 82.72 18.67 8.55
C SER C 60 83.07 18.43 10.02
N PHE C 61 84.14 17.68 10.26
CA PHE C 61 84.40 17.06 11.58
C PHE C 61 85.39 17.74 12.56
N GLN C 62 85.83 18.95 12.21
CA GLN C 62 86.95 19.64 12.88
C GLN C 62 86.84 19.84 14.39
N GLY C 63 88.00 19.87 15.04
CA GLY C 63 88.10 20.26 16.44
C GLY C 63 87.95 19.10 17.39
N LEU C 64 87.60 17.93 16.86
CA LEU C 64 87.32 16.79 17.71
C LEU C 64 88.56 15.88 17.75
N GLN C 65 89.25 15.92 18.87
CA GLN C 65 90.59 15.35 19.00
C GLN C 65 90.54 13.84 19.22
N ASN C 66 89.58 13.40 20.02
CA ASN C 66 89.52 12.01 20.45
C ASN C 66 88.60 11.09 19.65
N LEU C 67 87.96 11.60 18.60
CA LEU C 67 86.89 10.82 17.98
C LEU C 67 87.33 9.48 17.42
N THR C 68 86.72 8.41 17.93
CA THR C 68 86.91 7.08 17.41
C THR C 68 85.97 6.76 16.24
N LYS C 69 84.72 7.18 16.37
CA LYS C 69 83.62 6.59 15.61
C LYS C 69 82.69 7.62 14.98
N ILE C 70 82.21 7.32 13.77
CA ILE C 70 81.25 8.16 13.08
C ILE C 70 80.19 7.29 12.44
N ASN C 71 78.91 7.53 12.77
CA ASN C 71 77.86 6.73 12.17
C ASN C 71 77.03 7.56 11.21
N LEU C 72 77.26 7.34 9.92
CA LEU C 72 76.56 8.03 8.85
C LEU C 72 75.42 7.25 8.21
N ASN C 73 75.10 6.09 8.76
CA ASN C 73 74.14 5.18 8.13
C ASN C 73 72.80 5.83 7.78
N HIS C 74 72.21 5.36 6.68
CA HIS C 74 70.88 5.80 6.25
C HIS C 74 70.79 7.30 5.98
N ASN C 75 71.77 7.83 5.25
CA ASN C 75 71.70 9.22 4.80
C ASN C 75 71.81 9.27 3.29
N PRO C 76 71.00 10.13 2.64
CA PRO C 76 69.90 10.90 3.23
C PRO C 76 68.73 9.96 3.49
N ASN C 77 67.75 10.40 4.27
CA ASN C 77 66.63 9.53 4.60
C ASN C 77 65.54 9.71 3.53
N VAL C 78 65.36 8.67 2.70
CA VAL C 78 64.49 8.71 1.53
C VAL C 78 64.54 10.04 0.77
N GLY C 91 72.26 8.53 -2.31
CA GLY C 91 72.54 9.86 -2.81
C GLY C 91 73.49 10.65 -1.92
N LEU C 92 74.29 9.94 -1.13
CA LEU C 92 75.26 10.59 -0.25
C LEU C 92 76.56 10.91 -0.98
N ASN C 93 77.06 12.13 -0.81
CA ASN C 93 78.29 12.57 -1.45
C ASN C 93 79.46 12.70 -0.48
N ILE C 94 80.53 11.95 -0.73
CA ILE C 94 81.74 12.03 0.08
C ILE C 94 82.94 12.48 -0.76
N THR C 95 83.61 13.54 -0.30
CA THR C 95 84.84 13.98 -0.93
C THR C 95 85.96 13.08 -0.43
N ASP C 96 86.95 12.85 -1.29
CA ASP C 96 88.09 12.04 -0.94
C ASP C 96 88.93 12.74 0.13
N GLY C 97 89.57 11.95 0.99
CA GLY C 97 90.40 12.47 2.06
C GLY C 97 89.61 13.27 3.08
N ALA C 98 88.31 13.01 3.16
CA ALA C 98 87.44 13.73 4.07
C ALA C 98 87.74 13.42 5.53
N PHE C 99 88.01 12.16 5.82
CA PHE C 99 88.15 11.70 7.20
C PHE C 99 89.61 11.67 7.71
N LEU C 100 90.55 12.04 6.86
CA LEU C 100 91.99 11.97 7.17
C LEU C 100 92.39 12.68 8.47
N ASN C 101 91.87 13.90 8.63
CA ASN C 101 92.19 14.77 9.76
C ASN C 101 91.93 14.14 11.12
N LEU C 102 91.16 13.06 11.12
CA LEU C 102 90.80 12.38 12.35
C LEU C 102 91.70 11.17 12.51
N LYS C 103 92.64 11.29 13.44
CA LYS C 103 93.67 10.27 13.66
C LYS C 103 93.22 9.15 14.58
N ASN C 104 92.45 9.49 15.60
CA ASN C 104 91.97 8.49 16.54
C ASN C 104 90.75 7.76 15.99
N LEU C 105 90.32 8.15 14.79
CA LEU C 105 89.16 7.54 14.14
C LEU C 105 89.44 6.09 13.74
N ARG C 106 88.58 5.20 14.22
CA ARG C 106 88.74 3.77 14.00
C ARG C 106 87.50 3.18 13.30
N GLU C 107 86.35 3.28 13.96
CA GLU C 107 85.10 2.75 13.41
C GLU C 107 84.42 3.76 12.49
N LEU C 108 84.18 3.36 11.25
CA LEU C 108 83.45 4.21 10.30
C LEU C 108 82.28 3.45 9.68
N LEU C 109 81.06 3.88 10.03
CA LEU C 109 79.86 3.19 9.56
C LEU C 109 79.21 3.96 8.41
N LEU C 110 79.34 3.41 7.21
CA LEU C 110 78.78 3.99 5.99
C LEU C 110 77.48 3.37 5.41
N GLU C 111 76.85 2.46 6.14
CA GLU C 111 75.73 1.66 5.64
C GLU C 111 74.56 2.43 5.02
N ASP C 112 73.95 1.83 4.01
CA ASP C 112 72.67 2.29 3.45
C ASP C 112 72.73 3.68 2.81
N ASN C 113 73.90 4.07 2.34
CA ASN C 113 74.09 5.42 1.79
C ASN C 113 73.99 5.51 0.27
N GLN C 114 73.68 4.40 -0.39
CA GLN C 114 73.65 4.34 -1.85
C GLN C 114 74.98 4.74 -2.48
N LEU C 115 76.07 4.17 -1.97
CA LEU C 115 77.41 4.48 -2.46
C LEU C 115 77.80 3.59 -3.64
N PRO C 116 78.07 4.20 -4.81
CA PRO C 116 78.48 3.48 -6.02
C PRO C 116 79.90 2.94 -5.94
N GLN C 117 80.70 3.48 -5.02
CA GLN C 117 82.10 3.10 -4.88
C GLN C 117 82.55 3.17 -3.42
N ILE C 118 83.60 2.42 -3.08
CA ILE C 118 84.24 2.62 -1.79
C ILE C 118 84.91 3.98 -1.85
N PRO C 119 84.62 4.85 -0.86
CA PRO C 119 85.20 6.20 -0.83
C PRO C 119 86.72 6.18 -0.94
N SER C 120 87.29 7.17 -1.60
CA SER C 120 88.73 7.24 -1.79
C SER C 120 89.39 8.07 -0.68
N GLY C 121 90.60 7.67 -0.29
CA GLY C 121 91.31 8.38 0.75
C GLY C 121 90.64 8.22 2.12
N LEU C 122 90.48 6.97 2.54
CA LEU C 122 89.99 6.70 3.89
C LEU C 122 91.15 6.57 4.86
N PRO C 123 90.96 7.01 6.10
CA PRO C 123 92.02 7.00 7.12
C PRO C 123 92.55 5.60 7.36
N GLU C 124 93.85 5.50 7.58
CA GLU C 124 94.51 4.21 7.74
C GLU C 124 94.42 3.75 9.19
N SER C 125 93.79 4.58 10.01
CA SER C 125 93.58 4.27 11.43
C SER C 125 92.31 3.43 11.64
N LEU C 126 91.61 3.12 10.56
CA LEU C 126 90.33 2.41 10.66
C LEU C 126 90.52 0.96 11.08
N THR C 127 89.94 0.60 12.22
CA THR C 127 89.86 -0.80 12.59
C THR C 127 88.56 -1.44 12.11
N GLU C 128 87.57 -0.60 11.79
CA GLU C 128 86.25 -1.09 11.39
C GLU C 128 85.60 -0.23 10.32
N LEU C 129 85.17 -0.86 9.23
CA LEU C 129 84.52 -0.15 8.13
C LEU C 129 83.30 -0.95 7.66
N SER C 130 82.14 -0.30 7.62
CA SER C 130 80.93 -0.98 7.17
C SER C 130 80.30 -0.31 5.95
N LEU C 131 80.37 -1.00 4.83
CA LEU C 131 79.78 -0.58 3.57
C LEU C 131 78.42 -1.23 3.26
N ILE C 132 77.88 -1.94 4.25
CA ILE C 132 76.66 -2.76 4.11
C ILE C 132 75.53 -1.99 3.41
N GLN C 133 74.80 -2.68 2.55
CA GLN C 133 73.63 -2.14 1.88
C GLN C 133 73.91 -0.90 1.04
N ASN C 134 74.94 -1.01 0.21
CA ASN C 134 75.28 0.03 -0.74
C ASN C 134 75.22 -0.49 -2.17
N ASN C 135 75.62 0.36 -3.10
CA ASN C 135 75.68 0.00 -4.51
C ASN C 135 77.05 -0.47 -5.00
N ILE C 136 77.97 -0.73 -4.07
CA ILE C 136 79.35 -0.99 -4.45
C ILE C 136 79.51 -2.36 -5.11
N TYR C 137 79.92 -2.34 -6.38
CA TYR C 137 80.20 -3.54 -7.16
C TYR C 137 81.69 -3.86 -7.36
N ASN C 138 82.56 -2.98 -6.88
CA ASN C 138 83.99 -3.13 -7.11
C ASN C 138 84.82 -2.95 -5.84
N ILE C 139 85.53 -4.00 -5.45
CA ILE C 139 86.43 -3.91 -4.30
C ILE C 139 87.85 -3.78 -4.82
N THR C 140 88.45 -2.60 -4.60
CA THR C 140 89.72 -2.26 -5.23
C THR C 140 90.81 -1.99 -4.20
N LYS C 141 92.06 -2.06 -4.64
CA LYS C 141 93.20 -1.76 -3.76
C LYS C 141 93.22 -0.27 -3.41
N GLU C 142 92.58 0.53 -4.25
CA GLU C 142 92.53 1.98 -4.10
C GLU C 142 91.97 2.38 -2.73
N GLY C 143 90.78 1.90 -2.41
CA GLY C 143 90.14 2.25 -1.15
C GLY C 143 90.36 1.28 -0.01
N ILE C 144 90.82 0.07 -0.32
CA ILE C 144 90.97 -0.99 0.68
C ILE C 144 92.41 -1.23 1.14
N SER C 145 93.28 -1.62 0.21
CA SER C 145 94.62 -2.11 0.53
C SER C 145 95.47 -1.18 1.38
N ARG C 146 95.13 0.11 1.36
CA ARG C 146 95.89 1.10 2.12
C ARG C 146 95.50 1.16 3.60
N LEU C 147 94.48 0.40 3.99
CA LEU C 147 94.10 0.37 5.40
C LEU C 147 94.62 -0.91 6.02
N ILE C 148 95.70 -0.80 6.80
CA ILE C 148 96.36 -1.97 7.34
C ILE C 148 95.87 -2.33 8.75
N ASN C 149 95.08 -1.42 9.34
CA ASN C 149 94.61 -1.60 10.71
C ASN C 149 93.24 -2.26 10.78
N LEU C 150 92.71 -2.67 9.63
CA LEU C 150 91.34 -3.15 9.57
C LEU C 150 91.16 -4.47 10.32
N LYS C 151 90.25 -4.47 11.29
CA LYS C 151 89.85 -5.68 11.98
C LYS C 151 88.60 -6.20 11.29
N ASN C 152 87.55 -5.38 11.30
CA ASN C 152 86.26 -5.75 10.74
C ASN C 152 85.91 -4.98 9.47
N LEU C 153 85.57 -5.71 8.41
CA LEU C 153 85.15 -5.11 7.14
C LEU C 153 83.83 -5.72 6.68
N TYR C 154 82.79 -4.89 6.52
CA TYR C 154 81.47 -5.37 6.15
C TYR C 154 81.05 -4.86 4.77
N LEU C 155 81.10 -5.74 3.77
CA LEU C 155 80.69 -5.40 2.41
C LEU C 155 79.30 -5.90 2.02
N ALA C 156 78.61 -6.54 2.96
CA ALA C 156 77.41 -7.30 2.64
C ALA C 156 76.21 -6.53 2.07
N TRP C 157 75.34 -7.26 1.38
CA TRP C 157 74.04 -6.77 0.89
C TRP C 157 74.12 -5.69 -0.18
N ASN C 158 75.20 -5.66 -0.95
CA ASN C 158 75.30 -4.74 -2.08
C ASN C 158 74.60 -5.17 -3.38
N CYS C 159 74.67 -6.47 -3.69
CA CYS C 159 73.97 -6.99 -4.87
C CYS C 159 73.27 -8.32 -4.56
N TYR C 160 71.94 -8.35 -4.64
CA TYR C 160 71.19 -9.51 -4.17
C TYR C 160 69.79 -9.57 -4.79
N PHE C 161 69.16 -10.73 -4.71
CA PHE C 161 67.77 -10.91 -5.14
C PHE C 161 67.46 -10.39 -6.56
N ASN C 162 66.36 -9.66 -6.68
CA ASN C 162 65.94 -9.05 -7.94
C ASN C 162 66.40 -7.59 -8.10
N LYS C 163 67.23 -7.13 -7.19
CA LYS C 163 67.82 -5.80 -7.29
C LYS C 163 68.55 -5.67 -8.61
N VAL C 164 68.56 -4.46 -9.19
CA VAL C 164 69.34 -4.25 -10.39
C VAL C 164 70.75 -3.88 -9.97
N CYS C 165 71.70 -4.77 -10.25
CA CYS C 165 73.07 -4.63 -9.78
C CYS C 165 74.03 -5.48 -10.61
N GLU C 166 75.33 -5.22 -10.46
CA GLU C 166 76.35 -5.92 -11.24
C GLU C 166 77.10 -6.91 -10.35
N LYS C 167 77.60 -7.99 -10.95
CA LYS C 167 78.36 -8.99 -10.21
C LYS C 167 79.57 -8.34 -9.56
N THR C 168 79.97 -8.85 -8.41
CA THR C 168 81.08 -8.24 -7.69
C THR C 168 82.40 -8.66 -8.30
N ASN C 169 83.16 -7.69 -8.79
CA ASN C 169 84.54 -7.92 -9.15
C ASN C 169 85.41 -7.54 -7.96
N ILE C 170 86.29 -8.46 -7.61
CA ILE C 170 87.24 -8.25 -6.53
C ILE C 170 88.62 -8.29 -7.15
N GLU C 171 89.40 -7.26 -6.90
CA GLU C 171 90.76 -7.20 -7.40
C GLU C 171 91.55 -8.31 -6.73
N ASP C 172 92.40 -8.98 -7.51
CA ASP C 172 93.21 -10.08 -6.98
C ASP C 172 94.13 -9.59 -5.88
N GLY C 173 94.08 -10.25 -4.73
CA GLY C 173 94.92 -9.91 -3.60
C GLY C 173 94.62 -8.55 -2.99
N VAL C 174 93.36 -8.14 -3.00
CA VAL C 174 92.99 -6.87 -2.42
C VAL C 174 92.94 -6.96 -0.89
N PHE C 175 92.60 -8.14 -0.38
CA PHE C 175 92.53 -8.35 1.07
C PHE C 175 93.87 -8.85 1.58
N GLU C 176 94.80 -9.06 0.66
CA GLU C 176 96.06 -9.69 1.02
C GLU C 176 96.94 -8.81 1.91
N THR C 177 96.83 -7.49 1.74
CA THR C 177 97.63 -6.55 2.51
C THR C 177 97.03 -6.19 3.88
N LEU C 178 95.88 -6.75 4.22
CA LEU C 178 95.33 -6.49 5.54
C LEU C 178 95.62 -7.71 6.40
N THR C 179 96.66 -7.61 7.21
CA THR C 179 97.14 -8.77 7.95
C THR C 179 96.59 -8.78 9.36
N ASN C 180 95.87 -7.71 9.70
CA ASN C 180 95.16 -7.64 10.97
C ASN C 180 93.66 -7.95 10.87
N LEU C 181 93.20 -8.33 9.68
CA LEU C 181 91.77 -8.47 9.45
C LEU C 181 91.24 -9.77 10.05
N GLU C 182 90.38 -9.64 11.06
CA GLU C 182 89.75 -10.81 11.70
C GLU C 182 88.36 -11.15 11.17
N LEU C 183 87.72 -10.21 10.48
CA LEU C 183 86.34 -10.40 10.06
C LEU C 183 86.11 -9.85 8.68
N LEU C 184 85.56 -10.69 7.81
CA LEU C 184 85.27 -10.27 6.45
C LEU C 184 83.87 -10.73 6.09
N SER C 185 82.99 -9.78 5.81
CA SER C 185 81.65 -10.14 5.42
C SER C 185 81.37 -9.70 3.99
N LEU C 186 81.35 -10.67 3.09
CA LEU C 186 81.04 -10.45 1.68
C LEU C 186 79.62 -10.85 1.30
N SER C 187 78.81 -11.24 2.27
CA SER C 187 77.54 -11.92 2.00
C SER C 187 76.53 -11.10 1.18
N PHE C 188 75.63 -11.83 0.52
CA PHE C 188 74.60 -11.22 -0.33
C PHE C 188 75.20 -10.31 -1.40
N ASN C 189 76.12 -10.90 -2.16
CA ASN C 189 76.71 -10.29 -3.35
C ASN C 189 76.91 -11.36 -4.40
N SER C 190 77.19 -10.96 -5.64
CA SER C 190 77.51 -11.96 -6.65
C SER C 190 79.02 -12.14 -6.74
N LEU C 191 79.50 -13.30 -6.28
CA LEU C 191 80.91 -13.60 -6.17
C LEU C 191 81.30 -14.70 -7.16
N SER C 192 80.62 -15.84 -7.01
CA SER C 192 80.78 -17.06 -7.83
C SER C 192 82.00 -17.88 -7.43
N HIS C 193 82.95 -17.27 -6.73
CA HIS C 193 84.13 -17.97 -6.27
C HIS C 193 84.64 -17.32 -5.00
N VAL C 194 85.19 -18.14 -4.11
CA VAL C 194 85.87 -17.61 -2.95
C VAL C 194 87.04 -16.77 -3.43
N PRO C 195 87.15 -15.53 -2.92
CA PRO C 195 88.30 -14.70 -3.27
C PRO C 195 89.60 -15.37 -2.83
N PRO C 196 90.57 -15.49 -3.75
CA PRO C 196 91.90 -16.00 -3.43
C PRO C 196 92.67 -15.01 -2.56
N LYS C 197 93.76 -15.47 -1.96
CA LYS C 197 94.67 -14.60 -1.23
C LYS C 197 94.02 -13.86 -0.07
N LEU C 198 93.34 -14.61 0.79
CA LEU C 198 92.80 -14.03 2.00
C LEU C 198 93.88 -14.07 3.06
N PRO C 199 93.86 -13.09 3.98
CA PRO C 199 94.87 -13.07 5.04
C PRO C 199 94.62 -14.14 6.10
N SER C 200 95.71 -14.76 6.56
CA SER C 200 95.61 -15.84 7.54
C SER C 200 95.15 -15.36 8.91
N SER C 201 95.05 -14.04 9.08
CA SER C 201 94.58 -13.46 10.32
C SER C 201 93.09 -13.69 10.56
N LEU C 202 92.35 -14.04 9.50
CA LEU C 202 90.90 -14.13 9.54
C LEU C 202 90.35 -15.07 10.61
N ARG C 203 89.44 -14.52 11.42
CA ARG C 203 88.71 -15.24 12.46
C ARG C 203 87.34 -15.66 11.93
N LYS C 204 86.56 -14.67 11.51
CA LYS C 204 85.21 -14.91 10.97
C LYS C 204 85.10 -14.51 9.48
N LEU C 205 84.57 -15.43 8.66
CA LEU C 205 84.41 -15.19 7.23
C LEU C 205 82.99 -15.50 6.75
N PHE C 206 82.26 -14.47 6.30
CA PHE C 206 80.87 -14.65 5.91
C PHE C 206 80.68 -14.64 4.38
N LEU C 207 80.47 -15.83 3.83
CA LEU C 207 80.22 -16.04 2.39
C LEU C 207 78.77 -16.29 1.95
N SER C 208 77.81 -16.14 2.87
CA SER C 208 76.41 -16.46 2.58
C SER C 208 75.80 -15.77 1.35
N ASN C 209 75.02 -16.52 0.57
CA ASN C 209 74.30 -16.00 -0.58
C ASN C 209 75.19 -15.32 -1.61
N THR C 210 76.38 -15.86 -1.81
CA THR C 210 77.33 -15.32 -2.78
C THR C 210 77.35 -16.01 -4.14
N GLN C 211 76.42 -16.94 -4.35
CA GLN C 211 76.30 -17.71 -5.59
C GLN C 211 77.54 -18.53 -5.89
N ILE C 212 78.19 -19.05 -4.85
CA ILE C 212 79.39 -19.86 -4.99
C ILE C 212 79.01 -21.33 -5.08
N LYS C 213 79.20 -21.93 -6.25
CA LYS C 213 78.73 -23.29 -6.49
C LYS C 213 79.71 -24.37 -6.05
N TYR C 214 80.96 -23.98 -5.84
CA TYR C 214 82.03 -24.94 -5.57
C TYR C 214 83.04 -24.37 -4.58
N ILE C 215 83.42 -25.17 -3.60
CA ILE C 215 84.51 -24.80 -2.72
C ILE C 215 85.67 -25.76 -2.95
N SER C 216 86.76 -25.23 -3.46
CA SER C 216 87.91 -26.06 -3.80
C SER C 216 88.70 -26.41 -2.55
N GLU C 217 89.73 -27.24 -2.72
CA GLU C 217 90.62 -27.60 -1.63
C GLU C 217 91.51 -26.41 -1.30
N GLU C 218 91.70 -25.54 -2.30
CA GLU C 218 92.60 -24.39 -2.16
C GLU C 218 92.00 -23.21 -1.41
N ASP C 219 90.67 -23.12 -1.41
CA ASP C 219 89.96 -21.92 -0.93
C ASP C 219 90.28 -21.49 0.50
N PHE C 220 90.15 -22.41 1.46
CA PHE C 220 90.36 -22.07 2.86
C PHE C 220 91.68 -22.48 3.49
N LYS C 221 92.57 -23.07 2.71
CA LYS C 221 93.74 -23.71 3.31
C LYS C 221 94.69 -22.71 3.99
N GLY C 222 94.63 -21.45 3.58
CA GLY C 222 95.47 -20.42 4.17
C GLY C 222 95.20 -20.08 5.62
N LEU C 223 93.94 -20.20 6.03
CA LEU C 223 93.51 -19.67 7.33
C LEU C 223 93.38 -20.76 8.39
N ILE C 224 94.32 -20.80 9.32
CA ILE C 224 94.30 -21.78 10.39
C ILE C 224 93.69 -21.19 11.65
N ASN C 225 93.38 -19.90 11.60
CA ASN C 225 92.80 -19.21 12.74
C ASN C 225 91.27 -19.06 12.71
N LEU C 226 90.62 -19.53 11.64
CA LEU C 226 89.19 -19.32 11.47
C LEU C 226 88.37 -19.92 12.62
N THR C 227 87.57 -19.11 13.30
CA THR C 227 86.54 -19.63 14.19
C THR C 227 85.13 -19.72 13.57
N LEU C 228 84.90 -19.02 12.46
CA LEU C 228 83.58 -19.00 11.84
C LEU C 228 83.64 -19.01 10.31
N LEU C 229 82.86 -19.88 9.70
CA LEU C 229 82.73 -19.90 8.26
C LEU C 229 81.26 -20.05 7.87
N ASP C 230 80.73 -19.07 7.12
CA ASP C 230 79.33 -19.11 6.69
C ASP C 230 79.22 -19.26 5.17
N LEU C 231 78.85 -20.46 4.73
CA LEU C 231 78.68 -20.79 3.32
C LEU C 231 77.23 -20.82 2.84
N SER C 232 76.31 -20.45 3.73
CA SER C 232 74.87 -20.64 3.52
C SER C 232 74.27 -19.95 2.29
N GLY C 233 73.18 -20.52 1.77
CA GLY C 233 72.47 -19.92 0.66
C GLY C 233 73.20 -20.01 -0.68
N ASN C 234 74.25 -20.81 -0.71
CA ASN C 234 74.94 -21.10 -1.95
C ASN C 234 74.43 -22.43 -2.48
N CYS C 235 73.82 -22.39 -3.67
CA CYS C 235 72.97 -23.48 -4.17
C CYS C 235 71.81 -23.72 -3.20
N PRO C 236 70.94 -22.71 -3.07
CA PRO C 236 69.89 -22.76 -2.04
C PRO C 236 68.78 -23.73 -2.39
N ARG C 237 68.04 -24.15 -1.36
CA ARG C 237 66.81 -24.86 -1.58
C ARG C 237 65.77 -23.78 -1.74
N CYS C 238 65.19 -23.66 -2.93
CA CYS C 238 64.34 -22.52 -3.27
C CYS C 238 62.82 -22.73 -3.15
N PHE C 239 62.39 -23.95 -2.86
CA PHE C 239 60.95 -24.19 -2.79
C PHE C 239 60.31 -23.44 -1.63
N ASN C 240 59.25 -22.70 -1.93
CA ASN C 240 58.54 -21.90 -0.94
C ASN C 240 59.41 -20.86 -0.25
N ALA C 241 60.43 -20.35 -0.93
CA ALA C 241 61.28 -19.32 -0.34
C ALA C 241 60.51 -18.01 -0.23
N PRO C 242 60.63 -17.31 0.91
CA PRO C 242 59.98 -16.00 0.89
C PRO C 242 60.91 -14.90 0.41
N PHE C 243 61.73 -15.19 -0.60
CA PHE C 243 62.58 -14.20 -1.24
C PHE C 243 62.85 -14.65 -2.68
N PRO C 244 63.25 -13.73 -3.57
CA PRO C 244 63.64 -14.25 -4.89
C PRO C 244 64.83 -15.20 -4.74
N CYS C 245 64.68 -16.40 -5.26
CA CYS C 245 65.63 -17.45 -4.96
C CYS C 245 66.04 -18.18 -6.23
N VAL C 246 67.34 -18.21 -6.51
CA VAL C 246 67.82 -18.92 -7.71
C VAL C 246 68.72 -20.11 -7.40
N PRO C 247 68.24 -21.32 -7.70
CA PRO C 247 68.97 -22.56 -7.41
C PRO C 247 70.12 -22.82 -8.38
N CYS C 248 71.07 -23.66 -7.97
CA CYS C 248 72.07 -24.18 -8.89
C CYS C 248 71.34 -25.09 -9.87
N ASP C 249 71.94 -25.33 -11.03
CA ASP C 249 71.30 -26.09 -12.09
C ASP C 249 70.83 -27.46 -11.62
N GLY C 250 69.54 -27.72 -11.80
CA GLY C 250 68.94 -28.98 -11.39
C GLY C 250 68.66 -29.02 -9.90
N GLY C 251 68.79 -27.88 -9.23
CA GLY C 251 68.65 -27.83 -7.78
C GLY C 251 69.85 -28.48 -7.12
N ALA C 252 70.95 -28.56 -7.86
CA ALA C 252 72.14 -29.26 -7.43
C ALA C 252 72.69 -28.77 -6.09
N SER C 253 73.26 -29.70 -5.34
CA SER C 253 73.94 -29.40 -4.10
C SER C 253 75.18 -28.56 -4.33
N ILE C 254 75.59 -27.83 -3.30
CA ILE C 254 76.86 -27.14 -3.31
C ILE C 254 77.92 -28.22 -3.44
N ASN C 255 79.06 -27.88 -4.04
CA ASN C 255 80.14 -28.85 -4.23
C ASN C 255 81.30 -28.53 -3.30
N ILE C 256 81.46 -29.36 -2.28
CA ILE C 256 82.48 -29.13 -1.26
C ILE C 256 83.54 -30.19 -1.37
N ASP C 257 84.76 -29.77 -1.58
CA ASP C 257 85.87 -30.70 -1.74
C ASP C 257 86.08 -31.49 -0.46
N ARG C 258 86.48 -32.75 -0.60
CA ARG C 258 86.78 -33.63 0.53
C ARG C 258 87.70 -32.92 1.52
N PHE C 259 88.68 -32.19 1.00
CA PHE C 259 89.69 -31.55 1.84
C PHE C 259 89.51 -30.06 2.17
N ALA C 260 88.39 -29.46 1.74
CA ALA C 260 88.15 -28.02 1.93
C ALA C 260 88.30 -27.56 3.38
N PHE C 261 87.89 -28.41 4.32
CA PHE C 261 87.93 -28.08 5.74
C PHE C 261 89.11 -28.66 6.50
N GLN C 262 89.99 -29.38 5.80
CA GLN C 262 91.07 -30.13 6.46
C GLN C 262 91.97 -29.29 7.35
N ASN C 263 92.17 -28.02 6.99
CA ASN C 263 93.11 -27.18 7.73
C ASN C 263 92.47 -26.28 8.80
N LEU C 264 91.15 -26.34 8.97
CA LEU C 264 90.53 -25.44 9.93
C LEU C 264 90.28 -26.19 11.22
N THR C 265 91.19 -26.02 12.17
CA THR C 265 91.11 -26.75 13.42
C THR C 265 90.51 -25.90 14.53
N GLN C 266 90.43 -24.60 14.28
CA GLN C 266 89.93 -23.67 15.28
C GLN C 266 88.46 -23.28 15.10
N LEU C 267 87.80 -23.84 14.09
CA LEU C 267 86.45 -23.41 13.73
C LEU C 267 85.42 -23.81 14.79
N ARG C 268 84.73 -22.83 15.37
CA ARG C 268 83.59 -23.14 16.24
C ARG C 268 82.23 -23.04 15.54
N TYR C 269 82.19 -22.38 14.38
CA TYR C 269 80.91 -22.04 13.75
C TYR C 269 80.94 -22.32 12.24
N LEU C 270 80.07 -23.22 11.78
CA LEU C 270 79.92 -23.50 10.35
C LEU C 270 78.44 -23.40 9.93
N ASN C 271 78.12 -22.44 9.05
CA ASN C 271 76.76 -22.31 8.53
C ASN C 271 76.70 -22.87 7.11
N LEU C 272 76.11 -24.05 6.99
CA LEU C 272 75.84 -24.69 5.71
C LEU C 272 74.39 -24.55 5.24
N SER C 273 73.59 -23.77 5.96
CA SER C 273 72.16 -23.65 5.66
C SER C 273 71.83 -23.31 4.21
N SER C 274 70.81 -23.96 3.66
CA SER C 274 70.36 -23.72 2.29
C SER C 274 71.51 -23.87 1.28
N THR C 275 72.30 -24.92 1.44
CA THR C 275 73.29 -25.35 0.45
C THR C 275 72.84 -26.56 -0.41
N SER C 276 71.60 -26.98 -0.23
CA SER C 276 71.01 -28.13 -0.93
C SER C 276 71.76 -29.45 -0.75
N LEU C 277 72.36 -29.64 0.42
CA LEU C 277 73.06 -30.89 0.73
C LEU C 277 72.11 -32.08 0.86
N ARG C 278 72.37 -33.16 0.11
CA ARG C 278 71.70 -34.43 0.38
C ARG C 278 72.55 -35.35 1.24
N LYS C 279 73.84 -35.04 1.36
CA LYS C 279 74.78 -35.91 2.08
C LYS C 279 75.84 -35.09 2.79
N ILE C 280 76.24 -35.57 3.96
CA ILE C 280 77.31 -34.94 4.73
C ILE C 280 78.47 -35.90 4.80
N ASN C 281 79.65 -35.44 4.42
CA ASN C 281 80.81 -36.29 4.48
C ASN C 281 81.37 -36.23 5.88
N ALA C 282 81.36 -37.36 6.58
CA ALA C 282 81.85 -37.42 7.94
C ALA C 282 83.29 -36.93 8.06
N ALA C 283 84.02 -37.00 6.94
CA ALA C 283 85.43 -36.64 6.91
C ALA C 283 85.68 -35.14 6.97
N TRP C 284 84.65 -34.34 6.68
CA TRP C 284 84.75 -32.89 6.73
C TRP C 284 85.11 -32.39 8.14
N PHE C 285 84.61 -33.08 9.15
CA PHE C 285 84.81 -32.68 10.54
C PHE C 285 85.93 -33.45 11.25
N LYS C 286 86.61 -34.33 10.50
CA LYS C 286 87.72 -35.12 11.03
C LYS C 286 88.72 -34.25 11.78
N ASN C 287 88.99 -33.08 11.20
CA ASN C 287 89.96 -32.13 11.75
C ASN C 287 89.43 -30.96 12.60
N MET C 288 88.15 -30.97 12.94
CA MET C 288 87.54 -29.85 13.69
C MET C 288 87.11 -30.27 15.10
N PRO C 289 88.07 -30.43 16.01
CA PRO C 289 87.75 -30.90 17.37
C PRO C 289 86.97 -29.88 18.19
N HIS C 290 87.02 -28.61 17.80
CA HIS C 290 86.35 -27.56 18.55
C HIS C 290 84.97 -27.12 18.05
N LEU C 291 84.44 -27.77 17.02
CA LEU C 291 83.20 -27.32 16.38
C LEU C 291 82.03 -27.26 17.37
N LYS C 292 81.43 -26.07 17.47
CA LYS C 292 80.45 -25.75 18.51
C LYS C 292 79.02 -25.63 17.97
N VAL C 293 78.84 -24.74 17.01
CA VAL C 293 77.55 -24.56 16.38
C VAL C 293 77.60 -24.98 14.92
N LEU C 294 76.64 -25.80 14.49
CA LEU C 294 76.58 -26.29 13.12
C LEU C 294 75.20 -26.05 12.53
N ASP C 295 75.11 -25.20 11.53
CA ASP C 295 73.81 -24.86 10.94
C ASP C 295 73.53 -25.58 9.61
N LEU C 296 72.68 -26.60 9.69
CA LEU C 296 72.27 -27.44 8.55
C LEU C 296 70.86 -27.20 7.95
N GLU C 297 70.20 -26.13 8.40
CA GLU C 297 68.83 -25.80 7.98
C GLU C 297 68.62 -25.74 6.47
N PHE C 298 67.41 -26.07 6.03
CA PHE C 298 66.97 -25.84 4.64
C PHE C 298 67.80 -26.60 3.60
N ASN C 299 68.15 -27.85 3.91
CA ASN C 299 68.81 -28.76 2.97
C ASN C 299 67.88 -29.93 2.74
N TYR C 300 68.33 -30.98 2.06
CA TYR C 300 67.55 -32.20 2.11
C TYR C 300 68.38 -33.20 2.88
N LEU C 301 68.20 -33.21 4.18
CA LEU C 301 68.97 -34.08 5.06
C LEU C 301 68.22 -35.25 5.72
N VAL C 302 66.95 -35.44 5.38
CA VAL C 302 66.13 -36.46 6.05
C VAL C 302 66.83 -37.83 6.08
N GLY C 303 67.45 -38.19 4.95
CA GLY C 303 68.25 -39.41 4.87
C GLY C 303 69.45 -39.40 5.80
N GLU C 304 70.22 -38.33 5.74
CA GLU C 304 71.38 -38.17 6.61
C GLU C 304 71.06 -38.10 8.10
N ILE C 305 69.86 -37.63 8.44
CA ILE C 305 69.50 -37.53 9.86
C ILE C 305 69.24 -38.94 10.39
N ALA C 306 68.80 -39.80 9.48
CA ALA C 306 68.50 -41.20 9.78
C ALA C 306 69.76 -42.08 9.89
N SER C 307 70.74 -41.83 9.02
CA SER C 307 71.98 -42.60 9.03
C SER C 307 73.10 -41.81 9.71
N GLY C 308 73.64 -40.83 9.00
CA GLY C 308 74.47 -39.82 9.63
C GLY C 308 75.80 -40.23 10.25
N ALA C 309 76.69 -40.79 9.44
CA ALA C 309 78.04 -41.08 9.90
C ALA C 309 78.69 -39.84 10.53
N PHE C 310 78.35 -38.65 10.00
CA PHE C 310 78.99 -37.42 10.43
C PHE C 310 78.75 -37.08 11.90
N LEU C 311 77.66 -37.61 12.46
CA LEU C 311 77.30 -37.37 13.85
C LEU C 311 78.38 -37.89 14.81
N THR C 312 79.08 -38.93 14.40
CA THR C 312 80.15 -39.52 15.21
C THR C 312 81.33 -38.54 15.35
N MET C 313 81.38 -37.55 14.46
CA MET C 313 82.55 -36.67 14.38
C MET C 313 82.44 -35.38 15.18
N LEU C 314 81.36 -35.22 15.95
CA LEU C 314 81.10 -33.94 16.60
C LEU C 314 81.01 -34.03 18.12
N PRO C 315 82.11 -34.41 18.77
CA PRO C 315 82.09 -34.66 20.21
C PRO C 315 81.82 -33.41 21.04
N ARG C 316 82.23 -32.27 20.53
CA ARG C 316 82.05 -31.00 21.22
C ARG C 316 80.88 -30.13 20.75
N LEU C 317 80.07 -30.62 19.81
CA LEU C 317 79.00 -29.79 19.28
C LEU C 317 77.96 -29.42 20.34
N GLU C 318 77.79 -28.12 20.57
CA GLU C 318 76.75 -27.60 21.48
C GLU C 318 75.36 -27.38 20.84
N ILE C 319 75.34 -26.90 19.60
CA ILE C 319 74.10 -26.56 18.92
C ILE C 319 74.03 -27.14 17.52
N LEU C 320 73.01 -27.95 17.29
CA LEU C 320 72.79 -28.58 16.02
C LEU C 320 71.45 -28.13 15.45
N ASP C 321 71.46 -27.39 14.34
CA ASP C 321 70.20 -26.96 13.74
C ASP C 321 69.94 -27.70 12.43
N LEU C 322 68.97 -28.61 12.49
CA LEU C 322 68.52 -29.41 11.35
C LEU C 322 67.19 -28.95 10.73
N SER C 323 66.74 -27.77 11.11
CA SER C 323 65.40 -27.31 10.73
C SER C 323 65.10 -27.24 9.24
N PHE C 324 63.83 -27.50 8.90
CA PHE C 324 63.32 -27.39 7.54
C PHE C 324 64.06 -28.22 6.50
N ASN C 325 64.35 -29.46 6.87
CA ASN C 325 64.95 -30.41 5.95
C ASN C 325 63.95 -31.34 5.28
N TYR C 326 62.66 -31.08 5.51
CA TYR C 326 61.59 -31.99 5.12
C TYR C 326 61.60 -32.38 3.65
N ILE C 327 61.13 -33.58 3.36
CA ILE C 327 60.99 -34.04 1.98
C ILE C 327 59.68 -33.49 1.43
N LYS C 328 59.77 -32.81 0.29
CA LYS C 328 58.63 -32.18 -0.34
C LYS C 328 57.52 -33.21 -0.60
N GLY C 329 56.27 -32.81 -0.36
CA GLY C 329 55.13 -33.67 -0.57
C GLY C 329 54.92 -34.74 0.48
N SER C 330 55.89 -34.91 1.37
CA SER C 330 55.86 -36.04 2.29
C SER C 330 55.32 -35.70 3.70
N TYR C 331 54.51 -36.61 4.25
CA TYR C 331 53.98 -36.45 5.60
C TYR C 331 54.06 -37.77 6.35
N PRO C 332 55.29 -38.23 6.67
CA PRO C 332 55.52 -39.55 7.27
C PRO C 332 54.93 -39.70 8.68
N GLN C 333 54.69 -40.95 9.09
CA GLN C 333 54.13 -41.24 10.41
C GLN C 333 55.10 -40.92 11.55
N HIS C 334 56.40 -41.20 11.34
CA HIS C 334 57.40 -41.01 12.39
C HIS C 334 58.62 -40.24 11.91
N ILE C 335 59.40 -39.73 12.86
CA ILE C 335 60.70 -39.12 12.58
C ILE C 335 61.79 -40.17 12.77
N ASN C 336 62.74 -40.25 11.84
CA ASN C 336 63.79 -41.24 11.95
C ASN C 336 65.11 -40.61 12.37
N ILE C 337 65.49 -40.87 13.63
CA ILE C 337 66.68 -40.29 14.23
C ILE C 337 67.76 -41.37 14.39
N SER C 338 68.96 -41.09 13.89
CA SER C 338 70.06 -42.06 13.90
C SER C 338 70.53 -42.35 15.32
N ARG C 339 70.89 -43.61 15.57
CA ARG C 339 71.52 -44.00 16.84
C ARG C 339 72.77 -43.17 17.10
N ASN C 340 73.39 -42.70 16.02
CA ASN C 340 74.59 -41.88 16.13
C ASN C 340 74.39 -40.55 16.84
N PHE C 341 73.13 -40.12 16.99
CA PHE C 341 72.83 -38.92 17.77
C PHE C 341 73.30 -39.03 19.23
N SER C 342 73.41 -40.27 19.73
CA SER C 342 73.87 -40.51 21.10
C SER C 342 75.33 -40.16 21.30
N LYS C 343 76.05 -39.96 20.20
CA LYS C 343 77.46 -39.64 20.27
C LYS C 343 77.72 -38.15 20.51
N LEU C 344 76.68 -37.30 20.48
CA LEU C 344 76.93 -35.89 20.67
C LEU C 344 76.79 -35.59 22.15
N LEU C 345 77.93 -35.52 22.83
CA LEU C 345 77.96 -35.46 24.29
C LEU C 345 77.78 -34.05 24.80
N SER C 346 78.27 -33.11 24.00
CA SER C 346 78.26 -31.70 24.35
C SER C 346 76.99 -31.01 23.84
N LEU C 347 76.06 -31.77 23.29
CA LEU C 347 74.88 -31.18 22.67
C LEU C 347 73.94 -30.57 23.71
N ARG C 348 73.65 -29.29 23.51
CA ARG C 348 72.81 -28.48 24.40
C ARG C 348 71.43 -28.25 23.79
N ALA C 349 71.41 -27.71 22.58
CA ALA C 349 70.17 -27.50 21.85
C ALA C 349 70.08 -28.25 20.50
N LEU C 350 68.99 -28.97 20.29
CA LEU C 350 68.71 -29.64 19.02
C LEU C 350 67.49 -28.99 18.37
N HIS C 351 67.67 -28.43 17.17
CA HIS C 351 66.53 -27.85 16.47
C HIS C 351 66.12 -28.72 15.29
N LEU C 352 64.99 -29.40 15.45
CA LEU C 352 64.33 -30.10 14.36
C LEU C 352 62.97 -29.47 14.12
N ARG C 353 62.89 -28.59 13.15
CA ARG C 353 61.64 -27.91 12.83
C ARG C 353 61.41 -28.17 11.38
N GLY C 354 60.15 -28.25 10.98
CA GLY C 354 59.85 -28.52 9.59
C GLY C 354 60.53 -29.78 9.09
N TYR C 355 60.53 -30.82 9.92
CA TYR C 355 60.81 -32.18 9.47
C TYR C 355 59.53 -32.76 8.87
N VAL C 356 58.38 -32.34 9.43
CA VAL C 356 57.07 -32.86 8.99
C VAL C 356 56.85 -34.36 9.21
N PHE C 357 56.42 -34.71 10.42
CA PHE C 357 55.98 -36.07 10.74
C PHE C 357 54.72 -36.05 11.62
N GLN C 358 53.97 -37.14 11.59
CA GLN C 358 52.66 -37.20 12.26
C GLN C 358 52.70 -37.48 13.75
N GLU C 359 53.61 -38.37 14.15
CA GLU C 359 53.54 -38.89 15.51
C GLU C 359 54.93 -39.06 16.13
N LEU C 360 55.06 -38.57 17.37
CA LEU C 360 56.31 -38.74 18.10
C LEU C 360 56.17 -39.86 19.13
N ARG C 361 56.87 -40.97 18.89
CA ARG C 361 56.81 -42.12 19.79
C ARG C 361 58.02 -42.14 20.71
N GLU C 362 57.85 -42.66 21.91
CA GLU C 362 58.93 -42.72 22.89
C GLU C 362 60.26 -43.26 22.36
N ASP C 363 60.25 -44.39 21.66
CA ASP C 363 61.52 -44.99 21.22
C ASP C 363 62.16 -44.31 19.99
N ASP C 364 61.43 -43.37 19.39
CA ASP C 364 61.95 -42.61 18.26
C ASP C 364 63.03 -41.63 18.71
N PHE C 365 62.90 -41.15 19.93
CA PHE C 365 63.89 -40.25 20.54
C PHE C 365 64.91 -40.96 21.44
N GLN C 366 64.88 -42.28 21.46
CA GLN C 366 65.83 -43.06 22.27
C GLN C 366 67.30 -42.60 22.20
N PRO C 367 67.83 -42.32 21.00
CA PRO C 367 69.24 -41.87 20.95
C PRO C 367 69.52 -40.57 21.73
N LEU C 368 68.52 -39.71 21.87
CA LEU C 368 68.74 -38.44 22.53
C LEU C 368 68.67 -38.57 24.05
N MET C 369 68.16 -39.69 24.55
CA MET C 369 67.80 -39.78 25.96
C MET C 369 68.96 -39.84 26.95
N GLN C 370 70.13 -40.22 26.48
CA GLN C 370 71.29 -40.30 27.36
C GLN C 370 72.23 -39.09 27.30
N LEU C 371 71.89 -38.09 26.49
CA LEU C 371 72.74 -36.92 26.32
C LEU C 371 72.69 -36.03 27.57
N PRO C 372 73.83 -35.88 28.24
CA PRO C 372 73.89 -35.25 29.57
C PRO C 372 73.60 -33.74 29.55
N ASN C 373 74.03 -33.04 28.51
CA ASN C 373 73.85 -31.59 28.45
C ASN C 373 72.66 -31.08 27.63
N LEU C 374 71.84 -31.96 27.05
CA LEU C 374 70.83 -31.46 26.12
C LEU C 374 69.72 -30.82 26.91
N SER C 375 69.64 -29.50 26.82
CA SER C 375 68.65 -28.75 27.56
C SER C 375 67.43 -28.28 26.76
N THR C 376 67.53 -28.35 25.42
CA THR C 376 66.50 -27.80 24.53
C THR C 376 66.19 -28.71 23.36
N ILE C 377 64.93 -29.13 23.23
CA ILE C 377 64.47 -29.75 22.00
C ILE C 377 63.47 -28.80 21.36
N ASN C 378 63.67 -28.49 20.09
CA ASN C 378 62.73 -27.64 19.36
C ASN C 378 62.08 -28.40 18.20
N LEU C 379 60.82 -28.78 18.40
CA LEU C 379 59.97 -29.45 17.42
C LEU C 379 58.92 -28.58 16.70
N GLY C 380 59.03 -27.26 16.83
CA GLY C 380 58.12 -26.36 16.15
C GLY C 380 57.88 -26.61 14.66
N ILE C 381 56.64 -26.40 14.22
CA ILE C 381 56.27 -26.50 12.80
C ILE C 381 56.57 -27.87 12.18
N ASN C 382 56.15 -28.93 12.86
CA ASN C 382 56.16 -30.27 12.27
C ASN C 382 54.83 -30.87 11.82
N PHE C 383 53.73 -30.16 12.04
CA PHE C 383 52.39 -30.71 11.83
C PHE C 383 52.18 -32.01 12.60
N ILE C 384 52.82 -32.11 13.76
CA ILE C 384 52.73 -33.31 14.60
C ILE C 384 51.31 -33.42 15.14
N LYS C 385 50.67 -34.56 14.91
CA LYS C 385 49.34 -34.85 15.43
C LYS C 385 49.30 -35.41 16.84
N GLN C 386 50.25 -36.27 17.17
CA GLN C 386 50.24 -36.91 18.49
C GLN C 386 51.64 -37.15 19.04
N ILE C 387 51.75 -37.10 20.36
CA ILE C 387 53.01 -37.25 21.06
C ILE C 387 52.85 -38.18 22.27
N ASP C 388 53.89 -38.96 22.58
CA ASP C 388 53.88 -39.77 23.77
C ASP C 388 54.72 -38.99 24.78
N PHE C 389 54.07 -38.31 25.71
CA PHE C 389 54.78 -37.32 26.52
C PHE C 389 55.70 -37.94 27.56
N LYS C 390 55.49 -39.22 27.86
CA LYS C 390 56.35 -39.90 28.83
C LYS C 390 57.82 -39.92 28.39
N LEU C 391 58.07 -39.79 27.10
CA LEU C 391 59.45 -39.84 26.61
C LEU C 391 60.33 -38.73 27.18
N PHE C 392 59.74 -37.56 27.43
CA PHE C 392 60.52 -36.42 27.93
C PHE C 392 60.91 -36.59 29.38
N GLN C 393 60.24 -37.51 30.06
CA GLN C 393 60.58 -37.86 31.44
C GLN C 393 61.90 -38.61 31.43
N ASN C 394 62.07 -39.46 30.40
CA ASN C 394 63.25 -40.33 30.26
C ASN C 394 64.51 -39.57 29.87
N PHE C 395 64.39 -38.28 29.57
CA PHE C 395 65.55 -37.43 29.34
C PHE C 395 66.22 -37.05 30.64
N SER C 396 67.29 -36.27 30.54
CA SER C 396 68.17 -36.02 31.67
C SER C 396 68.17 -34.55 32.10
N ASN C 397 68.72 -33.68 31.24
CA ASN C 397 68.81 -32.24 31.51
C ASN C 397 67.76 -31.29 30.87
N LEU C 398 66.71 -31.84 30.23
CA LEU C 398 65.82 -31.00 29.42
C LEU C 398 65.22 -29.85 30.22
N GLU C 399 65.56 -28.63 29.83
CA GLU C 399 64.89 -27.45 30.39
C GLU C 399 63.82 -26.83 29.49
N ILE C 400 63.88 -27.14 28.20
CA ILE C 400 62.97 -26.53 27.23
C ILE C 400 62.45 -27.56 26.23
N ILE C 401 61.14 -27.77 26.26
CA ILE C 401 60.49 -28.64 25.29
C ILE C 401 59.60 -27.75 24.42
N TYR C 402 60.00 -27.50 23.18
CA TYR C 402 59.28 -26.55 22.35
C TYR C 402 58.47 -27.28 21.28
N LEU C 403 57.16 -27.35 21.54
CA LEU C 403 56.18 -28.00 20.67
C LEU C 403 55.27 -27.04 19.90
N SER C 404 55.55 -25.74 20.01
CA SER C 404 54.68 -24.73 19.42
C SER C 404 54.41 -24.93 17.93
N GLU C 405 53.21 -24.57 17.50
CA GLU C 405 52.82 -24.63 16.10
C GLU C 405 52.85 -26.06 15.53
N ASN C 406 51.93 -26.88 16.02
CA ASN C 406 51.71 -28.23 15.52
C ASN C 406 50.21 -28.54 15.46
N ARG C 407 49.89 -29.80 15.21
CA ARG C 407 48.51 -30.28 15.23
C ARG C 407 48.14 -31.08 16.49
N ILE C 408 48.97 -31.01 17.52
CA ILE C 408 48.71 -31.77 18.76
C ILE C 408 47.31 -31.52 19.28
N SER C 409 46.57 -32.60 19.54
CA SER C 409 45.16 -32.51 19.89
C SER C 409 44.91 -33.24 21.22
N PRO C 410 43.68 -33.23 21.75
CA PRO C 410 43.55 -33.80 23.11
C PRO C 410 43.84 -35.30 23.18
N LEU C 411 44.06 -35.79 24.41
CA LEU C 411 44.36 -37.19 24.73
C LEU C 411 45.81 -37.56 24.49
N PHE C 437 64.22 -2.48 2.38
CA PHE C 437 64.58 -3.89 2.50
C PHE C 437 63.93 -4.56 3.73
N GLU C 438 63.38 -5.75 3.53
CA GLU C 438 62.65 -6.43 4.60
C GLU C 438 63.51 -7.33 5.48
N PHE C 439 64.75 -7.59 5.05
CA PHE C 439 65.63 -8.46 5.81
C PHE C 439 66.74 -7.67 6.49
N ASP C 440 66.80 -7.76 7.82
CA ASP C 440 67.80 -7.02 8.59
C ASP C 440 69.19 -7.61 8.41
N PRO C 441 70.10 -6.83 7.78
CA PRO C 441 71.45 -7.27 7.43
C PRO C 441 72.30 -7.64 8.64
N HIS C 442 71.88 -7.18 9.81
CA HIS C 442 72.61 -7.46 11.05
C HIS C 442 72.03 -8.64 11.84
N SER C 443 71.05 -9.33 11.28
CA SER C 443 70.43 -10.47 11.96
C SER C 443 70.57 -11.76 11.16
N ASN C 444 70.36 -12.88 11.83
CA ASN C 444 70.42 -14.19 11.19
C ASN C 444 69.34 -14.31 10.12
N PHE C 445 69.73 -14.69 8.91
CA PHE C 445 68.81 -14.76 7.79
C PHE C 445 67.91 -15.99 7.83
N TYR C 446 68.41 -17.09 8.40
CA TYR C 446 67.69 -18.37 8.34
C TYR C 446 66.77 -18.73 9.51
N HIS C 447 66.87 -18.01 10.62
CA HIS C 447 65.95 -18.19 11.75
C HIS C 447 65.96 -16.97 12.65
N PHE C 448 64.89 -16.82 13.44
CA PHE C 448 64.83 -15.79 14.46
C PHE C 448 65.77 -16.17 15.60
N THR C 449 66.42 -15.18 16.20
CA THR C 449 67.33 -15.42 17.31
C THR C 449 66.74 -15.20 18.72
N ARG C 450 65.47 -14.83 18.80
CA ARG C 450 64.77 -14.68 20.08
C ARG C 450 64.67 -16.00 20.87
N PRO C 451 64.54 -15.92 22.20
CA PRO C 451 64.38 -17.15 22.98
C PRO C 451 63.11 -17.88 22.56
N LEU C 452 63.13 -19.21 22.59
CA LEU C 452 61.95 -19.97 22.22
C LEU C 452 60.81 -19.71 23.19
N ILE C 453 61.16 -19.42 24.45
CA ILE C 453 60.18 -19.18 25.49
C ILE C 453 60.62 -17.96 26.29
N LYS C 454 59.65 -17.14 26.69
CA LYS C 454 59.92 -15.97 27.52
C LYS C 454 60.81 -16.39 28.68
N PRO C 455 61.92 -15.68 28.89
CA PRO C 455 62.82 -15.98 30.01
C PRO C 455 62.12 -15.81 31.36
N GLN C 456 61.13 -14.92 31.42
CA GLN C 456 60.36 -14.75 32.65
C GLN C 456 59.70 -16.07 33.03
N CYS C 457 59.27 -16.83 32.03
CA CYS C 457 58.61 -18.11 32.27
C CYS C 457 59.65 -19.23 32.48
N ALA C 458 60.65 -19.25 31.60
CA ALA C 458 61.64 -20.31 31.56
C ALA C 458 62.51 -20.27 32.82
N ALA C 459 62.72 -19.08 33.35
CA ALA C 459 63.46 -18.91 34.60
C ALA C 459 62.92 -19.76 35.76
N TYR C 460 61.66 -20.17 35.70
CA TYR C 460 61.06 -20.88 36.84
C TYR C 460 61.45 -22.37 36.93
N GLY C 461 61.88 -22.95 35.81
CA GLY C 461 62.14 -24.38 35.79
C GLY C 461 61.90 -24.95 34.41
N LYS C 462 61.65 -26.25 34.35
CA LYS C 462 61.38 -26.93 33.10
C LYS C 462 60.21 -26.27 32.42
N ALA C 463 60.38 -26.06 31.12
CA ALA C 463 59.45 -25.27 30.33
C ALA C 463 58.92 -26.13 29.19
N LEU C 464 57.60 -26.18 29.09
CA LEU C 464 56.92 -26.94 28.05
C LEU C 464 56.06 -25.97 27.26
N ASP C 465 56.35 -25.84 25.95
CA ASP C 465 55.57 -24.93 25.12
C ASP C 465 54.69 -25.69 24.13
N LEU C 466 53.40 -25.72 24.44
CA LEU C 466 52.33 -26.31 23.64
C LEU C 466 51.50 -25.31 22.83
N SER C 467 51.94 -24.06 22.74
CA SER C 467 51.15 -23.04 22.07
C SER C 467 50.93 -23.33 20.59
N LEU C 468 49.89 -22.70 20.03
CA LEU C 468 49.59 -22.83 18.61
C LEU C 468 49.38 -24.30 18.26
N ASN C 469 48.57 -24.94 19.08
CA ASN C 469 48.14 -26.30 18.83
C ASN C 469 46.63 -26.40 18.88
N SER C 470 46.16 -27.63 18.87
CA SER C 470 44.74 -28.00 18.90
C SER C 470 44.16 -28.51 20.21
N ILE C 471 44.81 -28.28 21.35
CA ILE C 471 44.31 -28.95 22.53
C ILE C 471 43.20 -28.08 23.05
N PHE C 472 41.98 -28.42 22.62
CA PHE C 472 40.82 -27.56 22.86
C PHE C 472 40.11 -27.95 24.14
N PHE C 473 40.46 -29.12 24.62
CA PHE C 473 39.90 -29.62 25.86
C PHE C 473 41.00 -30.42 26.56
N ILE C 474 41.22 -30.09 27.83
CA ILE C 474 42.23 -30.80 28.60
C ILE C 474 41.54 -31.89 29.42
N GLY C 475 41.76 -33.15 29.03
CA GLY C 475 41.16 -34.27 29.72
C GLY C 475 41.99 -34.69 30.92
N PRO C 476 41.47 -35.65 31.69
CA PRO C 476 42.07 -36.04 32.98
C PRO C 476 43.47 -36.59 32.82
N ASN C 477 43.77 -37.19 31.66
CA ASN C 477 45.08 -37.78 31.44
C ASN C 477 46.07 -36.99 30.60
N GLN C 478 45.66 -35.80 30.14
CA GLN C 478 46.44 -35.01 29.18
C GLN C 478 47.92 -34.83 29.53
N PHE C 479 48.21 -34.48 30.78
CA PHE C 479 49.57 -34.18 31.20
C PHE C 479 50.33 -35.28 31.92
N GLU C 480 49.75 -36.46 32.06
CA GLU C 480 50.38 -37.49 32.88
C GLU C 480 51.75 -37.92 32.35
N ASN C 481 52.62 -38.31 33.29
CA ASN C 481 53.99 -38.71 33.01
C ASN C 481 54.87 -37.61 32.44
N LEU C 482 54.49 -36.36 32.67
CA LEU C 482 55.34 -35.25 32.30
C LEU C 482 56.39 -35.07 33.39
N PRO C 483 57.52 -34.44 33.05
CA PRO C 483 58.46 -34.04 34.11
C PRO C 483 57.81 -32.99 35.01
N ASP C 484 58.56 -32.48 35.98
CA ASP C 484 57.98 -31.44 36.82
C ASP C 484 58.06 -30.18 35.98
N ILE C 485 56.90 -29.67 35.58
CA ILE C 485 56.84 -28.57 34.65
C ILE C 485 56.60 -27.31 35.46
N ALA C 486 57.57 -26.41 35.43
CA ALA C 486 57.45 -25.10 36.06
C ALA C 486 56.75 -24.06 35.18
N CYS C 487 56.93 -24.21 33.88
CA CYS C 487 56.53 -23.21 32.91
C CYS C 487 55.79 -23.84 31.73
N LEU C 488 54.56 -23.44 31.51
CA LEU C 488 53.69 -24.11 30.53
C LEU C 488 52.97 -23.09 29.67
N ASN C 489 53.02 -23.31 28.35
CA ASN C 489 52.34 -22.45 27.41
C ASN C 489 51.26 -23.23 26.67
N LEU C 490 50.01 -22.93 27.03
CA LEU C 490 48.81 -23.40 26.34
C LEU C 490 48.18 -22.35 25.41
N SER C 491 48.86 -21.24 25.17
CA SER C 491 48.31 -20.18 24.32
C SER C 491 47.85 -20.66 22.94
N ALA C 492 46.76 -20.07 22.45
CA ALA C 492 46.26 -20.33 21.10
C ALA C 492 46.01 -21.80 20.77
N ASN C 493 45.33 -22.48 21.69
CA ASN C 493 44.79 -23.82 21.47
C ASN C 493 43.29 -23.91 21.17
N SER C 494 42.66 -22.74 21.01
CA SER C 494 41.21 -22.64 20.85
C SER C 494 40.43 -23.41 21.92
N ASN C 495 40.89 -23.28 23.17
CA ASN C 495 40.29 -24.01 24.28
C ASN C 495 39.05 -23.27 24.81
N ALA C 496 37.90 -23.92 24.70
CA ALA C 496 36.61 -23.39 25.15
C ALA C 496 36.12 -23.95 26.49
N GLN C 497 36.92 -24.77 27.14
CA GLN C 497 36.45 -25.54 28.29
C GLN C 497 36.29 -24.72 29.57
N VAL C 498 35.52 -25.28 30.51
CA VAL C 498 35.40 -24.72 31.86
C VAL C 498 36.37 -25.41 32.81
N LEU C 499 37.42 -24.69 33.20
CA LEU C 499 38.43 -25.25 34.08
C LEU C 499 37.85 -25.37 35.49
N SER C 500 37.87 -26.60 36.00
CA SER C 500 37.23 -26.94 37.27
C SER C 500 38.15 -27.14 38.47
N GLY C 501 39.46 -27.08 38.27
CA GLY C 501 40.37 -27.32 39.36
C GLY C 501 41.06 -28.68 39.37
N THR C 502 40.65 -29.57 38.49
CA THR C 502 41.36 -30.85 38.34
C THR C 502 42.33 -30.99 37.15
N GLU C 503 42.26 -30.08 36.17
CA GLU C 503 42.92 -30.31 34.87
C GLU C 503 44.44 -30.35 34.89
N PHE C 504 45.05 -29.62 35.82
CA PHE C 504 46.52 -29.54 35.91
C PHE C 504 47.18 -30.43 36.97
N SER C 505 46.37 -31.25 37.64
CA SER C 505 46.82 -32.04 38.79
C SER C 505 48.08 -32.87 38.56
N ALA C 506 48.30 -33.36 37.34
CA ALA C 506 49.51 -34.14 37.07
C ALA C 506 50.75 -33.26 37.02
N ILE C 507 50.56 -31.96 36.83
CA ILE C 507 51.68 -31.02 36.91
C ILE C 507 51.37 -29.87 37.88
N PRO C 508 51.21 -30.21 39.15
CA PRO C 508 50.70 -29.28 40.17
C PRO C 508 51.68 -28.14 40.48
N HIS C 509 52.92 -28.27 40.03
CA HIS C 509 53.95 -27.27 40.38
C HIS C 509 54.20 -26.13 39.38
N VAL C 510 53.37 -26.01 38.35
CA VAL C 510 53.54 -24.92 37.37
C VAL C 510 53.57 -23.56 38.09
N LYS C 511 54.65 -22.80 37.91
CA LYS C 511 54.75 -21.45 38.48
C LYS C 511 54.16 -20.33 37.60
N TYR C 512 54.26 -20.54 36.29
CA TYR C 512 53.98 -19.54 35.29
C TYR C 512 53.17 -20.25 34.23
N LEU C 513 51.94 -19.78 34.01
CA LEU C 513 51.03 -20.44 33.09
C LEU C 513 50.46 -19.43 32.08
N ASP C 514 50.62 -19.75 30.80
CA ASP C 514 50.16 -18.89 29.73
C ASP C 514 48.95 -19.55 29.05
N LEU C 515 47.76 -19.00 29.33
CA LEU C 515 46.50 -19.39 28.69
C LEU C 515 46.00 -18.43 27.61
N THR C 516 46.85 -17.50 27.16
CA THR C 516 46.39 -16.44 26.26
C THR C 516 45.80 -16.92 24.94
N ASN C 517 44.92 -16.10 24.39
CA ASN C 517 44.38 -16.35 23.05
C ASN C 517 43.65 -17.67 22.92
N ASN C 518 42.85 -18.00 23.93
CA ASN C 518 41.87 -19.07 23.83
C ASN C 518 40.43 -18.56 23.87
N ARG C 519 39.49 -19.49 23.89
CA ARG C 519 38.08 -19.21 24.09
C ARG C 519 37.60 -19.51 25.50
N LEU C 520 38.51 -19.53 26.46
CA LEU C 520 38.18 -20.04 27.81
C LEU C 520 36.91 -19.49 28.43
N ASP C 521 36.15 -20.40 29.03
CA ASP C 521 34.87 -20.05 29.64
C ASP C 521 35.05 -20.11 31.15
N PHE C 522 35.10 -18.97 31.83
CA PHE C 522 35.38 -19.04 33.25
C PHE C 522 34.07 -19.13 33.99
N ASP C 523 33.68 -20.38 34.19
CA ASP C 523 32.46 -20.76 34.88
C ASP C 523 32.60 -21.55 36.17
N ASN C 524 33.81 -21.69 36.70
CA ASN C 524 34.01 -22.45 37.92
C ASN C 524 34.97 -21.80 38.91
N ALA C 525 34.48 -21.52 40.12
CA ALA C 525 35.24 -20.80 41.14
C ALA C 525 36.47 -21.56 41.62
N SER C 526 36.53 -22.84 41.28
CA SER C 526 37.69 -23.68 41.59
C SER C 526 38.74 -23.76 40.48
N ALA C 527 38.50 -23.05 39.38
CA ALA C 527 39.38 -23.09 38.23
C ALA C 527 40.85 -22.87 38.60
N LEU C 528 41.72 -23.75 38.11
CA LEU C 528 43.18 -23.59 38.28
C LEU C 528 43.71 -23.69 39.71
N THR C 529 42.83 -23.83 40.70
CA THR C 529 43.25 -23.84 42.09
C THR C 529 44.11 -25.05 42.49
N GLU C 530 44.23 -26.04 41.62
CA GLU C 530 45.11 -27.17 41.93
C GLU C 530 46.58 -26.76 41.80
N LEU C 531 46.84 -25.61 41.18
CA LEU C 531 48.23 -25.18 41.06
C LEU C 531 48.48 -24.19 42.17
N SER C 532 49.03 -24.68 43.27
CA SER C 532 49.06 -23.93 44.53
C SER C 532 50.21 -22.97 44.54
N ASP C 533 51.20 -23.26 43.70
CA ASP C 533 52.42 -22.47 43.67
C ASP C 533 52.42 -21.42 42.56
N LEU C 534 51.29 -21.29 41.86
CA LEU C 534 51.21 -20.43 40.68
C LEU C 534 51.58 -18.98 41.04
N GLU C 535 52.53 -18.43 40.31
CA GLU C 535 53.03 -17.07 40.52
C GLU C 535 52.57 -16.07 39.46
N VAL C 536 52.81 -16.43 38.20
CA VAL C 536 52.32 -15.70 37.03
C VAL C 536 51.21 -16.44 36.27
N LEU C 537 50.09 -15.76 36.06
CA LEU C 537 48.99 -16.29 35.27
C LEU C 537 48.60 -15.30 34.16
N ASP C 538 48.68 -15.74 32.90
CA ASP C 538 48.31 -14.88 31.78
C ASP C 538 47.03 -15.38 31.12
N LEU C 539 45.95 -14.64 31.34
CA LEU C 539 44.64 -14.88 30.73
C LEU C 539 44.26 -13.98 29.54
N SER C 540 45.21 -13.20 29.03
CA SER C 540 44.92 -12.26 27.95
C SER C 540 44.20 -12.91 26.75
N TYR C 541 43.37 -12.12 26.08
CA TYR C 541 42.68 -12.54 24.86
C TYR C 541 41.80 -13.77 25.01
N ASN C 542 41.10 -13.84 26.14
CA ASN C 542 40.00 -14.81 26.37
C ASN C 542 38.57 -14.25 26.28
N SER C 543 38.40 -13.12 25.61
CA SER C 543 37.11 -12.40 25.56
C SER C 543 35.86 -13.15 25.13
N HIS C 544 36.02 -14.30 24.47
CA HIS C 544 34.90 -15.00 23.81
C HIS C 544 33.63 -15.06 24.68
N TYR C 545 33.70 -15.68 25.85
CA TYR C 545 32.54 -15.74 26.74
C TYR C 545 32.29 -14.49 27.59
N PHE C 546 33.33 -13.72 27.88
CA PHE C 546 33.18 -12.53 28.71
C PHE C 546 32.28 -11.52 28.00
N ARG C 547 32.23 -11.58 26.68
CA ARG C 547 31.53 -10.54 25.94
C ARG C 547 30.04 -10.84 25.83
N ILE C 548 29.66 -12.05 26.21
CA ILE C 548 28.25 -12.45 26.23
C ILE C 548 27.64 -12.19 27.61
N ALA C 549 26.72 -11.23 27.71
CA ALA C 549 26.14 -10.83 29.00
C ALA C 549 25.33 -11.95 29.64
N GLY C 550 24.69 -12.75 28.82
CA GLY C 550 23.77 -13.76 29.31
C GLY C 550 24.39 -15.07 29.81
N VAL C 551 25.69 -15.29 29.58
CA VAL C 551 26.29 -16.45 30.24
C VAL C 551 26.87 -16.05 31.60
N THR C 552 27.26 -17.03 32.40
CA THR C 552 27.83 -16.77 33.70
C THR C 552 29.36 -16.61 33.58
N HIS C 553 29.92 -15.74 34.42
CA HIS C 553 31.34 -15.43 34.44
C HIS C 553 31.85 -15.44 35.88
N HIS C 554 32.88 -16.27 36.15
CA HIS C 554 33.42 -16.37 37.50
C HIS C 554 34.94 -16.20 37.57
N LEU C 555 35.35 -15.13 38.21
CA LEU C 555 36.76 -14.84 38.47
C LEU C 555 37.23 -15.16 39.90
N GLU C 556 36.35 -15.72 40.73
CA GLU C 556 36.64 -15.91 42.17
C GLU C 556 37.85 -16.78 42.49
N PHE C 557 38.27 -17.62 41.53
CA PHE C 557 39.38 -18.52 41.76
C PHE C 557 40.67 -17.76 42.08
N ILE C 558 40.73 -16.50 41.67
CA ILE C 558 41.92 -15.69 41.91
C ILE C 558 42.29 -15.58 43.40
N GLN C 559 41.29 -15.50 44.28
CA GLN C 559 41.55 -15.36 45.71
C GLN C 559 42.22 -16.58 46.34
N ASN C 560 42.05 -17.74 45.71
CA ASN C 560 42.49 -19.01 46.28
C ASN C 560 43.99 -19.17 46.26
N PHE C 561 44.66 -18.54 45.30
CA PHE C 561 46.10 -18.68 45.17
C PHE C 561 46.85 -17.97 46.27
N THR C 562 47.73 -18.72 46.90
CA THR C 562 48.49 -18.25 48.03
C THR C 562 49.74 -17.46 47.61
N ASN C 563 50.37 -17.90 46.54
CA ASN C 563 51.54 -17.25 45.97
C ASN C 563 51.40 -16.44 44.68
N LEU C 564 50.17 -16.18 44.21
CA LEU C 564 49.99 -15.48 42.93
C LEU C 564 50.53 -14.03 42.95
N LYS C 565 51.39 -13.72 42.00
CA LYS C 565 52.10 -12.44 41.95
C LYS C 565 51.62 -11.52 40.83
N VAL C 566 51.63 -12.05 39.61
CA VAL C 566 51.28 -11.31 38.41
C VAL C 566 50.11 -11.95 37.66
N LEU C 567 49.10 -11.14 37.33
CA LEU C 567 47.89 -11.61 36.65
C LEU C 567 47.55 -10.67 35.52
N ASN C 568 47.52 -11.21 34.30
CA ASN C 568 47.15 -10.44 33.15
C ASN C 568 45.73 -10.82 32.71
N LEU C 569 44.79 -9.91 32.94
CA LEU C 569 43.39 -10.04 32.47
C LEU C 569 43.13 -9.28 31.16
N SER C 570 44.17 -8.80 30.50
CA SER C 570 43.98 -7.86 29.40
C SER C 570 43.21 -8.39 28.19
N HIS C 571 42.55 -7.45 27.52
CA HIS C 571 41.75 -7.71 26.32
C HIS C 571 40.76 -8.84 26.47
N ASN C 572 40.13 -8.92 27.63
CA ASN C 572 39.06 -9.89 27.79
C ASN C 572 37.67 -9.33 27.64
N ASN C 573 37.57 -8.00 27.46
CA ASN C 573 36.28 -7.37 27.29
C ASN C 573 35.42 -7.64 28.52
N ILE C 574 35.99 -7.57 29.72
CA ILE C 574 35.20 -7.85 30.91
C ILE C 574 34.32 -6.64 31.22
N TYR C 575 33.01 -6.80 31.05
CA TYR C 575 32.03 -5.83 31.56
C TYR C 575 31.03 -6.31 32.60
N THR C 576 31.00 -7.60 32.88
CA THR C 576 30.01 -8.14 33.82
C THR C 576 30.48 -9.46 34.45
N LEU C 577 30.11 -9.67 35.72
CA LEU C 577 30.49 -10.88 36.43
C LEU C 577 29.29 -11.42 37.18
N THR C 578 29.34 -12.71 37.53
CA THR C 578 28.24 -13.34 38.23
C THR C 578 28.45 -13.40 39.74
N ASP C 579 27.64 -12.62 40.45
CA ASP C 579 27.47 -12.73 41.89
C ASP C 579 28.66 -12.27 42.72
N LYS C 580 29.86 -12.33 42.15
CA LYS C 580 31.04 -11.87 42.87
C LYS C 580 31.67 -10.81 42.01
N TYR C 581 31.55 -9.57 42.43
CA TYR C 581 31.93 -8.45 41.58
C TYR C 581 33.37 -8.04 41.82
N ASN C 582 33.99 -8.66 42.83
CA ASN C 582 35.25 -8.17 43.36
C ASN C 582 36.43 -9.11 43.11
N LEU C 583 37.57 -8.54 42.72
CA LEU C 583 38.83 -9.27 42.66
C LEU C 583 39.55 -9.17 44.02
N GLU C 584 39.88 -10.33 44.59
CA GLU C 584 40.52 -10.38 45.91
C GLU C 584 41.76 -11.24 45.88
N SER C 585 42.87 -10.71 46.40
CA SER C 585 44.07 -11.51 46.60
C SER C 585 44.90 -10.95 47.73
N LYS C 586 45.48 -11.82 48.56
CA LYS C 586 46.43 -11.34 49.57
C LYS C 586 47.85 -11.23 49.02
N SER C 587 48.13 -12.03 48.01
CA SER C 587 49.43 -12.06 47.32
C SER C 587 49.66 -11.07 46.15
N LEU C 588 48.64 -10.91 45.29
CA LEU C 588 48.80 -10.26 43.98
C LEU C 588 49.55 -8.92 44.04
N VAL C 589 50.54 -8.81 43.16
CA VAL C 589 51.41 -7.66 43.05
C VAL C 589 50.99 -6.80 41.86
N GLU C 590 50.88 -7.44 40.69
CA GLU C 590 50.59 -6.77 39.45
C GLU C 590 49.29 -7.27 38.81
N LEU C 591 48.40 -6.34 38.51
CA LEU C 591 47.18 -6.65 37.76
C LEU C 591 47.14 -5.84 36.47
N VAL C 592 47.19 -6.55 35.34
CA VAL C 592 46.96 -5.89 34.06
C VAL C 592 45.50 -6.09 33.71
N PHE C 593 44.74 -4.99 33.78
CA PHE C 593 43.34 -4.94 33.38
C PHE C 593 43.05 -4.25 32.03
N SER C 594 44.09 -3.92 31.28
CA SER C 594 43.91 -3.20 30.04
C SER C 594 42.94 -3.89 29.05
N GLY C 595 42.19 -3.12 28.27
CA GLY C 595 41.36 -3.71 27.23
C GLY C 595 40.13 -4.41 27.77
N ASN C 596 39.56 -3.84 28.82
CA ASN C 596 38.32 -4.36 29.36
C ASN C 596 37.31 -3.21 29.37
N ARG C 597 36.13 -3.39 29.97
CA ARG C 597 35.24 -2.23 30.02
C ARG C 597 34.97 -1.77 31.44
N LEU C 598 35.80 -0.85 31.91
CA LEU C 598 35.58 -0.31 33.24
C LEU C 598 34.63 0.86 33.06
N ASP C 599 34.44 1.27 31.81
CA ASP C 599 33.45 2.31 31.50
C ASP C 599 32.05 1.79 31.81
N ILE C 600 31.81 0.51 31.52
CA ILE C 600 30.54 -0.12 31.91
C ILE C 600 30.49 -0.52 33.39
N LEU C 601 31.56 -1.18 33.85
CA LEU C 601 31.66 -1.62 35.24
C LEU C 601 31.53 -0.45 36.22
N TRP C 602 32.19 0.64 35.89
CA TRP C 602 32.18 1.85 36.71
C TRP C 602 31.12 2.86 36.30
N ASN C 603 30.19 2.43 35.46
CA ASN C 603 29.08 3.29 35.03
C ASN C 603 28.40 3.97 36.22
N ASP C 604 28.07 5.25 36.03
CA ASP C 604 27.45 6.09 37.06
C ASP C 604 26.20 5.53 37.74
N ASP C 605 25.46 4.69 37.02
CA ASP C 605 24.22 4.15 37.56
C ASP C 605 24.41 2.79 38.23
N ASP C 606 25.65 2.32 38.31
CA ASP C 606 25.93 0.99 38.86
C ASP C 606 26.90 1.05 40.06
N ASN C 607 26.46 0.55 41.20
CA ASN C 607 27.28 0.56 42.42
C ASN C 607 28.04 -0.72 42.66
N ARG C 608 27.80 -1.71 41.81
CA ARG C 608 28.24 -3.08 42.10
C ARG C 608 29.76 -3.27 42.04
N TYR C 609 30.42 -2.55 41.14
CA TYR C 609 31.86 -2.71 40.89
C TYR C 609 32.80 -1.70 41.54
N ILE C 610 32.29 -0.82 42.39
CA ILE C 610 33.13 0.26 42.91
C ILE C 610 34.27 -0.21 43.83
N SER C 611 34.16 -1.43 44.31
CA SER C 611 35.24 -2.05 45.11
C SER C 611 36.12 -3.03 44.34
N ILE C 612 35.91 -3.14 43.03
CA ILE C 612 36.45 -4.25 42.24
C ILE C 612 37.92 -4.65 42.49
N PHE C 613 38.80 -3.66 42.69
CA PHE C 613 40.21 -3.94 43.01
C PHE C 613 40.62 -3.81 44.49
N LYS C 614 39.69 -3.40 45.35
CA LYS C 614 40.06 -3.03 46.71
C LYS C 614 40.61 -4.21 47.49
N GLY C 615 40.05 -5.39 47.26
CA GLY C 615 40.51 -6.60 47.91
C GLY C 615 41.87 -7.10 47.42
N LEU C 616 42.52 -6.39 46.51
CA LEU C 616 43.89 -6.79 46.19
C LEU C 616 44.78 -5.98 47.13
N LYS C 617 45.17 -6.63 48.23
CA LYS C 617 45.79 -5.94 49.36
C LYS C 617 47.28 -5.70 49.14
N ASN C 618 47.89 -6.56 48.33
CA ASN C 618 49.32 -6.49 48.11
C ASN C 618 49.67 -5.73 46.83
N LEU C 619 48.67 -5.17 46.15
CA LEU C 619 48.89 -4.71 44.79
C LEU C 619 49.73 -3.43 44.76
N THR C 620 50.89 -3.50 44.09
CA THR C 620 51.67 -2.30 43.80
C THR C 620 51.60 -1.76 42.37
N ARG C 621 51.12 -2.57 41.43
CA ARG C 621 51.09 -2.13 40.03
C ARG C 621 49.78 -2.49 39.35
N LEU C 622 49.11 -1.48 38.80
CA LEU C 622 47.78 -1.63 38.22
C LEU C 622 47.70 -0.96 36.85
N ASP C 623 47.25 -1.72 35.85
CA ASP C 623 47.14 -1.21 34.48
C ASP C 623 45.65 -1.13 34.05
N LEU C 624 45.15 0.10 34.01
CA LEU C 624 43.77 0.41 33.62
C LEU C 624 43.63 0.95 32.19
N SER C 625 44.71 0.90 31.42
CA SER C 625 44.72 1.41 30.06
C SER C 625 43.65 0.76 29.16
N LEU C 626 43.21 1.49 28.13
CA LEU C 626 42.30 0.95 27.10
C LEU C 626 40.99 0.44 27.68
N ASN C 627 40.50 1.11 28.70
CA ASN C 627 39.19 0.84 29.28
C ASN C 627 38.04 1.80 28.87
N ARG C 628 38.32 2.67 27.91
CA ARG C 628 37.34 3.60 27.36
C ARG C 628 36.79 4.51 28.43
N LEU C 629 37.59 4.83 29.44
CA LEU C 629 37.11 5.63 30.56
C LEU C 629 37.04 7.11 30.21
N LYS C 630 35.84 7.69 30.30
CA LYS C 630 35.66 9.14 30.21
C LYS C 630 35.87 9.85 31.55
N HIS C 631 35.45 9.19 32.64
CA HIS C 631 35.69 9.66 34.00
C HIS C 631 35.69 8.47 34.95
N ILE C 632 36.41 8.59 36.06
CA ILE C 632 36.34 7.59 37.12
C ILE C 632 35.59 8.17 38.32
N PRO C 633 34.54 7.49 38.78
CA PRO C 633 33.84 7.94 39.98
C PRO C 633 34.82 8.08 41.15
N ASN C 634 34.66 9.12 41.97
CA ASN C 634 35.59 9.38 43.07
C ASN C 634 35.71 8.19 44.02
N GLU C 635 34.57 7.57 44.29
CA GLU C 635 34.49 6.48 45.25
C GLU C 635 35.19 5.24 44.71
N ALA C 636 35.10 5.04 43.39
CA ALA C 636 35.84 3.98 42.74
C ALA C 636 37.35 4.21 42.82
N PHE C 637 37.78 5.44 42.56
CA PHE C 637 39.21 5.76 42.62
C PHE C 637 39.75 5.57 44.03
N LEU C 638 38.99 6.04 45.01
CA LEU C 638 39.38 5.90 46.41
C LEU C 638 39.45 4.45 46.82
N ASN C 639 38.73 3.59 46.11
CA ASN C 639 38.75 2.16 46.39
C ASN C 639 39.86 1.36 45.72
N LEU C 640 40.75 2.04 44.99
CA LEU C 640 41.92 1.35 44.45
C LEU C 640 42.84 1.04 45.64
N PRO C 641 43.68 0.00 45.51
CA PRO C 641 44.54 -0.34 46.65
C PRO C 641 45.51 0.78 47.06
N ALA C 642 45.54 1.09 48.36
CA ALA C 642 46.39 2.14 48.90
C ALA C 642 47.86 1.80 48.80
N SER C 643 48.18 0.54 48.53
CA SER C 643 49.57 0.11 48.41
C SER C 643 50.15 0.34 47.02
N LEU C 644 49.35 0.89 46.11
CA LEU C 644 49.82 1.07 44.73
C LEU C 644 51.07 1.95 44.65
N THR C 645 52.13 1.41 44.07
CA THR C 645 53.27 2.23 43.69
C THR C 645 53.13 2.80 42.28
N GLU C 646 52.44 2.06 41.42
CA GLU C 646 52.43 2.36 39.99
C GLU C 646 51.04 2.17 39.35
N LEU C 647 50.51 3.23 38.75
CA LEU C 647 49.14 3.23 38.22
C LEU C 647 49.08 3.80 36.82
N HIS C 648 48.62 2.96 35.89
CA HIS C 648 48.50 3.35 34.49
C HIS C 648 47.03 3.47 34.14
N ILE C 649 46.60 4.71 33.90
CA ILE C 649 45.29 5.03 33.35
C ILE C 649 45.30 5.48 31.89
N ASN C 650 46.43 5.27 31.23
CA ASN C 650 46.68 5.79 29.88
C ASN C 650 45.78 5.25 28.76
N ASP C 651 45.73 5.97 27.64
CA ASP C 651 44.94 5.57 26.46
C ASP C 651 43.50 5.25 26.81
N ASN C 652 42.89 6.10 27.62
CA ASN C 652 41.45 6.13 27.82
C ASN C 652 40.95 7.47 27.29
N MET C 653 39.69 7.77 27.54
CA MET C 653 39.07 9.06 27.20
C MET C 653 38.93 10.12 28.30
N LEU C 654 39.65 10.00 29.42
CA LEU C 654 39.41 10.92 30.54
C LEU C 654 39.49 12.41 30.17
N LYS C 655 38.42 13.15 30.40
CA LYS C 655 38.48 14.61 30.31
C LYS C 655 38.72 15.26 31.67
N PHE C 656 38.62 14.44 32.71
CA PHE C 656 38.69 14.92 34.09
C PHE C 656 39.52 13.96 34.95
N PHE C 657 40.31 14.52 35.87
CA PHE C 657 41.03 13.72 36.86
C PHE C 657 41.02 14.47 38.18
N ASN C 658 40.59 13.78 39.25
CA ASN C 658 40.45 14.44 40.55
C ASN C 658 41.79 14.25 41.24
N TRP C 659 42.58 15.31 41.29
CA TRP C 659 43.94 15.22 41.79
C TRP C 659 44.00 15.05 43.29
N THR C 660 42.99 15.59 43.98
CA THR C 660 42.91 15.57 45.44
C THR C 660 43.01 14.16 45.99
N LEU C 661 42.49 13.20 45.26
CA LEU C 661 42.40 11.82 45.72
C LEU C 661 43.76 11.12 45.83
N LEU C 662 44.81 11.76 45.30
CA LEU C 662 46.15 11.20 45.41
C LEU C 662 46.67 11.23 46.85
N GLN C 663 45.95 11.95 47.70
CA GLN C 663 46.26 12.02 49.14
C GLN C 663 46.06 10.66 49.80
N GLN C 664 45.34 9.77 49.15
CA GLN C 664 45.04 8.47 49.73
C GLN C 664 46.01 7.40 49.26
N PHE C 665 47.01 7.81 48.50
CA PHE C 665 48.00 6.88 47.99
C PHE C 665 49.40 7.37 48.30
N PRO C 666 49.83 7.16 49.55
CA PRO C 666 51.10 7.69 50.05
C PRO C 666 52.30 6.98 49.45
N ARG C 667 52.06 5.83 48.83
CA ARG C 667 53.13 5.08 48.19
C ARG C 667 53.26 5.26 46.67
N LEU C 668 52.40 6.09 46.07
CA LEU C 668 52.34 6.13 44.60
C LEU C 668 53.53 6.90 44.04
N GLU C 669 54.39 6.18 43.32
CA GLU C 669 55.53 6.73 42.60
C GLU C 669 55.32 7.16 41.13
N LEU C 670 54.58 6.34 40.38
CA LEU C 670 54.35 6.61 38.96
C LEU C 670 52.86 6.69 38.64
N LEU C 671 52.46 7.80 38.03
CA LEU C 671 51.09 7.98 37.61
C LEU C 671 51.13 8.28 36.12
N ASP C 672 50.54 7.39 35.33
CA ASP C 672 50.61 7.50 33.89
C ASP C 672 49.20 7.80 33.36
N LEU C 673 48.98 9.05 32.98
CA LEU C 673 47.73 9.53 32.42
C LEU C 673 47.73 9.75 30.89
N ARG C 674 48.79 9.29 30.21
CA ARG C 674 48.99 9.52 28.77
C ARG C 674 47.82 9.13 27.86
N GLY C 675 47.64 9.84 26.75
CA GLY C 675 46.62 9.48 25.78
C GLY C 675 45.20 9.62 26.30
N ASN C 676 44.93 10.70 26.99
CA ASN C 676 43.57 11.04 27.38
C ASN C 676 43.25 12.44 26.87
N LYS C 677 42.08 12.95 27.22
CA LYS C 677 41.63 14.31 26.86
C LYS C 677 41.81 15.40 27.92
N LEU C 678 42.55 15.12 28.99
CA LEU C 678 42.61 16.04 30.15
C LEU C 678 42.97 17.47 29.75
N LEU C 679 42.11 18.42 30.11
CA LEU C 679 42.35 19.83 29.80
C LEU C 679 43.01 20.63 30.93
N PHE C 680 43.06 20.06 32.12
CA PHE C 680 43.48 20.82 33.30
C PHE C 680 44.51 20.11 34.15
N LEU C 681 45.37 20.92 34.76
CA LEU C 681 46.23 20.46 35.84
C LEU C 681 45.80 21.21 37.10
N THR C 682 45.95 20.57 38.26
CA THR C 682 45.66 21.23 39.53
C THR C 682 46.82 22.13 39.91
N ASP C 683 46.53 23.15 40.70
CA ASP C 683 47.58 24.07 41.16
C ASP C 683 48.13 23.62 42.51
N SER C 684 47.46 22.63 43.09
CA SER C 684 47.73 22.14 44.43
C SER C 684 48.55 20.85 44.62
N LEU C 685 49.13 20.31 43.55
CA LEU C 685 49.70 18.94 43.57
C LEU C 685 50.60 18.63 44.78
N SER C 686 51.35 19.61 45.25
CA SER C 686 52.23 19.41 46.40
C SER C 686 51.43 19.10 47.67
N ASP C 687 50.18 19.51 47.69
CA ASP C 687 49.32 19.20 48.83
C ASP C 687 48.67 17.84 48.66
N PHE C 688 48.68 17.32 47.44
CA PHE C 688 48.09 16.02 47.16
C PHE C 688 49.04 14.83 47.17
N THR C 689 50.33 15.08 47.00
CA THR C 689 51.27 13.96 46.95
C THR C 689 52.64 14.30 47.53
N SER C 690 53.14 13.43 48.40
CA SER C 690 54.53 13.52 48.81
C SER C 690 55.42 12.50 48.09
N SER C 691 54.80 11.52 47.44
CA SER C 691 55.54 10.39 46.90
C SER C 691 55.80 10.34 45.40
N LEU C 692 55.16 11.20 44.62
CA LEU C 692 55.11 10.94 43.18
C LEU C 692 56.46 11.32 42.56
N ARG C 693 57.15 10.32 42.01
CA ARG C 693 58.39 10.52 41.26
C ARG C 693 58.19 10.82 39.76
N THR C 694 57.25 10.10 39.15
CA THR C 694 57.02 10.15 37.69
C THR C 694 55.56 10.43 37.33
N LEU C 695 55.33 11.47 36.52
CA LEU C 695 54.00 11.85 36.05
C LEU C 695 54.02 11.96 34.52
N LEU C 696 53.29 11.09 33.84
CA LEU C 696 53.28 11.10 32.39
C LEU C 696 51.93 11.60 31.89
N LEU C 697 51.95 12.84 31.41
CA LEU C 697 50.75 13.50 30.90
C LEU C 697 50.66 13.60 29.38
N SER C 698 51.62 13.03 28.66
CA SER C 698 51.69 13.26 27.22
C SER C 698 50.45 12.82 26.45
N HIS C 699 50.20 13.51 25.34
CA HIS C 699 48.99 13.33 24.54
C HIS C 699 47.74 13.59 25.36
N ASN C 700 47.64 14.83 25.83
CA ASN C 700 46.44 15.32 26.48
C ASN C 700 46.21 16.74 25.97
N ARG C 701 45.14 17.36 26.44
CA ARG C 701 44.71 18.68 25.98
C ARG C 701 45.22 19.87 26.79
N ILE C 702 46.19 19.65 27.68
CA ILE C 702 46.59 20.69 28.63
C ILE C 702 47.23 21.88 27.92
N SER C 703 46.61 23.06 28.08
CA SER C 703 47.09 24.29 27.43
C SER C 703 47.85 25.24 28.35
N HIS C 704 47.88 24.94 29.64
CA HIS C 704 48.46 25.87 30.62
C HIS C 704 49.12 25.16 31.79
N LEU C 705 50.27 25.65 32.20
CA LEU C 705 50.95 25.15 33.40
C LEU C 705 50.65 26.07 34.58
N PRO C 706 50.03 25.53 35.63
CA PRO C 706 49.65 26.33 36.80
C PRO C 706 50.85 27.02 37.45
N SER C 707 50.63 28.25 37.90
CA SER C 707 51.65 28.98 38.64
C SER C 707 52.03 28.19 39.88
N GLY C 708 53.31 27.94 40.05
CA GLY C 708 53.79 27.11 41.14
C GLY C 708 53.20 25.72 41.05
N PHE C 709 53.21 25.16 39.84
CA PHE C 709 52.83 23.77 39.63
C PHE C 709 53.87 22.91 40.32
N LEU C 710 55.13 23.34 40.18
CA LEU C 710 56.26 22.61 40.74
C LEU C 710 56.53 22.85 42.22
N SER C 711 56.13 24.00 42.72
CA SER C 711 56.51 24.41 44.07
C SER C 711 56.09 23.38 45.12
N GLU C 712 57.06 23.00 45.95
CA GLU C 712 56.85 22.08 47.06
C GLU C 712 56.63 20.59 46.72
N VAL C 713 56.55 20.22 45.44
CA VAL C 713 56.56 18.77 45.18
C VAL C 713 58.00 18.36 44.96
N SER C 714 58.57 17.81 46.02
CA SER C 714 60.00 17.57 46.08
C SER C 714 60.31 16.20 45.53
N SER C 715 59.26 15.40 45.40
CA SER C 715 59.46 14.03 44.99
C SER C 715 59.60 13.87 43.48
N LEU C 716 59.09 14.84 42.71
CA LEU C 716 58.93 14.61 41.28
C LEU C 716 60.26 14.68 40.55
N LYS C 717 60.68 13.54 40.03
CA LYS C 717 61.90 13.42 39.23
C LYS C 717 61.63 13.70 37.74
N HIS C 718 60.49 13.21 37.24
CA HIS C 718 60.27 13.07 35.81
C HIS C 718 58.87 13.56 35.42
N LEU C 719 58.81 14.58 34.58
CA LEU C 719 57.54 15.12 34.13
C LEU C 719 57.44 15.07 32.61
N ASP C 720 56.40 14.43 32.08
CA ASP C 720 56.22 14.36 30.64
C ASP C 720 54.99 15.15 30.22
N LEU C 721 55.25 16.31 29.65
CA LEU C 721 54.20 17.19 29.12
C LEU C 721 54.02 17.16 27.60
N SER C 722 54.77 16.29 26.92
CA SER C 722 54.84 16.30 25.46
C SER C 722 53.48 16.05 24.81
N SER C 723 53.34 16.46 23.55
CA SER C 723 52.06 16.36 22.83
C SER C 723 50.84 16.88 23.61
N ASN C 724 51.01 18.06 24.21
CA ASN C 724 49.89 18.77 24.79
C ASN C 724 49.67 20.05 24.01
N LEU C 725 48.77 20.90 24.50
CA LEU C 725 48.39 22.13 23.81
C LEU C 725 49.14 23.40 24.27
N LEU C 726 50.19 23.23 25.07
CA LEU C 726 50.89 24.36 25.69
C LEU C 726 51.40 25.38 24.67
N LYS C 727 50.94 26.62 24.82
CA LYS C 727 51.47 27.74 24.02
C LYS C 727 52.72 28.34 24.64
N THR C 728 52.87 28.22 25.96
CA THR C 728 54.01 28.80 26.68
C THR C 728 54.18 28.23 28.09
N ILE C 729 55.23 28.66 28.77
CA ILE C 729 55.43 28.35 30.19
C ILE C 729 55.85 29.59 30.98
N ASN C 730 55.02 30.01 31.93
CA ASN C 730 55.25 31.23 32.69
C ASN C 730 56.41 31.10 33.69
N LYS C 731 56.99 32.22 34.10
CA LYS C 731 58.06 32.21 35.09
C LYS C 731 57.53 31.69 36.44
N SER C 732 56.25 31.94 36.69
CA SER C 732 55.61 31.50 37.93
C SER C 732 55.41 30.00 37.96
N ALA C 733 55.49 29.35 36.81
CA ALA C 733 55.10 27.93 36.68
C ALA C 733 56.04 26.94 37.34
N LEU C 734 57.32 26.98 36.97
CA LEU C 734 58.30 26.04 37.50
C LEU C 734 59.11 26.62 38.66
N GLU C 735 58.84 27.88 39.00
CA GLU C 735 59.60 28.61 40.03
C GLU C 735 59.71 27.88 41.37
N THR C 736 60.93 27.83 41.93
CA THR C 736 61.22 27.02 43.11
C THR C 736 61.77 27.79 44.33
N LYS C 737 61.03 27.73 45.44
CA LYS C 737 61.53 28.22 46.72
C LYS C 737 62.06 27.07 47.57
N THR C 738 61.94 25.85 47.05
CA THR C 738 62.26 24.63 47.77
C THR C 738 63.30 23.78 47.03
N THR C 739 63.60 22.60 47.56
CA THR C 739 64.41 21.65 46.82
C THR C 739 63.53 21.02 45.73
N THR C 740 64.05 21.02 44.50
CA THR C 740 63.36 20.41 43.37
C THR C 740 64.27 19.41 42.67
N LYS C 741 63.93 18.13 42.76
CA LYS C 741 64.75 17.08 42.20
C LYS C 741 64.42 16.71 40.75
N LEU C 742 63.58 17.51 40.11
CA LEU C 742 63.18 17.21 38.74
C LEU C 742 64.41 17.08 37.83
N SER C 743 64.64 15.87 37.31
CA SER C 743 65.75 15.65 36.39
C SER C 743 65.36 15.52 34.92
N MET C 744 64.06 15.41 34.65
CA MET C 744 63.62 15.24 33.27
C MET C 744 62.27 15.91 32.96
N LEU C 745 62.24 16.67 31.87
CA LEU C 745 61.06 17.40 31.45
C LEU C 745 60.88 17.26 29.93
N GLU C 746 59.74 16.74 29.50
CA GLU C 746 59.51 16.50 28.07
C GLU C 746 58.48 17.46 27.47
N LEU C 747 58.95 18.41 26.67
CA LEU C 747 58.08 19.38 26.04
C LEU C 747 57.73 19.19 24.56
N HIS C 748 58.29 18.18 23.91
CA HIS C 748 58.19 18.10 22.45
C HIS C 748 56.76 17.89 21.95
N GLY C 749 56.40 18.57 20.87
CA GLY C 749 55.07 18.40 20.28
C GLY C 749 54.02 19.37 20.78
N ASN C 750 54.41 20.33 21.61
CA ASN C 750 53.53 21.43 22.01
C ASN C 750 53.62 22.60 21.04
N PRO C 751 52.48 23.27 20.78
CA PRO C 751 52.43 24.41 19.85
C PRO C 751 52.90 25.71 20.49
N PHE C 752 54.19 25.84 20.72
CA PHE C 752 54.73 26.99 21.40
C PHE C 752 54.51 28.30 20.63
N GLU C 753 54.36 29.38 21.38
CA GLU C 753 54.34 30.71 20.81
C GLU C 753 55.71 31.35 21.05
N CYS C 754 56.44 31.55 19.97
CA CYS C 754 57.84 31.95 20.01
C CYS C 754 58.08 33.45 20.08
N THR C 755 57.03 34.21 20.38
CA THR C 755 57.16 35.64 20.60
C THR C 755 57.98 35.85 21.87
N CYS C 756 58.23 37.10 22.24
CA CYS C 756 59.16 37.40 23.35
C CYS C 756 58.75 36.77 24.68
N ASP C 757 57.49 36.34 24.77
CA ASP C 757 56.91 35.80 25.99
C ASP C 757 57.45 34.40 26.38
N ILE C 758 58.25 33.80 25.50
CA ILE C 758 58.86 32.50 25.76
C ILE C 758 60.21 32.68 26.43
N GLY C 759 60.59 33.94 26.64
CA GLY C 759 61.88 34.29 27.20
C GLY C 759 62.14 33.80 28.61
N ASP C 760 61.14 33.93 29.48
CA ASP C 760 61.27 33.52 30.88
C ASP C 760 61.76 32.09 30.98
N PHE C 761 61.15 31.24 30.16
CA PHE C 761 61.43 29.81 30.18
C PHE C 761 62.77 29.47 29.52
N ARG C 762 63.07 30.15 28.42
CA ARG C 762 64.36 30.01 27.74
C ARG C 762 65.48 30.32 28.74
N ARG C 763 65.26 31.34 29.56
CA ARG C 763 66.17 31.68 30.65
C ARG C 763 66.15 30.59 31.72
N TRP C 764 64.95 30.06 32.02
CA TRP C 764 64.82 29.01 33.02
C TRP C 764 65.63 27.76 32.65
N MET C 765 65.59 27.40 31.36
CA MET C 765 66.37 26.26 30.86
C MET C 765 67.84 26.52 31.10
N ASP C 766 68.29 27.72 30.73
CA ASP C 766 69.69 28.10 30.88
C ASP C 766 70.10 28.10 32.35
N GLU C 767 69.16 28.38 33.23
CA GLU C 767 69.46 28.41 34.67
C GLU C 767 69.49 27.03 35.32
N HIS C 768 68.62 26.12 34.90
CA HIS C 768 68.70 24.74 35.37
C HIS C 768 69.06 23.79 34.22
N LEU C 769 70.31 23.36 34.21
CA LEU C 769 70.78 22.44 33.17
C LEU C 769 70.77 21.01 33.71
N ASN C 770 70.47 20.88 34.99
CA ASN C 770 70.30 19.58 35.63
C ASN C 770 69.00 18.94 35.18
N VAL C 771 68.09 19.76 34.66
CA VAL C 771 66.83 19.28 34.14
C VAL C 771 67.04 18.99 32.67
N LYS C 772 67.02 17.71 32.33
CA LYS C 772 67.28 17.29 30.97
C LYS C 772 66.01 17.38 30.13
N ILE C 773 66.06 18.15 29.04
CA ILE C 773 64.96 18.20 28.10
C ILE C 773 65.37 17.55 26.77
N PRO C 774 64.81 16.37 26.49
CA PRO C 774 65.13 15.57 25.31
C PRO C 774 64.43 16.11 24.07
N ARG C 775 64.95 15.76 22.90
CA ARG C 775 64.29 16.06 21.62
C ARG C 775 64.07 17.55 21.44
N LEU C 776 65.07 18.35 21.83
CA LEU C 776 64.98 19.80 21.70
C LEU C 776 64.60 20.22 20.29
N VAL C 777 65.18 19.54 19.29
CA VAL C 777 64.85 19.79 17.89
C VAL C 777 63.36 19.64 17.63
N ASP C 778 62.70 18.81 18.44
CA ASP C 778 61.26 18.61 18.31
C ASP C 778 60.44 19.47 19.27
N VAL C 779 61.11 20.32 20.04
CA VAL C 779 60.41 21.34 20.83
C VAL C 779 60.42 22.59 19.94
N ILE C 780 59.25 22.92 19.39
CA ILE C 780 59.16 23.75 18.20
C ILE C 780 58.07 24.82 18.30
N CYS C 781 58.36 26.02 17.78
CA CYS C 781 57.37 27.09 17.73
C CYS C 781 56.28 26.82 16.70
N ALA C 782 55.03 26.94 17.12
CA ALA C 782 53.92 26.95 16.18
C ALA C 782 53.77 28.35 15.59
N SER C 783 53.97 29.35 16.43
CA SER C 783 53.88 30.75 16.05
C SER C 783 55.02 31.51 16.74
N PRO C 784 55.38 32.71 16.23
CA PRO C 784 54.88 33.44 15.06
C PRO C 784 55.17 32.74 13.73
N GLY C 785 54.46 33.14 12.68
CA GLY C 785 54.56 32.51 11.38
C GLY C 785 55.95 32.38 10.80
N ASP C 786 56.79 33.39 11.03
CA ASP C 786 58.17 33.37 10.54
C ASP C 786 59.07 32.53 11.45
N GLN C 787 58.70 32.42 12.72
CA GLN C 787 59.45 31.61 13.67
C GLN C 787 59.03 30.14 13.58
N ARG C 788 57.96 29.89 12.83
CA ARG C 788 57.37 28.56 12.71
C ARG C 788 58.36 27.48 12.22
N GLY C 789 58.40 26.37 12.95
CA GLY C 789 59.23 25.24 12.56
C GLY C 789 60.57 25.20 13.25
N LYS C 790 61.05 26.35 13.71
CA LYS C 790 62.35 26.40 14.34
C LYS C 790 62.25 25.94 15.79
N SER C 791 63.33 25.36 16.30
CA SER C 791 63.38 24.95 17.69
C SER C 791 63.34 26.18 18.59
N ILE C 792 62.61 26.07 19.69
CA ILE C 792 62.49 27.17 20.65
C ILE C 792 63.84 27.61 21.22
N VAL C 793 64.85 26.76 21.12
CA VAL C 793 66.16 27.04 21.70
C VAL C 793 67.00 27.96 20.80
N SER C 794 66.50 28.26 19.61
CA SER C 794 67.15 29.25 18.74
C SER C 794 66.25 30.47 18.55
N LEU C 795 66.62 31.58 19.21
CA LEU C 795 65.80 32.78 19.21
C LEU C 795 66.57 34.04 19.60
N GLU C 796 65.99 35.20 19.30
CA GLU C 796 66.57 36.47 19.70
C GLU C 796 66.59 36.63 21.21
N SER D 9 -61.19 4.09 -58.37
CA SER D 9 -62.31 4.36 -57.48
C SER D 9 -61.92 4.18 -56.00
N ARG D 10 -60.62 4.18 -55.73
CA ARG D 10 -60.15 4.15 -54.35
C ARG D 10 -60.00 5.59 -53.86
N SER D 11 -60.73 5.94 -52.80
CA SER D 11 -60.81 7.33 -52.35
C SER D 11 -59.47 7.86 -51.81
N TYR D 12 -59.10 9.07 -52.26
CA TYR D 12 -57.86 9.70 -51.83
C TYR D 12 -58.01 11.22 -51.80
N PRO D 13 -57.30 11.90 -50.88
CA PRO D 13 -56.59 11.39 -49.70
C PRO D 13 -57.57 10.95 -48.60
N CYS D 14 -58.81 11.38 -48.73
CA CYS D 14 -59.83 11.14 -47.72
C CYS D 14 -60.31 9.69 -47.66
N ASP D 15 -60.83 9.29 -46.50
CA ASP D 15 -61.45 7.99 -46.33
C ASP D 15 -62.97 8.13 -46.36
N GLU D 16 -63.64 7.31 -47.18
CA GLU D 16 -65.09 7.40 -47.33
C GLU D 16 -65.83 6.36 -46.47
N LYS D 17 -66.87 6.81 -45.80
CA LYS D 17 -67.56 6.03 -44.78
C LYS D 17 -69.06 6.07 -45.08
N LYS D 18 -69.83 5.16 -44.49
CA LYS D 18 -71.28 5.14 -44.67
C LYS D 18 -72.00 5.31 -43.35
N GLN D 19 -72.76 6.40 -43.23
CA GLN D 19 -73.49 6.71 -41.99
C GLN D 19 -74.90 7.23 -42.28
N ASN D 20 -75.90 6.55 -41.71
CA ASN D 20 -77.33 6.88 -41.89
C ASN D 20 -77.81 7.18 -43.33
N ASP D 21 -77.39 6.35 -44.28
CA ASP D 21 -77.71 6.50 -45.70
C ASP D 21 -76.90 7.64 -46.36
N SER D 22 -76.08 8.32 -45.55
CA SER D 22 -75.23 9.40 -46.04
C SER D 22 -73.74 9.06 -45.95
N VAL D 23 -73.01 9.24 -47.05
CA VAL D 23 -71.57 8.97 -47.04
C VAL D 23 -70.76 10.20 -46.64
N ILE D 24 -69.80 9.99 -45.73
CA ILE D 24 -68.96 11.07 -45.22
C ILE D 24 -67.47 10.84 -45.48
N ALA D 25 -66.69 11.91 -45.48
CA ALA D 25 -65.26 11.83 -45.78
C ALA D 25 -64.39 12.32 -44.62
N GLU D 26 -63.45 11.48 -44.19
CA GLU D 26 -62.51 11.87 -43.14
C GLU D 26 -61.14 12.16 -43.73
N CYS D 27 -60.81 13.44 -43.83
CA CYS D 27 -59.51 13.90 -44.31
C CYS D 27 -58.56 14.35 -43.20
N SER D 28 -59.00 14.22 -41.95
CA SER D 28 -58.28 14.79 -40.82
C SER D 28 -56.87 14.25 -40.61
N ASN D 29 -56.01 15.10 -40.05
CA ASN D 29 -54.67 14.70 -39.61
C ASN D 29 -53.82 14.09 -40.71
N ARG D 30 -54.07 14.51 -41.96
CA ARG D 30 -53.36 13.96 -43.12
C ARG D 30 -52.18 14.78 -43.65
N ARG D 31 -51.80 15.84 -42.94
CA ARG D 31 -50.68 16.71 -43.31
C ARG D 31 -50.92 17.47 -44.61
N LEU D 32 -52.18 17.70 -44.95
CA LEU D 32 -52.56 18.42 -46.16
C LEU D 32 -52.27 19.91 -46.09
N GLN D 33 -51.73 20.47 -47.17
CA GLN D 33 -51.45 21.90 -47.25
C GLN D 33 -52.57 22.72 -47.91
N GLU D 34 -53.61 22.04 -48.39
CA GLU D 34 -54.80 22.72 -48.89
C GLU D 34 -55.98 21.76 -49.06
N VAL D 35 -57.13 22.32 -49.44
CA VAL D 35 -58.35 21.54 -49.59
C VAL D 35 -58.23 20.61 -50.80
N PRO D 36 -58.27 19.30 -50.56
CA PRO D 36 -58.20 18.32 -51.64
C PRO D 36 -59.37 18.47 -52.62
N GLN D 37 -59.07 18.42 -53.91
CA GLN D 37 -60.11 18.57 -54.92
C GLN D 37 -60.63 17.22 -55.36
N THR D 38 -60.10 16.16 -54.77
CA THR D 38 -60.46 14.81 -55.14
C THR D 38 -61.59 14.24 -54.27
N VAL D 39 -62.16 15.08 -53.42
CA VAL D 39 -63.28 14.68 -52.57
C VAL D 39 -64.51 14.29 -53.40
N GLY D 40 -65.07 13.12 -53.13
CA GLY D 40 -66.24 12.62 -53.83
C GLY D 40 -67.42 13.57 -53.72
N LYS D 41 -68.04 13.88 -54.85
CA LYS D 41 -69.06 14.94 -54.91
C LYS D 41 -70.38 14.57 -54.22
N TYR D 42 -70.46 13.33 -53.75
CA TYR D 42 -71.65 12.82 -53.08
C TYR D 42 -71.57 12.92 -51.56
N VAL D 43 -70.46 13.46 -51.04
CA VAL D 43 -70.25 13.51 -49.59
C VAL D 43 -71.08 14.59 -48.89
N THR D 44 -71.79 14.19 -47.84
CA THR D 44 -72.58 15.13 -47.06
C THR D 44 -71.83 15.73 -45.86
N GLU D 45 -70.69 15.16 -45.49
CA GLU D 45 -69.88 15.66 -44.37
C GLU D 45 -68.40 15.54 -44.70
N LEU D 46 -67.61 16.56 -44.37
CA LEU D 46 -66.20 16.58 -44.71
C LEU D 46 -65.34 17.06 -43.54
N ASP D 47 -64.44 16.19 -43.07
CA ASP D 47 -63.57 16.55 -41.95
C ASP D 47 -62.17 16.89 -42.47
N LEU D 48 -61.87 18.18 -42.48
CA LEU D 48 -60.55 18.67 -42.89
C LEU D 48 -59.63 19.02 -41.73
N SER D 49 -60.09 18.77 -40.50
CA SER D 49 -59.39 19.25 -39.31
C SER D 49 -57.95 18.73 -39.15
N ASP D 50 -57.13 19.52 -38.47
CA ASP D 50 -55.75 19.17 -38.15
C ASP D 50 -54.85 18.96 -39.37
N ASN D 51 -54.89 19.91 -40.30
CA ASN D 51 -54.01 19.88 -41.46
C ASN D 51 -53.22 21.18 -41.53
N PHE D 52 -52.48 21.35 -42.62
CA PHE D 52 -51.67 22.55 -42.81
C PHE D 52 -52.32 23.66 -43.66
N ILE D 53 -53.60 23.48 -44.00
CA ILE D 53 -54.29 24.41 -44.90
C ILE D 53 -54.24 25.86 -44.41
N THR D 54 -53.66 26.74 -45.23
CA THR D 54 -53.59 28.17 -44.92
C THR D 54 -54.58 29.08 -45.65
N HIS D 55 -55.37 28.52 -46.57
CA HIS D 55 -56.20 29.35 -47.43
C HIS D 55 -57.53 28.71 -47.82
N ILE D 56 -58.56 29.53 -47.93
CA ILE D 56 -59.88 29.09 -48.37
C ILE D 56 -60.52 30.11 -49.32
N THR D 57 -60.90 29.67 -50.52
CA THR D 57 -61.58 30.54 -51.47
C THR D 57 -62.90 29.88 -51.87
N ASN D 58 -63.58 30.44 -52.87
CA ASN D 58 -64.81 29.83 -53.35
C ASN D 58 -64.52 28.68 -54.32
N GLU D 59 -63.24 28.42 -54.55
CA GLU D 59 -62.80 27.33 -55.42
C GLU D 59 -62.46 26.03 -54.68
N SER D 60 -62.51 26.04 -53.36
CA SER D 60 -62.12 24.86 -52.59
C SER D 60 -63.21 23.79 -52.60
N PHE D 61 -64.44 24.21 -52.33
CA PHE D 61 -65.57 23.29 -52.12
C PHE D 61 -66.46 23.04 -53.34
N GLN D 62 -66.01 23.53 -54.49
CA GLN D 62 -66.74 23.45 -55.75
C GLN D 62 -67.18 22.02 -56.08
N GLY D 63 -68.35 21.91 -56.71
CA GLY D 63 -68.86 20.64 -57.16
C GLY D 63 -69.50 19.78 -56.08
N LEU D 64 -69.55 20.29 -54.86
CA LEU D 64 -70.10 19.50 -53.76
C LEU D 64 -71.52 20.00 -53.46
N GLN D 65 -72.49 19.22 -53.90
CA GLN D 65 -73.90 19.61 -53.89
C GLN D 65 -74.57 19.39 -52.54
N ASN D 66 -74.36 18.20 -51.98
CA ASN D 66 -75.08 17.76 -50.80
C ASN D 66 -74.35 17.98 -49.49
N LEU D 67 -73.22 18.68 -49.55
CA LEU D 67 -72.37 18.81 -48.37
C LEU D 67 -73.08 19.64 -47.31
N THR D 68 -73.40 19.02 -46.18
CA THR D 68 -74.04 19.74 -45.08
C THR D 68 -73.12 20.19 -43.94
N LYS D 69 -71.93 19.61 -43.86
CA LYS D 69 -71.06 19.87 -42.71
C LYS D 69 -69.56 19.87 -43.04
N ILE D 70 -68.86 20.90 -42.60
CA ILE D 70 -67.43 21.03 -42.85
C ILE D 70 -66.67 21.27 -41.54
N ASN D 71 -65.62 20.49 -41.30
CA ASN D 71 -64.77 20.72 -40.14
C ASN D 71 -63.40 21.19 -40.58
N LEU D 72 -63.14 22.48 -40.38
CA LEU D 72 -61.84 23.09 -40.68
C LEU D 72 -60.95 23.30 -39.45
N ASN D 73 -61.38 22.79 -38.29
CA ASN D 73 -60.70 23.05 -37.03
C ASN D 73 -59.20 22.74 -37.00
N HIS D 74 -58.47 23.51 -36.21
CA HIS D 74 -57.04 23.31 -36.01
C HIS D 74 -56.24 23.42 -37.32
N ASN D 75 -56.52 24.46 -38.09
CA ASN D 75 -55.73 24.74 -39.28
C ASN D 75 -55.18 26.16 -39.25
N PRO D 76 -53.90 26.33 -39.63
CA PRO D 76 -52.96 25.24 -39.89
C PRO D 76 -52.44 24.65 -38.59
N ASN D 77 -52.02 23.40 -38.61
CA ASN D 77 -51.38 22.81 -37.44
C ASN D 77 -50.00 23.44 -37.23
N VAL D 78 -49.78 24.01 -36.05
CA VAL D 78 -48.54 24.72 -35.73
C VAL D 78 -48.19 25.79 -36.74
N GLY D 91 -52.37 31.00 -39.18
CA GLY D 91 -53.04 32.12 -39.80
C GLY D 91 -53.89 31.69 -40.97
N LEU D 92 -55.01 31.02 -40.69
CA LEU D 92 -55.95 30.62 -41.72
C LEU D 92 -56.58 31.83 -42.42
N ASN D 93 -56.47 31.88 -43.75
CA ASN D 93 -57.09 32.95 -44.56
C ASN D 93 -58.35 32.49 -45.27
N ILE D 94 -59.49 33.06 -44.87
CA ILE D 94 -60.74 32.78 -45.55
C ILE D 94 -61.18 34.02 -46.31
N THR D 95 -61.48 33.86 -47.60
CA THR D 95 -61.99 34.96 -48.41
C THR D 95 -63.41 35.31 -48.00
N ASP D 96 -63.84 36.51 -48.38
CA ASP D 96 -65.23 36.90 -48.28
C ASP D 96 -66.02 35.93 -49.18
N GLY D 97 -67.12 35.40 -48.67
CA GLY D 97 -68.01 34.56 -49.45
C GLY D 97 -67.41 33.29 -50.05
N ALA D 98 -66.42 32.72 -49.37
CA ALA D 98 -65.79 31.48 -49.82
C ALA D 98 -66.74 30.28 -49.78
N PHE D 99 -67.71 30.32 -48.88
CA PHE D 99 -68.66 29.22 -48.70
C PHE D 99 -69.97 29.44 -49.45
N LEU D 100 -70.09 30.57 -50.13
CA LEU D 100 -71.36 31.02 -50.70
C LEU D 100 -72.01 30.07 -51.71
N ASN D 101 -71.18 29.37 -52.49
CA ASN D 101 -71.66 28.43 -53.49
C ASN D 101 -72.37 27.20 -52.90
N LEU D 102 -72.27 27.03 -51.59
CA LEU D 102 -72.81 25.84 -50.95
C LEU D 102 -74.18 26.14 -50.36
N LYS D 103 -75.21 25.60 -51.00
CA LYS D 103 -76.60 25.85 -50.61
C LYS D 103 -77.05 24.97 -49.45
N ASN D 104 -76.53 23.75 -49.40
CA ASN D 104 -76.98 22.76 -48.42
C ASN D 104 -76.17 22.76 -47.12
N LEU D 105 -75.25 23.72 -47.00
CA LEU D 105 -74.34 23.77 -45.85
C LEU D 105 -75.03 24.15 -44.54
N ARG D 106 -74.91 23.28 -43.54
CA ARG D 106 -75.54 23.48 -42.24
C ARG D 106 -74.54 23.88 -41.15
N GLU D 107 -73.58 22.99 -40.89
CA GLU D 107 -72.67 23.14 -39.77
C GLU D 107 -71.24 23.44 -40.23
N LEU D 108 -70.69 24.54 -39.73
CA LEU D 108 -69.32 24.93 -40.05
C LEU D 108 -68.45 25.11 -38.80
N LEU D 109 -67.39 24.31 -38.69
CA LEU D 109 -66.54 24.35 -37.51
C LEU D 109 -65.17 24.99 -37.80
N LEU D 110 -65.00 26.21 -37.31
CA LEU D 110 -63.78 27.00 -37.50
C LEU D 110 -62.78 27.10 -36.34
N GLU D 111 -62.99 26.30 -35.29
CA GLU D 111 -62.22 26.42 -34.05
C GLU D 111 -60.71 26.37 -34.21
N ASP D 112 -60.01 27.18 -33.42
CA ASP D 112 -58.55 27.13 -33.27
C ASP D 112 -57.75 27.51 -34.53
N ASN D 113 -58.30 28.43 -35.33
CA ASN D 113 -57.65 28.88 -36.56
C ASN D 113 -56.93 30.24 -36.52
N GLN D 114 -56.91 30.89 -35.36
CA GLN D 114 -56.35 32.23 -35.22
C GLN D 114 -57.03 33.27 -36.10
N LEU D 115 -58.36 33.19 -36.20
CA LEU D 115 -59.11 34.16 -36.98
C LEU D 115 -59.19 35.51 -36.27
N PRO D 116 -58.70 36.58 -36.92
CA PRO D 116 -58.82 37.93 -36.36
C PRO D 116 -60.25 38.46 -36.45
N GLN D 117 -61.03 37.90 -37.36
CA GLN D 117 -62.40 38.36 -37.61
C GLN D 117 -63.33 37.19 -37.95
N ILE D 118 -64.62 37.38 -37.67
CA ILE D 118 -65.63 36.46 -38.17
C ILE D 118 -65.58 36.57 -39.69
N PRO D 119 -65.48 35.43 -40.38
CA PRO D 119 -65.38 35.49 -41.85
C PRO D 119 -66.65 36.05 -42.45
N SER D 120 -66.48 37.00 -43.37
CA SER D 120 -67.61 37.64 -44.05
C SER D 120 -68.15 36.78 -45.18
N GLY D 121 -69.42 36.99 -45.52
CA GLY D 121 -70.02 36.28 -46.63
C GLY D 121 -70.31 34.83 -46.30
N LEU D 122 -70.59 34.56 -45.03
CA LEU D 122 -71.03 33.24 -44.62
C LEU D 122 -72.43 33.01 -45.15
N PRO D 123 -72.71 31.78 -45.61
CA PRO D 123 -74.01 31.45 -46.18
C PRO D 123 -75.13 31.55 -45.15
N GLU D 124 -76.35 31.80 -45.61
CA GLU D 124 -77.50 31.97 -44.71
C GLU D 124 -78.13 30.62 -44.39
N SER D 125 -77.52 29.56 -44.93
CA SER D 125 -77.97 28.20 -44.69
C SER D 125 -77.38 27.61 -43.40
N LEU D 126 -76.61 28.41 -42.66
CA LEU D 126 -75.93 27.88 -41.47
C LEU D 126 -76.86 27.75 -40.26
N THR D 127 -77.05 26.53 -39.79
CA THR D 127 -77.73 26.28 -38.52
C THR D 127 -76.77 26.17 -37.31
N GLU D 128 -75.48 25.95 -37.58
CA GLU D 128 -74.50 25.89 -36.50
C GLU D 128 -73.14 26.45 -36.92
N LEU D 129 -72.59 27.34 -36.10
CA LEU D 129 -71.31 27.96 -36.41
C LEU D 129 -70.42 28.03 -35.17
N SER D 130 -69.24 27.40 -35.23
CA SER D 130 -68.32 27.40 -34.09
C SER D 130 -67.01 28.12 -34.43
N LEU D 131 -66.84 29.29 -33.84
CA LEU D 131 -65.60 30.09 -33.96
C LEU D 131 -64.63 29.94 -32.77
N ILE D 132 -64.92 28.98 -31.88
CA ILE D 132 -64.21 28.79 -30.61
C ILE D 132 -62.68 28.83 -30.72
N GLN D 133 -62.03 29.45 -29.75
CA GLN D 133 -60.57 29.49 -29.66
C GLN D 133 -59.89 30.23 -30.79
N ASN D 134 -60.38 31.44 -31.08
CA ASN D 134 -59.79 32.29 -32.11
C ASN D 134 -59.42 33.65 -31.53
N ASN D 135 -59.01 34.55 -32.42
CA ASN D 135 -58.63 35.91 -32.04
C ASN D 135 -59.72 36.98 -32.15
N ILE D 136 -60.96 36.55 -32.39
CA ILE D 136 -62.04 37.50 -32.69
C ILE D 136 -62.53 38.20 -31.43
N TYR D 137 -62.30 39.50 -31.38
CA TYR D 137 -62.77 40.35 -30.29
C TYR D 137 -64.01 41.18 -30.69
N ASN D 138 -64.43 41.03 -31.94
CA ASN D 138 -65.51 41.85 -32.49
C ASN D 138 -66.65 41.03 -33.09
N ILE D 139 -67.81 41.09 -32.44
CA ILE D 139 -69.00 40.43 -32.97
C ILE D 139 -69.83 41.50 -33.66
N THR D 140 -69.90 41.41 -34.98
CA THR D 140 -70.48 42.49 -35.77
C THR D 140 -71.75 42.04 -36.48
N LYS D 141 -72.62 42.99 -36.77
CA LYS D 141 -73.82 42.75 -37.57
C LYS D 141 -73.40 42.30 -38.96
N GLU D 142 -72.33 42.90 -39.47
CA GLU D 142 -71.79 42.58 -40.79
C GLU D 142 -71.53 41.07 -40.98
N GLY D 143 -70.97 40.41 -39.97
CA GLY D 143 -70.69 38.99 -40.06
C GLY D 143 -71.75 38.04 -39.53
N ILE D 144 -72.59 38.53 -38.62
CA ILE D 144 -73.52 37.67 -37.88
C ILE D 144 -75.00 37.81 -38.30
N SER D 145 -75.51 39.04 -38.21
CA SER D 145 -76.92 39.35 -38.44
C SER D 145 -77.56 38.74 -39.70
N ARG D 146 -76.77 38.56 -40.75
CA ARG D 146 -77.29 38.03 -42.01
C ARG D 146 -77.73 36.55 -41.94
N LEU D 147 -77.23 35.78 -40.97
CA LEU D 147 -77.54 34.36 -40.94
C LEU D 147 -78.67 34.10 -39.96
N ILE D 148 -79.87 33.91 -40.49
CA ILE D 148 -81.08 33.90 -39.66
C ILE D 148 -81.54 32.49 -39.32
N ASN D 149 -80.84 31.50 -39.88
CA ASN D 149 -81.19 30.11 -39.64
C ASN D 149 -80.38 29.48 -38.51
N LEU D 150 -79.56 30.29 -37.85
CA LEU D 150 -78.71 29.82 -36.77
C LEU D 150 -79.48 29.28 -35.57
N LYS D 151 -79.14 28.07 -35.17
CA LYS D 151 -79.61 27.48 -33.94
C LYS D 151 -78.54 27.65 -32.88
N ASN D 152 -77.38 27.07 -33.13
CA ASN D 152 -76.26 27.12 -32.20
C ASN D 152 -75.13 28.03 -32.68
N LEU D 153 -74.63 28.87 -31.78
CA LEU D 153 -73.49 29.73 -32.09
C LEU D 153 -72.44 29.66 -30.99
N TYR D 154 -71.23 29.25 -31.35
CA TYR D 154 -70.15 29.10 -30.38
C TYR D 154 -69.07 30.15 -30.60
N LEU D 155 -69.03 31.15 -29.72
CA LEU D 155 -67.98 32.17 -29.73
C LEU D 155 -66.90 32.03 -28.67
N ALA D 156 -66.98 30.97 -27.86
CA ALA D 156 -66.18 30.86 -26.65
C ALA D 156 -64.66 30.79 -26.83
N TRP D 157 -63.95 31.16 -25.76
CA TRP D 157 -62.49 31.02 -25.65
C TRP D 157 -61.67 31.87 -26.63
N ASN D 158 -62.18 33.04 -26.98
CA ASN D 158 -61.39 34.00 -27.74
C ASN D 158 -60.46 34.93 -26.94
N CYS D 159 -60.91 35.36 -25.76
CA CYS D 159 -60.09 36.17 -24.88
C CYS D 159 -60.20 35.71 -23.42
N TYR D 160 -59.10 35.24 -22.83
CA TYR D 160 -59.14 34.66 -21.49
C TYR D 160 -57.77 34.63 -20.82
N PHE D 161 -57.78 34.50 -19.50
CA PHE D 161 -56.57 34.34 -18.69
C PHE D 161 -55.55 35.42 -19.00
N ASN D 162 -54.30 35.00 -19.18
CA ASN D 162 -53.19 35.89 -19.50
C ASN D 162 -52.92 36.04 -20.99
N LYS D 163 -53.81 35.50 -21.83
CA LYS D 163 -53.71 35.71 -23.28
C LYS D 163 -53.65 37.20 -23.61
N VAL D 164 -52.88 37.55 -24.65
CA VAL D 164 -52.89 38.89 -25.17
C VAL D 164 -54.11 39.06 -26.07
N CYS D 165 -55.01 39.97 -25.68
CA CYS D 165 -56.26 40.19 -26.42
C CYS D 165 -56.96 41.48 -26.00
N GLU D 166 -58.12 41.73 -26.59
CA GLU D 166 -58.90 42.91 -26.29
C GLU D 166 -60.27 42.53 -25.74
N LYS D 167 -60.92 43.46 -25.04
CA LYS D 167 -62.27 43.23 -24.55
C LYS D 167 -63.20 43.00 -25.73
N THR D 168 -64.19 42.15 -25.55
CA THR D 168 -65.08 41.82 -26.65
C THR D 168 -66.08 42.96 -26.85
N ASN D 169 -66.14 43.46 -28.09
CA ASN D 169 -67.10 44.48 -28.45
C ASN D 169 -68.27 43.81 -29.17
N ILE D 170 -69.44 43.85 -28.55
CA ILE D 170 -70.62 43.26 -29.15
C ILE D 170 -71.55 44.38 -29.62
N GLU D 171 -71.65 44.56 -30.94
CA GLU D 171 -72.45 45.65 -31.46
C GLU D 171 -73.91 45.47 -31.10
N ASP D 172 -74.56 46.59 -30.79
CA ASP D 172 -75.93 46.60 -30.29
C ASP D 172 -76.85 45.80 -31.20
N GLY D 173 -77.64 44.93 -30.60
CA GLY D 173 -78.61 44.13 -31.32
C GLY D 173 -78.04 43.24 -32.42
N VAL D 174 -76.80 42.79 -32.26
CA VAL D 174 -76.22 41.90 -33.25
C VAL D 174 -76.95 40.56 -33.23
N PHE D 175 -77.47 40.19 -32.07
CA PHE D 175 -78.16 38.92 -31.92
C PHE D 175 -79.67 38.99 -32.09
N GLU D 176 -80.21 40.20 -32.14
CA GLU D 176 -81.66 40.39 -32.18
C GLU D 176 -82.30 39.73 -33.39
N THR D 177 -81.57 39.69 -34.50
CA THR D 177 -82.12 39.25 -35.77
C THR D 177 -82.07 37.74 -36.00
N LEU D 178 -81.47 36.99 -35.08
CA LEU D 178 -81.53 35.54 -35.25
C LEU D 178 -82.61 35.08 -34.30
N THR D 179 -83.77 34.80 -34.87
CA THR D 179 -84.98 34.58 -34.09
C THR D 179 -85.20 33.10 -33.94
N ASN D 180 -84.32 32.32 -34.57
CA ASN D 180 -84.29 30.87 -34.41
C ASN D 180 -83.22 30.33 -33.46
N LEU D 181 -82.43 31.22 -32.87
CA LEU D 181 -81.24 30.79 -32.13
C LEU D 181 -81.61 30.17 -30.78
N GLU D 182 -81.26 28.90 -30.60
CA GLU D 182 -81.50 28.23 -29.33
C GLU D 182 -80.30 28.12 -28.38
N LEU D 183 -79.09 28.35 -28.90
CA LEU D 183 -77.88 28.21 -28.08
C LEU D 183 -76.85 29.29 -28.36
N LEU D 184 -76.45 30.01 -27.33
CA LEU D 184 -75.42 31.03 -27.47
C LEU D 184 -74.35 30.84 -26.42
N SER D 185 -73.09 30.74 -26.84
CA SER D 185 -71.99 30.66 -25.89
C SER D 185 -70.93 31.73 -26.13
N LEU D 186 -70.88 32.67 -25.20
CA LEU D 186 -69.89 33.74 -25.19
C LEU D 186 -68.76 33.51 -24.19
N SER D 187 -68.77 32.35 -23.55
CA SER D 187 -67.90 32.05 -22.42
C SER D 187 -66.42 32.28 -22.72
N PHE D 188 -65.68 32.67 -21.70
CA PHE D 188 -64.25 32.95 -21.82
C PHE D 188 -63.93 34.01 -22.87
N ASN D 189 -64.57 35.16 -22.69
CA ASN D 189 -64.28 36.38 -23.41
C ASN D 189 -64.48 37.51 -22.43
N SER D 190 -63.83 38.64 -22.63
CA SER D 190 -64.08 39.77 -21.74
C SER D 190 -65.32 40.50 -22.23
N LEU D 191 -66.37 40.48 -21.42
CA LEU D 191 -67.69 41.03 -21.77
C LEU D 191 -68.08 42.17 -20.86
N SER D 192 -68.15 41.85 -19.56
CA SER D 192 -68.44 42.79 -18.48
C SER D 192 -69.91 43.14 -18.38
N HIS D 193 -70.66 42.84 -19.43
CA HIS D 193 -72.09 43.09 -19.46
C HIS D 193 -72.78 42.00 -20.26
N VAL D 194 -73.93 41.53 -19.77
CA VAL D 194 -74.77 40.66 -20.57
C VAL D 194 -75.18 41.45 -21.81
N PRO D 195 -75.05 40.85 -23.00
CA PRO D 195 -75.45 41.52 -24.23
C PRO D 195 -76.95 41.79 -24.24
N PRO D 196 -77.35 43.02 -24.62
CA PRO D 196 -78.76 43.41 -24.71
C PRO D 196 -79.42 42.83 -25.96
N LYS D 197 -80.75 42.82 -25.99
CA LYS D 197 -81.49 42.42 -27.17
C LYS D 197 -81.17 41.00 -27.63
N LEU D 198 -81.33 40.05 -26.72
CA LEU D 198 -81.20 38.64 -27.09
C LEU D 198 -82.55 38.08 -27.52
N PRO D 199 -82.55 37.26 -28.58
CA PRO D 199 -83.77 36.63 -29.12
C PRO D 199 -84.46 35.74 -28.09
N SER D 200 -85.78 35.73 -28.14
CA SER D 200 -86.59 35.07 -27.12
C SER D 200 -86.61 33.57 -27.38
N SER D 201 -85.93 33.16 -28.43
CA SER D 201 -85.85 31.75 -28.79
C SER D 201 -84.77 31.01 -27.99
N LEU D 202 -84.00 31.75 -27.20
CA LEU D 202 -82.85 31.17 -26.52
C LEU D 202 -83.20 30.07 -25.52
N ARG D 203 -82.59 28.92 -25.71
CA ARG D 203 -82.73 27.78 -24.82
C ARG D 203 -81.58 27.75 -23.81
N LYS D 204 -80.36 27.68 -24.33
CA LYS D 204 -79.17 27.67 -23.49
C LYS D 204 -78.28 28.88 -23.73
N LEU D 205 -77.85 29.53 -22.65
CA LEU D 205 -76.98 30.71 -22.74
C LEU D 205 -75.74 30.57 -21.84
N PHE D 206 -74.55 30.63 -22.45
CA PHE D 206 -73.31 30.44 -21.68
C PHE D 206 -72.51 31.74 -21.55
N LEU D 207 -72.54 32.32 -20.35
CA LEU D 207 -71.79 33.52 -19.99
C LEU D 207 -70.54 33.31 -19.13
N SER D 208 -70.13 32.06 -18.93
CA SER D 208 -69.03 31.71 -18.03
C SER D 208 -67.73 32.47 -18.29
N ASN D 209 -67.10 32.93 -17.21
CA ASN D 209 -65.83 33.64 -17.28
C ASN D 209 -65.84 34.84 -18.23
N THR D 210 -66.96 35.57 -18.26
CA THR D 210 -67.10 36.74 -19.11
C THR D 210 -66.87 38.08 -18.39
N GLN D 211 -66.48 38.00 -17.13
CA GLN D 211 -66.16 39.17 -16.31
C GLN D 211 -67.36 40.07 -16.06
N ILE D 212 -68.51 39.46 -15.84
CA ILE D 212 -69.73 40.22 -15.57
C ILE D 212 -69.98 40.22 -14.06
N LYS D 213 -69.76 41.37 -13.43
CA LYS D 213 -69.84 41.51 -11.98
C LYS D 213 -71.24 41.74 -11.48
N TYR D 214 -72.15 42.11 -12.39
CA TYR D 214 -73.51 42.49 -12.04
C TYR D 214 -74.55 41.95 -13.02
N ILE D 215 -75.62 41.35 -12.49
CA ILE D 215 -76.75 40.91 -13.30
C ILE D 215 -78.01 41.70 -12.94
N SER D 216 -78.53 42.47 -13.89
CA SER D 216 -79.65 43.38 -13.64
C SER D 216 -81.01 42.69 -13.79
N GLU D 217 -82.07 43.46 -13.58
CA GLU D 217 -83.44 42.97 -13.80
C GLU D 217 -83.71 42.87 -15.29
N GLU D 218 -83.06 43.74 -16.06
CA GLU D 218 -83.33 43.87 -17.49
C GLU D 218 -82.69 42.75 -18.34
N ASP D 219 -81.56 42.23 -17.87
CA ASP D 219 -80.68 41.33 -18.64
C ASP D 219 -81.31 40.13 -19.35
N PHE D 220 -82.04 39.29 -18.60
CA PHE D 220 -82.68 38.09 -19.14
C PHE D 220 -84.17 38.17 -19.47
N LYS D 221 -84.76 39.37 -19.35
CA LYS D 221 -86.21 39.54 -19.43
C LYS D 221 -86.91 38.83 -20.59
N GLY D 222 -86.40 39.01 -21.80
CA GLY D 222 -87.05 38.48 -22.99
C GLY D 222 -87.02 36.97 -23.14
N LEU D 223 -86.30 36.29 -22.25
CA LEU D 223 -86.12 34.86 -22.45
C LEU D 223 -87.08 34.10 -21.57
N ILE D 224 -88.15 33.62 -22.19
CA ILE D 224 -89.16 32.88 -21.46
C ILE D 224 -88.95 31.40 -21.59
N ASN D 225 -88.10 31.03 -22.54
CA ASN D 225 -87.83 29.63 -22.83
C ASN D 225 -86.54 29.04 -22.25
N LEU D 226 -85.74 29.85 -21.56
CA LEU D 226 -84.38 29.43 -21.21
C LEU D 226 -84.37 28.12 -20.42
N THR D 227 -83.72 27.12 -20.99
CA THR D 227 -83.49 25.85 -20.31
C THR D 227 -82.22 25.87 -19.44
N LEU D 228 -81.22 26.63 -19.89
CA LEU D 228 -79.92 26.65 -19.24
C LEU D 228 -79.31 28.05 -19.21
N LEU D 229 -78.83 28.45 -18.03
CA LEU D 229 -78.07 29.68 -17.90
C LEU D 229 -76.73 29.40 -17.22
N ASP D 230 -75.63 29.77 -17.86
CA ASP D 230 -74.31 29.62 -17.25
C ASP D 230 -73.68 30.97 -16.95
N LEU D 231 -73.69 31.37 -15.68
CA LEU D 231 -73.03 32.60 -15.22
C LEU D 231 -71.69 32.36 -14.51
N SER D 232 -71.25 31.11 -14.49
CA SER D 232 -70.12 30.68 -13.65
C SER D 232 -68.82 31.45 -13.92
N GLY D 233 -68.00 31.57 -12.87
CA GLY D 233 -66.69 32.18 -12.99
C GLY D 233 -66.68 33.70 -13.10
N ASN D 234 -67.81 34.33 -12.82
CA ASN D 234 -67.88 35.78 -12.79
C ASN D 234 -67.79 36.25 -11.34
N CYS D 235 -66.79 37.09 -11.06
CA CYS D 235 -66.29 37.31 -9.70
C CYS D 235 -65.83 35.99 -9.06
N PRO D 236 -64.81 35.34 -9.66
CA PRO D 236 -64.43 33.98 -9.24
C PRO D 236 -63.82 33.89 -7.85
N ARG D 237 -63.80 32.67 -7.32
CA ARG D 237 -63.07 32.38 -6.10
C ARG D 237 -61.67 31.97 -6.53
N CYS D 238 -60.69 32.82 -6.25
CA CYS D 238 -59.37 32.66 -6.88
C CYS D 238 -58.28 31.96 -6.07
N PHE D 239 -58.54 31.62 -4.81
CA PHE D 239 -57.50 30.99 -4.01
C PHE D 239 -57.19 29.60 -4.55
N ASN D 240 -55.91 29.35 -4.77
CA ASN D 240 -55.43 28.03 -5.23
C ASN D 240 -56.02 27.63 -6.57
N ALA D 241 -56.22 28.60 -7.45
CA ALA D 241 -56.79 28.30 -8.76
C ALA D 241 -55.69 27.78 -9.67
N PRO D 242 -55.97 26.71 -10.42
CA PRO D 242 -54.95 26.26 -11.36
C PRO D 242 -55.09 26.94 -12.72
N PHE D 243 -55.40 28.22 -12.71
CA PHE D 243 -55.42 29.07 -13.92
C PHE D 243 -55.21 30.51 -13.47
N PRO D 244 -54.76 31.39 -14.38
CA PRO D 244 -54.72 32.81 -13.98
C PRO D 244 -56.11 33.29 -13.63
N CYS D 245 -56.27 33.88 -12.44
CA CYS D 245 -57.59 34.14 -11.88
C CYS D 245 -57.66 35.56 -11.28
N VAL D 246 -58.62 36.34 -11.74
CA VAL D 246 -58.80 37.70 -11.23
C VAL D 246 -60.16 37.89 -10.55
N PRO D 247 -60.15 38.12 -9.22
CA PRO D 247 -61.38 38.31 -8.47
C PRO D 247 -62.01 39.69 -8.76
N CYS D 248 -63.26 39.87 -8.37
CA CYS D 248 -63.83 41.22 -8.28
C CYS D 248 -63.13 41.91 -7.10
N ASP D 249 -63.19 43.24 -7.06
CA ASP D 249 -62.47 44.01 -6.03
C ASP D 249 -62.75 43.53 -4.62
N GLY D 250 -61.69 43.27 -3.87
CA GLY D 250 -61.83 42.74 -2.52
C GLY D 250 -62.34 41.31 -2.49
N GLY D 251 -62.59 40.74 -3.67
CA GLY D 251 -63.14 39.39 -3.78
C GLY D 251 -64.63 39.36 -3.48
N ALA D 252 -65.34 40.39 -3.91
CA ALA D 252 -66.76 40.52 -3.64
C ALA D 252 -67.59 39.47 -4.39
N SER D 253 -68.81 39.25 -3.90
CA SER D 253 -69.73 38.31 -4.56
C SER D 253 -70.27 38.94 -5.83
N ILE D 254 -70.62 38.09 -6.79
CA ILE D 254 -71.34 38.56 -7.96
C ILE D 254 -72.65 39.19 -7.47
N ASN D 255 -73.08 40.26 -8.12
CA ASN D 255 -74.30 40.96 -7.74
C ASN D 255 -75.44 40.51 -8.63
N ILE D 256 -76.39 39.76 -8.06
CA ILE D 256 -77.57 39.37 -8.80
C ILE D 256 -78.79 40.09 -8.27
N ASP D 257 -79.49 40.76 -9.16
CA ASP D 257 -80.73 41.45 -8.86
C ASP D 257 -81.74 40.48 -8.27
N ARG D 258 -82.47 40.92 -7.26
CA ARG D 258 -83.53 40.11 -6.64
C ARG D 258 -84.51 39.58 -7.68
N PHE D 259 -84.81 40.40 -8.68
CA PHE D 259 -85.72 40.01 -9.75
C PHE D 259 -85.09 39.52 -11.06
N ALA D 260 -83.77 39.37 -11.06
CA ALA D 260 -83.04 38.94 -12.25
C ALA D 260 -83.59 37.67 -12.90
N PHE D 261 -84.05 36.74 -12.08
CA PHE D 261 -84.55 35.46 -12.56
C PHE D 261 -86.07 35.33 -12.63
N GLN D 262 -86.79 36.39 -12.26
CA GLN D 262 -88.24 36.31 -12.10
C GLN D 262 -88.93 35.76 -13.36
N ASN D 263 -88.40 36.09 -14.53
CA ASN D 263 -89.06 35.69 -15.77
C ASN D 263 -88.56 34.37 -16.37
N LEU D 264 -87.65 33.68 -15.68
CA LEU D 264 -87.23 32.37 -16.15
C LEU D 264 -87.98 31.33 -15.33
N THR D 265 -89.04 30.78 -15.93
CA THR D 265 -89.84 29.75 -15.30
C THR D 265 -89.50 28.36 -15.81
N GLN D 266 -88.75 28.31 -16.91
CA GLN D 266 -88.43 27.05 -17.56
C GLN D 266 -87.03 26.50 -17.24
N LEU D 267 -86.29 27.17 -16.37
CA LEU D 267 -84.87 26.85 -16.24
C LEU D 267 -84.62 25.48 -15.63
N ARG D 268 -83.95 24.62 -16.41
CA ARG D 268 -83.45 23.33 -15.93
C ARG D 268 -82.05 23.36 -15.30
N TYR D 269 -81.15 24.12 -15.93
CA TYR D 269 -79.73 24.10 -15.57
C TYR D 269 -79.25 25.49 -15.17
N LEU D 270 -78.76 25.63 -13.94
CA LEU D 270 -78.19 26.89 -13.50
C LEU D 270 -76.76 26.70 -12.97
N ASN D 271 -75.78 27.28 -13.66
CA ASN D 271 -74.41 27.20 -13.20
C ASN D 271 -73.94 28.50 -12.58
N LEU D 272 -73.89 28.53 -11.25
CA LEU D 272 -73.35 29.64 -10.48
C LEU D 272 -71.92 29.42 -9.94
N SER D 273 -71.28 28.34 -10.34
CA SER D 273 -69.96 27.96 -9.83
C SER D 273 -68.95 29.10 -9.93
N SER D 274 -68.20 29.31 -8.85
CA SER D 274 -67.13 30.30 -8.79
C SER D 274 -67.63 31.72 -9.04
N THR D 275 -68.77 32.05 -8.47
CA THR D 275 -69.27 33.42 -8.43
C THR D 275 -69.04 34.13 -7.09
N SER D 276 -68.33 33.47 -6.17
CA SER D 276 -67.98 34.04 -4.86
C SER D 276 -69.19 34.30 -3.96
N LEU D 277 -70.21 33.46 -4.06
CA LEU D 277 -71.44 33.67 -3.30
C LEU D 277 -71.30 33.30 -1.82
N ARG D 278 -71.53 34.27 -0.93
CA ARG D 278 -71.68 33.96 0.49
C ARG D 278 -73.16 33.81 0.84
N LYS D 279 -74.01 34.22 -0.08
CA LYS D 279 -75.44 34.26 0.21
C LYS D 279 -76.23 33.83 -1.01
N ILE D 280 -77.19 32.94 -0.78
CA ILE D 280 -78.16 32.60 -1.80
C ILE D 280 -79.49 33.24 -1.43
N ASN D 281 -80.05 34.01 -2.34
CA ASN D 281 -81.37 34.58 -2.13
C ASN D 281 -82.42 33.58 -2.59
N ALA D 282 -83.23 33.10 -1.64
CA ALA D 282 -84.21 32.05 -1.90
C ALA D 282 -85.21 32.45 -2.97
N ALA D 283 -85.39 33.75 -3.17
CA ALA D 283 -86.37 34.27 -4.10
C ALA D 283 -85.89 34.26 -5.55
N TRP D 284 -84.59 33.97 -5.73
CA TRP D 284 -84.06 33.70 -7.07
C TRP D 284 -84.79 32.50 -7.67
N PHE D 285 -85.10 31.54 -6.80
CA PHE D 285 -85.66 30.27 -7.24
C PHE D 285 -87.18 30.25 -7.15
N LYS D 286 -87.75 31.34 -6.66
CA LYS D 286 -89.20 31.45 -6.48
C LYS D 286 -89.95 31.12 -7.76
N ASN D 287 -89.45 31.65 -8.88
CA ASN D 287 -90.09 31.45 -10.17
C ASN D 287 -89.59 30.23 -10.97
N MET D 288 -88.77 29.38 -10.33
CA MET D 288 -88.13 28.22 -10.99
C MET D 288 -88.57 26.90 -10.38
N PRO D 289 -89.83 26.51 -10.59
CA PRO D 289 -90.37 25.30 -9.95
C PRO D 289 -89.75 24.02 -10.51
N HIS D 290 -89.27 24.07 -11.75
CA HIS D 290 -88.74 22.87 -12.43
C HIS D 290 -87.21 22.67 -12.47
N LEU D 291 -86.45 23.50 -11.77
CA LEU D 291 -84.99 23.42 -11.86
C LEU D 291 -84.46 22.01 -11.57
N LYS D 292 -83.73 21.46 -12.54
CA LYS D 292 -83.18 20.11 -12.43
C LYS D 292 -81.86 20.07 -11.64
N VAL D 293 -80.94 20.97 -12.00
CA VAL D 293 -79.57 20.88 -11.55
C VAL D 293 -78.96 22.25 -11.27
N LEU D 294 -78.33 22.38 -10.10
CA LEU D 294 -77.78 23.64 -9.64
C LEU D 294 -76.31 23.48 -9.30
N ASP D 295 -75.45 24.17 -10.04
CA ASP D 295 -74.01 24.12 -9.75
C ASP D 295 -73.61 25.30 -8.88
N LEU D 296 -73.34 24.99 -7.61
CA LEU D 296 -72.85 25.93 -6.61
C LEU D 296 -71.35 25.85 -6.24
N GLU D 297 -70.57 25.09 -7.02
CA GLU D 297 -69.14 24.86 -6.71
C GLU D 297 -68.30 26.12 -6.58
N PHE D 298 -67.25 26.02 -5.77
CA PHE D 298 -66.23 27.08 -5.66
C PHE D 298 -66.79 28.45 -5.26
N ASN D 299 -67.63 28.46 -4.24
CA ASN D 299 -68.15 29.70 -3.65
C ASN D 299 -67.86 29.66 -2.16
N TYR D 300 -68.39 30.60 -1.38
CA TYR D 300 -68.26 30.40 0.05
C TYR D 300 -69.63 30.10 0.61
N LEU D 301 -69.97 28.83 0.63
CA LEU D 301 -71.31 28.38 1.03
C LEU D 301 -71.47 27.65 2.36
N VAL D 302 -70.39 27.47 3.12
CA VAL D 302 -70.47 26.73 4.38
C VAL D 302 -71.58 27.30 5.27
N GLY D 303 -71.73 28.62 5.27
CA GLY D 303 -72.82 29.28 5.97
C GLY D 303 -74.18 28.89 5.43
N GLU D 304 -74.34 28.91 4.11
CA GLU D 304 -75.62 28.61 3.49
C GLU D 304 -75.97 27.13 3.56
N ILE D 305 -74.97 26.28 3.54
CA ILE D 305 -75.22 24.85 3.66
C ILE D 305 -75.83 24.56 5.03
N ALA D 306 -75.36 25.28 6.05
CA ALA D 306 -75.86 25.11 7.41
C ALA D 306 -77.26 25.70 7.65
N SER D 307 -77.57 26.82 7.00
CA SER D 307 -78.90 27.43 7.16
C SER D 307 -79.76 27.22 5.92
N GLY D 308 -79.46 27.93 4.85
CA GLY D 308 -80.02 27.58 3.55
C GLY D 308 -81.51 27.68 3.36
N ALA D 309 -82.07 28.89 3.52
CA ALA D 309 -83.47 29.13 3.17
C ALA D 309 -83.81 28.65 1.76
N PHE D 310 -82.89 28.86 0.81
CA PHE D 310 -83.12 28.55 -0.60
C PHE D 310 -83.40 27.07 -0.88
N LEU D 311 -82.99 26.19 0.03
CA LEU D 311 -83.20 24.77 -0.15
C LEU D 311 -84.67 24.41 -0.03
N THR D 312 -85.45 25.32 0.55
CA THR D 312 -86.89 25.14 0.64
C THR D 312 -87.55 25.42 -0.72
N MET D 313 -86.82 26.11 -1.59
CA MET D 313 -87.36 26.52 -2.89
C MET D 313 -87.01 25.58 -4.04
N LEU D 314 -86.39 24.44 -3.72
CA LEU D 314 -85.91 23.53 -4.77
C LEU D 314 -86.51 22.12 -4.69
N PRO D 315 -87.83 22.00 -4.90
CA PRO D 315 -88.52 20.71 -4.76
C PRO D 315 -88.23 19.71 -5.88
N ARG D 316 -87.94 20.17 -7.09
CA ARG D 316 -87.69 19.26 -8.21
C ARG D 316 -86.22 19.03 -8.56
N LEU D 317 -85.32 19.61 -7.78
CA LEU D 317 -83.90 19.55 -8.11
C LEU D 317 -83.36 18.14 -7.97
N GLU D 318 -82.82 17.60 -9.06
CA GLU D 318 -82.18 16.28 -9.06
C GLU D 318 -80.69 16.25 -8.69
N ILE D 319 -79.94 17.25 -9.14
CA ILE D 319 -78.48 17.28 -8.93
C ILE D 319 -78.01 18.58 -8.30
N LEU D 320 -77.45 18.48 -7.09
CA LEU D 320 -76.92 19.65 -6.40
C LEU D 320 -75.39 19.54 -6.29
N ASP D 321 -74.67 20.48 -6.87
CA ASP D 321 -73.22 20.46 -6.71
C ASP D 321 -72.74 21.59 -5.81
N LEU D 322 -72.39 21.22 -4.58
CA LEU D 322 -71.87 22.13 -3.55
C LEU D 322 -70.36 22.09 -3.37
N SER D 323 -69.68 21.37 -4.26
CA SER D 323 -68.25 21.08 -4.11
C SER D 323 -67.33 22.30 -3.96
N PHE D 324 -66.29 22.13 -3.13
CA PHE D 324 -65.26 23.14 -2.92
C PHE D 324 -65.79 24.48 -2.42
N ASN D 325 -66.65 24.42 -1.40
CA ASN D 325 -67.11 25.62 -0.71
C ASN D 325 -66.36 25.94 0.59
N TYR D 326 -65.30 25.20 0.84
CA TYR D 326 -64.59 25.20 2.12
C TYR D 326 -64.15 26.58 2.61
N ILE D 327 -64.13 26.76 3.92
CA ILE D 327 -63.60 27.97 4.51
C ILE D 327 -62.09 27.87 4.61
N LYS D 328 -61.40 28.82 3.99
CA LYS D 328 -59.94 28.83 3.94
C LYS D 328 -59.33 28.75 5.35
N GLY D 329 -58.38 27.83 5.53
CA GLY D 329 -57.69 27.65 6.79
C GLY D 329 -58.46 26.93 7.88
N SER D 330 -59.56 26.29 7.52
CA SER D 330 -60.43 25.65 8.52
C SER D 330 -60.53 24.14 8.33
N TYR D 331 -60.28 23.40 9.42
CA TYR D 331 -60.44 21.95 9.43
C TYR D 331 -61.43 21.56 10.55
N PRO D 332 -62.73 21.77 10.32
CA PRO D 332 -63.79 21.54 11.30
C PRO D 332 -64.03 20.04 11.56
N GLN D 333 -64.47 19.72 12.77
CA GLN D 333 -64.69 18.33 13.16
C GLN D 333 -65.79 17.68 12.33
N HIS D 334 -66.86 18.43 12.06
CA HIS D 334 -68.03 17.90 11.39
C HIS D 334 -68.57 18.82 10.32
N ILE D 335 -69.33 18.24 9.42
CA ILE D 335 -70.00 18.98 8.37
C ILE D 335 -71.38 19.37 8.91
N ASN D 336 -71.79 20.60 8.69
CA ASN D 336 -73.05 21.09 9.23
C ASN D 336 -74.09 21.18 8.12
N ILE D 337 -75.03 20.23 8.13
CA ILE D 337 -76.05 20.16 7.09
C ILE D 337 -77.41 20.64 7.65
N SER D 338 -78.02 21.60 6.96
CA SER D 338 -79.31 22.15 7.39
C SER D 338 -80.41 21.11 7.29
N ARG D 339 -81.36 21.16 8.22
CA ARG D 339 -82.53 20.29 8.16
C ARG D 339 -83.31 20.52 6.88
N ASN D 340 -83.17 21.71 6.30
CA ASN D 340 -83.92 22.06 5.10
C ASN D 340 -83.48 21.30 3.86
N PHE D 341 -82.40 20.54 3.96
CA PHE D 341 -82.02 19.61 2.91
C PHE D 341 -83.12 18.57 2.72
N SER D 342 -83.80 18.23 3.81
CA SER D 342 -84.90 17.27 3.78
C SER D 342 -86.02 17.72 2.85
N LYS D 343 -86.04 19.00 2.51
CA LYS D 343 -87.03 19.52 1.57
C LYS D 343 -86.65 19.27 0.11
N LEU D 344 -85.49 18.67 -0.13
CA LEU D 344 -85.11 18.38 -1.52
C LEU D 344 -85.64 17.00 -1.82
N LEU D 345 -86.77 16.97 -2.51
CA LEU D 345 -87.54 15.74 -2.67
C LEU D 345 -87.09 14.88 -3.83
N SER D 346 -86.75 15.55 -4.92
CA SER D 346 -86.41 14.86 -6.17
C SER D 346 -84.93 14.56 -6.29
N LEU D 347 -84.15 14.86 -5.25
CA LEU D 347 -82.69 14.82 -5.35
C LEU D 347 -82.15 13.44 -5.67
N ARG D 348 -81.33 13.37 -6.70
CA ARG D 348 -80.67 12.12 -7.12
C ARG D 348 -79.20 12.08 -6.69
N ALA D 349 -78.44 13.09 -7.11
CA ALA D 349 -77.03 13.18 -6.78
C ALA D 349 -76.69 14.40 -5.92
N LEU D 350 -75.97 14.17 -4.84
CA LEU D 350 -75.53 15.27 -3.98
C LEU D 350 -73.99 15.30 -3.99
N HIS D 351 -73.43 16.40 -4.46
CA HIS D 351 -71.98 16.49 -4.55
C HIS D 351 -71.43 17.47 -3.54
N LEU D 352 -70.80 16.93 -2.49
CA LEU D 352 -70.03 17.76 -1.58
C LEU D 352 -68.57 17.31 -1.59
N ARG D 353 -67.73 18.05 -2.29
CA ARG D 353 -66.31 17.76 -2.30
C ARG D 353 -65.66 19.02 -1.83
N GLY D 354 -64.50 18.90 -1.21
CA GLY D 354 -63.81 20.06 -0.70
C GLY D 354 -64.68 20.87 0.25
N TYR D 355 -65.46 20.18 1.09
CA TYR D 355 -66.06 20.83 2.24
C TYR D 355 -65.01 20.89 3.35
N VAL D 356 -64.16 19.86 3.41
CA VAL D 356 -63.10 19.75 4.43
C VAL D 356 -63.57 19.64 5.89
N PHE D 357 -63.95 18.42 6.29
CA PHE D 357 -64.26 18.14 7.69
C PHE D 357 -63.59 16.86 8.20
N GLN D 358 -63.42 16.76 9.52
CA GLN D 358 -62.67 15.65 10.12
C GLN D 358 -63.44 14.33 10.18
N GLU D 359 -64.70 14.39 10.57
CA GLU D 359 -65.44 13.19 10.95
C GLU D 359 -66.90 13.21 10.50
N LEU D 360 -67.36 12.11 9.92
CA LEU D 360 -68.76 11.97 9.54
C LEU D 360 -69.52 11.18 10.60
N ARG D 361 -70.46 11.85 11.26
CA ARG D 361 -71.31 11.19 12.25
C ARG D 361 -72.67 10.89 11.62
N GLU D 362 -73.26 9.78 12.06
CA GLU D 362 -74.57 9.37 11.55
C GLU D 362 -75.63 10.47 11.60
N ASP D 363 -75.64 11.25 12.66
CA ASP D 363 -76.67 12.28 12.85
C ASP D 363 -76.44 13.54 12.01
N ASP D 364 -75.26 13.67 11.40
CA ASP D 364 -74.97 14.82 10.56
C ASP D 364 -75.67 14.71 9.20
N PHE D 365 -75.93 13.49 8.78
CA PHE D 365 -76.65 13.26 7.52
C PHE D 365 -78.17 12.99 7.64
N GLN D 366 -78.71 13.11 8.84
CA GLN D 366 -80.15 12.91 9.09
C GLN D 366 -81.12 13.55 8.08
N PRO D 367 -80.90 14.83 7.71
CA PRO D 367 -81.79 15.46 6.72
C PRO D 367 -81.84 14.77 5.36
N LEU D 368 -80.82 14.00 5.01
CA LEU D 368 -80.74 13.36 3.70
C LEU D 368 -81.44 12.01 3.67
N MET D 369 -81.69 11.45 4.85
CA MET D 369 -82.04 10.04 4.97
C MET D 369 -83.44 9.66 4.46
N GLN D 370 -84.34 10.62 4.41
CA GLN D 370 -85.71 10.35 3.99
C GLN D 370 -85.95 10.57 2.49
N LEU D 371 -84.95 11.11 1.80
CA LEU D 371 -85.10 11.45 0.39
C LEU D 371 -85.22 10.20 -0.46
N PRO D 372 -86.34 10.05 -1.16
CA PRO D 372 -86.74 8.84 -1.89
C PRO D 372 -85.78 8.45 -3.00
N ASN D 373 -85.34 9.44 -3.78
CA ASN D 373 -84.52 9.16 -4.97
C ASN D 373 -82.99 9.35 -4.89
N LEU D 374 -82.44 9.67 -3.71
CA LEU D 374 -81.03 10.03 -3.67
C LEU D 374 -80.18 8.76 -3.77
N SER D 375 -79.54 8.60 -4.93
CA SER D 375 -78.72 7.44 -5.20
C SER D 375 -77.22 7.66 -5.05
N THR D 376 -76.82 8.93 -4.96
CA THR D 376 -75.39 9.27 -5.02
C THR D 376 -74.98 10.32 -3.99
N ILE D 377 -73.99 9.99 -3.18
CA ILE D 377 -73.33 10.95 -2.31
C ILE D 377 -71.88 10.99 -2.72
N ASN D 378 -71.36 12.17 -3.00
CA ASN D 378 -69.96 12.31 -3.36
C ASN D 378 -69.25 13.13 -2.28
N LEU D 379 -68.46 12.44 -1.46
CA LEU D 379 -67.64 13.04 -0.38
C LEU D 379 -66.13 13.21 -0.66
N GLY D 380 -65.74 13.00 -1.91
CA GLY D 380 -64.34 13.12 -2.31
C GLY D 380 -63.59 14.37 -1.89
N ILE D 381 -62.30 14.20 -1.58
CA ILE D 381 -61.41 15.32 -1.25
C ILE D 381 -61.93 16.15 -0.07
N ASN D 382 -62.37 15.47 0.98
CA ASN D 382 -62.73 16.15 2.22
C ASN D 382 -61.74 16.07 3.37
N PHE D 383 -60.66 15.32 3.18
CA PHE D 383 -59.74 14.99 4.27
C PHE D 383 -60.46 14.39 5.47
N ILE D 384 -61.43 13.52 5.21
CA ILE D 384 -62.15 12.85 6.29
C ILE D 384 -61.30 11.76 6.93
N LYS D 385 -61.12 11.85 8.25
CA LYS D 385 -60.39 10.87 9.04
C LYS D 385 -61.21 9.63 9.42
N GLN D 386 -62.50 9.82 9.69
CA GLN D 386 -63.36 8.70 10.08
C GLN D 386 -64.84 8.88 9.74
N ILE D 387 -65.52 7.76 9.51
CA ILE D 387 -66.91 7.75 9.13
C ILE D 387 -67.65 6.69 9.94
N ASP D 388 -68.88 6.98 10.34
CA ASP D 388 -69.71 6.00 11.01
C ASP D 388 -70.49 5.35 9.88
N PHE D 389 -70.08 4.15 9.49
CA PHE D 389 -70.52 3.58 8.22
C PHE D 389 -71.94 3.07 8.28
N LYS D 390 -72.45 2.90 9.50
CA LYS D 390 -73.80 2.40 9.67
C LYS D 390 -74.81 3.42 9.17
N LEU D 391 -74.36 4.67 8.98
CA LEU D 391 -75.24 5.75 8.53
C LEU D 391 -75.78 5.57 7.12
N PHE D 392 -75.01 4.94 6.24
CA PHE D 392 -75.47 4.79 4.85
C PHE D 392 -76.62 3.79 4.74
N GLN D 393 -76.68 2.88 5.69
CA GLN D 393 -77.72 1.86 5.75
C GLN D 393 -79.07 2.55 5.90
N ASN D 394 -79.12 3.56 6.76
CA ASN D 394 -80.37 4.26 7.10
C ASN D 394 -80.90 5.14 5.98
N PHE D 395 -80.13 5.29 4.91
CA PHE D 395 -80.63 5.98 3.72
C PHE D 395 -81.62 5.04 3.03
N SER D 396 -82.24 5.52 1.97
CA SER D 396 -83.24 4.71 1.29
C SER D 396 -82.62 4.04 0.08
N ASN D 397 -82.39 4.85 -0.95
CA ASN D 397 -81.98 4.36 -2.27
C ASN D 397 -80.50 4.36 -2.69
N LEU D 398 -79.57 4.64 -1.78
CA LEU D 398 -78.17 4.87 -2.21
C LEU D 398 -77.59 3.74 -3.07
N GLU D 399 -77.25 4.07 -4.32
CA GLU D 399 -76.52 3.15 -5.17
C GLU D 399 -75.01 3.45 -5.28
N ILE D 400 -74.61 4.65 -4.91
CA ILE D 400 -73.23 5.07 -5.08
C ILE D 400 -72.74 5.82 -3.86
N ILE D 401 -71.78 5.24 -3.17
CA ILE D 401 -71.19 5.93 -2.04
C ILE D 401 -69.74 6.21 -2.40
N TYR D 402 -69.44 7.47 -2.72
CA TYR D 402 -68.13 7.83 -3.21
C TYR D 402 -67.35 8.55 -2.11
N LEU D 403 -66.44 7.81 -1.49
CA LEU D 403 -65.56 8.31 -0.45
C LEU D 403 -64.12 8.57 -0.88
N SER D 404 -63.85 8.47 -2.18
CA SER D 404 -62.49 8.55 -2.70
C SER D 404 -61.72 9.80 -2.28
N GLU D 405 -60.42 9.63 -2.10
CA GLU D 405 -59.49 10.71 -1.75
C GLU D 405 -59.81 11.39 -0.41
N ASN D 406 -59.71 10.62 0.67
CA ASN D 406 -59.85 11.14 2.03
C ASN D 406 -58.73 10.57 2.92
N ARG D 407 -58.81 10.80 4.22
CA ARG D 407 -57.88 10.27 5.22
C ARG D 407 -58.38 9.03 5.99
N ILE D 408 -59.45 8.42 5.51
CA ILE D 408 -60.05 7.29 6.22
C ILE D 408 -59.08 6.14 6.48
N SER D 409 -58.99 5.76 7.76
CA SER D 409 -58.01 4.79 8.23
C SER D 409 -58.77 3.58 8.80
N PRO D 410 -58.04 2.52 9.25
CA PRO D 410 -58.74 1.34 9.79
C PRO D 410 -59.60 1.61 11.02
N LEU D 411 -60.58 0.71 11.23
CA LEU D 411 -61.52 0.71 12.38
C LEU D 411 -62.69 1.68 12.21
N PHE D 437 -53.36 24.93 -25.50
CA PHE D 437 -54.30 25.20 -24.41
C PHE D 437 -54.67 23.95 -23.61
N GLU D 438 -54.52 24.03 -22.28
CA GLU D 438 -54.72 22.87 -21.42
C GLU D 438 -56.17 22.53 -21.13
N PHE D 439 -57.07 23.51 -21.25
CA PHE D 439 -58.47 23.25 -20.92
C PHE D 439 -59.32 22.98 -22.15
N ASP D 440 -59.96 21.81 -22.16
CA ASP D 440 -60.86 21.44 -23.25
C ASP D 440 -62.07 22.37 -23.24
N PRO D 441 -62.27 23.12 -24.34
CA PRO D 441 -63.39 24.06 -24.45
C PRO D 441 -64.76 23.38 -24.55
N HIS D 442 -64.79 22.09 -24.86
CA HIS D 442 -66.02 21.32 -24.93
C HIS D 442 -66.34 20.54 -23.66
N SER D 443 -65.54 20.77 -22.62
CA SER D 443 -65.67 20.05 -21.36
C SER D 443 -66.14 20.97 -20.24
N ASN D 444 -66.74 20.39 -19.22
CA ASN D 444 -67.08 21.13 -18.02
C ASN D 444 -65.78 21.63 -17.39
N PHE D 445 -65.73 22.91 -17.08
CA PHE D 445 -64.53 23.55 -16.57
C PHE D 445 -64.32 23.30 -15.08
N TYR D 446 -65.41 23.11 -14.35
CA TYR D 446 -65.31 23.03 -12.90
C TYR D 446 -65.20 21.63 -12.27
N HIS D 447 -65.49 20.60 -13.05
CA HIS D 447 -65.30 19.21 -12.61
C HIS D 447 -65.22 18.25 -13.79
N PHE D 448 -64.61 17.09 -13.59
CA PHE D 448 -64.59 16.07 -14.61
C PHE D 448 -65.98 15.48 -14.74
N THR D 449 -66.37 15.14 -15.96
CA THR D 449 -67.72 14.63 -16.23
C THR D 449 -67.82 13.09 -16.30
N ARG D 450 -66.70 12.39 -16.12
CA ARG D 450 -66.73 10.92 -16.16
C ARG D 450 -67.49 10.35 -14.96
N PRO D 451 -68.00 9.11 -15.08
CA PRO D 451 -68.67 8.43 -13.97
C PRO D 451 -67.77 8.35 -12.74
N LEU D 452 -68.33 8.49 -11.55
CA LEU D 452 -67.55 8.37 -10.32
C LEU D 452 -67.02 6.97 -10.15
N ILE D 453 -67.82 5.99 -10.56
CA ILE D 453 -67.44 4.59 -10.50
C ILE D 453 -67.46 4.06 -11.92
N LYS D 454 -66.54 3.16 -12.23
CA LYS D 454 -66.56 2.50 -13.52
C LYS D 454 -67.94 1.86 -13.72
N PRO D 455 -68.53 2.05 -14.91
CA PRO D 455 -69.83 1.45 -15.26
C PRO D 455 -69.87 -0.07 -15.07
N GLN D 456 -68.74 -0.73 -15.35
CA GLN D 456 -68.67 -2.18 -15.28
C GLN D 456 -68.75 -2.68 -13.85
N CYS D 457 -68.32 -1.85 -12.92
CA CYS D 457 -68.46 -2.17 -11.51
C CYS D 457 -69.86 -1.82 -10.99
N ALA D 458 -70.30 -0.61 -11.32
CA ALA D 458 -71.57 -0.06 -10.84
C ALA D 458 -72.75 -0.90 -11.27
N ALA D 459 -72.65 -1.49 -12.46
CA ALA D 459 -73.74 -2.26 -13.03
C ALA D 459 -74.04 -3.54 -12.25
N TYR D 460 -73.18 -3.89 -11.29
CA TYR D 460 -73.40 -5.07 -10.47
C TYR D 460 -74.30 -4.79 -9.27
N GLY D 461 -74.44 -3.54 -8.89
CA GLY D 461 -75.24 -3.22 -7.71
C GLY D 461 -74.71 -2.04 -6.95
N LYS D 462 -75.06 -1.97 -5.68
CA LYS D 462 -74.60 -0.91 -4.78
C LYS D 462 -73.07 -0.82 -4.75
N ALA D 463 -72.57 0.40 -4.92
CA ALA D 463 -71.14 0.68 -5.07
C ALA D 463 -70.57 1.48 -3.91
N LEU D 464 -69.48 0.99 -3.33
CA LEU D 464 -68.76 1.73 -2.31
C LEU D 464 -67.33 1.98 -2.79
N ASP D 465 -66.99 3.24 -3.06
CA ASP D 465 -65.65 3.61 -3.45
C ASP D 465 -64.91 4.25 -2.28
N LEU D 466 -64.02 3.48 -1.68
CA LEU D 466 -63.11 3.89 -0.61
C LEU D 466 -61.67 4.17 -1.09
N SER D 467 -61.47 4.21 -2.40
CA SER D 467 -60.12 4.31 -2.96
C SER D 467 -59.37 5.59 -2.59
N LEU D 468 -58.04 5.51 -2.65
CA LEU D 468 -57.15 6.65 -2.37
C LEU D 468 -57.37 7.15 -0.95
N ASN D 469 -57.43 6.19 -0.04
CA ASN D 469 -57.55 6.44 1.38
C ASN D 469 -56.43 5.73 2.11
N SER D 470 -56.53 5.70 3.43
CA SER D 470 -55.56 5.09 4.31
C SER D 470 -55.85 3.71 4.91
N ILE D 471 -56.78 2.93 4.36
CA ILE D 471 -57.12 1.70 5.08
C ILE D 471 -56.09 0.63 4.68
N PHE D 472 -55.09 0.48 5.54
CA PHE D 472 -53.93 -0.34 5.23
C PHE D 472 -54.09 -1.73 5.80
N PHE D 473 -55.09 -1.87 6.65
CA PHE D 473 -55.43 -3.15 7.22
C PHE D 473 -56.94 -3.18 7.38
N ILE D 474 -57.57 -4.23 6.88
CA ILE D 474 -59.00 -4.44 7.10
C ILE D 474 -59.17 -5.33 8.32
N GLY D 475 -59.69 -4.76 9.39
CA GLY D 475 -59.95 -5.52 10.61
C GLY D 475 -61.27 -6.27 10.49
N PRO D 476 -61.61 -7.03 11.55
CA PRO D 476 -62.83 -7.86 11.56
C PRO D 476 -64.10 -7.03 11.38
N ASN D 477 -64.12 -5.83 11.95
CA ASN D 477 -65.33 -5.01 11.94
C ASN D 477 -65.43 -3.92 10.88
N GLN D 478 -64.43 -3.83 10.01
CA GLN D 478 -64.34 -2.71 9.07
C GLN D 478 -65.62 -2.47 8.25
N PHE D 479 -66.16 -3.53 7.68
CA PHE D 479 -67.31 -3.43 6.78
C PHE D 479 -68.71 -3.68 7.37
N GLU D 480 -68.79 -3.81 8.68
CA GLU D 480 -70.07 -4.05 9.34
C GLU D 480 -71.08 -2.91 9.10
N ASN D 481 -72.36 -3.27 9.10
CA ASN D 481 -73.45 -2.31 9.01
C ASN D 481 -73.46 -1.50 7.71
N LEU D 482 -72.82 -2.07 6.69
CA LEU D 482 -72.90 -1.53 5.34
C LEU D 482 -74.10 -2.12 4.62
N PRO D 483 -74.57 -1.47 3.55
CA PRO D 483 -75.60 -2.08 2.70
C PRO D 483 -75.05 -3.32 2.03
N ASP D 484 -75.80 -3.93 1.14
CA ASP D 484 -75.30 -5.13 0.49
C ASP D 484 -74.54 -4.61 -0.73
N ILE D 485 -73.21 -4.70 -0.65
CA ILE D 485 -72.32 -4.05 -1.60
C ILE D 485 -71.95 -5.01 -2.72
N ALA D 486 -72.32 -4.67 -3.95
CA ALA D 486 -71.89 -5.48 -5.07
C ALA D 486 -70.56 -5.02 -5.65
N CYS D 487 -70.20 -3.77 -5.34
CA CYS D 487 -69.09 -3.08 -6.00
C CYS D 487 -68.24 -2.33 -4.98
N LEU D 488 -66.97 -2.72 -4.87
CA LEU D 488 -66.10 -2.20 -3.82
C LEU D 488 -64.75 -1.76 -4.38
N ASN D 489 -64.37 -0.53 -4.11
CA ASN D 489 -63.06 -0.02 -4.54
C ASN D 489 -62.16 0.28 -3.34
N LEU D 490 -61.19 -0.61 -3.13
CA LEU D 490 -60.15 -0.48 -2.12
C LEU D 490 -58.81 0.00 -2.68
N SER D 491 -58.79 0.36 -3.96
CA SER D 491 -57.58 0.78 -4.67
C SER D 491 -56.83 1.89 -3.92
N ALA D 492 -55.50 1.82 -3.95
CA ALA D 492 -54.64 2.87 -3.41
C ALA D 492 -54.85 3.13 -1.92
N ASN D 493 -54.94 2.05 -1.14
CA ASN D 493 -55.02 2.16 0.33
C ASN D 493 -53.74 1.88 1.12
N SER D 494 -52.64 1.71 0.41
CA SER D 494 -51.36 1.24 0.97
C SER D 494 -51.51 -0.01 1.84
N ASN D 495 -52.43 -0.90 1.45
CA ASN D 495 -52.71 -2.10 2.22
C ASN D 495 -51.63 -3.14 1.98
N ALA D 496 -50.92 -3.47 3.06
CA ALA D 496 -49.89 -4.52 3.10
C ALA D 496 -50.31 -5.86 3.71
N GLN D 497 -51.60 -6.02 4.02
CA GLN D 497 -52.03 -7.20 4.77
C GLN D 497 -52.08 -8.49 3.96
N VAL D 498 -52.09 -9.61 4.67
CA VAL D 498 -52.31 -10.90 4.06
C VAL D 498 -53.79 -11.28 4.18
N LEU D 499 -54.50 -11.24 3.06
CA LEU D 499 -55.93 -11.52 3.09
C LEU D 499 -56.10 -13.00 3.40
N SER D 500 -56.85 -13.27 4.47
CA SER D 500 -56.99 -14.61 5.02
C SER D 500 -58.30 -15.35 4.74
N GLY D 501 -59.23 -14.71 4.05
CA GLY D 501 -60.52 -15.33 3.80
C GLY D 501 -61.67 -14.88 4.70
N THR D 502 -61.37 -14.11 5.73
CA THR D 502 -62.41 -13.52 6.58
C THR D 502 -62.74 -12.03 6.41
N GLU D 503 -61.94 -11.30 5.64
CA GLU D 503 -62.01 -9.84 5.71
C GLU D 503 -63.30 -9.25 5.16
N PHE D 504 -63.84 -9.90 4.13
CA PHE D 504 -65.06 -9.42 3.48
C PHE D 504 -66.38 -10.10 3.92
N SER D 505 -66.33 -10.96 4.93
CA SER D 505 -67.50 -11.72 5.36
C SER D 505 -68.76 -10.88 5.59
N ALA D 506 -68.56 -9.63 6.03
CA ALA D 506 -69.70 -8.74 6.27
C ALA D 506 -70.31 -8.19 4.98
N ILE D 507 -69.62 -8.39 3.85
CA ILE D 507 -70.18 -8.00 2.55
C ILE D 507 -69.94 -9.07 1.50
N PRO D 508 -70.46 -10.28 1.72
CA PRO D 508 -70.15 -11.48 0.93
C PRO D 508 -70.62 -11.43 -0.53
N HIS D 509 -71.48 -10.48 -0.87
CA HIS D 509 -72.08 -10.44 -2.21
C HIS D 509 -71.37 -9.55 -3.23
N VAL D 510 -70.19 -9.05 -2.88
CA VAL D 510 -69.38 -8.24 -3.80
C VAL D 510 -69.07 -9.05 -5.05
N LYS D 511 -69.49 -8.54 -6.22
CA LYS D 511 -69.18 -9.12 -7.52
C LYS D 511 -67.88 -8.61 -8.15
N TYR D 512 -67.58 -7.35 -7.87
CA TYR D 512 -66.50 -6.63 -8.53
C TYR D 512 -65.63 -6.01 -7.45
N LEU D 513 -64.38 -6.45 -7.36
CA LEU D 513 -63.47 -5.97 -6.33
C LEU D 513 -62.22 -5.35 -6.95
N ASP D 514 -62.00 -4.08 -6.66
CA ASP D 514 -60.81 -3.37 -7.14
C ASP D 514 -59.85 -3.21 -5.97
N LEU D 515 -58.80 -4.01 -6.02
CA LEU D 515 -57.70 -3.96 -5.07
C LEU D 515 -56.42 -3.28 -5.60
N THR D 516 -56.51 -2.61 -6.74
CA THR D 516 -55.31 -2.14 -7.44
C THR D 516 -54.47 -1.18 -6.60
N ASN D 517 -53.18 -1.10 -6.92
CA ASN D 517 -52.30 -0.06 -6.37
C ASN D 517 -52.18 -0.10 -4.86
N ASN D 518 -52.08 -1.29 -4.32
CA ASN D 518 -51.77 -1.47 -2.91
C ASN D 518 -50.45 -2.21 -2.84
N ARG D 519 -50.00 -2.56 -1.63
CA ARG D 519 -48.90 -3.49 -1.58
C ARG D 519 -49.40 -4.72 -0.87
N LEU D 520 -50.01 -5.63 -1.61
CA LEU D 520 -50.69 -6.72 -0.95
C LEU D 520 -49.75 -7.90 -0.89
N ASP D 521 -49.85 -8.66 0.19
CA ASP D 521 -48.98 -9.79 0.38
C ASP D 521 -49.80 -11.04 0.21
N PHE D 522 -49.63 -11.76 -0.90
CA PHE D 522 -50.55 -12.87 -1.06
C PHE D 522 -49.83 -14.08 -0.50
N ASP D 523 -50.10 -14.27 0.79
CA ASP D 523 -49.56 -15.37 1.59
C ASP D 523 -50.56 -16.43 2.02
N ASN D 524 -51.78 -16.35 1.53
CA ASN D 524 -52.82 -17.24 2.04
C ASN D 524 -53.70 -17.79 0.94
N ALA D 525 -53.80 -19.10 0.90
CA ALA D 525 -54.53 -19.77 -0.17
C ALA D 525 -56.03 -19.57 -0.06
N SER D 526 -56.49 -19.14 1.10
CA SER D 526 -57.92 -18.90 1.32
C SER D 526 -58.33 -17.44 1.12
N ALA D 527 -57.39 -16.63 0.65
CA ALA D 527 -57.64 -15.20 0.42
C ALA D 527 -58.87 -14.95 -0.44
N LEU D 528 -59.74 -14.06 0.02
CA LEU D 528 -60.90 -13.58 -0.77
C LEU D 528 -62.02 -14.60 -0.99
N THR D 529 -61.81 -15.84 -0.56
CA THR D 529 -62.74 -16.92 -0.89
C THR D 529 -64.11 -16.77 -0.19
N GLU D 530 -64.20 -15.82 0.74
CA GLU D 530 -65.48 -15.54 1.36
C GLU D 530 -66.45 -14.85 0.41
N LEU D 531 -65.93 -14.32 -0.70
CA LEU D 531 -66.84 -13.71 -1.68
C LEU D 531 -67.06 -14.72 -2.78
N SER D 532 -68.17 -15.45 -2.68
CA SER D 532 -68.38 -16.61 -3.51
C SER D 532 -69.00 -16.22 -4.84
N ASP D 533 -69.53 -15.00 -4.88
CA ASP D 533 -70.22 -14.46 -6.04
C ASP D 533 -69.28 -13.60 -6.90
N LEU D 534 -68.02 -13.53 -6.53
CA LEU D 534 -67.06 -12.65 -7.21
C LEU D 534 -66.89 -13.00 -8.69
N GLU D 535 -67.05 -11.98 -9.53
CA GLU D 535 -66.98 -12.11 -10.99
C GLU D 535 -65.71 -11.46 -11.57
N VAL D 536 -65.48 -10.20 -11.20
CA VAL D 536 -64.30 -9.46 -11.59
C VAL D 536 -63.38 -9.16 -10.39
N LEU D 537 -62.12 -9.51 -10.53
CA LEU D 537 -61.12 -9.20 -9.50
C LEU D 537 -59.94 -8.47 -10.12
N ASP D 538 -59.65 -7.26 -9.64
CA ASP D 538 -58.53 -6.49 -10.17
C ASP D 538 -57.40 -6.35 -9.16
N LEU D 539 -56.30 -7.06 -9.42
CA LEU D 539 -55.10 -7.09 -8.59
C LEU D 539 -53.92 -6.24 -9.06
N SER D 540 -54.15 -5.44 -10.10
CA SER D 540 -53.10 -4.65 -10.72
C SER D 540 -52.27 -3.83 -9.72
N TYR D 541 -50.97 -3.71 -9.98
CA TYR D 541 -50.08 -2.83 -9.22
C TYR D 541 -49.98 -3.18 -7.74
N ASN D 542 -49.96 -4.47 -7.48
CA ASN D 542 -49.59 -5.08 -6.19
C ASN D 542 -48.19 -5.70 -6.11
N SER D 543 -47.30 -5.23 -6.98
CA SER D 543 -45.95 -5.80 -7.12
C SER D 543 -45.05 -5.85 -5.89
N HIS D 544 -45.40 -5.12 -4.83
CA HIS D 544 -44.51 -4.98 -3.66
C HIS D 544 -43.87 -6.29 -3.20
N TYR D 545 -44.68 -7.27 -2.80
CA TYR D 545 -44.13 -8.54 -2.32
C TYR D 545 -43.74 -9.54 -3.40
N PHE D 546 -44.47 -9.54 -4.51
CA PHE D 546 -44.13 -10.42 -5.63
C PHE D 546 -42.68 -10.25 -6.06
N ARG D 547 -42.16 -9.03 -5.99
CA ARG D 547 -40.81 -8.77 -6.46
C ARG D 547 -39.72 -9.35 -5.55
N ILE D 548 -40.09 -9.69 -4.32
CA ILE D 548 -39.14 -10.26 -3.38
C ILE D 548 -39.12 -11.80 -3.47
N ALA D 549 -38.00 -12.36 -3.89
CA ALA D 549 -37.89 -13.80 -4.10
C ALA D 549 -37.94 -14.61 -2.81
N GLY D 550 -37.50 -13.99 -1.71
CA GLY D 550 -37.35 -14.68 -0.45
C GLY D 550 -38.62 -14.90 0.34
N VAL D 551 -39.63 -14.07 0.12
CA VAL D 551 -40.87 -14.28 0.82
C VAL D 551 -41.73 -15.22 0.00
N THR D 552 -42.82 -15.69 0.57
CA THR D 552 -43.67 -16.67 -0.12
C THR D 552 -44.80 -15.94 -0.83
N HIS D 553 -45.21 -16.48 -1.98
CA HIS D 553 -46.28 -15.92 -2.78
C HIS D 553 -47.31 -17.01 -3.13
N HIS D 554 -48.58 -16.76 -2.81
CA HIS D 554 -49.62 -17.76 -3.07
C HIS D 554 -50.79 -17.21 -3.87
N LEU D 555 -50.93 -17.68 -5.10
CA LEU D 555 -52.04 -17.31 -5.96
C LEU D 555 -53.18 -18.34 -6.01
N GLU D 556 -53.09 -19.40 -5.19
CA GLU D 556 -53.97 -20.58 -5.29
C GLU D 556 -55.45 -20.28 -5.07
N PHE D 557 -55.75 -19.21 -4.35
CA PHE D 557 -57.13 -18.82 -4.07
C PHE D 557 -57.96 -18.62 -5.33
N ILE D 558 -57.31 -18.41 -6.47
CA ILE D 558 -58.02 -18.20 -7.74
C ILE D 558 -58.99 -19.35 -8.06
N GLN D 559 -58.59 -20.57 -7.74
CA GLN D 559 -59.39 -21.76 -8.11
C GLN D 559 -60.64 -21.96 -7.26
N ASN D 560 -60.76 -21.19 -6.18
CA ASN D 560 -61.86 -21.37 -5.24
C ASN D 560 -63.12 -20.56 -5.58
N PHE D 561 -63.13 -19.92 -6.75
CA PHE D 561 -64.27 -19.11 -7.16
C PHE D 561 -65.06 -19.77 -8.28
N THR D 562 -66.34 -19.98 -8.01
CA THR D 562 -67.25 -20.67 -8.92
C THR D 562 -67.65 -19.78 -10.09
N ASN D 563 -67.87 -18.50 -9.80
CA ASN D 563 -68.25 -17.50 -10.80
C ASN D 563 -67.19 -16.54 -11.32
N LEU D 564 -65.92 -16.69 -10.91
CA LEU D 564 -64.90 -15.73 -11.36
C LEU D 564 -64.76 -15.68 -12.88
N LYS D 565 -64.92 -14.48 -13.43
CA LYS D 565 -64.95 -14.23 -14.87
C LYS D 565 -63.69 -13.51 -15.33
N VAL D 566 -63.43 -12.34 -14.73
CA VAL D 566 -62.29 -11.52 -15.11
C VAL D 566 -61.27 -11.30 -13.98
N LEU D 567 -60.01 -11.62 -14.23
CA LEU D 567 -58.93 -11.43 -13.27
C LEU D 567 -57.83 -10.57 -13.88
N ASN D 568 -57.48 -9.47 -13.23
CA ASN D 568 -56.36 -8.68 -13.69
C ASN D 568 -55.14 -8.81 -12.75
N LEU D 569 -54.12 -9.50 -13.22
CA LEU D 569 -52.85 -9.66 -12.51
C LEU D 569 -51.74 -8.71 -12.96
N SER D 570 -52.11 -7.72 -13.78
CA SER D 570 -51.14 -6.84 -14.42
C SER D 570 -50.20 -6.02 -13.52
N HIS D 571 -48.97 -5.86 -14.01
CA HIS D 571 -47.94 -5.04 -13.36
C HIS D 571 -47.70 -5.44 -11.91
N ASN D 572 -47.69 -6.74 -11.68
CA ASN D 572 -47.35 -7.27 -10.37
C ASN D 572 -45.92 -7.77 -10.29
N ASN D 573 -45.21 -7.76 -11.40
CA ASN D 573 -43.84 -8.26 -11.44
C ASN D 573 -43.76 -9.70 -10.93
N ILE D 574 -44.60 -10.59 -11.46
CA ILE D 574 -44.62 -11.95 -10.95
C ILE D 574 -43.58 -12.78 -11.67
N TYR D 575 -42.53 -13.13 -10.95
CA TYR D 575 -41.58 -14.14 -11.43
C TYR D 575 -41.46 -15.43 -10.62
N THR D 576 -42.06 -15.49 -9.44
CA THR D 576 -41.91 -16.67 -8.57
C THR D 576 -43.11 -16.93 -7.68
N LEU D 577 -43.45 -18.21 -7.51
CA LEU D 577 -44.58 -18.63 -6.69
C LEU D 577 -44.15 -19.79 -5.78
N THR D 578 -44.83 -19.93 -4.65
CA THR D 578 -44.52 -20.98 -3.69
C THR D 578 -45.36 -22.26 -3.86
N ASP D 579 -44.67 -23.36 -4.14
CA ASP D 579 -45.20 -24.72 -4.11
C ASP D 579 -46.26 -25.03 -5.16
N LYS D 580 -46.96 -24.00 -5.64
CA LYS D 580 -48.01 -24.21 -6.62
C LYS D 580 -47.72 -23.24 -7.75
N TYR D 581 -47.34 -23.80 -8.89
CA TYR D 581 -46.81 -23.01 -9.99
C TYR D 581 -47.88 -22.65 -10.99
N ASN D 582 -49.06 -23.24 -10.82
CA ASN D 582 -50.10 -23.16 -11.85
C ASN D 582 -51.31 -22.35 -11.40
N LEU D 583 -51.85 -21.56 -12.32
CA LEU D 583 -53.12 -20.87 -12.09
C LEU D 583 -54.25 -21.80 -12.57
N GLU D 584 -55.30 -21.94 -11.77
CA GLU D 584 -56.38 -22.86 -12.12
C GLU D 584 -57.75 -22.28 -11.86
N SER D 585 -58.59 -22.27 -12.87
CA SER D 585 -60.00 -21.90 -12.71
C SER D 585 -60.86 -22.59 -13.75
N LYS D 586 -62.01 -23.12 -13.34
CA LYS D 586 -62.96 -23.70 -14.31
C LYS D 586 -63.81 -22.62 -14.97
N SER D 587 -64.07 -21.55 -14.21
CA SER D 587 -64.89 -20.42 -14.69
C SER D 587 -64.20 -19.31 -15.50
N LEU D 588 -62.94 -19.01 -15.17
CA LEU D 588 -62.28 -17.81 -15.70
C LEU D 588 -62.31 -17.69 -17.22
N VAL D 589 -62.77 -16.52 -17.66
CA VAL D 589 -62.90 -16.15 -19.06
C VAL D 589 -61.70 -15.33 -19.53
N GLU D 590 -61.39 -14.25 -18.81
CA GLU D 590 -60.31 -13.34 -19.17
C GLU D 590 -59.21 -13.22 -18.11
N LEU D 591 -57.95 -13.37 -18.54
CA LEU D 591 -56.81 -13.16 -17.62
C LEU D 591 -55.86 -12.13 -18.20
N VAL D 592 -55.64 -11.05 -17.47
CA VAL D 592 -54.68 -10.04 -17.89
C VAL D 592 -53.40 -10.27 -17.06
N PHE D 593 -52.38 -10.81 -17.73
CA PHE D 593 -51.07 -11.10 -17.12
C PHE D 593 -49.96 -10.11 -17.48
N SER D 594 -50.32 -9.01 -18.14
CA SER D 594 -49.35 -8.03 -18.62
C SER D 594 -48.49 -7.43 -17.51
N GLY D 595 -47.25 -7.07 -17.83
CA GLY D 595 -46.40 -6.38 -16.87
C GLY D 595 -45.85 -7.30 -15.79
N ASN D 596 -45.66 -8.57 -16.13
CA ASN D 596 -45.05 -9.52 -15.21
C ASN D 596 -43.79 -10.08 -15.85
N ARG D 597 -43.15 -11.08 -15.25
CA ARG D 597 -42.00 -11.64 -15.92
C ARG D 597 -42.22 -13.09 -16.34
N LEU D 598 -42.70 -13.28 -17.55
CA LEU D 598 -42.83 -14.62 -18.10
C LEU D 598 -41.50 -15.04 -18.69
N ASP D 599 -40.66 -14.05 -19.02
CA ASP D 599 -39.31 -14.32 -19.50
C ASP D 599 -38.51 -15.09 -18.46
N ILE D 600 -38.74 -14.78 -17.18
CA ILE D 600 -38.17 -15.57 -16.08
C ILE D 600 -38.91 -16.89 -15.81
N LEU D 601 -40.24 -16.81 -15.73
CA LEU D 601 -41.07 -17.98 -15.45
C LEU D 601 -40.87 -19.06 -16.51
N TRP D 602 -40.81 -18.65 -17.77
CA TRP D 602 -40.61 -19.55 -18.90
C TRP D 602 -39.15 -19.70 -19.34
N ASN D 603 -38.23 -19.25 -18.50
CA ASN D 603 -36.80 -19.41 -18.74
C ASN D 603 -36.46 -20.83 -19.18
N ASP D 604 -35.57 -20.96 -20.17
CA ASP D 604 -35.26 -22.27 -20.76
C ASP D 604 -34.73 -23.35 -19.80
N ASP D 605 -34.20 -22.95 -18.66
CA ASP D 605 -33.64 -23.90 -17.73
C ASP D 605 -34.64 -24.32 -16.65
N ASP D 606 -35.88 -23.83 -16.75
CA ASP D 606 -36.88 -24.06 -15.72
C ASP D 606 -38.15 -24.74 -16.25
N ASN D 607 -38.44 -25.92 -15.73
CA ASN D 607 -39.62 -26.70 -16.13
C ASN D 607 -40.91 -26.30 -15.44
N ARG D 608 -40.78 -25.62 -14.31
CA ARG D 608 -41.87 -25.54 -13.32
C ARG D 608 -43.12 -24.77 -13.76
N TYR D 609 -42.96 -23.70 -14.52
CA TYR D 609 -44.09 -22.85 -14.91
C TYR D 609 -44.65 -23.17 -16.28
N ILE D 610 -44.13 -24.25 -16.87
CA ILE D 610 -44.50 -24.72 -18.19
C ILE D 610 -46.03 -24.83 -18.42
N SER D 611 -46.74 -25.22 -17.38
CA SER D 611 -48.21 -25.34 -17.42
C SER D 611 -49.00 -24.20 -16.79
N ILE D 612 -48.32 -23.09 -16.49
CA ILE D 612 -48.90 -22.02 -15.68
C ILE D 612 -50.36 -21.61 -16.03
N PHE D 613 -50.69 -21.55 -17.31
CA PHE D 613 -52.04 -21.14 -17.72
C PHE D 613 -52.97 -22.28 -18.13
N LYS D 614 -52.47 -23.51 -18.12
CA LYS D 614 -53.20 -24.64 -18.70
C LYS D 614 -54.50 -24.94 -17.96
N GLY D 615 -54.47 -24.75 -16.64
CA GLY D 615 -55.61 -25.05 -15.79
C GLY D 615 -56.72 -24.01 -15.85
N LEU D 616 -56.65 -23.05 -16.75
CA LEU D 616 -57.76 -22.15 -16.91
C LEU D 616 -58.52 -22.68 -18.12
N LYS D 617 -59.55 -23.47 -17.85
CA LYS D 617 -60.14 -24.34 -18.84
C LYS D 617 -61.17 -23.63 -19.72
N ASN D 618 -61.70 -22.53 -19.19
CA ASN D 618 -62.72 -21.74 -19.85
C ASN D 618 -62.16 -20.50 -20.57
N LEU D 619 -60.84 -20.35 -20.56
CA LEU D 619 -60.24 -19.05 -20.87
C LEU D 619 -60.34 -18.73 -22.35
N THR D 620 -61.03 -17.64 -22.68
CA THR D 620 -61.01 -17.16 -24.05
C THR D 620 -60.12 -15.96 -24.36
N ARG D 621 -59.69 -15.23 -23.33
CA ARG D 621 -58.88 -14.04 -23.58
C ARG D 621 -57.67 -13.98 -22.66
N LEU D 622 -56.48 -13.94 -23.26
CA LEU D 622 -55.25 -13.95 -22.49
C LEU D 622 -54.36 -12.80 -22.93
N ASP D 623 -53.93 -11.98 -21.98
CA ASP D 623 -53.02 -10.87 -22.29
C ASP D 623 -51.63 -11.12 -21.71
N LEU D 624 -50.69 -11.44 -22.60
CA LEU D 624 -49.31 -11.74 -22.23
C LEU D 624 -48.35 -10.56 -22.45
N SER D 625 -48.89 -9.39 -22.79
CA SER D 625 -48.07 -8.25 -23.16
C SER D 625 -47.14 -7.76 -22.05
N LEU D 626 -46.08 -7.05 -22.42
CA LEU D 626 -45.15 -6.44 -21.45
C LEU D 626 -44.57 -7.44 -20.46
N ASN D 627 -44.28 -8.64 -20.95
CA ASN D 627 -43.57 -9.66 -20.16
C ASN D 627 -42.09 -9.85 -20.46
N ARG D 628 -41.53 -8.99 -21.32
CA ARG D 628 -40.10 -9.05 -21.68
C ARG D 628 -39.73 -10.34 -22.38
N LEU D 629 -40.66 -10.88 -23.16
CA LEU D 629 -40.47 -12.18 -23.77
C LEU D 629 -39.58 -12.09 -25.02
N LYS D 630 -38.44 -12.77 -24.98
CA LYS D 630 -37.58 -12.97 -26.15
C LYS D 630 -38.03 -14.16 -27.00
N HIS D 631 -38.41 -15.23 -26.31
CA HIS D 631 -38.97 -16.42 -26.96
C HIS D 631 -39.87 -17.13 -25.98
N ILE D 632 -40.91 -17.76 -26.50
CA ILE D 632 -41.79 -18.60 -25.70
C ILE D 632 -41.48 -20.05 -26.02
N PRO D 633 -41.14 -20.84 -25.00
CA PRO D 633 -40.78 -22.24 -25.24
C PRO D 633 -41.97 -22.94 -25.88
N ASN D 634 -41.72 -23.76 -26.90
CA ASN D 634 -42.78 -24.43 -27.63
C ASN D 634 -43.79 -25.12 -26.72
N GLU D 635 -43.28 -25.89 -25.75
CA GLU D 635 -44.13 -26.65 -24.84
C GLU D 635 -45.00 -25.70 -24.01
N ALA D 636 -44.43 -24.55 -23.66
CA ALA D 636 -45.16 -23.51 -22.93
C ALA D 636 -46.32 -22.94 -23.75
N PHE D 637 -46.13 -22.84 -25.07
CA PHE D 637 -47.14 -22.27 -25.93
C PHE D 637 -48.25 -23.28 -26.17
N LEU D 638 -47.86 -24.53 -26.35
CA LEU D 638 -48.80 -25.63 -26.50
C LEU D 638 -49.64 -25.82 -25.24
N ASN D 639 -49.13 -25.35 -24.10
CA ASN D 639 -49.86 -25.47 -22.84
C ASN D 639 -50.84 -24.30 -22.54
N LEU D 640 -50.88 -23.30 -23.41
CA LEU D 640 -51.89 -22.27 -23.32
C LEU D 640 -53.24 -22.93 -23.59
N PRO D 641 -54.32 -22.44 -22.92
CA PRO D 641 -55.64 -23.06 -23.06
C PRO D 641 -56.16 -23.08 -24.50
N ALA D 642 -56.63 -24.24 -24.94
CA ALA D 642 -57.12 -24.42 -26.30
C ALA D 642 -58.42 -23.66 -26.55
N SER D 643 -59.03 -23.17 -25.48
CA SER D 643 -60.32 -22.45 -25.57
C SER D 643 -60.14 -20.98 -25.99
N LEU D 644 -58.90 -20.52 -26.07
CA LEU D 644 -58.59 -19.13 -26.38
C LEU D 644 -59.15 -18.67 -27.72
N THR D 645 -59.95 -17.60 -27.70
CA THR D 645 -60.30 -16.91 -28.94
C THR D 645 -59.46 -15.65 -29.19
N GLU D 646 -58.80 -15.17 -28.15
CA GLU D 646 -58.08 -13.90 -28.26
C GLU D 646 -56.79 -13.93 -27.47
N LEU D 647 -55.66 -13.68 -28.15
CA LEU D 647 -54.35 -13.79 -27.50
C LEU D 647 -53.44 -12.59 -27.79
N HIS D 648 -53.08 -11.85 -26.73
CA HIS D 648 -52.18 -10.71 -26.90
C HIS D 648 -50.76 -11.02 -26.40
N ILE D 649 -49.83 -11.15 -27.34
CA ILE D 649 -48.40 -11.18 -27.02
C ILE D 649 -47.66 -9.85 -27.27
N ASN D 650 -48.40 -8.79 -27.52
CA ASN D 650 -47.82 -7.51 -27.94
C ASN D 650 -46.85 -6.88 -26.95
N ASP D 651 -45.99 -5.99 -27.46
CA ASP D 651 -45.01 -5.26 -26.64
C ASP D 651 -44.16 -6.19 -25.79
N ASN D 652 -43.56 -7.15 -26.47
CA ASN D 652 -42.49 -7.94 -25.92
C ASN D 652 -41.32 -7.79 -26.87
N MET D 653 -40.28 -8.57 -26.64
CA MET D 653 -39.11 -8.55 -27.48
C MET D 653 -39.02 -9.68 -28.51
N LEU D 654 -40.13 -10.40 -28.73
CA LEU D 654 -40.09 -11.67 -29.47
C LEU D 654 -39.39 -11.56 -30.81
N LYS D 655 -38.33 -12.36 -30.99
CA LYS D 655 -37.71 -12.50 -32.30
C LYS D 655 -38.24 -13.72 -33.02
N PHE D 656 -38.97 -14.55 -32.28
CA PHE D 656 -39.33 -15.89 -32.75
C PHE D 656 -40.79 -16.21 -32.47
N PHE D 657 -41.49 -16.67 -33.50
CA PHE D 657 -42.83 -17.20 -33.29
C PHE D 657 -43.02 -18.47 -34.10
N ASN D 658 -43.38 -19.56 -33.43
CA ASN D 658 -43.59 -20.81 -34.12
C ASN D 658 -45.06 -20.88 -34.52
N TRP D 659 -45.31 -20.71 -35.82
CA TRP D 659 -46.67 -20.58 -36.32
C TRP D 659 -47.38 -21.93 -36.36
N THR D 660 -46.59 -23.00 -36.41
CA THR D 660 -47.10 -24.36 -36.45
C THR D 660 -48.03 -24.61 -35.28
N LEU D 661 -47.67 -24.04 -34.12
CA LEU D 661 -48.38 -24.28 -32.87
C LEU D 661 -49.82 -23.75 -32.86
N LEU D 662 -50.17 -22.90 -33.82
CA LEU D 662 -51.54 -22.40 -33.93
C LEU D 662 -52.51 -23.56 -34.21
N GLN D 663 -51.98 -24.66 -34.74
CA GLN D 663 -52.77 -25.85 -35.03
C GLN D 663 -53.47 -26.43 -33.80
N GLN D 664 -53.02 -26.04 -32.62
CA GLN D 664 -53.63 -26.54 -31.41
C GLN D 664 -54.66 -25.58 -30.83
N PHE D 665 -54.91 -24.48 -31.52
CA PHE D 665 -55.89 -23.49 -31.06
C PHE D 665 -57.00 -23.24 -32.08
N PRO D 666 -57.95 -24.18 -32.16
CA PRO D 666 -58.98 -24.19 -33.20
C PRO D 666 -59.95 -23.01 -33.08
N ARG D 667 -60.02 -22.40 -31.90
CA ARG D 667 -60.94 -21.30 -31.67
C ARG D 667 -60.32 -19.91 -31.77
N LEU D 668 -59.04 -19.83 -32.13
CA LEU D 668 -58.35 -18.56 -31.98
C LEU D 668 -58.73 -17.61 -33.11
N GLU D 669 -59.43 -16.54 -32.76
CA GLU D 669 -59.77 -15.52 -33.76
C GLU D 669 -58.85 -14.31 -33.83
N LEU D 670 -58.14 -14.02 -32.75
CA LEU D 670 -57.32 -12.81 -32.71
C LEU D 670 -55.96 -13.09 -32.12
N LEU D 671 -54.93 -12.87 -32.93
CA LEU D 671 -53.55 -13.00 -32.49
C LEU D 671 -52.86 -11.64 -32.60
N ASP D 672 -52.49 -11.05 -31.46
CA ASP D 672 -51.86 -9.74 -31.48
C ASP D 672 -50.35 -9.85 -31.16
N LEU D 673 -49.54 -9.73 -32.20
CA LEU D 673 -48.07 -9.77 -32.09
C LEU D 673 -47.36 -8.41 -32.15
N ARG D 674 -48.13 -7.33 -32.14
CA ARG D 674 -47.61 -5.97 -32.31
C ARG D 674 -46.49 -5.63 -31.35
N GLY D 675 -45.57 -4.77 -31.78
CA GLY D 675 -44.50 -4.31 -30.92
C GLY D 675 -43.49 -5.39 -30.53
N ASN D 676 -43.09 -6.20 -31.50
CA ASN D 676 -42.03 -7.17 -31.25
C ASN D 676 -40.90 -7.01 -32.26
N LYS D 677 -39.94 -7.93 -32.23
CA LYS D 677 -38.82 -7.96 -33.15
C LYS D 677 -38.92 -8.92 -34.35
N LEU D 678 -40.09 -9.51 -34.58
CA LEU D 678 -40.26 -10.57 -35.58
C LEU D 678 -39.82 -10.21 -37.00
N LEU D 679 -38.88 -10.98 -37.54
CA LEU D 679 -38.36 -10.76 -38.90
C LEU D 679 -38.92 -11.69 -39.98
N PHE D 680 -39.75 -12.65 -39.60
CA PHE D 680 -40.06 -13.76 -40.48
C PHE D 680 -41.54 -14.09 -40.42
N LEU D 681 -42.09 -14.49 -41.57
CA LEU D 681 -43.46 -14.96 -41.63
C LEU D 681 -43.50 -16.34 -42.28
N THR D 682 -44.26 -17.25 -41.67
CA THR D 682 -44.47 -18.56 -42.25
C THR D 682 -45.18 -18.39 -43.59
N ASP D 683 -44.96 -19.33 -44.50
CA ASP D 683 -45.68 -19.36 -45.77
C ASP D 683 -46.84 -20.35 -45.68
N SER D 684 -46.89 -21.04 -44.54
CA SER D 684 -47.79 -22.17 -44.33
C SER D 684 -49.09 -21.88 -43.57
N LEU D 685 -49.34 -20.60 -43.28
CA LEU D 685 -50.42 -20.20 -42.37
C LEU D 685 -51.79 -20.85 -42.62
N SER D 686 -52.10 -21.14 -43.88
CA SER D 686 -53.37 -21.79 -44.21
C SER D 686 -53.53 -23.16 -43.57
N ASP D 687 -52.42 -23.86 -43.37
CA ASP D 687 -52.43 -25.18 -42.74
C ASP D 687 -52.23 -25.10 -41.24
N PHE D 688 -51.89 -23.92 -40.75
CA PHE D 688 -51.79 -23.66 -39.30
C PHE D 688 -53.10 -23.27 -38.61
N THR D 689 -53.96 -22.51 -39.28
CA THR D 689 -55.23 -22.08 -38.69
C THR D 689 -56.39 -22.00 -39.68
N SER D 690 -57.55 -22.52 -39.30
CA SER D 690 -58.79 -22.22 -39.99
C SER D 690 -59.56 -21.08 -39.32
N SER D 691 -59.16 -20.72 -38.10
CA SER D 691 -59.97 -19.78 -37.31
C SER D 691 -59.52 -18.33 -37.24
N LEU D 692 -58.35 -18.00 -37.75
CA LEU D 692 -57.80 -16.71 -37.39
C LEU D 692 -58.46 -15.61 -38.22
N ARG D 693 -59.22 -14.75 -37.54
CA ARG D 693 -59.83 -13.58 -38.15
C ARG D 693 -58.93 -12.33 -38.20
N THR D 694 -58.22 -12.07 -37.10
CA THR D 694 -57.45 -10.83 -36.96
C THR D 694 -55.99 -11.09 -36.55
N LEU D 695 -55.07 -10.58 -37.35
CA LEU D 695 -53.65 -10.80 -37.11
C LEU D 695 -52.93 -9.46 -37.08
N LEU D 696 -52.44 -9.07 -35.91
CA LEU D 696 -51.83 -7.77 -35.78
C LEU D 696 -50.31 -7.92 -35.68
N LEU D 697 -49.64 -7.60 -36.77
CA LEU D 697 -48.18 -7.71 -36.84
C LEU D 697 -47.43 -6.39 -36.75
N SER D 698 -48.14 -5.28 -36.55
CA SER D 698 -47.54 -3.96 -36.65
C SER D 698 -46.42 -3.69 -35.65
N HIS D 699 -45.51 -2.80 -36.02
CA HIS D 699 -44.28 -2.56 -35.27
C HIS D 699 -43.47 -3.83 -35.04
N ASN D 700 -43.06 -4.43 -36.16
CA ASN D 700 -42.10 -5.53 -36.16
C ASN D 700 -41.03 -5.26 -37.23
N ARG D 701 -40.16 -6.24 -37.43
CA ARG D 701 -39.07 -6.12 -38.40
C ARG D 701 -39.29 -6.78 -39.76
N ILE D 702 -40.51 -7.27 -40.02
CA ILE D 702 -40.75 -8.07 -41.23
C ILE D 702 -40.38 -7.34 -42.53
N SER D 703 -39.45 -7.94 -43.26
CA SER D 703 -38.93 -7.36 -44.51
C SER D 703 -39.58 -7.92 -45.76
N HIS D 704 -40.37 -8.97 -45.62
CA HIS D 704 -40.85 -9.69 -46.79
C HIS D 704 -42.19 -10.38 -46.56
N LEU D 705 -42.98 -10.50 -47.61
CA LEU D 705 -44.26 -11.19 -47.52
C LEU D 705 -44.23 -12.45 -48.37
N PRO D 706 -44.31 -13.62 -47.73
CA PRO D 706 -44.14 -14.92 -48.40
C PRO D 706 -45.14 -15.15 -49.53
N SER D 707 -44.65 -15.79 -50.59
CA SER D 707 -45.49 -16.13 -51.74
C SER D 707 -46.66 -16.97 -51.27
N GLY D 708 -47.86 -16.55 -51.66
CA GLY D 708 -49.08 -17.22 -51.22
C GLY D 708 -49.16 -17.17 -49.71
N PHE D 709 -48.94 -15.98 -49.16
CA PHE D 709 -49.07 -15.79 -47.73
C PHE D 709 -50.50 -16.04 -47.30
N LEU D 710 -51.44 -15.46 -48.05
CA LEU D 710 -52.86 -15.58 -47.71
C LEU D 710 -53.63 -16.69 -48.44
N SER D 711 -52.93 -17.52 -49.21
CA SER D 711 -53.60 -18.60 -49.93
C SER D 711 -54.38 -19.51 -49.00
N GLU D 712 -55.66 -19.68 -49.30
CA GLU D 712 -56.54 -20.58 -48.56
C GLU D 712 -56.88 -20.20 -47.13
N VAL D 713 -56.34 -19.10 -46.60
CA VAL D 713 -56.75 -18.74 -45.25
C VAL D 713 -57.98 -17.87 -45.42
N SER D 714 -59.13 -18.49 -45.21
CA SER D 714 -60.39 -17.90 -45.61
C SER D 714 -61.00 -17.24 -44.41
N SER D 715 -60.33 -17.39 -43.27
CA SER D 715 -60.87 -16.84 -42.04
C SER D 715 -60.45 -15.41 -41.84
N LEU D 716 -59.42 -14.96 -42.56
CA LEU D 716 -58.69 -13.77 -42.12
C LEU D 716 -59.30 -12.48 -42.66
N LYS D 717 -59.92 -11.73 -41.75
CA LYS D 717 -60.58 -10.47 -42.08
C LYS D 717 -59.63 -9.27 -42.06
N HIS D 718 -58.78 -9.21 -41.05
CA HIS D 718 -58.01 -8.00 -40.74
C HIS D 718 -56.53 -8.31 -40.50
N LEU D 719 -55.69 -7.81 -41.39
CA LEU D 719 -54.25 -8.02 -41.28
C LEU D 719 -53.56 -6.67 -41.13
N ASP D 720 -52.81 -6.51 -40.05
CA ASP D 720 -52.13 -5.25 -39.81
C ASP D 720 -50.62 -5.45 -39.97
N LEU D 721 -50.09 -5.00 -41.11
CA LEU D 721 -48.67 -5.05 -41.43
C LEU D 721 -47.90 -3.73 -41.25
N SER D 722 -48.59 -2.71 -40.73
CA SER D 722 -48.04 -1.37 -40.63
C SER D 722 -46.77 -1.28 -39.77
N SER D 723 -45.93 -0.29 -40.05
CA SER D 723 -44.71 -0.05 -39.26
C SER D 723 -43.75 -1.22 -39.27
N ASN D 724 -43.47 -1.74 -40.47
CA ASN D 724 -42.52 -2.82 -40.66
C ASN D 724 -41.46 -2.43 -41.68
N LEU D 725 -40.63 -3.40 -42.05
CA LEU D 725 -39.52 -3.16 -42.97
C LEU D 725 -39.80 -3.45 -44.46
N LEU D 726 -41.06 -3.70 -44.80
CA LEU D 726 -41.41 -4.07 -46.17
C LEU D 726 -40.94 -3.08 -47.25
N LYS D 727 -40.15 -3.58 -48.18
CA LYS D 727 -39.70 -2.78 -49.32
C LYS D 727 -40.75 -2.75 -50.42
N THR D 728 -41.50 -3.84 -50.55
CA THR D 728 -42.47 -3.98 -51.63
C THR D 728 -43.36 -5.20 -51.36
N ILE D 729 -44.27 -5.49 -52.30
CA ILE D 729 -45.10 -6.69 -52.22
C ILE D 729 -45.24 -7.38 -53.59
N ASN D 730 -44.86 -8.65 -53.66
CA ASN D 730 -44.88 -9.40 -54.92
C ASN D 730 -46.25 -9.84 -55.41
N LYS D 731 -46.33 -10.14 -56.71
CA LYS D 731 -47.55 -10.62 -57.37
C LYS D 731 -48.22 -11.78 -56.63
N SER D 732 -47.43 -12.83 -56.41
CA SER D 732 -47.94 -14.07 -55.83
C SER D 732 -48.26 -13.95 -54.34
N ALA D 733 -47.85 -12.84 -53.73
CA ALA D 733 -48.00 -12.67 -52.30
C ALA D 733 -49.45 -12.74 -51.81
N LEU D 734 -50.30 -11.86 -52.33
CA LEU D 734 -51.69 -11.78 -51.90
C LEU D 734 -52.71 -12.53 -52.79
N GLU D 735 -52.23 -13.28 -53.79
CA GLU D 735 -53.13 -13.99 -54.69
C GLU D 735 -53.63 -15.36 -54.18
N THR D 736 -54.92 -15.62 -54.36
CA THR D 736 -55.55 -16.88 -53.95
C THR D 736 -56.67 -17.31 -54.89
N LYS D 737 -56.75 -18.61 -55.18
CA LYS D 737 -57.79 -19.15 -56.07
C LYS D 737 -59.15 -19.33 -55.38
N THR D 738 -59.13 -19.77 -54.13
CA THR D 738 -60.37 -19.96 -53.36
C THR D 738 -60.88 -18.65 -52.75
N THR D 739 -61.99 -18.73 -52.02
CA THR D 739 -62.61 -17.55 -51.44
C THR D 739 -61.76 -16.89 -50.35
N THR D 740 -61.88 -15.57 -50.21
CA THR D 740 -61.23 -14.82 -49.13
C THR D 740 -62.11 -13.70 -48.61
N LYS D 741 -62.25 -13.63 -47.28
CA LYS D 741 -63.04 -12.56 -46.65
C LYS D 741 -62.23 -11.35 -46.18
N LEU D 742 -60.96 -11.27 -46.58
CA LEU D 742 -60.11 -10.15 -46.15
C LEU D 742 -60.75 -8.82 -46.50
N SER D 743 -61.12 -8.05 -45.48
CA SER D 743 -61.67 -6.71 -45.67
C SER D 743 -60.78 -5.50 -45.28
N MET D 744 -59.66 -5.75 -44.62
CA MET D 744 -58.78 -4.65 -44.20
C MET D 744 -57.30 -5.02 -44.17
N LEU D 745 -56.48 -4.14 -44.74
CA LEU D 745 -55.03 -4.34 -44.77
C LEU D 745 -54.29 -3.04 -44.48
N GLU D 746 -53.53 -3.00 -43.39
CA GLU D 746 -52.86 -1.75 -43.01
C GLU D 746 -51.37 -1.78 -43.30
N LEU D 747 -50.95 -1.02 -44.29
CA LEU D 747 -49.53 -0.97 -44.67
C LEU D 747 -48.71 0.24 -44.22
N HIS D 748 -49.33 1.23 -43.59
CA HIS D 748 -48.68 2.50 -43.32
C HIS D 748 -47.40 2.38 -42.47
N GLY D 749 -46.36 3.12 -42.87
CA GLY D 749 -45.12 3.11 -42.11
C GLY D 749 -44.09 2.14 -42.65
N ASN D 750 -44.41 1.53 -43.79
CA ASN D 750 -43.46 0.68 -44.51
C ASN D 750 -42.67 1.50 -45.53
N PRO D 751 -41.35 1.22 -45.66
CA PRO D 751 -40.49 1.94 -46.59
C PRO D 751 -40.53 1.34 -48.00
N PHE D 752 -41.67 1.49 -48.68
CA PHE D 752 -41.86 0.94 -50.02
C PHE D 752 -40.84 1.44 -51.05
N GLU D 753 -40.38 0.53 -51.90
CA GLU D 753 -39.57 0.90 -53.06
C GLU D 753 -40.52 1.16 -54.22
N CYS D 754 -40.48 2.38 -54.73
CA CYS D 754 -41.51 2.88 -55.65
C CYS D 754 -41.23 2.62 -57.12
N THR D 755 -40.21 1.82 -57.42
CA THR D 755 -39.89 1.49 -58.80
C THR D 755 -41.01 0.61 -59.34
N CYS D 756 -40.92 0.22 -60.62
CA CYS D 756 -42.01 -0.49 -61.29
C CYS D 756 -42.39 -1.81 -60.62
N ASP D 757 -41.48 -2.31 -59.78
CA ASP D 757 -41.73 -3.53 -59.01
C ASP D 757 -43.03 -3.45 -58.21
N ILE D 758 -43.39 -2.25 -57.78
CA ILE D 758 -44.58 -2.04 -56.95
C ILE D 758 -45.84 -1.91 -57.80
N GLY D 759 -45.68 -2.00 -59.12
CA GLY D 759 -46.79 -1.84 -60.04
C GLY D 759 -47.87 -2.88 -59.88
N ASP D 760 -47.47 -4.13 -59.62
CA ASP D 760 -48.41 -5.23 -59.51
C ASP D 760 -49.30 -5.04 -58.29
N PHE D 761 -48.71 -4.57 -57.20
CA PHE D 761 -49.47 -4.34 -55.98
C PHE D 761 -50.57 -3.31 -56.19
N ARG D 762 -50.24 -2.22 -56.89
CA ARG D 762 -51.22 -1.22 -57.27
C ARG D 762 -52.33 -1.87 -58.09
N ARG D 763 -51.94 -2.77 -58.98
CA ARG D 763 -52.90 -3.50 -59.79
C ARG D 763 -53.75 -4.43 -58.92
N TRP D 764 -53.16 -4.98 -57.86
CA TRP D 764 -53.92 -5.78 -56.89
C TRP D 764 -54.91 -4.87 -56.15
N MET D 765 -54.44 -3.67 -55.80
CA MET D 765 -55.26 -2.70 -55.08
C MET D 765 -56.45 -2.27 -55.93
N ASP D 766 -56.19 -2.00 -57.22
CA ASP D 766 -57.25 -1.60 -58.13
C ASP D 766 -58.25 -2.74 -58.37
N GLU D 767 -57.76 -3.98 -58.38
CA GLU D 767 -58.62 -5.13 -58.58
C GLU D 767 -59.51 -5.42 -57.36
N HIS D 768 -58.93 -5.40 -56.17
CA HIS D 768 -59.73 -5.58 -54.96
C HIS D 768 -59.94 -4.25 -54.26
N LEU D 769 -61.15 -3.71 -54.38
CA LEU D 769 -61.53 -2.51 -53.64
C LEU D 769 -62.35 -2.86 -52.41
N ASN D 770 -62.68 -4.14 -52.28
CA ASN D 770 -63.42 -4.63 -51.12
C ASN D 770 -62.49 -4.75 -49.93
N VAL D 771 -61.19 -4.56 -50.17
CA VAL D 771 -60.19 -4.60 -49.11
C VAL D 771 -59.75 -3.18 -48.76
N LYS D 772 -60.15 -2.74 -47.57
CA LYS D 772 -59.93 -1.37 -47.13
C LYS D 772 -58.48 -1.12 -46.71
N ILE D 773 -57.81 -0.17 -47.37
CA ILE D 773 -56.47 0.24 -46.95
C ILE D 773 -56.50 1.68 -46.41
N PRO D 774 -56.37 1.82 -45.08
CA PRO D 774 -56.44 3.10 -44.37
C PRO D 774 -55.18 3.95 -44.54
N ARG D 775 -55.30 5.24 -44.25
CA ARG D 775 -54.17 6.18 -44.23
C ARG D 775 -53.24 6.06 -45.44
N LEU D 776 -53.81 6.01 -46.64
CA LEU D 776 -53.02 5.86 -47.86
C LEU D 776 -51.96 6.94 -48.00
N VAL D 777 -52.20 8.09 -47.38
CA VAL D 777 -51.24 9.18 -47.34
C VAL D 777 -50.00 8.83 -46.52
N ASP D 778 -50.14 7.86 -45.60
CA ASP D 778 -49.02 7.42 -44.78
C ASP D 778 -48.34 6.16 -45.31
N VAL D 779 -48.84 5.65 -46.42
CA VAL D 779 -48.18 4.54 -47.09
C VAL D 779 -47.25 5.22 -48.09
N ILE D 780 -45.95 5.18 -47.81
CA ILE D 780 -45.01 6.13 -48.40
C ILE D 780 -43.77 5.48 -48.99
N CYS D 781 -43.38 5.97 -50.16
CA CYS D 781 -42.20 5.46 -50.84
C CYS D 781 -40.95 6.05 -50.19
N ALA D 782 -40.09 5.18 -49.68
CA ALA D 782 -38.79 5.60 -49.14
C ALA D 782 -37.75 5.73 -50.26
N SER D 783 -38.01 5.03 -51.36
CA SER D 783 -37.16 5.06 -52.55
C SER D 783 -38.03 4.87 -53.78
N PRO D 784 -37.57 5.31 -54.96
CA PRO D 784 -36.31 6.00 -55.32
C PRO D 784 -36.24 7.40 -54.73
N GLY D 785 -35.04 7.99 -54.74
CA GLY D 785 -34.82 9.29 -54.15
C GLY D 785 -35.82 10.37 -54.53
N ASP D 786 -36.26 10.35 -55.78
CA ASP D 786 -37.19 11.37 -56.28
C ASP D 786 -38.63 11.10 -55.86
N GLN D 787 -38.89 9.85 -55.48
CA GLN D 787 -40.23 9.45 -55.05
C GLN D 787 -40.37 9.55 -53.54
N ARG D 788 -39.31 10.03 -52.88
CA ARG D 788 -39.28 10.07 -51.42
C ARG D 788 -40.30 11.05 -50.85
N GLY D 789 -41.17 10.57 -49.98
CA GLY D 789 -42.19 11.40 -49.39
C GLY D 789 -43.53 11.22 -50.08
N LYS D 790 -43.50 10.73 -51.31
CA LYS D 790 -44.72 10.53 -52.09
C LYS D 790 -45.52 9.35 -51.56
N SER D 791 -46.83 9.37 -51.81
CA SER D 791 -47.69 8.23 -51.49
C SER D 791 -47.56 7.20 -52.60
N ILE D 792 -47.62 5.91 -52.25
CA ILE D 792 -47.47 4.86 -53.25
C ILE D 792 -48.66 4.76 -54.20
N VAL D 793 -49.74 5.48 -53.88
CA VAL D 793 -50.95 5.45 -54.71
C VAL D 793 -50.82 6.37 -55.93
N SER D 794 -49.80 7.21 -55.93
CA SER D 794 -49.54 8.08 -57.07
C SER D 794 -48.22 7.71 -57.75
N LEU D 795 -48.32 7.13 -58.94
CA LEU D 795 -47.13 6.78 -59.72
C LEU D 795 -47.44 6.58 -61.21
N GLU D 796 -46.41 6.64 -62.04
CA GLU D 796 -46.53 6.34 -63.46
C GLU D 796 -47.01 4.90 -63.68
C1 NAG E . -19.96 -18.09 -1.80
C2 NAG E . -20.42 -17.61 -3.18
C3 NAG E . -19.23 -17.09 -3.99
C4 NAG E . -18.36 -16.12 -3.20
C5 NAG E . -18.03 -16.73 -1.86
C6 NAG E . -17.31 -15.72 -0.98
C7 NAG E . -22.20 -18.39 -4.63
C8 NAG E . -22.73 -19.48 -5.53
N2 NAG E . -21.09 -18.65 -3.94
O3 NAG E . -19.79 -16.48 -5.14
O4 NAG E . -17.13 -15.83 -3.84
O5 NAG E . -19.23 -17.05 -1.20
O6 NAG E . -18.17 -14.61 -0.81
O7 NAG E . -22.79 -17.32 -4.58
C1 NAG E . -17.26 -14.62 -4.62
C2 NAG E . -15.89 -14.00 -4.90
C3 NAG E . -16.02 -12.72 -5.72
C4 NAG E . -16.88 -12.99 -6.96
C5 NAG E . -18.18 -13.65 -6.55
C6 NAG E . -18.99 -14.02 -7.79
C7 NAG E . -13.86 -14.01 -3.57
C8 NAG E . -13.17 -13.60 -2.30
N2 NAG E . -15.15 -13.70 -3.68
O3 NAG E . -14.73 -12.26 -6.06
O4 NAG E . -17.22 -11.76 -7.57
O5 NAG E . -17.93 -14.84 -5.83
O6 NAG E . -18.39 -15.16 -8.38
O7 NAG E . -13.26 -14.61 -4.45
C1 BMA E . -16.55 -11.55 -8.83
C2 BMA E . -17.20 -10.30 -9.47
C3 BMA E . -16.43 -9.84 -10.70
C4 BMA E . -14.92 -9.82 -10.46
C5 BMA E . -14.46 -11.17 -9.86
C6 BMA E . -13.00 -11.17 -9.51
O2 BMA E . -17.15 -9.20 -8.58
O3 BMA E . -16.88 -8.55 -11.11
O4 BMA E . -14.25 -9.60 -11.68
O5 BMA E . -15.18 -11.41 -8.66
O6 BMA E . -12.61 -9.85 -9.22
C1 MAN E . -17.38 -8.59 -12.46
C2 MAN E . -17.49 -7.18 -13.03
C3 MAN E . -18.51 -6.39 -12.23
C4 MAN E . -19.84 -7.12 -12.28
C5 MAN E . -19.69 -8.57 -11.82
C6 MAN E . -21.00 -9.30 -12.05
O2 MAN E . -17.85 -7.19 -14.40
O3 MAN E . -18.67 -5.10 -12.79
O4 MAN E . -20.78 -6.47 -11.46
O5 MAN E . -18.65 -9.21 -12.54
O6 MAN E . -21.21 -9.58 -13.43
C1 MAN E . -11.27 -9.88 -8.69
C2 MAN E . -11.21 -9.07 -7.41
C3 MAN E . -11.79 -7.70 -7.72
C4 MAN E . -11.04 -7.05 -8.89
C5 MAN E . -10.80 -8.03 -10.05
C6 MAN E . -9.80 -7.49 -11.05
O2 MAN E . -9.87 -8.96 -7.01
O3 MAN E . -11.75 -6.86 -6.59
O4 MAN E . -11.79 -5.96 -9.35
O5 MAN E . -10.36 -9.28 -9.58
O6 MAN E . -9.32 -8.53 -11.86
C1 NAG F . -33.70 4.00 0.18
C2 NAG F . -32.46 4.05 -0.72
C3 NAG F . -32.79 3.65 -2.14
C4 NAG F . -33.59 2.36 -2.21
C5 NAG F . -34.77 2.43 -1.25
C6 NAG F . -35.56 1.13 -1.25
C7 NAG F . -30.66 5.56 -0.31
C8 NAG F . -30.16 6.97 -0.19
N2 NAG F . -31.92 5.39 -0.73
O3 NAG F . -31.60 3.54 -2.88
O4 NAG F . -34.09 2.20 -3.51
O5 NAG F . -34.32 2.72 0.07
O6 NAG F . -34.79 0.11 -0.61
O7 NAG F . -29.95 4.59 -0.05
C1 NAG F . -33.34 1.23 -4.25
C2 NAG F . -34.20 0.59 -5.36
C3 NAG F . -33.39 -0.24 -6.36
C4 NAG F . -31.99 0.30 -6.65
C5 NAG F . -31.36 0.82 -5.37
C6 NAG F . -29.95 1.39 -5.56
C7 NAG F . -36.56 0.17 -4.83
C8 NAG F . -37.59 -0.86 -4.43
N2 NAG F . -35.27 -0.21 -4.77
O3 NAG F . -34.08 -0.33 -7.59
O4 NAG F . -31.22 -0.75 -7.20
O5 NAG F . -32.20 1.81 -4.83
O6 NAG F . -29.95 2.40 -6.54
O7 NAG F . -36.93 1.29 -5.18
C1 BMA F . -30.58 -0.40 -8.45
C2 BMA F . -29.28 -1.25 -8.56
C3 BMA F . -28.60 -1.09 -9.93
C4 BMA F . -29.63 -1.05 -11.11
C5 BMA F . -30.76 -0.05 -10.80
C6 BMA F . -31.79 0.09 -11.94
O2 BMA F . -29.55 -2.64 -8.38
O3 BMA F . -27.62 -2.12 -10.15
O4 BMA F . -28.96 -0.67 -12.30
O5 BMA F . -31.42 -0.48 -9.59
O6 BMA F . -32.48 -1.15 -12.11
C1 NAG G . -32.80 12.29 -7.53
C2 NAG G . -32.55 10.80 -7.77
C3 NAG G . -31.13 10.39 -7.33
C4 NAG G . -30.08 11.37 -7.84
C5 NAG G . -30.51 12.81 -7.55
C6 NAG G . -29.59 13.89 -8.12
C7 NAG G . -34.22 9.04 -7.75
C8 NAG G . -35.20 8.20 -6.99
N2 NAG G . -33.53 9.97 -7.08
O3 NAG G . -30.83 9.06 -7.73
O4 NAG G . -28.86 11.05 -7.20
O5 NAG G . -31.77 13.04 -8.13
O6 NAG G . -29.48 13.70 -9.50
O7 NAG G . -34.09 8.86 -8.96
C1 NAG G . -27.74 11.12 -8.13
C2 NAG G . -26.45 10.99 -7.34
C3 NAG G . -25.26 11.04 -8.28
C4 NAG G . -25.41 9.99 -9.37
C5 NAG G . -26.76 10.01 -10.07
C6 NAG G . -26.97 8.67 -10.78
C7 NAG G . -26.65 11.99 -5.12
C8 NAG G . -26.65 13.27 -4.35
N2 NAG G . -26.34 12.10 -6.41
O3 NAG G . -24.08 10.83 -7.54
O4 NAG G . -24.44 10.23 -10.36
O5 NAG G . -27.86 10.21 -9.21
O6 NAG G . -27.83 8.86 -11.87
O7 NAG G . -26.93 10.93 -4.58
C1 BMA G . -23.57 9.09 -10.42
C2 BMA G . -22.86 9.10 -11.77
C3 BMA G . -21.84 7.95 -11.86
C4 BMA G . -21.04 7.75 -10.54
C5 BMA G . -21.95 7.86 -9.29
C6 BMA G . -21.23 7.90 -7.94
O2 BMA G . -22.14 10.31 -11.93
O3 BMA G . -20.97 8.12 -12.99
O4 BMA G . -20.45 6.48 -10.57
O5 BMA G . -22.69 9.06 -9.37
O6 BMA G . -19.83 7.71 -8.09
C1 MAN G . -21.34 7.27 -14.09
C2 MAN G . -20.28 7.36 -15.19
C3 MAN G . -20.25 8.79 -15.69
C4 MAN G . -21.63 9.22 -16.19
C5 MAN G . -22.74 8.86 -15.23
C6 MAN G . -24.10 8.94 -15.91
O2 MAN G . -20.59 6.47 -16.24
O3 MAN G . -19.32 8.92 -16.75
O4 MAN G . -21.61 10.63 -16.35
O5 MAN G . -22.59 7.55 -14.69
O6 MAN G . -25.14 8.60 -15.00
C1 MAN G . -19.18 8.24 -6.93
C2 MAN G . -18.84 9.72 -7.12
C3 MAN G . -17.89 9.88 -8.31
C4 MAN G . -16.77 8.83 -8.33
C5 MAN G . -17.19 7.44 -7.83
C6 MAN G . -15.99 6.56 -7.55
O2 MAN G . -18.29 10.26 -5.95
O3 MAN G . -17.31 11.17 -8.29
O4 MAN G . -16.35 8.69 -9.67
O5 MAN G . -17.97 7.56 -6.64
O6 MAN G . -16.41 5.25 -7.22
C1 NAG H . 8.95 -4.98 25.08
C2 NAG H . 10.14 -4.02 24.95
C3 NAG H . 9.78 -2.84 24.05
C4 NAG H . 9.16 -3.32 22.72
C5 NAG H . 8.06 -4.33 23.03
C6 NAG H . 7.36 -4.89 21.80
C7 NAG H . 11.86 -3.41 26.55
C8 NAG H . 12.21 -2.75 27.86
N2 NAG H . 10.56 -3.54 26.26
O3 NAG H . 10.95 -2.06 23.86
O4 NAG H . 8.56 -2.27 22.00
O5 NAG H . 8.62 -5.39 23.78
O6 NAG H . 8.33 -5.26 20.85
O7 NAG H . 12.75 -3.77 25.78
C1 NAG H . 9.46 -1.70 21.02
C2 NAG H . 8.71 -0.91 19.95
C3 NAG H . 9.66 -0.30 18.92
C4 NAG H . 10.81 0.43 19.62
C5 NAG H . 11.40 -0.42 20.73
C6 NAG H . 12.45 0.36 21.51
C7 NAG H . 6.53 -1.24 18.94
C8 NAG H . 5.60 -2.17 18.24
N2 NAG H . 7.72 -1.71 19.25
O3 NAG H . 8.92 0.57 18.09
O4 NAG H . 11.85 0.67 18.68
O5 NAG H . 10.38 -0.83 21.62
O6 NAG H . 12.00 1.68 21.69
O7 NAG H . 6.16 -0.09 19.21
C1 BMA H . 11.93 2.06 18.33
C2 BMA H . 13.25 2.26 17.56
C3 BMA H . 13.33 3.65 16.91
C4 BMA H . 12.02 4.06 16.24
C5 BMA H . 10.82 3.86 17.20
C6 BMA H . 9.49 4.14 16.52
O2 BMA H . 13.32 1.30 16.51
O3 BMA H . 14.42 3.72 15.99
O4 BMA H . 12.10 5.44 15.86
O5 BMA H . 10.81 2.48 17.62
O6 BMA H . 9.57 3.62 15.19
C1 MAN H . 15.34 4.77 16.36
C2 MAN H . 16.21 5.17 15.16
C3 MAN H . 17.10 3.99 14.75
C4 MAN H . 17.89 3.50 15.96
C5 MAN H . 16.94 3.22 17.12
C6 MAN H . 17.72 2.79 18.37
O2 MAN H . 16.97 6.34 15.41
O3 MAN H . 18.01 4.39 13.75
O4 MAN H . 18.57 2.32 15.61
O5 MAN H . 16.20 4.39 17.42
O6 MAN H . 18.63 3.83 18.70
C1 MAN H . 8.33 3.73 14.46
C2 MAN H . 8.15 2.49 13.60
C3 MAN H . 9.34 2.36 12.65
C4 MAN H . 9.53 3.64 11.87
C5 MAN H . 9.54 4.85 12.80
C6 MAN H . 9.65 6.17 12.04
O2 MAN H . 6.97 2.61 12.83
O3 MAN H . 9.16 1.26 11.77
O4 MAN H . 10.74 3.55 11.15
O5 MAN H . 8.35 4.84 13.59
O6 MAN H . 8.92 7.19 12.71
C1 NAG I . 28.60 -14.74 10.76
C2 NAG I . 28.07 -13.39 10.30
C3 NAG I . 28.80 -12.22 10.94
C4 NAG I . 28.85 -12.41 12.46
C5 NAG I . 29.45 -13.76 12.76
C6 NAG I . 29.51 -13.93 14.27
C7 NAG I . 27.00 -13.21 8.17
C8 NAG I . 27.11 -13.28 6.68
N2 NAG I . 28.14 -13.28 8.85
O3 NAG I . 28.13 -11.03 10.58
O4 NAG I . 29.69 -11.48 13.09
O5 NAG I . 28.67 -14.79 12.18
O6 NAG I . 28.20 -14.08 14.75
O7 NAG I . 25.91 -13.10 8.73
C1 NAG I . 28.96 -10.37 13.64
C2 NAG I . 29.89 -9.65 14.60
C3 NAG I . 29.28 -8.36 15.14
C4 NAG I . 28.59 -7.54 14.05
C5 NAG I . 27.78 -8.40 13.08
C6 NAG I . 27.34 -7.62 11.85
C7 NAG I . 31.52 -11.00 15.70
C8 NAG I . 31.93 -11.88 16.83
N2 NAG I . 30.28 -10.50 15.71
O3 NAG I . 30.30 -7.57 15.72
O4 NAG I . 27.76 -6.61 14.71
O5 NAG I . 28.53 -9.50 12.62
O6 NAG I . 28.46 -6.93 11.33
O7 NAG I . 32.33 -10.76 14.79
C1 BMA I . 27.98 -5.27 14.25
C2 BMA I . 26.61 -4.53 14.29
C3 BMA I . 26.76 -3.01 14.01
C4 BMA I . 28.05 -2.38 14.60
C5 BMA I . 29.28 -3.29 14.35
C6 BMA I . 30.58 -2.74 14.97
O2 BMA I . 25.97 -4.71 15.55
O3 BMA I . 25.61 -2.26 14.45
O4 BMA I . 28.27 -1.11 14.01
O5 BMA I . 29.02 -4.58 14.92
O6 BMA I . 30.51 -2.84 16.39
C1 NAG J . 34.62 -8.44 3.63
C2 NAG J . 33.92 -7.88 4.86
C3 NAG J . 32.45 -7.60 4.58
C4 NAG J . 32.22 -6.88 3.26
C5 NAG J . 33.06 -7.50 2.16
C6 NAG J . 32.95 -6.69 0.88
C7 NAG J . 34.58 -8.50 7.12
C8 NAG J . 34.66 -9.58 8.15
N2 NAG J . 34.00 -8.82 5.96
O3 NAG J . 31.90 -6.84 5.63
O4 NAG J . 30.84 -6.98 2.97
O5 NAG J . 34.42 -7.53 2.57
O6 NAG J . 33.33 -5.36 1.17
O7 NAG J . 35.07 -7.39 7.36
C1 NAG J . 30.31 -5.68 2.67
C2 NAG J . 28.93 -5.85 2.08
C3 NAG J . 28.39 -4.51 1.62
C4 NAG J . 28.50 -3.48 2.76
C5 NAG J . 29.88 -3.49 3.41
C6 NAG J . 29.93 -2.59 4.63
C7 NAG J . 28.59 -8.02 0.99
C8 NAG J . 28.77 -8.80 -0.28
N2 NAG J . 29.00 -6.74 0.96
O3 NAG J . 27.06 -4.68 1.26
O4 NAG J . 28.29 -2.19 2.26
O5 NAG J . 30.24 -4.80 3.77
O6 NAG J . 31.25 -2.13 4.80
O7 NAG J . 28.07 -8.55 1.98
C1 BMA J . 27.10 -1.62 2.85
C2 BMA J . 27.13 -0.13 2.57
C3 BMA J . 25.89 0.53 3.14
C4 BMA J . 24.58 -0.23 2.76
C5 BMA J . 24.76 -1.77 2.95
C6 BMA J . 23.69 -2.64 2.31
O2 BMA J . 27.13 0.09 1.17
O3 BMA J . 25.82 1.91 2.75
O4 BMA J . 23.53 0.22 3.57
O5 BMA J . 25.97 -2.18 2.34
O6 BMA J . 22.50 -1.92 2.08
C1 MAN J . 26.24 2.79 3.81
C2 MAN J . 26.00 4.23 3.34
C3 MAN J . 26.93 4.53 2.18
C4 MAN J . 28.37 4.31 2.62
C5 MAN J . 28.57 2.94 3.26
C6 MAN J . 29.95 2.84 3.91
O2 MAN J . 26.22 5.15 4.40
O3 MAN J . 26.75 5.86 1.76
O4 MAN J . 29.21 4.40 1.49
O5 MAN J . 27.58 2.66 4.23
O6 MAN J . 30.12 1.59 4.56
C1 MAN J . 21.67 -2.70 1.19
C2 MAN J . 22.10 -2.53 -0.25
C3 MAN J . 21.92 -1.09 -0.70
C4 MAN J . 20.55 -0.54 -0.29
C5 MAN J . 20.18 -0.93 1.13
C6 MAN J . 18.74 -0.52 1.47
O2 MAN J . 21.34 -3.38 -1.08
O3 MAN J . 22.05 -0.99 -2.11
O4 MAN J . 20.57 0.86 -0.37
O5 MAN J . 20.31 -2.33 1.30
O6 MAN J . 18.47 -0.82 2.82
C1 NAG K . 75.14 -18.62 9.62
C2 NAG K . 74.42 -17.27 9.59
C3 NAG K . 75.26 -16.21 10.28
C4 NAG K . 75.65 -16.66 11.68
C5 NAG K . 76.27 -18.06 11.62
C6 NAG K . 76.64 -18.57 13.01
C7 NAG K . 72.98 -16.31 7.82
C8 NAG K . 73.00 -15.63 6.49
N2 NAG K . 74.15 -16.82 8.23
O3 NAG K . 74.51 -15.01 10.30
O4 NAG K . 76.60 -15.81 12.27
O5 NAG K . 75.38 -18.96 10.98
O6 NAG K . 75.49 -18.54 13.84
O7 NAG K . 71.91 -16.39 8.44
C1 NAG K . 76.01 -14.80 13.12
C2 NAG K . 77.04 -14.21 14.08
C3 NAG K . 76.38 -13.16 14.97
C4 NAG K . 75.57 -12.15 14.16
C5 NAG K . 74.70 -12.82 13.11
C6 NAG K . 74.15 -11.78 12.15
C7 NAG K . 78.95 -15.28 15.27
C8 NAG K . 79.36 -16.52 16.00
N2 NAG K . 77.65 -15.23 14.93
O3 NAG K . 77.37 -12.49 15.71
O4 NAG K . 74.73 -11.44 15.04
O5 NAG K . 75.42 -13.78 12.36
O6 NAG K . 75.15 -10.79 11.97
O7 NAG K . 79.78 -14.40 15.03
C1 BMA K . 75.17 -10.08 15.25
C2 BMA K . 74.02 -9.29 15.90
C3 BMA K . 74.47 -7.88 16.34
C4 BMA K . 75.86 -7.87 16.97
C5 BMA K . 76.86 -8.69 16.12
C6 BMA K . 78.22 -8.79 16.75
O2 BMA K . 73.56 -9.96 17.07
O3 BMA K . 73.54 -7.29 17.26
O4 BMA K . 76.31 -6.53 17.06
O5 BMA K . 76.35 -10.01 15.98
O6 BMA K . 78.05 -8.73 18.16
C1 MAN K . 73.06 -6.01 16.76
C2 MAN K . 72.47 -5.19 17.91
C3 MAN K . 71.24 -5.91 18.46
C4 MAN K . 70.28 -6.32 17.34
C5 MAN K . 71.02 -7.00 16.21
C6 MAN K . 70.10 -7.28 15.03
O2 MAN K . 72.13 -3.88 17.50
O3 MAN K . 70.56 -5.05 19.34
O4 MAN K . 69.31 -7.20 17.86
O5 MAN K . 72.07 -6.17 15.77
O6 MAN K . 69.78 -6.06 14.40
C1 MAN K . 79.23 -9.24 18.81
C2 MAN K . 78.87 -10.45 19.67
C3 MAN K . 77.86 -10.05 20.74
C4 MAN K . 78.28 -8.77 21.45
C5 MAN K . 78.78 -7.70 20.47
C6 MAN K . 79.34 -6.48 21.20
O2 MAN K . 80.04 -10.97 20.28
O3 MAN K . 77.68 -11.08 21.68
O4 MAN K . 77.18 -8.27 22.19
O5 MAN K . 79.78 -8.25 19.64
O6 MAN K . 80.00 -5.65 20.26
C1 NAG L . 53.38 -18.78 24.38
C2 NAG L . 54.41 -17.71 24.71
C3 NAG L . 54.08 -16.42 23.99
C4 NAG L . 53.89 -16.65 22.49
C5 NAG L . 52.89 -17.79 22.27
C6 NAG L . 52.83 -18.14 20.80
C7 NAG L . 55.48 -17.62 26.88
C8 NAG L . 55.27 -17.53 28.36
N2 NAG L . 54.40 -17.46 26.14
O3 NAG L . 55.09 -15.45 24.27
O4 NAG L . 53.42 -15.49 21.83
O5 NAG L . 53.29 -18.95 22.99
O6 NAG L . 54.07 -18.71 20.45
O7 NAG L . 56.60 -17.81 26.39
C1 NAG L . 54.51 -14.80 21.19
C2 NAG L . 54.00 -13.91 20.05
C3 NAG L . 55.11 -13.04 19.46
C4 NAG L . 56.13 -12.51 20.49
C5 NAG L . 56.41 -13.48 21.62
C6 NAG L . 57.09 -12.79 22.80
C7 NAG L . 52.09 -14.84 18.89
C8 NAG L . 51.56 -15.65 17.74
N2 NAG L . 53.41 -14.69 18.99
O3 NAG L . 54.50 -11.94 18.85
O4 NAG L . 57.34 -12.18 19.82
O5 NAG L . 55.20 -14.00 22.11
O6 NAG L . 56.11 -12.19 23.62
O7 NAG L . 51.30 -14.35 19.70
C1 BMA L . 57.62 -10.77 19.93
C2 BMA L . 59.11 -10.49 19.59
C3 BMA L . 59.42 -8.97 19.63
C4 BMA L . 58.27 -8.09 19.04
C5 BMA L . 56.90 -8.54 19.56
C6 BMA L . 55.74 -7.72 18.99
O2 BMA L . 59.45 -10.97 18.30
O3 BMA L . 60.66 -8.67 18.99
O4 BMA L . 58.47 -6.73 19.40
O5 BMA L . 56.73 -9.92 19.21
O6 BMA L . 55.63 -7.99 17.59
C1 NAG M . 50.40 -9.87 30.66
C2 NAG M . 51.23 -9.75 29.37
C3 NAG M . 52.69 -10.06 29.67
C4 NAG M . 53.22 -9.25 30.87
C5 NAG M . 52.25 -9.34 32.05
C6 NAG M . 52.64 -8.48 33.25
C7 NAG M . 50.39 -10.20 27.12
C8 NAG M . 49.80 -11.21 26.17
N2 NAG M . 50.74 -10.64 28.32
O3 NAG M . 53.49 -9.77 28.54
O4 NAG M . 54.45 -9.84 31.23
O5 NAG M . 50.97 -8.98 31.62
O6 NAG M . 52.98 -7.16 32.87
O7 NAG M . 50.51 -9.04 26.78
C1 NAG M . 55.44 -8.80 31.40
C2 NAG M . 56.69 -9.41 32.03
C3 NAG M . 57.71 -8.31 32.26
C4 NAG M . 57.90 -7.45 31.02
C5 NAG M . 56.58 -7.04 30.36
C6 NAG M . 56.83 -6.44 28.98
C7 NAG M . 56.27 -11.38 33.40
C8 NAG M . 56.11 -11.92 34.79
N2 NAG M . 56.39 -10.05 33.30
O3 NAG M . 58.92 -8.94 32.58
O4 NAG M . 58.61 -6.27 31.36
O5 NAG M . 55.76 -8.17 30.18
O6 NAG M . 55.68 -5.77 28.55
O7 NAG M . 56.28 -12.13 32.43
C1 BMA M . 59.85 -6.24 30.62
C2 BMA M . 60.41 -4.82 30.74
C3 BMA M . 61.81 -4.71 30.12
C4 BMA M . 62.72 -5.95 30.39
C5 BMA M . 61.92 -7.29 30.25
C6 BMA M . 62.70 -8.53 30.71
O2 BMA M . 60.54 -4.46 32.12
O3 BMA M . 62.46 -3.51 30.56
O4 BMA M . 63.79 -5.94 29.47
O5 BMA M . 60.75 -7.20 31.04
O6 BMA M . 64.00 -8.16 31.13
C1 MAN M . 62.46 -2.49 29.52
C2 MAN M . 63.31 -1.30 30.00
C3 MAN M . 62.58 -0.57 31.12
C4 MAN M . 61.20 -0.14 30.63
C5 MAN M . 60.42 -1.32 30.08
C6 MAN M . 59.13 -0.82 29.43
O2 MAN M . 63.60 -0.43 28.92
O3 MAN M . 63.31 0.55 31.55
O4 MAN M . 60.49 0.42 31.71
O5 MAN M . 61.17 -2.04 29.11
O6 MAN M . 58.10 -1.77 29.58
C1 MAN M . 64.53 -9.11 32.09
C2 MAN M . 64.20 -8.70 33.53
C3 MAN M . 64.85 -7.37 33.90
C4 MAN M . 66.31 -7.31 33.44
C5 MAN M . 66.44 -7.83 32.00
C6 MAN M . 67.86 -7.79 31.47
O2 MAN M . 64.64 -9.69 34.44
O3 MAN M . 64.78 -7.17 35.30
O4 MAN M . 66.76 -5.97 33.52
O5 MAN M . 65.94 -9.14 31.96
O6 MAN M . 67.83 -7.98 30.07
C1 NAG N . -72.05 25.16 -15.99
C2 NAG N . -70.92 24.78 -16.95
C3 NAG N . -71.44 24.33 -18.31
C4 NAG N . -72.53 23.26 -18.13
C5 NAG N . -73.55 23.74 -17.11
C6 NAG N . -74.65 22.70 -16.90
C7 NAG N . -68.65 25.60 -16.90
C8 NAG N . -67.71 26.67 -17.38
N2 NAG N . -69.94 25.85 -17.09
O3 NAG N . -70.35 23.84 -19.06
O4 NAG N . -73.20 22.98 -19.34
O5 NAG N . -72.91 24.04 -15.88
O6 NAG N . -74.13 21.59 -16.20
O7 NAG N . -68.22 24.57 -16.36
C1 NAG N . -72.63 21.83 -20.01
C2 NAG N . -73.61 21.27 -21.05
C3 NAG N . -73.02 20.07 -21.78
C4 NAG N . -71.61 20.34 -22.28
C5 NAG N . -70.76 21.02 -21.21
C6 NAG N . -69.40 21.44 -21.76
C7 NAG N . -76.02 21.14 -21.14
C8 NAG N . -77.31 20.86 -20.42
N2 NAG N . -74.89 20.89 -20.49
O3 NAG N . -73.88 19.74 -22.85
O4 NAG N . -70.98 19.12 -22.60
O5 NAG N . -71.43 22.14 -20.66
O6 NAG N . -69.53 22.63 -22.52
O7 NAG N . -76.05 21.58 -22.30
C1 BMA N . -70.96 18.93 -24.03
C2 BMA N . -70.05 17.75 -24.40
C3 BMA N . -70.04 17.57 -25.93
C4 BMA N . -71.46 17.64 -26.53
C5 BMA N . -72.25 18.82 -25.94
C6 BMA N . -73.69 18.82 -26.34
O2 BMA N . -70.55 16.56 -23.84
O3 BMA N . -69.42 16.34 -26.30
O4 BMA N . -71.39 17.79 -27.93
O5 BMA N . -72.22 18.73 -24.54
O6 BMA N . -74.01 17.51 -26.76
C1 MAN N . -68.20 16.54 -27.06
C2 MAN N . -67.84 15.23 -27.73
C3 MAN N . -67.56 14.19 -26.66
C4 MAN N . -66.47 14.69 -25.71
C5 MAN N . -66.81 16.09 -25.19
C6 MAN N . -65.63 16.65 -24.40
O2 MAN N . -66.74 15.35 -28.62
O3 MAN N . -67.15 12.98 -27.26
O4 MAN N . -66.35 13.80 -24.62
O5 MAN N . -67.11 16.95 -26.26
O6 MAN N . -64.53 16.84 -25.27
C1 MAN N . -75.41 17.47 -27.03
C2 MAN N . -76.11 16.61 -25.98
C3 MAN N . -75.57 15.17 -26.05
C4 MAN N . -75.58 14.66 -27.50
C5 MAN N . -74.95 15.69 -28.44
C6 MAN N . -74.99 15.24 -29.89
O2 MAN N . -77.51 16.63 -26.20
O3 MAN N . -76.31 14.30 -25.24
O4 MAN N . -74.86 13.46 -27.54
O5 MAN N . -75.64 16.91 -28.31
O6 MAN N . -75.99 15.97 -30.57
C1 NAG O . -61.11 2.75 -7.98
C2 NAG O . -61.66 2.73 -9.41
C3 NAG O . -60.61 3.18 -10.42
C4 NAG O . -59.95 4.48 -9.99
C5 NAG O . -59.48 4.35 -8.53
C6 NAG O . -58.88 5.65 -8.05
C7 NAG O . -63.42 1.24 -10.18
C8 NAG O . -63.88 -0.19 -10.24
N2 NAG O . -62.16 1.41 -9.74
O3 NAG O . -61.21 3.33 -11.69
O4 NAG O . -58.84 4.76 -10.83
O5 NAG O . -60.58 4.03 -7.71
O6 NAG O . -59.91 6.61 -7.93
O7 NAG O . -64.15 2.17 -10.54
C1 NAG O . -59.17 5.78 -11.78
C2 NAG O . -57.89 6.44 -12.30
C3 NAG O . -58.13 7.38 -13.48
C4 NAG O . -59.16 6.85 -14.46
C5 NAG O . -60.37 6.28 -13.71
C6 NAG O . -61.46 5.75 -14.64
C7 NAG O . -56.19 6.69 -10.63
C8 NAG O . -55.39 7.62 -9.77
N2 NAG O . -57.25 7.19 -11.23
O3 NAG O . -56.90 7.57 -14.13
O4 NAG O . -59.58 7.91 -15.29
O5 NAG O . -59.89 5.25 -12.86
O6 NAG O . -61.02 4.59 -15.31
O7 NAG O . -55.85 5.50 -10.74
C1 BMA O . -59.27 7.65 -16.67
C2 BMA O . -60.06 8.63 -17.53
C3 BMA O . -59.88 8.28 -19.02
C4 BMA O . -58.38 8.07 -19.39
C5 BMA O . -57.65 7.14 -18.37
C6 BMA O . -56.15 6.98 -18.63
O2 BMA O . -59.57 9.95 -17.36
O3 BMA O . -60.48 9.26 -19.87
O4 BMA O . -58.30 7.50 -20.68
O5 BMA O . -57.88 7.63 -17.02
O6 BMA O . -55.49 8.24 -18.49
C1 NAG P . -57.57 -5.10 -15.49
C2 NAG P . -57.68 -3.62 -15.83
C3 NAG P . -59.11 -3.22 -16.21
C4 NAG P . -59.73 -4.20 -17.20
C5 NAG P . -59.46 -5.64 -16.76
C6 NAG P . -59.97 -6.70 -17.74
C7 NAG P . -56.28 -1.91 -14.88
C8 NAG P . -55.78 -1.18 -13.68
N2 NAG P . -57.23 -2.81 -14.72
O3 NAG P . -59.14 -1.88 -16.71
O4 NAG P . -61.12 -3.97 -17.26
O5 NAG P . -58.07 -5.81 -16.61
O6 NAG P . -59.54 -6.41 -19.05
O7 NAG P . -55.83 -1.67 -15.99
C1 NAG P . -61.58 -3.84 -18.61
C2 NAG P . -63.10 -3.78 -18.64
C3 NAG P . -63.59 -3.63 -20.07
C4 NAG P . -62.82 -2.54 -20.84
C5 NAG P . -61.32 -2.69 -20.65
C6 NAG P . -60.58 -1.53 -21.29
C7 NAG P . -64.12 -4.99 -16.78
C8 NAG P . -64.39 -6.33 -16.18
N2 NAG P . -63.69 -4.97 -18.05
O3 NAG P . -64.96 -3.33 -20.06
O4 NAG P . -63.09 -2.68 -22.21
O5 NAG P . -61.01 -2.74 -19.27
O6 NAG P . -59.19 -1.79 -21.16
O7 NAG P . -64.27 -3.96 -16.11
C1 BMA P . -63.79 -1.53 -22.70
C2 BMA P . -63.78 -1.60 -24.21
C3 BMA P . -64.51 -0.40 -24.82
C4 BMA P . -65.89 -0.15 -24.12
C5 BMA P . -65.77 -0.23 -22.57
C6 BMA P . -67.12 -0.25 -21.87
O2 BMA P . -64.46 -2.77 -24.65
O3 BMA P . -64.69 -0.57 -26.23
O4 BMA P . -66.37 1.14 -24.50
O5 BMA P . -65.10 -1.44 -22.21
O6 BMA P . -68.14 -0.39 -22.85
C1 MAN P . -63.84 0.31 -27.00
C2 MAN P . -64.19 0.17 -28.48
C3 MAN P . -63.88 -1.25 -28.92
C4 MAN P . -62.38 -1.49 -28.71
C5 MAN P . -62.00 -1.19 -27.27
C6 MAN P . -60.48 -1.26 -27.06
O2 MAN P . -63.41 1.08 -29.25
O3 MAN P . -64.23 -1.44 -30.27
O4 MAN P . -62.08 -2.84 -29.02
O5 MAN P . -62.44 0.09 -26.86
O6 MAN P . -60.16 -0.77 -25.78
C1 MAN P . -69.39 -0.83 -22.29
C2 MAN P . -69.72 -2.25 -22.73
C3 MAN P . -69.69 -2.34 -24.25
C4 MAN P . -70.51 -1.22 -24.88
C5 MAN P . -70.29 0.13 -24.17
C6 MAN P . -71.26 1.21 -24.67
O2 MAN P . -70.99 -2.62 -22.28
O3 MAN P . -70.20 -3.59 -24.66
O4 MAN P . -70.13 -1.10 -26.23
O5 MAN P . -70.42 -0.01 -22.77
O6 MAN P . -70.90 2.46 -24.12
C1 NAG Q . -46.81 24.47 9.94
C2 NAG Q . -47.67 25.74 10.06
C3 NAG Q . -47.52 26.39 11.42
C4 NAG Q . -47.68 25.37 12.55
C5 NAG Q . -46.76 24.19 12.30
C6 NAG Q . -46.93 23.12 13.37
C7 NAG Q . -48.04 26.92 7.96
C8 NAG Q . -49.51 26.60 8.07
N2 NAG Q . -47.28 26.69 9.03
O3 NAG Q . -48.51 27.40 11.56
O4 NAG Q . -47.37 25.97 13.79
O5 NAG Q . -47.06 23.62 11.05
O6 NAG Q . -48.25 22.64 13.32
O7 NAG Q . -47.58 27.37 6.90
C1 NAG R . -35.64 33.91 -30.05
C2 NAG R . -36.85 34.32 -30.88
C3 NAG R . -36.79 35.80 -31.25
C4 NAG R . -36.58 36.65 -30.01
C5 NAG R . -35.39 36.12 -29.19
C6 NAG R . -35.25 36.89 -27.88
C7 NAG R . -38.11 32.86 -32.34
C8 NAG R . -38.20 32.17 -33.68
N2 NAG R . -36.98 33.51 -32.07
O3 NAG R . -38.00 36.19 -31.85
O4 NAG R . -36.34 37.98 -30.40
O5 NAG R . -35.55 34.74 -28.91
O6 NAG R . -33.89 37.22 -27.65
O7 NAG R . -39.06 32.81 -31.57
C1 NAG S . -11.74 -1.96 15.83
C2 NAG S . -10.64 -1.28 15.01
C3 NAG S . -9.52 -0.74 15.88
C4 NAG S . -10.06 0.07 17.03
C5 NAG S . -11.10 -0.73 17.81
C6 NAG S . -11.69 0.19 18.87
C7 NAG S . -10.23 -2.13 12.75
C8 NAG S . -9.52 -3.17 11.93
N2 NAG S . -10.09 -2.23 14.06
O3 NAG S . -8.65 0.10 15.16
O4 NAG S . -8.98 0.40 17.88
O5 NAG S . -12.14 -1.19 16.96
O6 NAG S . -12.99 -0.24 19.16
O7 NAG S . -10.90 -1.23 12.22
C1 NAG T . -22.85 27.85 -4.31
C2 NAG T . -22.91 27.95 -2.78
C3 NAG T . -21.56 27.62 -2.14
C4 NAG T . -20.98 26.32 -2.71
C5 NAG T . -21.09 26.24 -4.24
C6 NAG T . -20.81 24.81 -4.67
C7 NAG T . -24.07 29.44 -1.25
C8 NAG T . -24.63 30.81 -1.02
N2 NAG T . -23.35 29.27 -2.36
O3 NAG T . -21.70 27.49 -0.75
O4 NAG T . -19.62 26.21 -2.34
O5 NAG T . -22.39 26.57 -4.70
O6 NAG T . -21.60 23.93 -3.89
O7 NAG T . -24.26 28.55 -0.42
S SO4 U . -46.05 14.72 -34.84
O1 SO4 U . -46.15 16.18 -34.95
O2 SO4 U . -45.81 14.15 -36.16
O3 SO4 U . -44.95 14.37 -33.95
O4 SO4 U . -47.30 14.21 -34.29
S SO4 V . -53.49 21.95 7.94
O1 SO4 V . -54.14 23.25 7.71
O2 SO4 V . -52.99 21.38 6.69
O3 SO4 V . -52.36 22.12 8.86
O4 SO4 V . -54.45 21.03 8.56
C1 NAG W . 43.44 -31.42 -3.02
C2 NAG W . 44.66 -32.07 -3.68
C3 NAG W . 44.33 -33.41 -4.34
C4 NAG W . 43.41 -34.28 -3.48
C5 NAG W . 42.26 -33.50 -2.85
C6 NAG W . 41.58 -34.38 -1.81
C7 NAG W . 46.50 -30.71 -4.46
C8 NAG W . 47.46 -31.57 -3.70
N2 NAG W . 45.26 -31.16 -4.64
O3 NAG W . 45.53 -34.13 -4.53
O4 NAG W . 42.89 -35.31 -4.29
O5 NAG W . 42.74 -32.34 -2.22
O6 NAG W . 42.51 -34.72 -0.81
O7 NAG W . 46.88 -29.61 -4.89
C1 NAG X . 55.77 8.22 -12.66
C2 NAG X . 57.27 8.35 -12.46
C3 NAG X . 57.95 8.61 -13.79
C4 NAG X . 57.55 7.53 -14.81
C5 NAG X . 56.04 7.35 -14.82
C6 NAG X . 55.65 6.18 -15.74
C7 NAG X . 58.45 9.16 -10.51
C8 NAG X . 58.76 10.31 -9.60
N2 NAG X . 57.58 9.38 -11.49
O3 NAG X . 59.35 8.63 -13.64
O4 NAG X . 58.01 7.90 -16.08
O5 NAG X . 55.54 7.12 -13.51
O6 NAG X . 54.49 6.53 -16.46
O7 NAG X . 58.99 8.07 -10.32
C1 NAG Y . 1.77 -18.98 5.23
C2 NAG Y . 1.62 -17.85 4.19
C3 NAG Y . 0.55 -18.19 3.15
C4 NAG Y . 0.77 -19.56 2.55
C5 NAG Y . 1.04 -20.62 3.62
C6 NAG Y . 1.52 -21.89 2.94
C7 NAG Y . 2.12 -15.60 4.79
C8 NAG Y . 1.67 -14.33 5.44
N2 NAG Y . 1.29 -16.62 4.85
O3 NAG Y . 0.60 -17.26 2.10
O4 NAG Y . -0.39 -19.89 1.85
O5 NAG Y . 2.02 -20.21 4.57
O6 NAG Y . 1.09 -22.99 3.71
O7 NAG Y . 3.20 -15.69 4.22
C1 NAG Z . 31.97 -9.06 -14.90
C2 NAG Z . 31.31 -10.39 -15.26
C3 NAG Z . 29.81 -10.22 -15.55
C4 NAG Z . 29.15 -9.45 -14.41
C5 NAG Z . 29.91 -8.15 -14.16
C6 NAG Z . 29.27 -7.33 -13.05
C7 NAG Z . 32.50 -12.23 -16.32
C8 NAG Z . 33.32 -12.67 -17.48
N2 NAG Z . 31.97 -11.01 -16.40
O3 NAG Z . 29.18 -11.47 -15.70
O4 NAG Z . 27.80 -9.18 -14.76
O5 NAG Z . 31.26 -8.43 -13.84
O6 NAG Z . 29.08 -8.13 -11.91
O7 NAG Z . 32.32 -12.97 -15.36
O1 RX8 AA . 54.64 -29.92 2.68
C10 RX8 AA . 54.57 -30.74 3.78
C11 RX8 AA . 55.80 -31.57 3.82
C12 RX8 AA . 53.35 -31.59 3.58
C9 RX8 AA . 54.45 -29.92 5.08
N3 RX8 AA . 53.65 -28.70 4.93
C5 RX8 AA . 54.11 -27.52 4.42
C6 RX8 AA . 55.52 -27.23 3.95
O RX8 AA . 56.56 -27.41 4.86
C7 RX8 AA . 56.47 -27.06 6.21
C8 RX8 AA . 57.71 -27.22 7.04
N2 RX8 AA . 53.11 -26.63 4.39
C4 RX8 AA . 51.96 -27.23 4.89
C RX8 AA . 50.62 -26.78 5.10
N RX8 AA . 50.27 -25.44 4.76
C3 RX8 AA . 52.28 -28.55 5.24
C2 RX8 AA . 51.21 -29.42 5.82
C13 RX8 AA . 51.44 -30.77 6.21
C14 RX8 AA . 50.39 -31.55 6.74
C15 RX8 AA . 49.11 -31.00 6.90
C16 RX8 AA . 48.89 -29.68 6.53
C1 RX8 AA . 49.95 -28.90 5.98
N1 RX8 AA . 49.69 -27.59 5.61
S SO4 BA . 57.96 10.33 9.52
O1 SO4 BA . 57.63 11.54 8.78
O2 SO4 BA . 58.51 9.33 8.61
O3 SO4 BA . 58.96 10.65 10.54
O4 SO4 BA . 56.75 9.83 10.17
S SO4 CA . 48.11 -31.79 2.91
O1 SO4 CA . 48.65 -30.44 3.12
O2 SO4 CA . 47.38 -31.78 1.64
O3 SO4 CA . 49.17 -32.80 2.85
O4 SO4 CA . 47.17 -32.15 3.98
S SO4 DA . 28.25 -27.88 33.63
O1 SO4 DA . 27.76 -26.50 33.51
O2 SO4 DA . 28.62 -28.39 32.31
O3 SO4 DA . 29.45 -27.90 34.47
O4 SO4 DA . 27.18 -28.72 34.18
O1 RX8 EA . 24.10 -22.05 33.85
C10 RX8 EA . 23.74 -23.06 32.99
C11 RX8 EA . 22.27 -23.34 33.19
C12 RX8 EA . 24.56 -24.27 33.37
C9 RX8 EA . 24.00 -22.61 31.54
N3 RX8 EA . 25.16 -21.71 31.44
C5 RX8 EA . 25.14 -20.39 31.75
C6 RX8 EA . 23.91 -19.62 32.18
O RX8 EA . 22.97 -19.41 31.15
C7 RX8 EA . 23.38 -19.30 29.81
C8 RX8 EA . 22.31 -19.07 28.76
N2 RX8 EA . 26.37 -19.87 31.55
C4 RX8 EA . 27.21 -20.90 31.14
C RX8 EA . 28.61 -20.95 30.80
N RX8 EA . 29.40 -19.76 30.87
C3 RX8 EA . 26.47 -22.07 31.06
C2 RX8 EA . 27.12 -23.33 30.62
C13 RX8 EA . 26.42 -24.56 30.51
C14 RX8 EA . 27.08 -25.73 30.08
C15 RX8 EA . 28.44 -25.68 29.76
C16 RX8 EA . 29.14 -24.47 29.88
C1 RX8 EA . 28.44 -23.29 30.31
N1 RX8 EA . 29.17 -22.10 30.40
C1 NAG FA . 33.49 -26.85 39.53
C2 NAG FA . 32.13 -26.89 40.22
C3 NAG FA . 31.95 -28.13 41.08
C4 NAG FA . 32.35 -29.38 40.30
C5 NAG FA . 33.74 -29.21 39.69
C6 NAG FA . 34.04 -30.41 38.80
C7 NAG FA . 31.10 -24.72 40.69
C8 NAG FA . 29.74 -25.12 40.15
N2 NAG FA . 31.94 -25.70 41.04
O3 NAG FA . 30.61 -28.25 41.46
O4 NAG FA . 32.36 -30.49 41.18
O5 NAG FA . 33.76 -28.06 38.86
O6 NAG FA . 33.17 -30.37 37.70
O7 NAG FA . 31.39 -23.53 40.81
C1 NAG GA . 37.43 14.79 44.31
C2 NAG GA . 36.39 15.90 44.08
C3 NAG GA . 35.72 16.38 45.36
C4 NAG GA . 35.40 15.27 46.34
C5 NAG GA . 36.54 14.24 46.40
C6 NAG GA . 36.22 13.06 47.34
C7 NAG GA . 36.71 17.34 42.21
C8 NAG GA . 37.68 18.20 41.47
N2 NAG GA . 37.05 17.00 43.44
O3 NAG GA . 34.51 17.03 45.02
O4 NAG GA . 35.21 15.87 47.60
O5 NAG GA . 36.85 13.77 45.09
O6 NAG GA . 35.15 12.29 46.82
O7 NAG GA . 35.65 16.93 41.72
C1 NAG HA . 53.16 -9.19 49.31
C2 NAG HA . 53.29 -10.67 49.72
C3 NAG HA . 54.72 -11.13 49.96
C4 NAG HA . 55.66 -10.59 48.89
C5 NAG HA . 55.47 -9.08 48.73
C6 NAG HA . 56.41 -8.50 47.69
C7 NAG HA . 51.58 -11.93 50.87
C8 NAG HA . 50.55 -11.96 51.96
N2 NAG HA . 52.49 -10.97 50.90
O3 NAG HA . 54.78 -12.54 50.00
O4 NAG HA . 57.01 -10.86 49.23
O5 NAG HA . 54.14 -8.82 48.35
O6 NAG HA . 56.37 -9.27 46.52
O7 NAG HA . 51.57 -12.79 49.99
S SO4 IA . 35.87 15.54 21.94
O1 SO4 IA . 35.30 16.83 21.58
O2 SO4 IA . 36.42 14.89 20.75
O3 SO4 IA . 36.95 15.74 22.90
O4 SO4 IA . 34.84 14.69 22.54
O1 RX8 JA . -42.99 -17.87 6.26
C10 RX8 JA . -42.72 -17.14 7.39
C11 RX8 JA . -41.74 -17.91 8.26
C12 RX8 JA . -44.01 -17.00 8.14
C9 RX8 JA . -42.16 -15.76 6.99
N3 RX8 JA . -42.70 -15.27 5.70
C5 RX8 JA . -42.27 -15.68 4.48
C6 RX8 JA . -41.15 -16.63 4.22
O RX8 JA . -39.92 -16.17 4.71
C7 RX8 JA . -39.41 -14.94 4.36
C8 RX8 JA . -38.05 -14.64 4.91
N2 RX8 JA . -42.98 -15.07 3.51
C4 RX8 JA . -43.92 -14.25 4.13
C RX8 JA . -44.93 -13.37 3.61
N RX8 JA . -45.09 -13.25 2.20
C3 RX8 JA . -43.76 -14.36 5.51
C2 RX8 JA . -44.64 -13.57 6.40
C13 RX8 JA . -44.53 -13.64 7.82
C14 RX8 JA . -45.39 -12.86 8.62
C15 RX8 JA . -46.34 -12.04 8.03
C16 RX8 JA . -46.46 -11.97 6.65
C1 RX8 JA . -45.59 -12.75 5.84
N1 RX8 JA . -45.71 -12.66 4.44
O1 RX8 KA . -57.07 24.15 3.43
C10 RX8 KA . -57.94 23.34 4.12
C11 RX8 KA . -59.26 24.05 4.27
C12 RX8 KA . -57.37 23.09 5.49
C9 RX8 KA . -58.14 22.02 3.36
N3 RX8 KA . -56.98 21.63 2.53
C5 RX8 KA . -56.70 22.12 1.30
C6 RX8 KA . -57.52 23.14 0.52
O RX8 KA . -58.69 22.70 -0.12
C7 RX8 KA . -59.14 21.39 0.05
C8 RX8 KA . -60.38 20.99 -0.71
N2 RX8 KA . -55.56 21.56 0.84
C4 RX8 KA . -55.09 20.69 1.83
C RX8 KA . -53.95 19.83 1.90
N RX8 KA . -53.04 19.79 0.81
C3 RX8 KA . -55.97 20.72 2.90
C2 RX8 KA . -55.71 19.86 4.09
C13 RX8 KA . -56.55 19.82 5.23
C14 RX8 KA . -56.26 19.00 6.33
C15 RX8 KA . -55.12 18.20 6.30
C16 RX8 KA . -54.29 18.22 5.19
C1 RX8 KA . -54.59 19.07 4.08
N1 RX8 KA . -53.72 19.06 2.98
C1 NAG LA . -55.00 -18.23 6.02
C2 NAG LA . -54.46 -19.58 6.51
C3 NAG LA . -55.32 -20.16 7.63
C4 NAG LA . -55.57 -19.12 8.71
C5 NAG LA . -56.09 -17.82 8.11
C6 NAG LA . -56.16 -16.76 9.21
C7 NAG LA . -53.19 -20.82 4.84
C8 NAG LA . -51.95 -20.51 5.64
N2 NAG LA . -54.36 -20.53 5.41
O3 NAG LA . -54.65 -21.25 8.22
O4 NAG LA . -56.53 -19.62 9.61
O5 NAG LA . -55.23 -17.35 7.10
O6 NAG LA . -54.85 -16.40 9.60
O7 NAG LA . -53.11 -21.31 3.71
C1 NAG MA . -42.64 -25.54 -33.95
C2 NAG MA . -41.17 -25.94 -34.04
C3 NAG MA . -40.98 -27.41 -34.42
C4 NAG MA . -41.95 -28.33 -33.68
C5 NAG MA . -43.36 -27.74 -33.62
C6 NAG MA . -44.27 -28.62 -32.77
C7 NAG MA . -39.43 -24.39 -34.69
C8 NAG MA . -38.79 -23.63 -35.81
N2 NAG MA . -40.50 -25.11 -35.01
O3 NAG MA . -39.65 -27.78 -34.12
O4 NAG MA . -42.01 -29.58 -34.33
O5 NAG MA . -43.30 -26.44 -33.08
O6 NAG MA . -45.55 -28.64 -33.35
O7 NAG MA . -38.96 -24.36 -33.55
C1 NAG NA . -88.22 9.28 -8.05
C2 NAG NA . -89.20 10.42 -8.34
C3 NAG NA . -90.33 9.96 -9.24
C4 NAG NA . -89.79 9.25 -10.47
C5 NAG NA . -88.71 8.21 -10.14
C6 NAG NA . -88.02 7.77 -11.43
C7 NAG NA . -89.57 12.24 -6.75
C8 NAG NA . -89.98 12.61 -5.36
N2 NAG NA . -89.76 10.97 -7.12
O3 NAG NA . -91.08 11.08 -9.66
O4 NAG NA . -90.87 8.61 -11.12
O5 NAG NA . -87.73 8.73 -9.26
O6 NAG NA . -86.80 7.13 -11.14
O7 NAG NA . -89.10 13.08 -7.51
C1 NAG OA . -67.36 -20.82 -18.94
C2 NAG OA . -68.20 -21.05 -17.68
C3 NAG OA . -69.65 -20.71 -17.95
C4 NAG OA . -69.75 -19.28 -18.48
C5 NAG OA . -68.83 -19.07 -19.67
C6 NAG OA . -68.83 -17.58 -20.07
C7 NAG OA . -67.81 -22.69 -15.91
C8 NAG OA . -67.40 -24.10 -15.59
N2 NAG OA . -68.07 -22.41 -17.19
O3 NAG OA . -70.40 -20.87 -16.77
O4 NAG OA . -71.08 -19.00 -18.88
O5 NAG OA . -67.51 -19.48 -19.38
O6 NAG OA . -68.67 -16.77 -18.92
O7 NAG OA . -67.90 -21.86 -15.01
S SO4 PA . -31.78 -5.99 -31.23
O1 SO4 PA . -32.53 -4.73 -31.16
O2 SO4 PA . -31.35 -6.21 -32.61
O3 SO4 PA . -30.61 -5.90 -30.35
O4 SO4 PA . -32.63 -7.08 -30.80
S SO4 QA . -48.93 -15.64 7.97
O1 SO4 QA . -49.62 -14.36 7.89
O2 SO4 QA . -48.60 -16.08 6.61
O3 SO4 QA . -47.72 -15.56 8.79
O4 SO4 QA . -49.81 -16.64 8.59
#